data_2BBU
#
_entry.id   2BBU
#
loop_
_entity.id
_entity.type
_entity.pdbx_description
1 polymer 'Suppressor of cytokine signaling 3'
2 polymer 'GP130 PHOSPHOPEPTIDE'
#
loop_
_entity_poly.entity_id
_entity_poly.type
_entity_poly.pdbx_seq_one_letter_code
_entity_poly.pdbx_strand_id
1 'polypeptide(L)'
;LKTFSSKSEYQLVVNAVRKLQESGFYWSAVTGGEANLLLSAEPAGTFLIRDSSDQRHFFTLSVKTQSGTKNLRIQCEGGS
FSLQSDPRSTQPVPRFDCVLKLVHHYMPPPGTPSFSLPPTEPSSEVPEQPPAQALPGSTPKRAYYIYSGGEKIPLVLSRP
LSSN
;
A
2 'polypeptide(L)' STASTVE(PTR)STVVHSG B
#
# COMPACT_ATOMS: atom_id res chain seq x y z
N GLU A 9 -10.72 -9.41 11.15
CA GLU A 9 -10.13 -8.04 11.00
C GLU A 9 -8.68 -8.03 11.49
N TYR A 10 -8.47 -7.98 12.78
CA TYR A 10 -7.09 -7.96 13.31
C TYR A 10 -6.30 -9.17 12.77
N GLN A 11 -6.91 -10.33 12.79
CA GLN A 11 -6.20 -11.54 12.28
C GLN A 11 -5.72 -11.29 10.84
N LEU A 12 -6.53 -10.65 10.05
CA LEU A 12 -6.12 -10.37 8.64
C LEU A 12 -4.91 -9.45 8.63
N VAL A 13 -4.94 -8.40 9.40
CA VAL A 13 -3.78 -7.47 9.44
C VAL A 13 -2.56 -8.16 10.04
N VAL A 14 -2.72 -8.82 11.15
CA VAL A 14 -1.58 -9.53 11.79
C VAL A 14 -1.01 -10.59 10.83
N ASN A 15 -1.84 -11.38 10.23
CA ASN A 15 -1.33 -12.43 9.29
C ASN A 15 -0.55 -11.77 8.16
N ALA A 16 -0.87 -10.54 7.84
CA ALA A 16 -0.14 -9.83 6.75
C ALA A 16 1.24 -9.41 7.23
N VAL A 17 1.32 -8.88 8.42
CA VAL A 17 2.63 -8.46 8.96
C VAL A 17 3.59 -9.64 8.97
N ARG A 18 3.10 -10.80 9.32
CA ARG A 18 3.98 -12.00 9.34
C ARG A 18 4.62 -12.19 7.98
N LYS A 19 3.85 -12.15 6.93
CA LYS A 19 4.43 -12.31 5.56
C LYS A 19 5.08 -11.00 5.11
N LEU A 20 4.51 -9.89 5.48
CA LEU A 20 5.08 -8.58 5.08
C LEU A 20 6.40 -8.33 5.82
N GLN A 21 6.44 -8.64 7.09
CA GLN A 21 7.71 -8.42 7.86
C GLN A 21 8.80 -9.37 7.36
N GLU A 22 8.43 -10.56 6.97
CA GLU A 22 9.45 -11.53 6.49
C GLU A 22 10.23 -10.95 5.31
N SER A 23 9.64 -10.01 4.61
CA SER A 23 10.35 -9.40 3.45
C SER A 23 11.51 -8.54 3.92
N GLY A 24 11.43 -8.01 5.11
CA GLY A 24 12.53 -7.15 5.63
C GLY A 24 12.18 -5.67 5.40
N PHE A 25 11.20 -5.42 4.59
CA PHE A 25 10.80 -4.00 4.33
C PHE A 25 9.98 -3.45 5.51
N TYR A 26 9.60 -4.30 6.41
CA TYR A 26 8.81 -3.83 7.58
C TYR A 26 9.74 -3.53 8.76
N TRP A 27 9.73 -2.32 9.25
CA TRP A 27 10.62 -1.98 10.40
C TRP A 27 9.79 -1.74 11.66
N SER A 28 9.74 -2.70 12.54
CA SER A 28 8.95 -2.51 13.78
C SER A 28 9.83 -1.95 14.89
N ALA A 29 9.63 -0.71 15.25
CA ALA A 29 10.47 -0.09 16.33
C ALA A 29 10.32 1.43 16.33
N VAL A 30 9.59 2.00 15.40
CA VAL A 30 9.44 3.47 15.38
C VAL A 30 8.02 3.85 15.78
N THR A 31 7.58 5.03 15.43
CA THR A 31 6.21 5.47 15.80
C THR A 31 5.26 5.29 14.61
N GLY A 32 4.01 5.56 14.80
CA GLY A 32 3.03 5.40 13.68
C GLY A 32 3.56 6.11 12.43
N GLY A 33 3.43 7.41 12.37
CA GLY A 33 3.91 8.16 11.17
C GLY A 33 5.43 8.34 11.22
N GLU A 34 5.98 8.51 12.40
CA GLU A 34 7.45 8.70 12.49
C GLU A 34 8.19 7.49 11.91
N ALA A 35 7.59 6.34 12.00
CA ALA A 35 8.24 5.12 11.44
C ALA A 35 8.25 5.20 9.91
N ASN A 36 7.14 5.54 9.32
CA ASN A 36 7.08 5.64 7.84
C ASN A 36 7.93 6.83 7.36
N LEU A 37 7.83 7.94 8.04
CA LEU A 37 8.60 9.15 7.64
C LEU A 37 10.11 8.85 7.63
N LEU A 38 10.57 7.99 8.49
CA LEU A 38 12.03 7.69 8.53
C LEU A 38 12.50 7.23 7.16
N LEU A 39 11.62 6.73 6.34
CA LEU A 39 12.04 6.30 4.98
C LEU A 39 12.55 7.52 4.21
N SER A 40 11.94 8.64 4.42
CA SER A 40 12.37 9.88 3.71
C SER A 40 13.73 10.33 4.24
N ALA A 41 14.00 10.10 5.50
CA ALA A 41 15.31 10.54 6.07
C ALA A 41 16.41 9.55 5.71
N GLU A 42 16.05 8.33 5.36
CA GLU A 42 17.10 7.35 5.00
C GLU A 42 16.88 6.81 3.56
N PRO A 43 15.97 5.88 3.41
CA PRO A 43 15.70 5.32 2.06
C PRO A 43 14.86 6.32 1.25
N ALA A 44 15.45 7.41 0.86
CA ALA A 44 14.70 8.43 0.06
C ALA A 44 13.99 7.76 -1.13
N GLY A 45 12.79 8.18 -1.43
CA GLY A 45 12.05 7.56 -2.57
C GLY A 45 11.62 6.14 -2.19
N THR A 46 11.51 5.88 -0.91
CA THR A 46 11.11 4.52 -0.46
C THR A 46 9.98 4.62 0.57
N PHE A 47 9.09 3.67 0.61
CA PHE A 47 7.97 3.73 1.59
C PHE A 47 7.98 2.49 2.48
N LEU A 48 7.69 2.64 3.74
CA LEU A 48 7.70 1.47 4.66
C LEU A 48 6.45 1.49 5.57
N ILE A 49 6.10 0.37 6.13
CA ILE A 49 4.91 0.32 7.02
C ILE A 49 5.34 -0.02 8.46
N ARG A 50 4.77 0.62 9.43
CA ARG A 50 5.16 0.33 10.85
C ARG A 50 3.98 -0.32 11.59
N ASP A 51 4.24 -0.98 12.68
CA ASP A 51 3.14 -1.63 13.46
C ASP A 51 2.50 -0.62 14.41
N SER A 52 1.32 -0.16 14.11
CA SER A 52 0.65 0.82 15.01
C SER A 52 0.80 0.39 16.47
N SER A 53 0.91 1.33 17.37
CA SER A 53 1.05 0.98 18.81
C SER A 53 -0.22 0.30 19.32
N ASP A 54 -0.58 0.52 20.55
CA ASP A 54 -1.81 -0.12 21.09
C ASP A 54 -1.63 -1.64 21.19
N GLN A 55 -2.63 -2.39 20.83
CA GLN A 55 -2.49 -3.88 20.91
C GLN A 55 -1.46 -4.38 19.90
N ARG A 56 -0.96 -3.51 19.07
CA ARG A 56 0.06 -3.93 18.06
C ARG A 56 -0.60 -4.81 16.99
N HIS A 57 -1.90 -4.75 16.88
CA HIS A 57 -2.60 -5.59 15.86
C HIS A 57 -3.00 -4.73 14.65
N PHE A 58 -2.14 -3.82 14.26
CA PHE A 58 -2.47 -2.95 13.09
C PHE A 58 -1.20 -2.28 12.56
N PHE A 59 -1.12 -2.03 11.29
CA PHE A 59 0.08 -1.38 10.72
C PHE A 59 -0.31 -0.23 9.79
N THR A 60 0.49 0.81 9.75
CA THR A 60 0.18 1.96 8.87
C THR A 60 1.38 2.26 7.97
N LEU A 61 1.14 2.59 6.72
CA LEU A 61 2.29 2.87 5.81
C LEU A 61 2.21 4.29 5.26
N SER A 62 3.35 4.90 5.06
CA SER A 62 3.37 6.29 4.51
C SER A 62 4.50 6.42 3.50
N VAL A 63 4.39 7.31 2.56
CA VAL A 63 5.46 7.47 1.54
C VAL A 63 6.03 8.89 1.55
N LYS A 64 7.06 9.13 0.79
CA LYS A 64 7.66 10.50 0.75
C LYS A 64 7.43 11.14 -0.62
N THR A 65 7.11 12.40 -0.64
CA THR A 65 6.88 13.09 -1.95
C THR A 65 7.19 14.58 -1.83
N GLN A 66 7.11 15.30 -2.91
CA GLN A 66 7.38 16.77 -2.86
C GLN A 66 6.16 17.51 -2.33
N SER A 67 5.14 16.80 -1.92
CA SER A 67 3.92 17.48 -1.40
C SER A 67 3.78 17.21 0.10
N GLY A 68 4.52 16.27 0.62
CA GLY A 68 4.44 15.97 2.07
C GLY A 68 4.27 14.47 2.28
N THR A 69 4.76 13.95 3.38
CA THR A 69 4.63 12.50 3.65
C THR A 69 3.22 12.17 4.16
N LYS A 70 2.59 11.17 3.60
CA LYS A 70 1.22 10.81 4.07
C LYS A 70 1.19 9.35 4.54
N ASN A 71 0.38 9.06 5.53
CA ASN A 71 0.31 7.65 6.02
C ASN A 71 -1.09 7.08 5.78
N LEU A 72 -1.19 5.81 5.51
CA LEU A 72 -2.53 5.21 5.26
C LEU A 72 -2.64 3.83 5.93
N ARG A 73 -3.83 3.43 6.29
CA ARG A 73 -4.00 2.11 6.95
C ARG A 73 -5.04 1.26 6.20
N ILE A 74 -5.01 -0.03 6.40
CA ILE A 74 -5.99 -0.91 5.70
C ILE A 74 -7.28 -1.02 6.51
N GLN A 75 -8.40 -1.20 5.85
CA GLN A 75 -9.69 -1.30 6.58
C GLN A 75 -10.26 -2.71 6.42
N CYS A 76 -10.63 -3.35 7.51
CA CYS A 76 -11.20 -4.72 7.42
C CYS A 76 -12.70 -4.67 7.21
N GLU A 77 -13.19 -5.21 6.13
CA GLU A 77 -14.66 -5.19 5.86
C GLU A 77 -15.23 -6.60 6.03
N GLY A 78 -15.89 -6.86 7.12
CA GLY A 78 -16.48 -8.21 7.34
C GLY A 78 -15.38 -9.27 7.28
N GLY A 79 -15.03 -9.71 6.09
CA GLY A 79 -13.95 -10.73 5.96
C GLY A 79 -13.05 -10.37 4.79
N SER A 80 -13.03 -9.14 4.39
CA SER A 80 -12.17 -8.73 3.25
C SER A 80 -11.21 -7.61 3.67
N PHE A 81 -10.12 -7.46 2.98
CA PHE A 81 -9.15 -6.39 3.34
C PHE A 81 -9.13 -5.30 2.27
N SER A 82 -9.22 -4.05 2.66
CA SER A 82 -9.21 -2.97 1.64
C SER A 82 -8.73 -1.65 2.27
N LEU A 83 -8.05 -0.84 1.52
CA LEU A 83 -7.57 0.46 2.06
C LEU A 83 -8.72 1.45 2.13
N GLN A 84 -9.91 1.02 1.76
CA GLN A 84 -11.09 1.92 1.81
C GLN A 84 -12.35 1.14 2.17
N SER A 85 -13.51 1.64 1.83
CA SER A 85 -14.76 0.91 2.16
C SER A 85 -15.58 0.65 0.89
N ASP A 86 -15.05 0.98 -0.25
CA ASP A 86 -15.80 0.74 -1.52
C ASP A 86 -15.31 -0.55 -2.19
N PRO A 87 -16.23 -1.45 -2.39
CA PRO A 87 -15.89 -2.74 -3.04
C PRO A 87 -15.65 -2.56 -4.53
N ARG A 88 -14.80 -1.64 -4.90
CA ARG A 88 -14.52 -1.40 -6.35
C ARG A 88 -13.36 -2.28 -6.80
N SER A 89 -13.01 -3.27 -6.04
CA SER A 89 -11.87 -4.15 -6.43
C SER A 89 -12.15 -5.60 -6.01
N THR A 90 -13.25 -6.15 -6.44
CA THR A 90 -13.58 -7.55 -6.06
C THR A 90 -12.93 -8.53 -7.04
N GLN A 91 -12.02 -8.05 -7.85
CA GLN A 91 -11.35 -8.94 -8.84
C GLN A 91 -10.97 -10.28 -8.17
N PRO A 92 -10.26 -10.18 -7.09
CA PRO A 92 -9.82 -11.39 -6.35
C PRO A 92 -11.01 -12.05 -5.64
N VAL A 93 -10.75 -12.90 -4.69
CA VAL A 93 -11.86 -13.57 -3.96
C VAL A 93 -12.05 -12.92 -2.58
N PRO A 94 -13.14 -13.27 -1.95
CA PRO A 94 -13.44 -12.70 -0.61
C PRO A 94 -12.49 -13.30 0.43
N ARG A 95 -11.94 -12.47 1.29
CA ARG A 95 -10.99 -12.99 2.32
C ARG A 95 -9.66 -13.35 1.67
N PHE A 96 -9.37 -12.80 0.52
CA PHE A 96 -8.09 -13.11 -0.17
C PHE A 96 -6.91 -12.73 0.73
N ASP A 97 -5.78 -12.44 0.15
CA ASP A 97 -4.60 -12.06 0.97
C ASP A 97 -4.83 -10.64 1.52
N CYS A 98 -5.03 -10.54 2.80
CA CYS A 98 -5.28 -9.21 3.44
C CYS A 98 -4.44 -8.09 2.82
N VAL A 99 -3.47 -7.59 3.55
CA VAL A 99 -2.62 -6.47 3.06
C VAL A 99 -2.08 -6.73 1.64
N LEU A 100 -2.00 -7.96 1.23
CA LEU A 100 -1.43 -8.24 -0.13
C LEU A 100 -2.16 -7.41 -1.19
N LYS A 101 -3.46 -7.38 -1.16
CA LYS A 101 -4.18 -6.55 -2.18
C LYS A 101 -3.88 -5.08 -1.90
N LEU A 102 -3.79 -4.73 -0.65
CA LEU A 102 -3.48 -3.32 -0.27
C LEU A 102 -2.04 -2.98 -0.66
N VAL A 103 -1.16 -3.92 -0.57
CA VAL A 103 0.27 -3.66 -0.93
C VAL A 103 0.35 -3.10 -2.34
N HIS A 104 -0.48 -3.56 -3.23
CA HIS A 104 -0.44 -3.02 -4.63
C HIS A 104 -0.56 -1.51 -4.57
N HIS A 105 -1.29 -0.99 -3.63
CA HIS A 105 -1.43 0.49 -3.51
C HIS A 105 -0.18 1.07 -2.84
N TYR A 106 0.38 0.35 -1.90
CA TYR A 106 1.60 0.85 -1.21
C TYR A 106 2.83 0.60 -2.09
N MET A 107 2.73 -0.33 -3.00
CA MET A 107 3.89 -0.63 -3.88
C MET A 107 3.41 -1.39 -5.13
N PRO A 108 4.36 -1.76 -5.96
CA PRO A 108 4.02 -2.50 -7.20
C PRO A 108 3.61 -3.93 -6.88
N PRO A 109 3.20 -4.64 -7.90
CA PRO A 109 2.76 -6.05 -7.72
C PRO A 109 3.95 -6.95 -7.42
N PRO A 110 3.65 -8.10 -6.87
CA PRO A 110 4.72 -9.08 -6.53
C PRO A 110 5.27 -9.74 -7.79
N GLY A 111 5.86 -10.89 -7.67
CA GLY A 111 6.43 -11.57 -8.86
C GLY A 111 7.79 -10.98 -9.19
N THR A 112 8.84 -11.44 -8.56
CA THR A 112 10.19 -10.89 -8.84
C THR A 112 10.38 -10.70 -10.34
N PRO A 113 11.32 -9.86 -10.68
CA PRO A 113 11.61 -9.57 -12.11
C PRO A 113 12.31 -10.77 -12.76
N SER A 114 12.76 -11.70 -11.98
CA SER A 114 13.46 -12.89 -12.56
C SER A 114 12.43 -13.85 -13.17
N PHE A 115 12.85 -14.69 -14.08
CA PHE A 115 11.90 -15.64 -14.72
C PHE A 115 12.66 -16.78 -15.39
N SER A 116 12.87 -17.86 -14.69
CA SER A 116 13.62 -19.01 -15.28
C SER A 116 15.00 -18.55 -15.74
N LEU A 117 15.09 -17.96 -16.90
CA LEU A 117 16.42 -17.49 -17.40
C LEU A 117 16.29 -16.98 -18.84
N PRO A 118 15.78 -17.83 -19.70
CA PRO A 118 15.61 -17.45 -21.13
C PRO A 118 14.46 -16.44 -21.27
N PRO A 119 14.65 -15.51 -22.16
CA PRO A 119 13.62 -14.48 -22.41
C PRO A 119 12.42 -15.08 -23.16
N THR A 120 11.41 -15.50 -22.45
CA THR A 120 10.22 -16.10 -23.11
C THR A 120 9.80 -15.24 -24.31
N GLU A 121 9.93 -13.95 -24.21
CA GLU A 121 9.54 -13.06 -25.35
C GLU A 121 10.60 -11.98 -25.56
N PRO A 122 11.35 -12.14 -26.62
CA PRO A 122 12.41 -11.17 -26.95
C PRO A 122 11.81 -9.87 -27.49
N SER A 123 12.49 -8.76 -27.32
CA SER A 123 11.95 -7.47 -27.82
C SER A 123 12.99 -6.76 -28.67
N SER A 124 13.64 -7.47 -29.55
CA SER A 124 14.67 -6.82 -30.41
C SER A 124 14.00 -5.89 -31.43
N GLU A 125 14.55 -5.80 -32.61
CA GLU A 125 13.95 -4.90 -33.65
C GLU A 125 12.49 -5.29 -33.88
N VAL A 126 11.58 -4.52 -33.37
CA VAL A 126 10.13 -4.83 -33.58
C VAL A 126 9.28 -3.56 -33.48
N PRO A 127 9.34 -2.78 -34.53
CA PRO A 127 8.57 -1.51 -34.57
C PRO A 127 7.07 -1.79 -34.76
N GLU A 128 6.25 -0.82 -34.53
CA GLU A 128 4.78 -1.03 -34.69
C GLU A 128 4.33 -2.25 -33.88
N GLN A 129 4.30 -2.12 -32.58
CA GLN A 129 3.87 -3.27 -31.74
C GLN A 129 3.24 -2.77 -30.44
N PRO A 130 2.12 -3.35 -30.09
CA PRO A 130 1.40 -2.96 -28.85
C PRO A 130 2.15 -3.47 -27.61
N PRO A 131 2.68 -2.56 -26.86
CA PRO A 131 3.44 -2.92 -25.63
C PRO A 131 2.47 -3.37 -24.53
N ALA A 132 1.80 -4.48 -24.72
CA ALA A 132 0.84 -4.97 -23.69
C ALA A 132 1.21 -6.39 -23.25
N GLN A 133 2.01 -6.51 -22.23
CA GLN A 133 2.41 -7.87 -21.75
C GLN A 133 1.44 -8.35 -20.68
N ALA A 134 1.62 -7.92 -19.46
CA ALA A 134 0.70 -8.34 -18.37
C ALA A 134 -0.56 -7.49 -18.37
N LEU A 135 -1.39 -7.63 -19.38
CA LEU A 135 -2.64 -6.82 -19.43
C LEU A 135 -3.69 -7.53 -20.29
N PRO A 136 -3.93 -8.77 -19.96
CA PRO A 136 -4.93 -9.58 -20.71
C PRO A 136 -6.35 -9.12 -20.37
N GLY A 137 -6.66 -7.87 -20.62
CA GLY A 137 -8.03 -7.37 -20.32
C GLY A 137 -8.29 -7.47 -18.82
N SER A 138 -7.36 -7.02 -18.01
CA SER A 138 -7.56 -7.10 -16.53
C SER A 138 -6.72 -6.02 -15.83
N THR A 139 -7.35 -5.01 -15.31
CA THR A 139 -6.59 -3.93 -14.62
C THR A 139 -7.50 -3.22 -13.60
N PRO A 140 -7.26 -3.51 -12.35
CA PRO A 140 -8.06 -2.90 -11.26
C PRO A 140 -7.67 -1.44 -11.08
N LYS A 141 -6.73 -0.96 -11.84
CA LYS A 141 -6.31 0.47 -11.71
C LYS A 141 -5.74 0.73 -10.31
N ARG A 142 -4.50 1.13 -10.23
CA ARG A 142 -3.89 1.40 -8.90
C ARG A 142 -3.19 2.76 -8.89
N ALA A 143 -2.95 3.31 -7.73
CA ALA A 143 -2.27 4.64 -7.67
C ALA A 143 -2.31 5.18 -6.24
N TYR A 144 -1.25 5.79 -5.78
CA TYR A 144 -1.25 6.35 -4.40
C TYR A 144 -0.96 7.85 -4.46
N TYR A 145 -1.83 8.66 -3.92
CA TYR A 145 -1.58 10.12 -3.96
C TYR A 145 -2.30 10.85 -2.83
N ILE A 146 -1.95 12.09 -2.61
CA ILE A 146 -2.58 12.84 -1.49
C ILE A 146 -3.64 13.80 -2.01
N TYR A 147 -4.69 13.96 -1.27
CA TYR A 147 -5.79 14.87 -1.70
C TYR A 147 -5.60 16.27 -1.12
N SER A 148 -5.72 17.26 -1.94
CA SER A 148 -5.54 18.67 -1.46
C SER A 148 -6.86 19.18 -0.85
N GLY A 149 -7.42 18.45 0.07
CA GLY A 149 -8.69 18.91 0.70
C GLY A 149 -9.64 19.43 -0.38
N GLY A 150 -9.50 18.96 -1.59
CA GLY A 150 -10.38 19.43 -2.68
C GLY A 150 -9.77 19.06 -4.03
N GLU A 151 -8.46 19.01 -4.11
CA GLU A 151 -7.80 18.65 -5.39
C GLU A 151 -7.02 17.34 -5.23
N LYS A 152 -7.34 16.35 -6.03
CA LYS A 152 -6.62 15.05 -5.93
C LYS A 152 -5.28 15.13 -6.65
N ILE A 153 -4.21 15.21 -5.90
CA ILE A 153 -2.87 15.27 -6.52
C ILE A 153 -2.32 13.85 -6.62
N PRO A 154 -2.33 13.32 -7.81
CA PRO A 154 -1.86 11.93 -8.03
C PRO A 154 -0.34 11.80 -7.93
N LEU A 155 0.10 10.85 -7.15
CA LEU A 155 1.56 10.60 -6.98
C LEU A 155 1.85 9.13 -7.28
N VAL A 156 2.87 8.83 -8.03
CA VAL A 156 3.13 7.40 -8.32
C VAL A 156 4.21 6.88 -7.37
N LEU A 157 3.89 5.91 -6.54
CA LEU A 157 4.91 5.36 -5.60
C LEU A 157 5.06 3.85 -5.83
N SER A 158 6.27 3.37 -5.87
CA SER A 158 6.48 1.91 -6.09
C SER A 158 7.94 1.52 -5.80
N ARG A 159 8.43 1.84 -4.63
CA ARG A 159 9.83 1.46 -4.29
C ARG A 159 9.88 0.74 -2.95
N PRO A 160 10.43 -0.44 -2.98
CA PRO A 160 10.56 -1.27 -1.75
C PRO A 160 11.73 -0.79 -0.89
N LEU A 161 11.60 -0.92 0.41
CA LEU A 161 12.71 -0.49 1.31
C LEU A 161 13.73 -1.61 1.45
N SER A 162 15.00 -1.29 1.34
CA SER A 162 16.04 -2.35 1.47
C SER A 162 16.95 -2.05 2.66
N SER A 163 16.50 -2.35 3.85
CA SER A 163 17.35 -2.09 5.05
C SER A 163 18.03 -0.72 4.94
N ASN A 164 19.00 -0.47 5.77
CA ASN A 164 19.71 0.84 5.70
C ASN A 164 18.70 1.99 5.55
N SER B 1 3.72 19.71 17.56
CA SER B 1 2.65 18.96 18.28
C SER B 1 3.18 17.62 18.77
N THR B 2 3.30 17.45 20.07
CA THR B 2 3.82 16.17 20.61
C THR B 2 2.65 15.24 20.97
N ALA B 3 2.02 14.66 19.98
CA ALA B 3 0.88 13.74 20.26
C ALA B 3 0.30 13.21 18.95
N SER B 4 -0.64 13.90 18.37
CA SER B 4 -1.24 13.43 17.09
C SER B 4 -0.24 13.60 15.94
N THR B 5 0.21 12.51 15.37
CA THR B 5 1.19 12.61 14.25
C THR B 5 0.77 11.69 13.10
N VAL B 6 0.24 10.54 13.41
CA VAL B 6 -0.19 9.60 12.33
C VAL B 6 -1.46 10.10 11.65
N GLU B 7 -1.42 11.31 11.15
CA GLU B 7 -2.63 11.87 10.47
C GLU B 7 -2.51 11.68 8.95
N SER B 9 -5.11 10.99 5.00
CA SER B 9 -6.48 10.93 4.38
C SER B 9 -6.65 9.60 3.62
N THR B 10 -6.61 9.64 2.31
CA THR B 10 -6.78 8.37 1.54
C THR B 10 -6.05 8.49 0.19
N VAL B 11 -6.12 7.46 -0.61
CA VAL B 11 -5.44 7.52 -1.94
C VAL B 11 -6.43 7.14 -3.06
N VAL B 12 -6.32 7.78 -4.19
CA VAL B 12 -7.23 7.48 -5.34
C VAL B 12 -8.53 6.82 -4.85
N HIS B 13 -9.43 7.59 -4.30
CA HIS B 13 -10.71 7.03 -3.81
C HIS B 13 -11.28 6.06 -4.84
N SER B 14 -11.90 6.57 -5.87
CA SER B 14 -12.49 5.69 -6.91
C SER B 14 -12.01 6.13 -8.31
N GLY B 15 -12.57 7.19 -8.83
CA GLY B 15 -12.16 7.65 -10.18
C GLY B 15 -12.81 9.01 -10.47
N GLU A 9 -9.54 -7.25 14.41
CA GLU A 9 -8.48 -6.23 14.16
C GLU A 9 -7.09 -6.89 14.18
N TYR A 10 -6.62 -7.24 15.35
CA TYR A 10 -5.27 -7.88 15.43
C TYR A 10 -5.22 -9.12 14.54
N GLN A 11 -6.28 -9.89 14.51
CA GLN A 11 -6.30 -11.11 13.67
C GLN A 11 -6.09 -10.75 12.19
N LEU A 12 -6.72 -9.71 11.73
CA LEU A 12 -6.56 -9.29 10.31
C LEU A 12 -5.13 -8.80 10.06
N VAL A 13 -4.63 -7.96 10.91
CA VAL A 13 -3.25 -7.43 10.72
C VAL A 13 -2.21 -8.50 11.03
N VAL A 14 -2.40 -9.23 12.10
CA VAL A 14 -1.41 -10.29 12.46
C VAL A 14 -1.30 -11.32 11.33
N ASN A 15 -2.36 -11.55 10.61
CA ASN A 15 -2.30 -12.52 9.48
C ASN A 15 -1.41 -11.96 8.37
N ALA A 16 -1.53 -10.70 8.08
CA ALA A 16 -0.69 -10.09 7.01
C ALA A 16 0.75 -9.86 7.50
N VAL A 17 0.89 -9.35 8.69
CA VAL A 17 2.27 -9.12 9.22
C VAL A 17 3.03 -10.45 9.25
N ARG A 18 2.36 -11.50 9.61
CA ARG A 18 3.05 -12.83 9.66
C ARG A 18 3.67 -13.13 8.30
N LYS A 19 2.94 -12.92 7.24
CA LYS A 19 3.50 -13.19 5.88
C LYS A 19 4.43 -12.04 5.47
N LEU A 20 4.12 -10.85 5.90
CA LEU A 20 4.96 -9.68 5.54
C LEU A 20 6.33 -9.79 6.23
N GLN A 21 6.35 -10.14 7.49
CA GLN A 21 7.64 -10.26 8.21
C GLN A 21 8.48 -11.39 7.60
N GLU A 22 7.85 -12.43 7.14
CA GLU A 22 8.60 -13.56 6.53
C GLU A 22 9.46 -13.06 5.36
N SER A 23 9.00 -12.04 4.68
CA SER A 23 9.79 -11.50 3.53
C SER A 23 11.09 -10.86 4.04
N GLY A 24 11.02 -10.15 5.12
CA GLY A 24 12.25 -9.49 5.67
C GLY A 24 12.23 -8.00 5.34
N PHE A 25 11.08 -7.39 5.37
CA PHE A 25 11.01 -5.93 5.06
C PHE A 25 9.92 -5.26 5.91
N TYR A 26 9.66 -5.79 7.08
CA TYR A 26 8.62 -5.18 7.95
C TYR A 26 9.25 -4.15 8.88
N TRP A 27 8.62 -3.02 9.03
CA TRP A 27 9.19 -1.96 9.92
C TRP A 27 8.24 -1.68 11.09
N SER A 28 8.77 -1.30 12.21
CA SER A 28 7.91 -1.01 13.40
C SER A 28 8.78 -0.61 14.59
N ALA A 29 10.05 -0.88 14.51
CA ALA A 29 10.97 -0.54 15.63
C ALA A 29 10.92 0.96 15.92
N VAL A 30 10.35 1.73 15.05
CA VAL A 30 10.27 3.20 15.29
C VAL A 30 8.89 3.56 15.84
N THR A 31 8.45 4.77 15.65
CA THR A 31 7.10 5.15 16.17
C THR A 31 6.04 4.85 15.12
N GLY A 32 4.79 5.05 15.45
CA GLY A 32 3.71 4.77 14.47
C GLY A 32 4.09 5.36 13.11
N GLY A 33 3.83 6.62 12.91
CA GLY A 33 4.14 7.26 11.60
C GLY A 33 5.63 7.60 11.52
N GLU A 34 6.26 7.90 12.63
CA GLU A 34 7.70 8.26 12.58
C GLU A 34 8.51 7.13 11.95
N ALA A 35 8.05 5.92 12.05
CA ALA A 35 8.80 4.81 11.42
C ALA A 35 8.71 4.93 9.90
N ASN A 36 7.53 5.09 9.38
CA ASN A 36 7.37 5.23 7.90
C ASN A 36 7.94 6.57 7.42
N LEU A 37 7.60 7.63 8.10
CA LEU A 37 8.07 8.98 7.68
C LEU A 37 9.60 9.06 7.65
N LEU A 38 10.28 8.34 8.50
CA LEU A 38 11.76 8.41 8.50
C LEU A 38 12.28 8.12 7.09
N LEU A 39 11.51 7.42 6.30
CA LEU A 39 11.97 7.14 4.91
C LEU A 39 11.96 8.45 4.13
N SER A 40 11.03 9.31 4.43
CA SER A 40 10.94 10.62 3.72
C SER A 40 12.12 11.52 4.13
N ALA A 41 12.57 11.40 5.35
CA ALA A 41 13.70 12.25 5.81
C ALA A 41 15.04 11.67 5.32
N GLU A 42 15.07 10.41 4.99
CA GLU A 42 16.36 9.83 4.51
C GLU A 42 16.19 9.20 3.11
N PRO A 43 15.66 8.00 3.05
CA PRO A 43 15.47 7.33 1.74
C PRO A 43 14.27 7.94 0.99
N ALA A 44 14.40 9.17 0.55
CA ALA A 44 13.28 9.81 -0.19
C ALA A 44 12.79 8.90 -1.32
N GLY A 45 11.50 8.85 -1.53
CA GLY A 45 10.96 7.97 -2.61
C GLY A 45 10.91 6.53 -2.11
N THR A 46 10.93 6.35 -0.82
CA THR A 46 10.89 4.98 -0.24
C THR A 46 9.62 4.78 0.60
N PHE A 47 9.11 3.58 0.64
CA PHE A 47 7.87 3.34 1.43
C PHE A 47 8.13 2.27 2.50
N LEU A 48 7.62 2.46 3.68
CA LEU A 48 7.85 1.47 4.77
C LEU A 48 6.57 1.25 5.58
N ILE A 49 6.46 0.13 6.23
CA ILE A 49 5.22 -0.14 7.04
C ILE A 49 5.57 -0.24 8.53
N ARG A 50 4.81 0.43 9.36
CA ARG A 50 5.09 0.38 10.83
C ARG A 50 3.96 -0.37 11.55
N ASP A 51 4.28 -1.16 12.53
CA ASP A 51 3.22 -1.91 13.27
C ASP A 51 2.56 -1.01 14.32
N SER A 52 1.26 -0.99 14.38
CA SER A 52 0.57 -0.13 15.39
C SER A 52 1.05 -0.48 16.80
N SER A 53 0.78 -1.68 17.25
CA SER A 53 1.21 -2.08 18.62
C SER A 53 0.38 -1.32 19.66
N ASP A 54 -0.62 -0.61 19.23
CA ASP A 54 -1.47 0.16 20.19
C ASP A 54 -2.79 -0.58 20.43
N GLN A 55 -3.88 0.13 20.43
CA GLN A 55 -5.20 -0.54 20.66
C GLN A 55 -5.81 -0.97 19.32
N ARG A 56 -5.47 -0.31 18.25
CA ARG A 56 -6.03 -0.69 16.93
C ARG A 56 -5.37 -1.97 16.41
N HIS A 57 -4.19 -2.27 16.89
CA HIS A 57 -3.48 -3.50 16.43
C HIS A 57 -3.53 -3.59 14.89
N PHE A 58 -2.55 -3.03 14.24
CA PHE A 58 -2.54 -3.09 12.74
C PHE A 58 -1.27 -2.43 12.21
N PHE A 59 -1.05 -2.48 10.92
CA PHE A 59 0.18 -1.85 10.35
C PHE A 59 -0.19 -0.86 9.26
N THR A 60 0.50 0.25 9.19
CA THR A 60 0.21 1.27 8.15
C THR A 60 1.47 1.59 7.35
N LEU A 61 1.33 1.84 6.08
CA LEU A 61 2.52 2.16 5.24
C LEU A 61 2.34 3.53 4.59
N SER A 62 3.35 4.36 4.64
CA SER A 62 3.25 5.71 4.03
C SER A 62 4.56 6.06 3.31
N VAL A 63 4.49 6.92 2.33
CA VAL A 63 5.72 7.29 1.58
C VAL A 63 5.82 8.80 1.42
N LYS A 64 6.90 9.28 0.86
CA LYS A 64 7.07 10.75 0.68
C LYS A 64 6.82 11.12 -0.79
N THR A 65 6.07 12.17 -1.02
CA THR A 65 5.79 12.59 -2.43
C THR A 65 6.75 13.70 -2.85
N GLN A 66 6.35 14.52 -3.79
CA GLN A 66 7.23 15.64 -4.24
C GLN A 66 7.41 16.66 -3.11
N SER A 67 6.48 16.72 -2.21
CA SER A 67 6.60 17.70 -1.08
C SER A 67 5.43 17.54 -0.10
N GLY A 68 4.90 16.35 0.01
CA GLY A 68 3.76 16.13 0.94
C GLY A 68 3.89 14.75 1.58
N THR A 69 4.19 14.70 2.85
CA THR A 69 4.33 13.38 3.54
C THR A 69 3.05 13.03 4.28
N LYS A 70 2.31 12.07 3.80
CA LYS A 70 1.04 11.69 4.49
C LYS A 70 1.13 10.24 4.98
N ASN A 71 0.32 9.87 5.94
CA ASN A 71 0.37 8.48 6.46
C ASN A 71 -0.90 7.72 6.09
N LEU A 72 -0.77 6.52 5.60
CA LEU A 72 -1.98 5.73 5.21
C LEU A 72 -2.20 4.59 6.20
N ARG A 73 -3.31 4.59 6.90
CA ARG A 73 -3.58 3.49 7.87
C ARG A 73 -4.82 2.70 7.44
N ILE A 74 -4.85 1.43 7.75
CA ILE A 74 -6.04 0.61 7.36
C ILE A 74 -7.20 0.89 8.30
N GLN A 75 -8.36 1.14 7.78
CA GLN A 75 -9.54 1.43 8.64
C GLN A 75 -10.36 0.16 8.88
N CYS A 76 -11.02 0.07 9.99
CA CYS A 76 -11.83 -1.14 10.29
C CYS A 76 -13.30 -0.89 9.94
N GLU A 77 -13.96 -1.86 9.35
CA GLU A 77 -15.39 -1.67 8.99
C GLU A 77 -16.22 -2.87 9.46
N GLY A 78 -17.09 -2.66 10.41
CA GLY A 78 -17.93 -3.79 10.91
C GLY A 78 -17.06 -5.02 11.16
N GLY A 79 -15.79 -4.81 11.39
CA GLY A 79 -14.89 -5.97 11.65
C GLY A 79 -14.02 -6.23 10.42
N SER A 80 -14.21 -5.47 9.37
CA SER A 80 -13.38 -5.67 8.14
C SER A 80 -12.18 -4.72 8.15
N PHE A 81 -11.12 -5.08 7.49
CA PHE A 81 -9.92 -4.20 7.47
C PHE A 81 -9.68 -3.66 6.05
N SER A 82 -9.57 -2.37 5.89
CA SER A 82 -9.34 -1.80 4.54
C SER A 82 -8.66 -0.44 4.64
N LEU A 83 -7.83 -0.09 3.68
CA LEU A 83 -7.14 1.22 3.72
C LEU A 83 -8.11 2.33 3.29
N GLN A 84 -9.22 1.96 2.72
CA GLN A 84 -10.21 3.00 2.28
C GLN A 84 -11.45 2.96 3.17
N SER A 85 -12.61 3.10 2.61
CA SER A 85 -13.85 3.09 3.44
C SER A 85 -15.08 2.89 2.54
N ASP A 86 -15.01 1.97 1.60
CA ASP A 86 -16.17 1.74 0.70
C ASP A 86 -16.65 0.29 0.83
N PRO A 87 -17.84 0.15 1.38
CA PRO A 87 -18.43 -1.19 1.57
C PRO A 87 -18.90 -1.77 0.23
N ARG A 88 -18.00 -1.96 -0.69
CA ARG A 88 -18.39 -2.50 -2.02
C ARG A 88 -18.87 -3.94 -1.88
N SER A 89 -18.13 -4.76 -1.19
CA SER A 89 -18.53 -6.18 -1.02
C SER A 89 -17.44 -6.97 -0.29
N THR A 90 -17.74 -8.17 0.14
CA THR A 90 -16.72 -8.98 0.85
C THR A 90 -16.16 -10.07 -0.07
N GLN A 91 -15.37 -9.69 -1.04
CA GLN A 91 -14.80 -10.71 -1.98
C GLN A 91 -14.35 -11.95 -1.21
N PRO A 92 -13.48 -11.73 -0.26
CA PRO A 92 -12.94 -12.84 0.56
C PRO A 92 -14.02 -13.37 1.52
N VAL A 93 -13.99 -12.96 2.76
CA VAL A 93 -15.02 -13.45 3.71
C VAL A 93 -15.54 -12.27 4.55
N PRO A 94 -16.56 -12.53 5.33
CA PRO A 94 -17.14 -11.46 6.18
C PRO A 94 -16.15 -11.10 7.29
N ARG A 95 -15.90 -9.84 7.51
CA ARG A 95 -14.94 -9.45 8.57
C ARG A 95 -13.52 -9.88 8.17
N PHE A 96 -13.22 -9.86 6.91
CA PHE A 96 -11.85 -10.27 6.45
C PHE A 96 -10.89 -9.09 6.53
N ASP A 97 -9.67 -9.26 6.10
CA ASP A 97 -8.69 -8.13 6.14
C ASP A 97 -8.33 -7.69 4.73
N CYS A 98 -8.76 -6.52 4.34
CA CYS A 98 -8.44 -6.04 2.96
C CYS A 98 -7.04 -5.43 2.92
N VAL A 99 -6.38 -5.31 4.04
CA VAL A 99 -5.01 -4.73 4.00
C VAL A 99 -4.19 -5.44 2.92
N LEU A 100 -4.46 -6.70 2.69
CA LEU A 100 -3.70 -7.43 1.63
C LEU A 100 -3.92 -6.72 0.30
N LYS A 101 -5.14 -6.37 0.00
CA LYS A 101 -5.43 -5.64 -1.27
C LYS A 101 -4.82 -4.25 -1.20
N LEU A 102 -4.74 -3.69 -0.01
CA LEU A 102 -4.15 -2.33 0.15
C LEU A 102 -2.71 -2.33 -0.38
N VAL A 103 -2.00 -3.41 -0.23
CA VAL A 103 -0.60 -3.44 -0.72
C VAL A 103 -0.57 -3.07 -2.21
N HIS A 104 -1.56 -3.50 -2.96
CA HIS A 104 -1.60 -3.15 -4.40
C HIS A 104 -1.54 -1.62 -4.55
N HIS A 105 -2.33 -0.93 -3.79
CA HIS A 105 -2.30 0.56 -3.87
C HIS A 105 -0.92 1.06 -3.48
N TYR A 106 -0.29 0.42 -2.53
CA TYR A 106 1.07 0.84 -2.11
C TYR A 106 2.06 0.64 -3.25
N MET A 107 1.65 -0.01 -4.29
CA MET A 107 2.56 -0.24 -5.45
C MET A 107 1.77 -0.73 -6.66
N PRO A 108 1.76 0.08 -7.69
CA PRO A 108 1.03 -0.28 -8.93
C PRO A 108 1.74 -1.40 -9.72
N PRO A 109 3.04 -1.48 -9.62
CA PRO A 109 3.78 -2.55 -10.35
C PRO A 109 3.56 -3.90 -9.69
N PRO A 110 3.80 -4.94 -10.45
CA PRO A 110 3.64 -6.32 -9.94
C PRO A 110 4.77 -6.66 -8.95
N GLY A 111 4.43 -7.10 -7.77
CA GLY A 111 5.48 -7.46 -6.79
C GLY A 111 6.48 -8.42 -7.42
N THR A 112 6.06 -9.61 -7.75
CA THR A 112 6.99 -10.59 -8.37
C THR A 112 6.28 -11.36 -9.49
N PRO A 113 7.06 -11.94 -10.35
CA PRO A 113 6.50 -12.72 -11.49
C PRO A 113 5.92 -14.05 -10.98
N SER A 114 6.72 -15.09 -10.97
CA SER A 114 6.21 -16.41 -10.50
C SER A 114 7.19 -17.01 -9.49
N PHE A 115 8.47 -16.91 -9.74
CA PHE A 115 9.46 -17.48 -8.79
C PHE A 115 10.43 -16.39 -8.32
N SER A 116 10.62 -16.30 -7.03
CA SER A 116 11.55 -15.25 -6.50
C SER A 116 12.98 -15.80 -6.45
N LEU A 117 13.22 -16.80 -5.66
CA LEU A 117 14.59 -17.37 -5.56
C LEU A 117 14.53 -18.89 -5.70
N PRO A 118 15.19 -19.39 -6.71
CA PRO A 118 15.23 -20.85 -6.96
C PRO A 118 16.12 -21.55 -5.92
N PRO A 119 15.78 -22.78 -5.65
CA PRO A 119 16.55 -23.58 -4.66
C PRO A 119 17.90 -23.99 -5.25
N THR A 120 17.90 -24.57 -6.42
CA THR A 120 19.18 -24.99 -7.04
C THR A 120 19.98 -25.89 -6.08
N GLU A 121 19.90 -27.18 -6.26
CA GLU A 121 20.64 -28.10 -5.35
C GLU A 121 20.25 -29.56 -5.65
N PRO A 122 18.97 -29.82 -5.58
CA PRO A 122 18.46 -31.19 -5.84
C PRO A 122 18.56 -31.52 -7.33
N SER A 123 19.67 -32.06 -7.75
CA SER A 123 19.83 -32.41 -9.20
C SER A 123 19.71 -31.15 -10.06
N SER A 124 19.80 -31.29 -11.35
CA SER A 124 19.69 -30.10 -12.25
C SER A 124 18.28 -29.52 -12.18
N GLU A 125 17.30 -30.27 -12.60
CA GLU A 125 15.90 -29.77 -12.57
C GLU A 125 15.80 -28.44 -13.33
N VAL A 126 15.43 -28.50 -14.59
CA VAL A 126 15.32 -27.25 -15.39
C VAL A 126 14.28 -27.43 -16.50
N PRO A 127 13.13 -27.92 -16.11
CA PRO A 127 12.03 -28.14 -17.08
C PRO A 127 11.41 -26.81 -17.50
N GLU A 128 11.47 -26.49 -18.77
CA GLU A 128 10.88 -25.21 -19.24
C GLU A 128 11.60 -24.03 -18.59
N GLN A 129 11.72 -22.93 -19.28
CA GLN A 129 12.41 -21.74 -18.69
C GLN A 129 11.79 -20.46 -19.23
N PRO A 130 11.19 -19.70 -18.34
CA PRO A 130 10.56 -18.42 -18.72
C PRO A 130 11.62 -17.37 -19.04
N PRO A 131 11.33 -16.57 -20.03
CA PRO A 131 12.26 -15.50 -20.45
C PRO A 131 12.26 -14.36 -19.42
N ALA A 132 11.40 -13.40 -19.59
CA ALA A 132 11.34 -12.26 -18.64
C ALA A 132 9.89 -11.97 -18.24
N GLN A 133 9.56 -10.73 -18.03
CA GLN A 133 8.16 -10.38 -17.63
C GLN A 133 7.63 -9.25 -18.51
N ALA A 134 8.13 -8.06 -18.34
CA ALA A 134 7.65 -6.92 -19.16
C ALA A 134 6.13 -6.85 -19.14
N LEU A 135 5.58 -6.03 -18.29
CA LEU A 135 4.09 -5.92 -18.21
C LEU A 135 3.57 -5.10 -19.39
N PRO A 136 2.29 -5.24 -19.65
CA PRO A 136 1.65 -4.51 -20.77
C PRO A 136 1.52 -3.03 -20.42
N GLY A 137 0.95 -2.72 -19.28
CA GLY A 137 0.79 -1.30 -18.89
C GLY A 137 -0.67 -0.88 -19.08
N SER A 138 -1.28 -0.36 -18.06
CA SER A 138 -2.70 0.07 -18.18
C SER A 138 -3.19 0.70 -16.87
N THR A 139 -4.48 0.90 -16.74
CA THR A 139 -5.01 1.51 -15.49
C THR A 139 -6.15 0.65 -14.94
N PRO A 140 -5.80 -0.54 -14.54
CA PRO A 140 -6.81 -1.48 -13.97
C PRO A 140 -7.23 -1.03 -12.57
N LYS A 141 -7.96 0.04 -12.47
CA LYS A 141 -8.39 0.52 -11.13
C LYS A 141 -7.20 0.55 -10.16
N ARG A 142 -6.29 1.47 -10.36
CA ARG A 142 -5.11 1.55 -9.46
C ARG A 142 -4.49 2.95 -9.53
N ALA A 143 -4.08 3.48 -8.41
CA ALA A 143 -3.45 4.83 -8.42
C ALA A 143 -3.21 5.31 -6.99
N TYR A 144 -1.98 5.44 -6.57
CA TYR A 144 -1.73 5.93 -5.19
C TYR A 144 -1.26 7.39 -5.24
N TYR A 145 -1.96 8.26 -4.59
CA TYR A 145 -1.54 9.69 -4.60
C TYR A 145 -2.10 10.42 -3.38
N ILE A 146 -1.48 11.49 -2.98
CA ILE A 146 -1.95 12.22 -1.77
C ILE A 146 -2.70 13.47 -2.19
N TYR A 147 -3.65 13.88 -1.41
CA TYR A 147 -4.41 15.10 -1.79
C TYR A 147 -3.68 16.35 -1.30
N SER A 148 -3.53 17.32 -2.16
CA SER A 148 -2.83 18.57 -1.73
C SER A 148 -3.85 19.64 -1.30
N GLY A 149 -4.63 19.33 -0.31
CA GLY A 149 -5.65 20.31 0.16
C GLY A 149 -6.61 20.64 -0.98
N GLY A 150 -7.21 19.65 -1.57
CA GLY A 150 -8.15 19.92 -2.70
C GLY A 150 -7.43 19.71 -4.04
N GLU A 151 -6.18 19.35 -3.99
CA GLU A 151 -5.42 19.13 -5.26
C GLU A 151 -4.92 17.68 -5.34
N LYS A 152 -5.28 16.98 -6.38
CA LYS A 152 -4.83 15.57 -6.52
C LYS A 152 -3.33 15.51 -6.82
N ILE A 153 -2.57 14.89 -5.95
CA ILE A 153 -1.10 14.79 -6.18
C ILE A 153 -0.71 13.32 -6.30
N PRO A 154 -0.25 12.94 -7.46
CA PRO A 154 0.12 11.52 -7.69
C PRO A 154 1.38 11.13 -6.89
N LEU A 155 1.27 10.10 -6.10
CA LEU A 155 2.46 9.63 -5.32
C LEU A 155 2.67 8.15 -5.60
N VAL A 156 3.61 7.80 -6.42
CA VAL A 156 3.82 6.36 -6.72
C VAL A 156 5.03 5.81 -5.97
N LEU A 157 4.83 4.84 -5.12
CA LEU A 157 5.97 4.26 -4.37
C LEU A 157 6.76 3.32 -5.29
N SER A 158 7.99 3.66 -5.58
CA SER A 158 8.78 2.78 -6.49
C SER A 158 9.98 2.17 -5.75
N ARG A 159 10.51 2.85 -4.78
CA ARG A 159 11.68 2.30 -4.04
C ARG A 159 11.19 1.38 -2.91
N PRO A 160 11.69 0.17 -2.93
CA PRO A 160 11.32 -0.82 -1.91
C PRO A 160 12.09 -0.56 -0.61
N LEU A 161 11.44 -0.73 0.51
CA LEU A 161 12.14 -0.50 1.81
C LEU A 161 13.32 -1.46 1.96
N SER A 162 14.27 -1.12 2.79
CA SER A 162 15.44 -2.02 2.97
C SER A 162 15.65 -2.33 4.46
N SER A 163 15.09 -3.41 4.94
CA SER A 163 15.26 -3.75 6.38
C SER A 163 16.05 -5.05 6.52
N ASN A 164 17.00 -5.27 5.65
CA ASN A 164 17.81 -6.51 5.73
C ASN A 164 19.30 -6.19 5.52
N SER B 1 9.81 22.45 14.21
CA SER B 1 8.50 21.73 14.18
C SER B 1 8.72 20.23 14.38
N THR B 2 8.49 19.73 15.56
CA THR B 2 8.67 18.27 15.81
C THR B 2 7.49 17.71 16.58
N ALA B 3 6.41 17.42 15.92
CA ALA B 3 5.21 16.85 16.61
C ALA B 3 4.77 15.55 15.95
N SER B 4 5.66 14.90 15.26
CA SER B 4 5.29 13.62 14.58
C SER B 4 4.28 13.89 13.47
N THR B 5 3.11 14.36 13.82
CA THR B 5 2.08 14.65 12.77
C THR B 5 1.72 13.35 12.03
N VAL B 6 1.43 12.30 12.75
CA VAL B 6 1.07 11.02 12.09
C VAL B 6 -0.41 11.02 11.71
N GLU B 7 -0.86 12.04 11.03
CA GLU B 7 -2.30 12.10 10.63
C GLU B 7 -2.56 11.13 9.48
N SER B 9 -4.40 10.81 5.30
CA SER B 9 -5.06 11.52 4.17
C SER B 9 -5.50 10.53 3.10
N THR B 10 -5.44 9.26 3.39
CA THR B 10 -5.86 8.25 2.38
C THR B 10 -5.10 8.46 1.08
N VAL B 11 -5.19 7.53 0.17
CA VAL B 11 -4.48 7.68 -1.13
C VAL B 11 -5.45 7.51 -2.31
N VAL B 12 -5.87 8.58 -2.92
CA VAL B 12 -6.82 8.45 -4.06
C VAL B 12 -8.18 7.94 -3.57
N HIS B 13 -9.25 8.43 -4.13
CA HIS B 13 -10.59 7.96 -3.69
C HIS B 13 -11.44 7.59 -4.91
N SER B 14 -10.84 7.44 -6.05
CA SER B 14 -11.61 7.09 -7.27
C SER B 14 -10.74 6.28 -8.24
N GLY B 15 -9.72 5.63 -7.72
CA GLY B 15 -8.83 4.83 -8.61
C GLY B 15 -8.31 5.71 -9.75
N GLU A 9 -11.08 -8.82 12.56
CA GLU A 9 -10.62 -7.44 12.19
C GLU A 9 -9.10 -7.33 12.38
N TYR A 10 -8.67 -6.98 13.56
CA TYR A 10 -7.20 -6.86 13.80
C TYR A 10 -6.48 -8.15 13.41
N GLN A 11 -7.10 -9.28 13.67
CA GLN A 11 -6.45 -10.57 13.31
C GLN A 11 -6.07 -10.58 11.83
N LEU A 12 -6.84 -9.92 11.01
CA LEU A 12 -6.52 -9.88 9.55
C LEU A 12 -5.13 -9.27 9.32
N VAL A 13 -4.85 -8.16 9.95
CA VAL A 13 -3.53 -7.51 9.77
C VAL A 13 -2.40 -8.39 10.33
N VAL A 14 -2.59 -8.95 11.48
CA VAL A 14 -1.53 -9.82 12.08
C VAL A 14 -1.18 -10.97 11.13
N ASN A 15 -2.15 -11.47 10.40
CA ASN A 15 -1.87 -12.60 9.47
C ASN A 15 -1.04 -12.11 8.27
N ALA A 16 -1.35 -10.96 7.76
CA ALA A 16 -0.59 -10.44 6.58
C ALA A 16 0.79 -9.91 7.01
N VAL A 17 0.85 -9.17 8.08
CA VAL A 17 2.15 -8.64 8.54
C VAL A 17 3.14 -9.78 8.78
N ARG A 18 2.67 -10.88 9.31
CA ARG A 18 3.59 -12.02 9.56
C ARG A 18 4.34 -12.38 8.27
N LYS A 19 3.64 -12.54 7.19
CA LYS A 19 4.32 -12.89 5.91
C LYS A 19 4.96 -11.63 5.30
N LEU A 20 4.28 -10.51 5.37
CA LEU A 20 4.83 -9.25 4.80
C LEU A 20 5.97 -8.71 5.66
N GLN A 21 5.94 -8.94 6.94
CA GLN A 21 7.03 -8.41 7.82
C GLN A 21 8.40 -8.94 7.39
N GLU A 22 8.49 -10.19 7.06
CA GLU A 22 9.81 -10.74 6.64
C GLU A 22 10.14 -10.33 5.19
N SER A 23 9.23 -10.58 4.29
CA SER A 23 9.47 -10.22 2.86
C SER A 23 9.37 -8.70 2.63
N GLY A 24 8.40 -8.07 3.22
CA GLY A 24 8.22 -6.60 2.99
C GLY A 24 8.99 -5.78 4.02
N PHE A 25 10.31 -5.83 3.97
CA PHE A 25 11.14 -5.03 4.93
C PHE A 25 10.25 -4.26 5.91
N TYR A 26 9.67 -4.96 6.84
CA TYR A 26 8.77 -4.29 7.83
C TYR A 26 9.55 -3.85 9.07
N TRP A 27 9.29 -2.66 9.54
CA TRP A 27 10.00 -2.16 10.75
C TRP A 27 9.00 -1.92 11.89
N SER A 28 9.42 -2.10 13.10
CA SER A 28 8.49 -1.90 14.25
C SER A 28 9.24 -1.26 15.43
N ALA A 29 10.31 -0.59 15.14
CA ALA A 29 11.10 0.05 16.24
C ALA A 29 10.84 1.56 16.28
N VAL A 30 10.01 2.08 15.43
CA VAL A 30 9.73 3.54 15.45
C VAL A 30 8.25 3.80 15.73
N THR A 31 7.75 4.94 15.37
CA THR A 31 6.32 5.26 15.62
C THR A 31 5.47 4.93 14.38
N GLY A 32 4.18 4.91 14.54
CA GLY A 32 3.29 4.59 13.37
C GLY A 32 3.84 5.27 12.11
N GLY A 33 3.48 6.51 11.90
CA GLY A 33 3.97 7.22 10.68
C GLY A 33 5.41 7.68 10.88
N GLU A 34 5.79 8.00 12.08
CA GLU A 34 7.20 8.46 12.31
C GLU A 34 8.18 7.38 11.88
N ALA A 35 7.75 6.15 11.87
CA ALA A 35 8.66 5.05 11.46
C ALA A 35 8.86 5.10 9.94
N ASN A 36 7.78 5.21 9.20
CA ASN A 36 7.90 5.27 7.72
C ASN A 36 8.55 6.60 7.29
N LEU A 37 8.27 7.66 7.98
CA LEU A 37 8.84 8.98 7.61
C LEU A 37 10.37 8.93 7.63
N LEU A 38 10.96 8.13 8.47
CA LEU A 38 12.45 8.06 8.51
C LEU A 38 12.96 7.72 7.12
N LEU A 39 12.14 7.09 6.31
CA LEU A 39 12.59 6.77 4.94
C LEU A 39 12.69 8.06 4.13
N SER A 40 11.83 9.00 4.43
CA SER A 40 11.86 10.30 3.70
C SER A 40 13.11 11.08 4.09
N ALA A 41 13.56 10.96 5.31
CA ALA A 41 14.77 11.71 5.74
C ALA A 41 16.03 10.99 5.27
N GLU A 42 15.93 9.72 4.97
CA GLU A 42 17.14 8.99 4.49
C GLU A 42 16.88 8.36 3.11
N PRO A 43 16.27 7.20 3.07
CA PRO A 43 15.97 6.54 1.77
C PRO A 43 14.82 7.25 1.07
N ALA A 44 15.03 8.45 0.60
CA ALA A 44 13.94 9.19 -0.10
C ALA A 44 13.40 8.37 -1.27
N GLY A 45 12.12 8.39 -1.49
CA GLY A 45 11.54 7.61 -2.61
C GLY A 45 11.33 6.16 -2.16
N THR A 46 11.28 5.95 -0.89
CA THR A 46 11.08 4.56 -0.35
C THR A 46 9.84 4.51 0.55
N PHE A 47 9.15 3.40 0.58
CA PHE A 47 7.94 3.32 1.45
C PHE A 47 8.08 2.17 2.45
N LEU A 48 7.67 2.38 3.67
CA LEU A 48 7.80 1.32 4.71
C LEU A 48 6.57 1.33 5.63
N ILE A 49 6.32 0.24 6.32
CA ILE A 49 5.15 0.19 7.22
C ILE A 49 5.58 -0.01 8.68
N ARG A 50 4.83 0.52 9.61
CA ARG A 50 5.18 0.37 11.05
C ARG A 50 4.03 -0.32 11.80
N ASP A 51 4.32 -1.02 12.87
CA ASP A 51 3.23 -1.70 13.62
C ASP A 51 2.68 -0.78 14.71
N SER A 52 1.52 -0.23 14.49
CA SER A 52 0.93 0.68 15.52
C SER A 52 0.86 -0.02 16.88
N SER A 53 0.58 0.71 17.92
CA SER A 53 0.50 0.08 19.27
C SER A 53 -0.91 0.20 19.83
N ASP A 54 -1.83 0.69 19.05
CA ASP A 54 -3.24 0.84 19.54
C ASP A 54 -3.76 -0.52 20.03
N GLN A 55 -4.93 -0.53 20.60
CA GLN A 55 -5.50 -1.82 21.10
C GLN A 55 -6.10 -2.62 19.93
N ARG A 56 -6.30 -1.98 18.81
CA ARG A 56 -6.89 -2.71 17.64
C ARG A 56 -5.79 -3.47 16.90
N HIS A 57 -4.59 -3.48 17.41
CA HIS A 57 -3.48 -4.21 16.73
C HIS A 57 -3.54 -3.96 15.22
N PHE A 58 -2.81 -2.99 14.75
CA PHE A 58 -2.83 -2.70 13.28
C PHE A 58 -1.54 -2.00 12.85
N PHE A 59 -1.17 -2.11 11.61
CA PHE A 59 0.07 -1.43 11.13
C PHE A 59 -0.27 -0.35 10.10
N THR A 60 0.54 0.66 10.00
CA THR A 60 0.26 1.74 9.00
C THR A 60 1.49 1.98 8.11
N LEU A 61 1.27 2.35 6.88
CA LEU A 61 2.42 2.58 5.97
C LEU A 61 2.27 3.93 5.25
N SER A 62 3.26 4.78 5.36
CA SER A 62 3.19 6.10 4.68
C SER A 62 4.40 6.26 3.74
N VAL A 63 4.26 7.06 2.72
CA VAL A 63 5.40 7.24 1.77
C VAL A 63 5.79 8.71 1.70
N LYS A 64 6.84 9.02 0.98
CA LYS A 64 7.28 10.44 0.88
C LYS A 64 6.87 11.01 -0.48
N THR A 65 6.19 12.13 -0.48
CA THR A 65 5.76 12.74 -1.77
C THR A 65 6.16 14.21 -1.82
N GLN A 66 6.05 14.84 -2.95
CA GLN A 66 6.41 16.28 -3.06
C GLN A 66 5.47 17.13 -2.21
N SER A 67 4.26 16.67 -2.01
CA SER A 67 3.29 17.45 -1.18
C SER A 67 3.48 17.12 0.30
N GLY A 68 3.93 15.93 0.60
CA GLY A 68 4.12 15.56 2.03
C GLY A 68 3.85 14.07 2.21
N THR A 69 4.40 13.47 3.23
CA THR A 69 4.18 12.01 3.46
C THR A 69 2.82 11.78 4.12
N LYS A 70 2.11 10.79 3.68
CA LYS A 70 0.77 10.51 4.29
C LYS A 70 0.58 9.00 4.51
N ASN A 71 -0.33 8.64 5.36
CA ASN A 71 -0.56 7.19 5.63
C ASN A 71 -2.06 6.90 5.71
N LEU A 72 -2.47 5.69 5.43
CA LEU A 72 -3.92 5.35 5.51
C LEU A 72 -4.11 3.99 6.18
N ARG A 73 -5.20 3.81 6.87
CA ARG A 73 -5.43 2.51 7.55
C ARG A 73 -6.36 1.63 6.71
N ILE A 74 -6.25 0.33 6.83
CA ILE A 74 -7.12 -0.58 6.03
C ILE A 74 -8.51 -0.68 6.68
N GLN A 75 -9.53 -0.69 5.87
CA GLN A 75 -10.91 -0.79 6.43
C GLN A 75 -11.38 -2.26 6.39
N CYS A 76 -12.23 -2.64 7.29
CA CYS A 76 -12.72 -4.05 7.31
C CYS A 76 -14.10 -4.14 6.65
N GLU A 77 -14.31 -5.13 5.82
CA GLU A 77 -15.64 -5.27 5.15
C GLU A 77 -16.16 -6.71 5.31
N GLY A 78 -17.09 -6.91 6.19
CA GLY A 78 -17.64 -8.28 6.40
C GLY A 78 -16.50 -9.29 6.42
N GLY A 79 -16.22 -9.91 5.29
CA GLY A 79 -15.11 -10.90 5.24
C GLY A 79 -14.07 -10.46 4.22
N SER A 80 -13.89 -9.17 4.07
CA SER A 80 -12.88 -8.68 3.08
C SER A 80 -12.11 -7.48 3.67
N PHE A 81 -10.89 -7.30 3.27
CA PHE A 81 -10.09 -6.16 3.80
C PHE A 81 -9.57 -5.28 2.64
N SER A 82 -9.49 -3.99 2.84
CA SER A 82 -9.00 -3.09 1.75
C SER A 82 -8.41 -1.80 2.34
N LEU A 83 -7.34 -1.32 1.77
CA LEU A 83 -6.73 -0.06 2.29
C LEU A 83 -7.54 1.16 1.83
N GLN A 84 -8.62 0.95 1.13
CA GLN A 84 -9.44 2.10 0.67
C GLN A 84 -10.93 1.77 0.78
N SER A 85 -11.76 2.41 0.00
CA SER A 85 -13.22 2.14 0.08
C SER A 85 -13.51 0.66 -0.24
N ASP A 86 -14.57 0.40 -0.94
CA ASP A 86 -14.90 -1.02 -1.29
C ASP A 86 -13.97 -1.52 -2.39
N PRO A 87 -13.33 -2.62 -2.13
CA PRO A 87 -12.39 -3.22 -3.11
C PRO A 87 -13.17 -3.83 -4.28
N ARG A 88 -13.95 -3.06 -4.96
CA ARG A 88 -14.74 -3.60 -6.11
C ARG A 88 -13.81 -3.92 -7.28
N SER A 89 -12.55 -3.63 -7.15
CA SER A 89 -11.60 -3.92 -8.27
C SER A 89 -11.77 -5.37 -8.75
N THR A 90 -12.09 -6.26 -7.85
CA THR A 90 -12.27 -7.69 -8.26
C THR A 90 -10.92 -8.30 -8.66
N GLN A 91 -9.85 -7.58 -8.48
CA GLN A 91 -8.52 -8.14 -8.85
C GLN A 91 -8.27 -9.45 -8.11
N PRO A 92 -8.27 -9.36 -6.81
CA PRO A 92 -8.04 -10.56 -5.96
C PRO A 92 -9.26 -11.49 -6.01
N VAL A 93 -9.46 -12.30 -5.02
CA VAL A 93 -10.63 -13.22 -5.02
C VAL A 93 -11.53 -12.92 -3.83
N PRO A 94 -12.62 -13.62 -3.74
CA PRO A 94 -13.57 -13.42 -2.61
C PRO A 94 -12.90 -13.87 -1.31
N ARG A 95 -12.98 -13.07 -0.28
CA ARG A 95 -12.34 -13.47 1.00
C ARG A 95 -10.88 -13.83 0.74
N PHE A 96 -10.08 -12.87 0.35
CA PHE A 96 -8.65 -13.15 0.08
C PHE A 96 -7.79 -12.72 1.27
N ASP A 97 -6.54 -12.44 1.06
CA ASP A 97 -5.69 -11.99 2.19
C ASP A 97 -6.08 -10.56 2.56
N CYS A 98 -6.70 -10.40 3.69
CA CYS A 98 -7.17 -9.05 4.14
C CYS A 98 -6.15 -7.94 3.83
N VAL A 99 -5.30 -7.62 4.76
CA VAL A 99 -4.30 -6.53 4.54
C VAL A 99 -3.61 -6.67 3.19
N LEU A 100 -3.57 -7.84 2.64
CA LEU A 100 -2.90 -8.02 1.32
C LEU A 100 -3.46 -7.03 0.30
N LYS A 101 -4.73 -6.75 0.36
CA LYS A 101 -5.32 -5.78 -0.61
C LYS A 101 -4.66 -4.41 -0.41
N LEU A 102 -4.37 -4.06 0.80
CA LEU A 102 -3.73 -2.75 1.07
C LEU A 102 -2.39 -2.67 0.33
N VAL A 103 -1.68 -3.77 0.24
CA VAL A 103 -0.38 -3.77 -0.48
C VAL A 103 -0.58 -3.26 -1.90
N HIS A 104 -1.66 -3.62 -2.53
CA HIS A 104 -1.92 -3.15 -3.92
C HIS A 104 -1.85 -1.63 -3.98
N HIS A 105 -2.48 -0.96 -3.06
CA HIS A 105 -2.45 0.53 -3.05
C HIS A 105 -1.06 1.01 -2.62
N TYR A 106 -0.49 0.39 -1.62
CA TYR A 106 0.86 0.81 -1.16
C TYR A 106 1.91 0.42 -2.21
N MET A 107 1.60 -0.53 -3.05
CA MET A 107 2.57 -0.94 -4.10
C MET A 107 1.88 -1.80 -5.15
N PRO A 108 2.57 -2.00 -6.24
CA PRO A 108 2.02 -2.82 -7.35
C PRO A 108 1.99 -4.31 -6.97
N PRO A 109 1.36 -5.09 -7.80
CA PRO A 109 1.26 -6.54 -7.56
C PRO A 109 2.61 -7.22 -7.82
N PRO A 110 2.87 -8.24 -7.04
CA PRO A 110 4.14 -8.99 -7.18
C PRO A 110 4.11 -9.86 -8.44
N GLY A 111 2.97 -10.03 -9.03
CA GLY A 111 2.87 -10.85 -10.27
C GLY A 111 3.20 -10.00 -11.49
N THR A 112 2.89 -10.48 -12.66
CA THR A 112 3.18 -9.70 -13.89
C THR A 112 4.68 -9.45 -14.03
N PRO A 113 5.38 -10.48 -14.42
CA PRO A 113 6.85 -10.38 -14.59
C PRO A 113 7.20 -9.56 -15.83
N SER A 114 7.33 -10.20 -16.96
CA SER A 114 7.67 -9.45 -18.21
C SER A 114 7.60 -10.39 -19.41
N PHE A 115 6.95 -9.96 -20.47
CA PHE A 115 6.85 -10.83 -21.69
C PHE A 115 7.34 -10.07 -22.92
N SER A 116 8.56 -9.63 -22.91
CA SER A 116 9.09 -8.87 -24.08
C SER A 116 8.12 -7.76 -24.49
N LEU A 117 7.89 -7.59 -25.76
CA LEU A 117 6.96 -6.52 -26.22
C LEU A 117 5.71 -6.50 -25.33
N PRO A 118 5.23 -5.31 -25.09
CA PRO A 118 4.03 -5.14 -24.23
C PRO A 118 2.77 -5.58 -24.99
N PRO A 119 2.12 -6.57 -24.44
CA PRO A 119 0.89 -7.11 -25.06
C PRO A 119 -0.28 -6.13 -24.87
N THR A 120 -1.49 -6.59 -24.99
CA THR A 120 -2.66 -5.69 -24.82
C THR A 120 -2.58 -4.53 -25.82
N GLU A 121 -3.60 -3.71 -25.87
CA GLU A 121 -3.58 -2.56 -26.82
C GLU A 121 -3.38 -3.06 -28.25
N PRO A 122 -3.75 -2.23 -29.18
CA PRO A 122 -3.61 -2.59 -30.61
C PRO A 122 -2.14 -2.54 -31.05
N SER A 123 -1.50 -3.68 -31.11
CA SER A 123 -0.06 -3.69 -31.52
C SER A 123 0.23 -4.94 -32.36
N SER A 124 -0.78 -5.54 -32.92
CA SER A 124 -0.55 -6.75 -33.76
C SER A 124 -1.54 -6.79 -34.92
N GLU A 125 -2.76 -7.16 -34.66
CA GLU A 125 -3.77 -7.22 -35.75
C GLU A 125 -5.14 -6.75 -35.24
N VAL A 126 -5.55 -7.23 -34.10
CA VAL A 126 -6.88 -6.81 -33.55
C VAL A 126 -7.97 -7.00 -34.61
N PRO A 127 -8.50 -8.20 -34.65
CA PRO A 127 -9.56 -8.52 -35.63
C PRO A 127 -10.88 -7.85 -35.22
N GLU A 128 -11.68 -8.52 -34.44
CA GLU A 128 -12.97 -7.92 -34.01
C GLU A 128 -13.12 -8.01 -32.49
N GLN A 129 -14.20 -7.50 -31.96
CA GLN A 129 -14.40 -7.55 -30.48
C GLN A 129 -15.79 -8.10 -30.16
N PRO A 130 -15.83 -9.01 -29.21
CA PRO A 130 -17.11 -9.62 -28.80
C PRO A 130 -17.93 -8.63 -27.98
N PRO A 131 -19.20 -8.57 -28.29
CA PRO A 131 -20.12 -7.66 -27.57
C PRO A 131 -20.41 -8.19 -26.16
N ALA A 132 -19.39 -8.39 -25.38
CA ALA A 132 -19.60 -8.90 -23.99
C ALA A 132 -19.68 -7.73 -23.00
N GLN A 133 -19.03 -6.64 -23.31
CA GLN A 133 -19.07 -5.47 -22.39
C GLN A 133 -18.57 -5.87 -20.99
N ALA A 134 -17.39 -6.43 -20.92
CA ALA A 134 -16.86 -6.85 -19.59
C ALA A 134 -15.33 -6.69 -19.57
N LEU A 135 -14.79 -5.91 -20.46
CA LEU A 135 -13.31 -5.72 -20.49
C LEU A 135 -12.97 -4.22 -20.65
N PRO A 136 -12.73 -3.59 -19.53
CA PRO A 136 -12.39 -2.15 -19.53
C PRO A 136 -10.97 -1.94 -20.07
N GLY A 137 -10.42 -0.77 -19.88
CA GLY A 137 -9.04 -0.51 -20.38
C GLY A 137 -8.70 0.97 -20.18
N SER A 138 -8.22 1.31 -19.02
CA SER A 138 -7.85 2.74 -18.76
C SER A 138 -6.35 2.95 -18.94
N THR A 139 -5.60 2.92 -17.87
CA THR A 139 -4.13 3.11 -17.98
C THR A 139 -3.47 3.03 -16.60
N PRO A 140 -3.87 3.93 -15.74
CA PRO A 140 -3.30 3.98 -14.36
C PRO A 140 -3.84 2.80 -13.54
N LYS A 141 -3.47 1.60 -13.87
CA LYS A 141 -3.95 0.42 -13.10
C LYS A 141 -3.86 0.70 -11.60
N ARG A 142 -2.83 1.37 -11.17
CA ARG A 142 -2.68 1.69 -9.72
C ARG A 142 -2.14 3.11 -9.54
N ALA A 143 -2.03 3.56 -8.32
CA ALA A 143 -1.51 4.93 -8.08
C ALA A 143 -1.71 5.34 -6.62
N TYR A 144 -0.70 5.82 -5.97
CA TYR A 144 -0.88 6.25 -4.56
C TYR A 144 -0.63 7.75 -4.48
N TYR A 145 -1.59 8.51 -4.02
CA TYR A 145 -1.38 9.98 -3.93
C TYR A 145 -2.31 10.61 -2.90
N ILE A 146 -2.08 11.84 -2.55
CA ILE A 146 -2.94 12.50 -1.52
C ILE A 146 -3.59 13.76 -2.09
N TYR A 147 -4.76 14.09 -1.62
CA TYR A 147 -5.45 15.31 -2.13
C TYR A 147 -4.96 16.55 -1.37
N SER A 148 -4.23 17.40 -2.04
CA SER A 148 -3.72 18.63 -1.37
C SER A 148 -4.87 19.56 -0.99
N GLY A 149 -5.82 19.07 -0.23
CA GLY A 149 -6.96 19.94 0.17
C GLY A 149 -7.80 20.31 -1.06
N GLY A 150 -8.68 19.44 -1.48
CA GLY A 150 -9.54 19.77 -2.66
C GLY A 150 -8.77 19.48 -3.95
N GLU A 151 -7.49 19.24 -3.87
CA GLU A 151 -6.70 18.96 -5.09
C GLU A 151 -6.07 17.57 -5.02
N LYS A 152 -6.37 16.72 -5.96
CA LYS A 152 -5.80 15.35 -5.94
C LYS A 152 -4.46 15.32 -6.70
N ILE A 153 -3.37 15.26 -5.99
CA ILE A 153 -2.05 15.20 -6.66
C ILE A 153 -1.58 13.75 -6.70
N PRO A 154 -1.57 13.18 -7.88
CA PRO A 154 -1.18 11.76 -8.04
C PRO A 154 0.33 11.58 -7.87
N LEU A 155 0.70 10.65 -7.04
CA LEU A 155 2.13 10.34 -6.79
C LEU A 155 2.37 8.85 -7.01
N VAL A 156 3.42 8.48 -7.69
CA VAL A 156 3.64 7.03 -7.91
C VAL A 156 4.64 6.49 -6.89
N LEU A 157 4.21 5.58 -6.05
CA LEU A 157 5.14 5.01 -5.03
C LEU A 157 5.32 3.51 -5.26
N SER A 158 6.53 3.01 -5.15
CA SER A 158 6.77 1.57 -5.38
C SER A 158 8.24 1.21 -5.09
N ARG A 159 8.80 1.76 -4.05
CA ARG A 159 10.22 1.45 -3.72
C ARG A 159 10.30 0.62 -2.43
N PRO A 160 10.94 -0.50 -2.52
CA PRO A 160 11.07 -1.40 -1.35
C PRO A 160 12.08 -0.84 -0.34
N LEU A 161 11.85 -1.09 0.92
CA LEU A 161 12.78 -0.57 1.97
C LEU A 161 13.89 -1.61 2.22
N SER A 162 15.12 -1.19 2.19
CA SER A 162 16.23 -2.15 2.43
C SER A 162 16.30 -2.52 3.91
N SER A 163 15.59 -3.54 4.32
CA SER A 163 15.62 -3.94 5.75
C SER A 163 16.14 -5.38 5.88
N ASN A 164 15.77 -6.24 4.97
CA ASN A 164 16.24 -7.65 5.04
C ASN A 164 15.69 -8.33 6.29
N SER B 1 -10.46 16.18 12.55
CA SER B 1 -10.16 15.66 13.92
C SER B 1 -8.68 15.91 14.26
N THR B 2 -7.79 15.59 13.37
CA THR B 2 -6.35 15.81 13.65
C THR B 2 -5.72 16.67 12.55
N ALA B 3 -4.77 17.49 12.90
CA ALA B 3 -4.11 18.36 11.87
C ALA B 3 -2.61 18.05 11.81
N SER B 4 -2.16 17.11 12.58
CA SER B 4 -0.70 16.78 12.55
C SER B 4 -0.47 15.44 13.25
N THR B 5 0.78 15.07 13.46
CA THR B 5 1.08 13.78 14.14
C THR B 5 0.66 12.61 13.24
N VAL B 6 1.36 12.39 12.17
CA VAL B 6 1.00 11.27 11.26
C VAL B 6 -0.45 11.41 10.78
N GLU B 7 -0.78 12.53 10.21
CA GLU B 7 -2.18 12.74 9.72
C GLU B 7 -2.31 12.24 8.27
N SER B 9 -5.55 11.23 4.88
CA SER B 9 -6.96 11.35 4.41
C SER B 9 -7.33 10.16 3.52
N THR B 10 -6.65 9.97 2.43
CA THR B 10 -6.97 8.83 1.53
C THR B 10 -6.08 8.87 0.28
N VAL B 11 -5.87 7.75 -0.35
CA VAL B 11 -5.02 7.72 -1.57
C VAL B 11 -5.83 7.26 -2.79
N VAL B 12 -5.73 7.97 -3.88
CA VAL B 12 -6.49 7.57 -5.10
C VAL B 12 -7.90 7.10 -4.72
N HIS B 13 -8.87 7.98 -4.76
CA HIS B 13 -10.26 7.60 -4.40
C HIS B 13 -11.02 7.15 -5.65
N SER B 14 -10.99 5.87 -5.94
CA SER B 14 -11.72 5.36 -7.14
C SER B 14 -13.16 5.00 -6.78
N GLY B 15 -13.35 3.92 -6.08
CA GLY B 15 -14.72 3.51 -5.69
C GLY B 15 -15.47 3.01 -6.93
N GLU A 9 -9.99 -7.98 14.07
CA GLU A 9 -9.22 -7.00 13.26
C GLU A 9 -7.71 -7.22 13.46
N TYR A 10 -7.27 -7.43 14.67
CA TYR A 10 -5.82 -7.65 14.93
C TYR A 10 -5.37 -8.96 14.26
N GLN A 11 -6.20 -9.97 14.30
CA GLN A 11 -5.81 -11.27 13.68
C GLN A 11 -5.75 -11.13 12.15
N LEU A 12 -6.60 -10.32 11.58
CA LEU A 12 -6.59 -10.14 10.10
C LEU A 12 -5.30 -9.46 9.65
N VAL A 13 -4.92 -8.39 10.30
CA VAL A 13 -3.67 -7.68 9.90
C VAL A 13 -2.44 -8.51 10.28
N VAL A 14 -2.47 -9.16 11.41
CA VAL A 14 -1.30 -9.97 11.84
C VAL A 14 -0.98 -11.04 10.79
N ASN A 15 -1.97 -11.55 10.12
CA ASN A 15 -1.72 -12.59 9.08
C ASN A 15 -0.80 -12.03 7.99
N ALA A 16 -1.08 -10.84 7.53
CA ALA A 16 -0.23 -10.24 6.47
C ALA A 16 1.16 -9.94 7.01
N VAL A 17 1.24 -9.40 8.19
CA VAL A 17 2.57 -9.09 8.79
C VAL A 17 3.42 -10.35 8.84
N ARG A 18 2.81 -11.46 9.15
CA ARG A 18 3.58 -12.73 9.22
C ARG A 18 4.29 -12.99 7.89
N LYS A 19 3.58 -12.86 6.79
CA LYS A 19 4.22 -13.09 5.46
C LYS A 19 5.03 -11.86 5.06
N LEU A 20 4.59 -10.69 5.44
CA LEU A 20 5.34 -9.45 5.06
C LEU A 20 6.67 -9.39 5.82
N GLN A 21 6.65 -9.68 7.09
CA GLN A 21 7.90 -9.64 7.89
C GLN A 21 8.88 -10.71 7.40
N GLU A 22 8.37 -11.83 6.97
CA GLU A 22 9.26 -12.91 6.47
C GLU A 22 9.98 -12.47 5.19
N SER A 23 9.35 -11.65 4.39
CA SER A 23 9.99 -11.19 3.14
C SER A 23 11.14 -10.24 3.46
N GLY A 24 11.08 -9.55 4.56
CA GLY A 24 12.17 -8.61 4.93
C GLY A 24 11.76 -7.19 4.55
N PHE A 25 10.49 -6.95 4.38
CA PHE A 25 10.04 -5.58 3.99
C PHE A 25 9.32 -4.92 5.17
N TYR A 26 9.29 -5.57 6.30
CA TYR A 26 8.60 -4.98 7.49
C TYR A 26 9.59 -4.16 8.32
N TRP A 27 9.19 -2.99 8.75
CA TRP A 27 10.10 -2.14 9.55
C TRP A 27 9.89 -2.42 11.05
N SER A 28 10.92 -2.29 11.84
CA SER A 28 10.79 -2.54 13.30
C SER A 28 9.48 -1.95 13.82
N ALA A 29 9.51 -0.74 14.30
CA ALA A 29 8.26 -0.12 14.82
C ALA A 29 8.58 1.21 15.50
N VAL A 30 9.10 2.16 14.77
CA VAL A 30 9.43 3.48 15.38
C VAL A 30 8.15 4.11 15.94
N THR A 31 7.94 5.38 15.74
CA THR A 31 6.70 6.01 16.27
C THR A 31 5.56 5.82 15.26
N GLY A 32 4.35 6.06 15.67
CA GLY A 32 3.20 5.89 14.74
C GLY A 32 3.58 6.39 13.35
N GLY A 33 3.46 7.66 13.12
CA GLY A 33 3.79 8.23 11.78
C GLY A 33 5.31 8.39 11.63
N GLU A 34 6.00 8.63 12.71
CA GLU A 34 7.48 8.83 12.61
C GLU A 34 8.14 7.61 11.96
N ALA A 35 7.63 6.44 12.22
CA ALA A 35 8.24 5.24 11.59
C ALA A 35 8.00 5.30 10.08
N ASN A 36 6.77 5.55 9.68
CA ASN A 36 6.46 5.63 8.23
C ASN A 36 7.09 6.88 7.60
N LEU A 37 7.01 7.98 8.28
CA LEU A 37 7.58 9.25 7.73
C LEU A 37 9.11 9.23 7.72
N LEU A 38 9.72 8.55 8.66
CA LEU A 38 11.21 8.53 8.70
C LEU A 38 11.78 8.06 7.36
N LEU A 39 11.18 7.08 6.75
CA LEU A 39 11.70 6.61 5.43
C LEU A 39 11.61 7.77 4.43
N SER A 40 10.58 8.58 4.55
CA SER A 40 10.42 9.74 3.63
C SER A 40 11.50 10.79 3.91
N ALA A 41 11.91 10.92 5.14
CA ALA A 41 12.95 11.94 5.48
C ALA A 41 14.34 11.41 5.14
N GLU A 42 14.50 10.11 5.03
CA GLU A 42 15.85 9.56 4.70
C GLU A 42 15.80 8.88 3.32
N PRO A 43 15.25 7.68 3.27
CA PRO A 43 15.14 6.95 1.99
C PRO A 43 14.09 7.60 1.09
N ALA A 44 14.31 8.81 0.66
CA ALA A 44 13.32 9.49 -0.21
C ALA A 44 12.90 8.59 -1.38
N GLY A 45 11.64 8.60 -1.73
CA GLY A 45 11.18 7.75 -2.86
C GLY A 45 10.99 6.31 -2.38
N THR A 46 11.29 6.04 -1.14
CA THR A 46 11.13 4.65 -0.62
C THR A 46 9.89 4.55 0.28
N PHE A 47 9.23 3.42 0.27
CA PHE A 47 8.01 3.27 1.11
C PHE A 47 8.17 2.06 2.04
N LEU A 48 7.75 2.17 3.27
CA LEU A 48 7.89 1.02 4.21
C LEU A 48 6.66 0.92 5.12
N ILE A 49 6.43 -0.23 5.70
CA ILE A 49 5.26 -0.38 6.60
C ILE A 49 5.73 -0.66 8.03
N ARG A 50 5.22 0.06 8.99
CA ARG A 50 5.64 -0.17 10.41
C ARG A 50 4.48 -0.75 11.22
N ASP A 51 4.78 -1.37 12.33
CA ASP A 51 3.68 -1.95 13.17
C ASP A 51 2.92 -0.84 13.89
N SER A 52 1.63 -0.80 13.74
CA SER A 52 0.83 0.26 14.41
C SER A 52 1.06 0.21 15.93
N SER A 53 0.30 -0.58 16.63
CA SER A 53 0.48 -0.68 18.11
C SER A 53 0.84 -2.12 18.50
N ASP A 54 2.00 -2.58 18.12
CA ASP A 54 2.41 -3.96 18.46
C ASP A 54 1.56 -4.98 17.68
N GLN A 55 1.63 -6.23 18.05
CA GLN A 55 0.82 -7.25 17.33
C GLN A 55 -0.64 -7.19 17.78
N ARG A 56 -0.96 -6.33 18.70
CA ARG A 56 -2.36 -6.22 19.18
C ARG A 56 -3.11 -5.16 18.37
N HIS A 57 -2.59 -4.77 17.24
CA HIS A 57 -3.27 -3.74 16.42
C HIS A 57 -3.10 -4.05 14.92
N PHE A 58 -2.10 -3.49 14.30
CA PHE A 58 -1.88 -3.76 12.85
C PHE A 58 -0.61 -3.05 12.37
N PHE A 59 -0.50 -2.81 11.09
CA PHE A 59 0.71 -2.11 10.57
C PHE A 59 0.31 -1.00 9.59
N THR A 60 1.08 0.05 9.52
CA THR A 60 0.74 1.17 8.60
C THR A 60 1.93 1.48 7.69
N LEU A 61 1.69 2.04 6.54
CA LEU A 61 2.82 2.37 5.62
C LEU A 61 2.63 3.75 4.99
N SER A 62 3.71 4.45 4.75
CA SER A 62 3.61 5.81 4.15
C SER A 62 4.71 6.01 3.10
N VAL A 63 4.48 6.86 2.15
CA VAL A 63 5.52 7.10 1.09
C VAL A 63 5.95 8.57 1.09
N LYS A 64 6.96 8.90 0.34
CA LYS A 64 7.44 10.31 0.29
C LYS A 64 7.40 10.82 -1.16
N THR A 65 6.98 12.05 -1.35
CA THR A 65 6.93 12.61 -2.73
C THR A 65 7.11 14.13 -2.69
N GLN A 66 6.96 14.78 -3.82
CA GLN A 66 7.11 16.26 -3.84
C GLN A 66 5.78 16.95 -3.52
N SER A 67 4.91 16.26 -2.82
CA SER A 67 3.60 16.88 -2.47
C SER A 67 3.35 16.78 -0.96
N GLY A 68 4.26 16.17 -0.24
CA GLY A 68 4.09 16.04 1.23
C GLY A 68 4.11 14.56 1.62
N THR A 69 4.75 14.24 2.72
CA THR A 69 4.80 12.81 3.15
C THR A 69 3.69 12.52 4.17
N LYS A 70 2.69 11.77 3.79
CA LYS A 70 1.59 11.45 4.73
C LYS A 70 1.63 9.98 5.12
N ASN A 71 1.10 9.63 6.26
CA ASN A 71 1.12 8.20 6.69
C ASN A 71 -0.30 7.63 6.68
N LEU A 72 -0.48 6.50 6.04
CA LEU A 72 -1.86 5.90 5.99
C LEU A 72 -1.80 4.43 6.39
N ARG A 73 -2.88 3.91 6.94
CA ARG A 73 -2.88 2.47 7.35
C ARG A 73 -4.00 1.70 6.63
N ILE A 74 -4.58 0.74 7.30
CA ILE A 74 -5.68 -0.06 6.67
C ILE A 74 -6.99 0.15 7.42
N GLN A 75 -8.10 0.07 6.73
CA GLN A 75 -9.41 0.25 7.42
C GLN A 75 -10.18 -1.08 7.45
N CYS A 76 -10.57 -1.51 8.61
CA CYS A 76 -11.31 -2.81 8.70
C CYS A 76 -12.81 -2.57 8.52
N GLU A 77 -13.43 -3.28 7.61
CA GLU A 77 -14.89 -3.09 7.39
C GLU A 77 -15.62 -4.45 7.48
N GLY A 78 -16.28 -4.70 8.57
CA GLY A 78 -17.00 -6.00 8.72
C GLY A 78 -16.01 -7.15 8.52
N GLY A 79 -16.03 -7.77 7.36
CA GLY A 79 -15.10 -8.90 7.11
C GLY A 79 -14.22 -8.58 5.90
N SER A 80 -13.84 -7.34 5.74
CA SER A 80 -12.99 -6.97 4.57
C SER A 80 -11.98 -5.90 4.98
N PHE A 81 -10.93 -5.75 4.22
CA PHE A 81 -9.91 -4.72 4.56
C PHE A 81 -9.54 -3.91 3.32
N SER A 82 -9.39 -2.61 3.46
CA SER A 82 -9.03 -1.78 2.28
C SER A 82 -8.34 -0.49 2.74
N LEU A 83 -7.47 0.04 1.93
CA LEU A 83 -6.75 1.30 2.32
C LEU A 83 -7.66 2.50 2.07
N GLN A 84 -8.88 2.46 2.53
CA GLN A 84 -9.80 3.60 2.32
C GLN A 84 -10.14 3.75 0.84
N SER A 85 -10.96 2.89 0.31
CA SER A 85 -11.32 2.97 -1.13
C SER A 85 -12.83 2.76 -1.31
N ASP A 86 -13.26 2.59 -2.53
CA ASP A 86 -14.73 2.38 -2.77
C ASP A 86 -14.96 1.03 -3.45
N PRO A 87 -16.09 0.46 -3.17
CA PRO A 87 -16.45 -0.85 -3.77
C PRO A 87 -16.80 -0.69 -5.25
N ARG A 88 -15.92 -0.12 -6.02
CA ARG A 88 -16.19 0.07 -7.47
C ARG A 88 -16.17 -1.28 -8.19
N SER A 89 -15.85 -2.34 -7.49
CA SER A 89 -15.82 -3.68 -8.13
C SER A 89 -14.66 -3.75 -9.15
N THR A 90 -13.54 -3.18 -8.83
CA THR A 90 -12.39 -3.21 -9.78
C THR A 90 -11.32 -4.20 -9.29
N GLN A 91 -11.74 -5.27 -8.67
CA GLN A 91 -10.75 -6.28 -8.16
C GLN A 91 -11.18 -7.69 -8.58
N PRO A 92 -10.25 -8.59 -8.50
CA PRO A 92 -10.51 -10.01 -8.87
C PRO A 92 -11.51 -10.67 -7.90
N VAL A 93 -11.26 -10.61 -6.62
CA VAL A 93 -12.21 -11.23 -5.66
C VAL A 93 -12.82 -10.18 -4.74
N PRO A 94 -14.04 -10.42 -4.33
CA PRO A 94 -14.72 -9.46 -3.43
C PRO A 94 -14.04 -9.48 -2.07
N ARG A 95 -13.76 -8.33 -1.51
CA ARG A 95 -13.05 -8.32 -0.20
C ARG A 95 -11.77 -9.14 -0.32
N PHE A 96 -10.71 -8.52 -0.78
CA PHE A 96 -9.43 -9.25 -0.95
C PHE A 96 -9.05 -10.01 0.33
N ASP A 97 -7.79 -10.25 0.55
CA ASP A 97 -7.37 -10.98 1.78
C ASP A 97 -7.15 -10.00 2.94
N CYS A 98 -8.01 -10.03 3.91
CA CYS A 98 -7.89 -9.14 5.11
C CYS A 98 -7.01 -7.91 4.83
N VAL A 99 -6.20 -7.53 5.78
CA VAL A 99 -5.30 -6.35 5.61
C VAL A 99 -4.54 -6.45 4.30
N LEU A 100 -4.35 -7.63 3.79
CA LEU A 100 -3.58 -7.79 2.53
C LEU A 100 -4.21 -6.93 1.42
N LYS A 101 -5.51 -6.78 1.43
CA LYS A 101 -6.16 -5.95 0.38
C LYS A 101 -5.58 -4.53 0.39
N LEU A 102 -5.18 -4.05 1.52
CA LEU A 102 -4.62 -2.67 1.59
C LEU A 102 -3.37 -2.57 0.71
N VAL A 103 -2.60 -3.62 0.62
CA VAL A 103 -1.37 -3.57 -0.22
C VAL A 103 -1.72 -3.17 -1.66
N HIS A 104 -2.84 -3.62 -2.16
CA HIS A 104 -3.23 -3.26 -3.55
C HIS A 104 -3.23 -1.74 -3.71
N HIS A 105 -3.59 -1.02 -2.68
CA HIS A 105 -3.60 0.46 -2.78
C HIS A 105 -2.18 1.02 -2.66
N TYR A 106 -1.38 0.41 -1.83
CA TYR A 106 0.03 0.90 -1.66
C TYR A 106 0.80 0.76 -2.97
N MET A 107 0.37 -0.11 -3.84
CA MET A 107 1.08 -0.29 -5.14
C MET A 107 0.10 -0.72 -6.24
N PRO A 108 0.08 0.03 -7.29
CA PRO A 108 -0.83 -0.28 -8.43
C PRO A 108 -0.32 -1.50 -9.20
N PRO A 109 -1.20 -2.07 -9.98
CA PRO A 109 -0.84 -3.27 -10.78
C PRO A 109 0.07 -2.87 -11.95
N PRO A 110 1.14 -3.59 -12.09
CA PRO A 110 2.11 -3.33 -13.18
C PRO A 110 1.53 -3.77 -14.52
N GLY A 111 0.38 -3.26 -14.88
CA GLY A 111 -0.23 -3.66 -16.18
C GLY A 111 -0.70 -5.11 -16.11
N THR A 112 -1.18 -5.65 -17.21
CA THR A 112 -1.65 -7.06 -17.19
C THR A 112 -1.43 -7.70 -18.57
N PRO A 113 -1.51 -9.00 -18.60
CA PRO A 113 -1.33 -9.74 -19.86
C PRO A 113 -2.54 -9.57 -20.78
N SER A 114 -2.73 -10.46 -21.72
CA SER A 114 -3.89 -10.33 -22.63
C SER A 114 -4.01 -11.59 -23.51
N PHE A 115 -5.20 -11.90 -23.96
CA PHE A 115 -5.38 -13.12 -24.81
C PHE A 115 -4.79 -14.34 -24.10
N SER A 116 -3.53 -14.60 -24.30
CA SER A 116 -2.90 -15.78 -23.63
C SER A 116 -1.51 -15.42 -23.11
N LEU A 117 -0.97 -16.23 -22.24
CA LEU A 117 0.40 -15.93 -21.70
C LEU A 117 1.42 -15.90 -22.83
N PRO A 118 1.48 -16.97 -23.56
CA PRO A 118 2.44 -17.07 -24.69
C PRO A 118 1.99 -16.18 -25.86
N PRO A 119 2.93 -15.46 -26.41
CA PRO A 119 2.63 -14.56 -27.55
C PRO A 119 2.40 -15.37 -28.82
N THR A 120 1.21 -15.86 -29.02
CA THR A 120 0.92 -16.66 -30.25
C THR A 120 2.00 -17.72 -30.45
N GLU A 121 1.90 -18.48 -31.51
CA GLU A 121 2.93 -19.52 -31.77
C GLU A 121 4.32 -18.89 -31.87
N PRO A 122 4.45 -17.98 -32.79
CA PRO A 122 5.75 -17.28 -33.00
C PRO A 122 6.01 -16.29 -31.86
N SER A 123 7.10 -15.57 -31.92
CA SER A 123 7.41 -14.60 -30.85
C SER A 123 7.59 -13.19 -31.42
N SER A 124 6.59 -12.69 -32.09
CA SER A 124 6.71 -11.33 -32.69
C SER A 124 5.33 -10.65 -32.76
N GLU A 125 4.38 -11.16 -32.02
CA GLU A 125 3.03 -10.55 -32.03
C GLU A 125 3.02 -9.23 -31.26
N VAL A 126 3.80 -8.28 -31.70
CA VAL A 126 3.84 -6.96 -30.99
C VAL A 126 3.48 -5.83 -31.96
N PRO A 127 2.37 -5.98 -32.61
CA PRO A 127 1.90 -4.97 -33.58
C PRO A 127 1.40 -3.72 -32.84
N GLU A 128 0.67 -2.87 -33.52
CA GLU A 128 0.15 -1.65 -32.85
C GLU A 128 -1.18 -1.22 -33.49
N GLN A 129 -2.15 -2.10 -33.51
CA GLN A 129 -3.46 -1.75 -34.12
C GLN A 129 -4.21 -0.75 -33.22
N PRO A 130 -4.43 -1.16 -32.00
CA PRO A 130 -5.14 -0.30 -31.03
C PRO A 130 -4.24 0.84 -30.57
N PRO A 131 -4.87 1.88 -30.07
CA PRO A 131 -4.11 3.06 -29.58
C PRO A 131 -3.41 2.74 -28.27
N ALA A 132 -3.67 1.60 -27.70
CA ALA A 132 -3.01 1.23 -26.41
C ALA A 132 -2.59 -0.24 -26.43
N GLN A 133 -2.33 -0.81 -25.29
CA GLN A 133 -1.91 -2.24 -25.24
C GLN A 133 -3.01 -3.09 -24.59
N ALA A 134 -3.36 -2.79 -23.37
CA ALA A 134 -4.43 -3.57 -22.69
C ALA A 134 -4.91 -2.84 -21.44
N LEU A 135 -4.02 -2.42 -20.60
CA LEU A 135 -4.43 -1.69 -19.37
C LEU A 135 -3.48 -0.53 -19.08
N PRO A 136 -3.92 0.65 -19.41
CA PRO A 136 -3.10 1.86 -19.19
C PRO A 136 -3.05 2.21 -17.71
N GLY A 137 -3.93 1.66 -16.93
CA GLY A 137 -3.92 1.96 -15.46
C GLY A 137 -5.02 2.97 -15.15
N SER A 138 -5.46 3.71 -16.13
CA SER A 138 -6.53 4.73 -15.88
C SER A 138 -7.89 4.04 -15.77
N THR A 139 -8.06 2.94 -16.46
CA THR A 139 -9.37 2.22 -16.40
C THR A 139 -9.70 1.85 -14.95
N PRO A 140 -8.81 1.11 -14.35
CA PRO A 140 -8.99 0.66 -12.95
C PRO A 140 -8.80 1.85 -11.99
N LYS A 141 -9.43 1.81 -10.85
CA LYS A 141 -9.27 2.92 -9.87
C LYS A 141 -7.93 2.79 -9.13
N ARG A 142 -7.30 1.66 -9.23
CA ARG A 142 -6.00 1.47 -8.53
C ARG A 142 -5.13 2.72 -8.67
N ALA A 143 -4.83 3.37 -7.59
CA ALA A 143 -3.98 4.60 -7.67
C ALA A 143 -3.67 5.11 -6.27
N TYR A 144 -2.44 5.04 -5.84
CA TYR A 144 -2.11 5.57 -4.49
C TYR A 144 -1.42 6.92 -4.64
N TYR A 145 -1.97 7.94 -4.06
CA TYR A 145 -1.33 9.28 -4.15
C TYR A 145 -1.81 10.19 -3.02
N ILE A 146 -1.15 11.28 -2.81
CA ILE A 146 -1.59 12.21 -1.74
C ILE A 146 -1.83 13.60 -2.33
N TYR A 147 -2.99 14.13 -2.09
CA TYR A 147 -3.31 15.49 -2.63
C TYR A 147 -2.77 16.56 -1.69
N SER A 148 -1.74 17.22 -2.12
CA SER A 148 -1.13 18.29 -1.27
C SER A 148 -2.22 19.15 -0.62
N GLY A 149 -2.61 20.22 -1.25
CA GLY A 149 -3.66 21.09 -0.65
C GLY A 149 -4.78 21.32 -1.68
N GLY A 150 -5.67 20.37 -1.82
CA GLY A 150 -6.77 20.52 -2.80
C GLY A 150 -6.34 19.99 -4.17
N GLU A 151 -5.09 19.64 -4.32
CA GLU A 151 -4.61 19.12 -5.63
C GLU A 151 -4.20 17.66 -5.49
N LYS A 152 -4.81 16.79 -6.25
CA LYS A 152 -4.47 15.35 -6.17
C LYS A 152 -3.16 15.05 -6.91
N ILE A 153 -2.13 14.77 -6.17
CA ILE A 153 -0.82 14.44 -6.79
C ILE A 153 -0.58 12.94 -6.72
N PRO A 154 -0.19 12.36 -7.82
CA PRO A 154 0.05 10.89 -7.88
C PRO A 154 1.31 10.47 -7.10
N LEU A 155 1.17 9.52 -6.21
CA LEU A 155 2.35 9.02 -5.44
C LEU A 155 2.49 7.52 -5.66
N VAL A 156 3.37 7.10 -6.50
CA VAL A 156 3.50 5.63 -6.75
C VAL A 156 4.65 5.03 -5.94
N LEU A 157 4.35 4.13 -5.04
CA LEU A 157 5.43 3.48 -4.24
C LEU A 157 6.09 2.39 -5.08
N SER A 158 7.35 2.55 -5.40
CA SER A 158 8.05 1.52 -6.23
C SER A 158 9.37 1.10 -5.58
N ARG A 159 9.94 1.94 -4.76
CA ARG A 159 11.23 1.57 -4.11
C ARG A 159 10.97 0.77 -2.84
N PRO A 160 11.57 -0.39 -2.78
CA PRO A 160 11.40 -1.28 -1.60
C PRO A 160 12.22 -0.74 -0.42
N LEU A 161 11.60 -0.60 0.72
CA LEU A 161 12.33 -0.09 1.92
C LEU A 161 13.47 -1.05 2.30
N SER A 162 14.45 -0.56 3.01
CA SER A 162 15.58 -1.45 3.41
C SER A 162 15.58 -1.65 4.93
N SER A 163 14.79 -2.57 5.41
CA SER A 163 14.75 -2.81 6.88
C SER A 163 16.04 -3.50 7.33
N ASN A 164 16.99 -2.75 7.79
CA ASN A 164 18.27 -3.36 8.26
C ASN A 164 18.22 -3.63 9.77
N SER B 1 3.48 6.31 30.02
CA SER B 1 2.44 7.23 29.47
C SER B 1 2.34 7.07 27.94
N THR B 2 2.17 5.86 27.49
CA THR B 2 2.08 5.63 26.02
C THR B 2 0.96 6.49 25.43
N ALA B 3 1.13 6.95 24.21
CA ALA B 3 0.09 7.81 23.59
C ALA B 3 -0.32 7.23 22.23
N SER B 4 0.64 6.87 21.41
CA SER B 4 0.31 6.30 20.07
C SER B 4 -0.79 7.14 19.40
N THR B 5 -0.43 8.23 18.78
CA THR B 5 -1.45 9.08 18.12
C THR B 5 -0.86 9.72 16.86
N VAL B 6 -1.00 9.09 15.72
CA VAL B 6 -0.45 9.67 14.47
C VAL B 6 -1.57 9.92 13.46
N GLU B 7 -2.12 11.11 13.45
CA GLU B 7 -3.22 11.42 12.49
C GLU B 7 -2.65 11.52 11.07
N SER B 9 -4.00 11.55 6.46
CA SER B 9 -5.10 11.76 5.47
C SER B 9 -5.44 10.46 4.74
N THR B 10 -5.60 10.52 3.45
CA THR B 10 -5.92 9.28 2.69
C THR B 10 -5.26 9.32 1.31
N VAL B 11 -4.87 8.19 0.78
CA VAL B 11 -4.22 8.16 -0.56
C VAL B 11 -5.29 8.07 -1.65
N VAL B 12 -5.59 9.16 -2.30
CA VAL B 12 -6.63 9.14 -3.37
C VAL B 12 -8.02 9.01 -2.75
N HIS B 13 -8.88 9.96 -2.99
CA HIS B 13 -10.26 9.89 -2.41
C HIS B 13 -10.80 8.47 -2.53
N SER B 14 -11.70 8.10 -1.67
CA SER B 14 -12.28 6.71 -1.73
C SER B 14 -13.67 6.75 -2.36
N GLY B 15 -13.76 6.55 -3.65
CA GLY B 15 -15.09 6.56 -4.31
C GLY B 15 -15.16 7.74 -5.29
N GLU A 9 -9.92 -8.62 15.34
CA GLU A 9 -9.53 -7.37 14.64
C GLU A 9 -8.01 -7.26 14.57
N TYR A 10 -7.35 -7.07 15.68
CA TYR A 10 -5.87 -6.95 15.67
C TYR A 10 -5.24 -8.27 15.19
N GLN A 11 -5.83 -9.39 15.54
CA GLN A 11 -5.27 -10.70 15.11
C GLN A 11 -5.14 -10.73 13.58
N LEU A 12 -6.07 -10.13 12.89
CA LEU A 12 -6.00 -10.13 11.39
C LEU A 12 -4.77 -9.38 10.92
N VAL A 13 -4.51 -8.22 11.50
CA VAL A 13 -3.32 -7.43 11.08
C VAL A 13 -2.03 -8.17 11.45
N VAL A 14 -1.93 -8.65 12.66
CA VAL A 14 -0.71 -9.38 13.08
C VAL A 14 -0.48 -10.59 12.18
N ASN A 15 -1.52 -11.31 11.87
CA ASN A 15 -1.36 -12.51 11.00
C ASN A 15 -1.04 -12.07 9.56
N ALA A 16 -1.54 -10.94 9.16
CA ALA A 16 -1.28 -10.44 7.78
C ALA A 16 0.14 -9.88 7.69
N VAL A 17 0.56 -9.11 8.65
CA VAL A 17 1.93 -8.53 8.61
C VAL A 17 2.95 -9.66 8.51
N ARG A 18 2.70 -10.75 9.19
CA ARG A 18 3.66 -11.90 9.13
C ARG A 18 3.87 -12.31 7.68
N LYS A 19 2.82 -12.33 6.90
CA LYS A 19 2.96 -12.71 5.46
C LYS A 19 3.69 -11.61 4.69
N LEU A 20 3.36 -10.37 4.95
CA LEU A 20 4.03 -9.25 4.24
C LEU A 20 5.47 -9.09 4.75
N GLN A 21 5.66 -9.23 6.03
CA GLN A 21 7.04 -9.10 6.59
C GLN A 21 7.91 -10.26 6.13
N GLU A 22 7.34 -11.43 5.97
CA GLU A 22 8.14 -12.60 5.52
C GLU A 22 8.81 -12.30 4.18
N SER A 23 8.30 -11.36 3.45
CA SER A 23 8.92 -11.02 2.13
C SER A 23 10.25 -10.29 2.34
N GLY A 24 10.40 -9.62 3.45
CA GLY A 24 11.67 -8.89 3.71
C GLY A 24 11.49 -7.41 3.41
N PHE A 25 10.35 -6.86 3.71
CA PHE A 25 10.11 -5.42 3.43
C PHE A 25 9.29 -4.78 4.55
N TYR A 26 9.06 -5.51 5.62
CA TYR A 26 8.27 -4.94 6.74
C TYR A 26 9.21 -4.39 7.82
N TRP A 27 8.91 -3.23 8.34
CA TRP A 27 9.78 -2.63 9.39
C TRP A 27 9.07 -2.63 10.74
N SER A 28 9.81 -2.76 11.80
CA SER A 28 9.19 -2.74 13.15
C SER A 28 10.15 -2.14 14.17
N ALA A 29 9.86 -0.96 14.65
CA ALA A 29 10.79 -0.32 15.65
C ALA A 29 10.31 1.09 16.02
N VAL A 30 9.60 1.75 15.15
CA VAL A 30 9.14 3.12 15.48
C VAL A 30 7.61 3.19 15.41
N THR A 31 7.07 4.36 15.28
CA THR A 31 5.57 4.49 15.21
C THR A 31 5.10 4.32 13.77
N GLY A 32 3.83 4.13 13.58
CA GLY A 32 3.32 3.95 12.19
C GLY A 32 3.81 5.10 11.32
N GLY A 33 3.22 6.25 11.45
CA GLY A 33 3.63 7.42 10.62
C GLY A 33 5.10 7.76 10.90
N GLU A 34 5.49 7.76 12.15
CA GLU A 34 6.90 8.09 12.47
C GLU A 34 7.84 7.11 11.79
N ALA A 35 7.36 5.93 11.50
CA ALA A 35 8.22 4.93 10.84
C ALA A 35 8.35 5.23 9.34
N ASN A 36 7.26 5.53 8.71
CA ASN A 36 7.29 5.84 7.25
C ASN A 36 8.01 7.17 6.99
N LEU A 37 7.74 8.15 7.80
CA LEU A 37 8.37 9.49 7.61
C LEU A 37 9.90 9.38 7.68
N LEU A 38 10.42 8.47 8.47
CA LEU A 38 11.90 8.34 8.56
C LEU A 38 12.47 8.14 7.16
N LEU A 39 11.68 7.65 6.25
CA LEU A 39 12.19 7.45 4.86
C LEU A 39 12.52 8.80 4.25
N SER A 40 11.73 9.80 4.55
CA SER A 40 12.00 11.16 4.01
C SER A 40 13.26 11.74 4.63
N ALA A 41 13.53 11.40 5.87
CA ALA A 41 14.75 11.94 6.55
C ALA A 41 15.99 11.14 6.13
N GLU A 42 15.80 9.95 5.63
CA GLU A 42 16.98 9.14 5.20
C GLU A 42 16.72 8.50 3.83
N PRO A 43 16.05 7.36 3.79
CA PRO A 43 15.77 6.72 2.49
C PRO A 43 14.60 7.41 1.80
N ALA A 44 14.78 8.63 1.37
CA ALA A 44 13.68 9.37 0.70
C ALA A 44 13.30 8.67 -0.61
N GLY A 45 12.03 8.63 -0.92
CA GLY A 45 11.60 7.96 -2.19
C GLY A 45 11.36 6.48 -1.92
N THR A 46 11.23 6.12 -0.67
CA THR A 46 10.99 4.68 -0.33
C THR A 46 9.82 4.57 0.65
N PHE A 47 9.06 3.50 0.56
CA PHE A 47 7.90 3.35 1.49
C PHE A 47 8.01 2.04 2.28
N LEU A 48 7.55 2.04 3.50
CA LEU A 48 7.63 0.82 4.34
C LEU A 48 6.49 0.81 5.37
N ILE A 49 6.16 -0.32 5.92
CA ILE A 49 5.05 -0.35 6.92
C ILE A 49 5.58 -0.72 8.30
N ARG A 50 5.25 0.06 9.30
CA ARG A 50 5.73 -0.24 10.68
C ARG A 50 4.54 -0.50 11.60
N ASP A 51 4.73 -1.32 12.61
CA ASP A 51 3.60 -1.61 13.53
C ASP A 51 3.34 -0.40 14.45
N SER A 52 2.12 0.06 14.51
CA SER A 52 1.81 1.23 15.38
C SER A 52 2.54 1.12 16.72
N SER A 53 2.71 -0.08 17.21
CA SER A 53 3.44 -0.25 18.51
C SER A 53 3.43 -1.72 18.93
N ASP A 54 2.38 -2.44 18.61
CA ASP A 54 2.32 -3.87 18.99
C ASP A 54 1.04 -4.51 18.45
N GLN A 55 0.77 -5.72 18.83
CA GLN A 55 -0.47 -6.40 18.34
C GLN A 55 -1.71 -5.67 18.86
N ARG A 56 -1.54 -4.76 19.78
CA ARG A 56 -2.70 -4.02 20.33
C ARG A 56 -3.31 -3.11 19.26
N HIS A 57 -2.50 -2.60 18.37
CA HIS A 57 -3.03 -1.71 17.29
C HIS A 57 -2.83 -2.36 15.92
N PHE A 58 -2.16 -1.70 15.02
CA PHE A 58 -1.94 -2.28 13.67
C PHE A 58 -0.65 -1.73 13.06
N PHE A 59 -0.50 -1.83 11.77
CA PHE A 59 0.73 -1.31 11.12
C PHE A 59 0.38 -0.17 10.16
N THR A 60 1.27 0.78 9.99
CA THR A 60 0.98 1.92 9.09
C THR A 60 2.10 2.07 8.05
N LEU A 61 1.76 2.36 6.82
CA LEU A 61 2.81 2.50 5.78
C LEU A 61 2.66 3.85 5.06
N SER A 62 3.70 4.64 5.04
CA SER A 62 3.62 5.96 4.36
C SER A 62 4.85 6.18 3.49
N VAL A 63 4.74 6.99 2.47
CA VAL A 63 5.91 7.22 1.57
C VAL A 63 6.13 8.72 1.36
N LYS A 64 7.20 9.08 0.68
CA LYS A 64 7.47 10.51 0.44
C LYS A 64 7.49 10.81 -1.07
N THR A 65 6.92 11.91 -1.47
CA THR A 65 6.91 12.24 -2.93
C THR A 65 7.72 13.51 -3.18
N GLN A 66 7.57 14.51 -2.35
CA GLN A 66 8.34 15.76 -2.55
C GLN A 66 8.02 16.75 -1.42
N SER A 67 6.82 16.72 -0.91
CA SER A 67 6.45 17.65 0.19
C SER A 67 5.08 17.28 0.75
N GLY A 68 4.72 16.03 0.70
CA GLY A 68 3.40 15.60 1.24
C GLY A 68 3.45 14.12 1.62
N THR A 69 4.23 13.77 2.60
CA THR A 69 4.33 12.34 3.02
C THR A 69 3.20 12.02 4.01
N LYS A 70 2.26 11.20 3.62
CA LYS A 70 1.15 10.85 4.54
C LYS A 70 1.07 9.32 4.72
N ASN A 71 0.34 8.87 5.70
CA ASN A 71 0.22 7.40 5.92
C ASN A 71 -1.25 7.02 6.16
N LEU A 72 -1.62 5.82 5.86
CA LEU A 72 -3.05 5.40 6.08
C LEU A 72 -3.11 4.00 6.69
N ARG A 73 -3.65 3.88 7.87
CA ARG A 73 -3.75 2.53 8.51
C ARG A 73 -4.87 1.72 7.84
N ILE A 74 -4.86 0.43 8.02
CA ILE A 74 -5.92 -0.41 7.40
C ILE A 74 -7.22 -0.31 8.20
N GLN A 75 -8.35 -0.42 7.56
CA GLN A 75 -9.64 -0.34 8.28
C GLN A 75 -10.29 -1.73 8.37
N CYS A 76 -10.82 -2.08 9.50
CA CYS A 76 -11.46 -3.42 9.63
C CYS A 76 -12.93 -3.34 9.23
N GLU A 77 -13.32 -4.11 8.24
CA GLU A 77 -14.74 -4.08 7.78
C GLU A 77 -15.34 -5.48 7.87
N GLY A 78 -16.14 -5.74 8.86
CA GLY A 78 -16.76 -7.09 9.00
C GLY A 78 -15.66 -8.13 9.16
N GLY A 79 -15.02 -8.52 8.08
CA GLY A 79 -13.93 -9.53 8.18
C GLY A 79 -12.87 -9.25 7.11
N SER A 80 -12.69 -8.01 6.76
CA SER A 80 -11.67 -7.68 5.72
C SER A 80 -10.93 -6.39 6.10
N PHE A 81 -9.80 -6.15 5.50
CA PHE A 81 -9.04 -4.91 5.83
C PHE A 81 -8.97 -3.99 4.60
N SER A 82 -9.07 -2.71 4.78
CA SER A 82 -9.01 -1.79 3.61
C SER A 82 -8.38 -0.45 4.02
N LEU A 83 -7.54 0.09 3.18
CA LEU A 83 -6.90 1.40 3.50
C LEU A 83 -7.81 2.54 3.06
N GLN A 84 -8.94 2.22 2.47
CA GLN A 84 -9.88 3.29 2.00
C GLN A 84 -11.24 3.11 2.69
N SER A 85 -12.30 3.12 1.93
CA SER A 85 -13.65 2.97 2.54
C SER A 85 -14.26 1.62 2.14
N ASP A 86 -14.95 1.58 1.03
CA ASP A 86 -15.58 0.29 0.60
C ASP A 86 -14.54 -0.60 -0.10
N PRO A 87 -14.24 -1.69 0.53
CA PRO A 87 -13.25 -2.64 -0.03
C PRO A 87 -13.86 -3.43 -1.20
N ARG A 88 -15.15 -3.34 -1.36
CA ARG A 88 -15.81 -4.07 -2.49
C ARG A 88 -15.39 -3.48 -3.84
N SER A 89 -14.67 -2.40 -3.81
CA SER A 89 -14.23 -1.76 -5.10
C SER A 89 -12.81 -1.20 -4.95
N THR A 90 -12.54 -0.09 -5.57
CA THR A 90 -11.18 0.52 -5.48
C THR A 90 -10.17 -0.34 -6.24
N GLN A 91 -10.07 -1.59 -5.92
CA GLN A 91 -9.10 -2.47 -6.64
C GLN A 91 -9.12 -3.89 -6.04
N PRO A 92 -8.86 -3.95 -4.76
CA PRO A 92 -8.83 -5.26 -4.06
C PRO A 92 -10.26 -5.80 -3.92
N VAL A 93 -10.39 -7.08 -3.65
CA VAL A 93 -11.75 -7.67 -3.49
C VAL A 93 -12.11 -7.77 -2.01
N PRO A 94 -13.36 -8.04 -1.75
CA PRO A 94 -13.84 -8.16 -0.35
C PRO A 94 -13.29 -9.45 0.27
N ARG A 95 -12.77 -9.36 1.47
CA ARG A 95 -12.22 -10.58 2.12
C ARG A 95 -11.04 -11.12 1.31
N PHE A 96 -10.17 -10.26 0.85
CA PHE A 96 -9.00 -10.72 0.06
C PHE A 96 -8.13 -11.65 0.90
N ASP A 97 -6.86 -11.72 0.62
CA ASP A 97 -5.98 -12.62 1.42
C ASP A 97 -5.13 -11.81 2.41
N CYS A 98 -5.43 -11.95 3.68
CA CYS A 98 -4.66 -11.23 4.72
C CYS A 98 -4.54 -9.73 4.41
N VAL A 99 -4.34 -8.94 5.43
CA VAL A 99 -4.18 -7.48 5.25
C VAL A 99 -3.17 -7.22 4.14
N LEU A 100 -2.34 -8.18 3.86
CA LEU A 100 -1.28 -7.99 2.83
C LEU A 100 -1.88 -7.54 1.48
N LYS A 101 -3.05 -7.98 1.14
CA LYS A 101 -3.64 -7.55 -0.16
C LYS A 101 -3.73 -6.02 -0.21
N LEU A 102 -3.90 -5.39 0.92
CA LEU A 102 -3.97 -3.91 0.96
C LEU A 102 -2.69 -3.30 0.37
N VAL A 103 -1.58 -3.95 0.56
CA VAL A 103 -0.28 -3.40 0.04
C VAL A 103 -0.40 -3.11 -1.45
N HIS A 104 -1.15 -3.89 -2.18
CA HIS A 104 -1.27 -3.62 -3.64
C HIS A 104 -1.65 -2.15 -3.87
N HIS A 105 -2.36 -1.56 -2.94
CA HIS A 105 -2.73 -0.12 -3.10
C HIS A 105 -1.50 0.74 -2.86
N TYR A 106 -0.66 0.32 -1.94
CA TYR A 106 0.59 1.09 -1.65
C TYR A 106 1.48 1.10 -2.88
N MET A 107 1.31 0.15 -3.75
CA MET A 107 2.16 0.09 -4.98
C MET A 107 3.58 -0.34 -4.63
N PRO A 108 3.69 -1.52 -4.11
CA PRO A 108 5.02 -2.07 -3.73
C PRO A 108 5.89 -2.44 -4.95
N PRO A 109 5.26 -2.81 -6.05
CA PRO A 109 6.05 -3.18 -7.25
C PRO A 109 6.61 -1.93 -7.92
N PRO A 110 7.59 -2.15 -8.76
CA PRO A 110 8.23 -1.02 -9.49
C PRO A 110 7.30 -0.48 -10.57
N GLY A 111 7.40 -1.01 -11.77
CA GLY A 111 6.52 -0.52 -12.87
C GLY A 111 7.38 0.03 -14.01
N THR A 112 8.66 -0.23 -13.98
CA THR A 112 9.55 0.29 -15.06
C THR A 112 9.05 -0.20 -16.42
N PRO A 113 9.18 0.66 -17.40
CA PRO A 113 8.74 0.32 -18.77
C PRO A 113 9.71 -0.67 -19.42
N SER A 114 10.99 -0.44 -19.27
CA SER A 114 11.99 -1.36 -19.87
C SER A 114 13.34 -1.22 -19.17
N PHE A 115 14.40 -1.66 -19.79
CA PHE A 115 15.75 -1.55 -19.15
C PHE A 115 15.67 -1.93 -17.66
N SER A 116 15.56 -3.20 -17.39
CA SER A 116 15.48 -3.64 -15.96
C SER A 116 16.79 -4.32 -15.54
N LEU A 117 16.84 -4.86 -14.35
CA LEU A 117 18.08 -5.53 -13.89
C LEU A 117 17.75 -6.92 -13.32
N PRO A 118 17.49 -7.83 -14.23
CA PRO A 118 17.16 -9.22 -13.82
C PRO A 118 18.40 -9.95 -13.32
N PRO A 119 18.24 -10.72 -12.28
CA PRO A 119 19.35 -11.49 -11.70
C PRO A 119 19.74 -12.66 -12.59
N THR A 120 21.00 -13.01 -12.63
CA THR A 120 21.43 -14.14 -13.49
C THR A 120 21.13 -15.49 -12.79
N GLU A 121 19.98 -16.05 -13.05
CA GLU A 121 19.64 -17.35 -12.40
C GLU A 121 20.60 -18.44 -12.87
N PRO A 122 20.92 -19.32 -11.96
CA PRO A 122 21.84 -20.44 -12.29
C PRO A 122 21.14 -21.48 -13.15
N SER A 123 19.84 -21.47 -13.18
CA SER A 123 19.09 -22.46 -14.00
C SER A 123 18.84 -21.89 -15.41
N SER A 124 18.75 -22.74 -16.38
CA SER A 124 18.51 -22.25 -17.78
C SER A 124 17.55 -23.19 -18.51
N GLU A 125 17.85 -23.51 -19.74
CA GLU A 125 16.94 -24.43 -20.51
C GLU A 125 15.58 -23.76 -20.74
N VAL A 126 15.47 -22.50 -20.44
CA VAL A 126 14.17 -21.79 -20.64
C VAL A 126 13.71 -21.96 -22.09
N PRO A 127 12.58 -22.59 -22.24
CA PRO A 127 12.00 -22.82 -23.60
C PRO A 127 11.46 -21.51 -24.18
N GLU A 128 10.68 -20.79 -23.42
CA GLU A 128 10.13 -19.50 -23.94
C GLU A 128 9.19 -18.88 -22.90
N GLN A 129 9.73 -18.27 -21.89
CA GLN A 129 8.88 -17.64 -20.85
C GLN A 129 7.72 -16.88 -21.50
N PRO A 130 6.52 -17.19 -21.06
CA PRO A 130 5.32 -16.53 -21.62
C PRO A 130 5.22 -15.08 -21.12
N PRO A 131 5.42 -14.18 -22.03
CA PRO A 131 5.37 -12.73 -21.70
C PRO A 131 3.92 -12.29 -21.46
N ALA A 132 3.64 -11.02 -21.56
CA ALA A 132 2.24 -10.54 -21.34
C ALA A 132 1.48 -10.50 -22.66
N GLN A 133 2.18 -10.51 -23.76
CA GLN A 133 1.49 -10.47 -25.08
C GLN A 133 0.36 -9.46 -25.06
N ALA A 134 0.66 -8.20 -24.85
CA ALA A 134 -0.40 -7.17 -24.80
C ALA A 134 -1.60 -7.68 -23.99
N LEU A 135 -2.62 -8.14 -24.66
CA LEU A 135 -3.83 -8.66 -23.93
C LEU A 135 -4.13 -7.76 -22.73
N PRO A 136 -4.81 -6.68 -23.00
CA PRO A 136 -5.18 -5.71 -21.94
C PRO A 136 -6.30 -6.28 -21.07
N GLY A 137 -7.39 -6.67 -21.67
CA GLY A 137 -8.52 -7.24 -20.88
C GLY A 137 -8.81 -6.33 -19.69
N SER A 138 -8.24 -6.62 -18.55
CA SER A 138 -8.49 -5.76 -17.35
C SER A 138 -7.19 -5.10 -16.89
N THR A 139 -7.04 -3.83 -17.15
CA THR A 139 -5.80 -3.12 -16.74
C THR A 139 -5.96 -2.58 -15.31
N PRO A 140 -5.06 -2.99 -14.45
CA PRO A 140 -5.09 -2.53 -13.04
C PRO A 140 -4.66 -1.07 -12.94
N LYS A 141 -5.60 -0.17 -12.75
CA LYS A 141 -5.24 1.27 -12.64
C LYS A 141 -3.98 1.44 -11.77
N ARG A 142 -4.04 0.99 -10.54
CA ARG A 142 -2.85 1.13 -9.65
C ARG A 142 -2.47 2.61 -9.53
N ALA A 143 -2.60 3.18 -8.36
CA ALA A 143 -2.23 4.60 -8.18
C ALA A 143 -2.29 4.98 -6.70
N TYR A 144 -1.23 5.53 -6.18
CA TYR A 144 -1.24 5.94 -4.75
C TYR A 144 -0.79 7.39 -4.63
N TYR A 145 -1.59 8.25 -4.07
CA TYR A 145 -1.16 9.67 -3.92
C TYR A 145 -1.91 10.39 -2.81
N ILE A 146 -1.43 11.55 -2.42
CA ILE A 146 -2.09 12.30 -1.31
C ILE A 146 -2.87 13.50 -1.86
N TYR A 147 -3.93 13.87 -1.19
CA TYR A 147 -4.74 15.01 -1.66
C TYR A 147 -4.34 16.30 -0.95
N SER A 148 -4.17 17.35 -1.69
CA SER A 148 -3.78 18.66 -1.07
C SER A 148 -5.02 19.44 -0.64
N GLY A 149 -5.93 18.78 0.05
CA GLY A 149 -7.16 19.49 0.50
C GLY A 149 -7.83 20.18 -0.71
N GLY A 150 -8.30 19.41 -1.64
CA GLY A 150 -8.97 20.01 -2.84
C GLY A 150 -8.11 19.73 -4.08
N GLU A 151 -6.85 19.47 -3.89
CA GLU A 151 -5.97 19.20 -5.07
C GLU A 151 -5.41 17.77 -4.99
N LYS A 152 -5.66 16.97 -5.99
CA LYS A 152 -5.14 15.56 -5.95
C LYS A 152 -3.74 15.51 -6.56
N ILE A 153 -2.74 15.36 -5.75
CA ILE A 153 -1.35 15.28 -6.25
C ILE A 153 -0.97 13.81 -6.41
N PRO A 154 -0.98 13.34 -7.62
CA PRO A 154 -0.65 11.91 -7.86
C PRO A 154 0.85 11.63 -7.75
N LEU A 155 1.20 10.69 -6.93
CA LEU A 155 2.63 10.28 -6.78
C LEU A 155 2.72 8.78 -7.00
N VAL A 156 3.67 8.29 -7.72
CA VAL A 156 3.72 6.82 -7.93
C VAL A 156 4.70 6.17 -6.96
N LEU A 157 4.19 5.32 -6.10
CA LEU A 157 5.07 4.63 -5.11
C LEU A 157 5.60 3.31 -5.72
N SER A 158 6.88 3.21 -5.94
CA SER A 158 7.43 1.96 -6.53
C SER A 158 8.85 1.70 -6.03
N ARG A 159 9.23 2.30 -4.94
CA ARG A 159 10.61 2.07 -4.41
C ARG A 159 10.55 1.17 -3.18
N PRO A 160 11.29 0.09 -3.24
CA PRO A 160 11.31 -0.87 -2.12
C PRO A 160 12.19 -0.34 -0.98
N LEU A 161 11.85 -0.68 0.24
CA LEU A 161 12.66 -0.20 1.39
C LEU A 161 13.92 -1.05 1.55
N SER A 162 14.96 -0.49 2.10
CA SER A 162 16.22 -1.27 2.27
C SER A 162 16.23 -1.96 3.64
N SER A 163 15.24 -2.77 3.91
CA SER A 163 15.20 -3.47 5.22
C SER A 163 16.60 -3.96 5.61
N ASN A 164 17.18 -4.81 4.82
CA ASN A 164 18.54 -5.32 5.14
C ASN A 164 19.53 -4.96 4.02
N SER B 1 8.22 16.24 12.57
CA SER B 1 9.67 16.33 12.91
C SER B 1 9.97 15.52 14.17
N THR B 2 9.29 15.80 15.25
CA THR B 2 9.53 15.04 16.51
C THR B 2 8.33 15.17 17.44
N ALA B 3 7.16 15.35 16.90
CA ALA B 3 5.94 15.48 17.77
C ALA B 3 4.68 15.59 16.90
N SER B 4 4.42 14.58 16.11
CA SER B 4 3.21 14.62 15.24
C SER B 4 2.22 13.52 15.65
N THR B 5 1.06 13.50 15.06
CA THR B 5 0.06 12.45 15.42
C THR B 5 -0.31 11.63 14.19
N VAL B 6 0.66 11.27 13.39
CA VAL B 6 0.36 10.47 12.16
C VAL B 6 -0.89 11.01 11.47
N GLU B 7 -0.84 12.21 10.98
CA GLU B 7 -2.03 12.79 10.28
C GLU B 7 -2.00 12.42 8.80
N SER B 9 -4.84 11.32 5.08
CA SER B 9 -6.22 11.26 4.52
C SER B 9 -6.43 9.94 3.77
N THR B 10 -6.30 9.95 2.47
CA THR B 10 -6.50 8.70 1.69
C THR B 10 -5.57 8.68 0.47
N VAL B 11 -5.56 7.61 -0.28
CA VAL B 11 -4.68 7.54 -1.47
C VAL B 11 -5.48 7.11 -2.70
N VAL B 12 -5.65 7.99 -3.64
CA VAL B 12 -6.42 7.64 -4.87
C VAL B 12 -7.66 6.81 -4.52
N HIS B 13 -8.75 7.46 -4.21
CA HIS B 13 -9.98 6.71 -3.86
C HIS B 13 -11.09 6.96 -4.88
N SER B 14 -12.17 6.23 -4.82
CA SER B 14 -13.27 6.44 -5.78
C SER B 14 -14.61 6.52 -5.06
N GLY B 15 -15.11 5.40 -4.58
CA GLY B 15 -16.41 5.42 -3.85
C GLY B 15 -16.22 6.04 -2.46
N GLU A 9 -10.10 -8.74 15.14
CA GLU A 9 -9.56 -7.48 14.54
C GLU A 9 -8.04 -7.55 14.44
N TYR A 10 -7.35 -7.65 15.54
CA TYR A 10 -5.87 -7.73 15.51
C TYR A 10 -5.42 -8.98 14.75
N GLN A 11 -6.15 -10.06 14.89
CA GLN A 11 -5.76 -11.32 14.17
C GLN A 11 -5.65 -11.05 12.67
N LEU A 12 -6.46 -10.18 12.15
CA LEU A 12 -6.40 -9.88 10.69
C LEU A 12 -5.08 -9.17 10.36
N VAL A 13 -4.71 -8.20 11.15
CA VAL A 13 -3.43 -7.47 10.87
C VAL A 13 -2.24 -8.41 11.03
N VAL A 14 -2.19 -9.15 12.10
CA VAL A 14 -1.05 -10.10 12.32
C VAL A 14 -0.96 -11.10 11.16
N ASN A 15 -2.08 -11.46 10.59
CA ASN A 15 -2.05 -12.43 9.47
C ASN A 15 -1.40 -11.80 8.23
N ALA A 16 -1.72 -10.56 7.95
CA ALA A 16 -1.12 -9.89 6.77
C ALA A 16 0.32 -9.48 7.06
N VAL A 17 0.56 -8.91 8.21
CA VAL A 17 1.95 -8.49 8.56
C VAL A 17 2.87 -9.70 8.53
N ARG A 18 2.40 -10.82 9.02
CA ARG A 18 3.25 -12.04 9.02
C ARG A 18 3.75 -12.35 7.61
N LYS A 19 2.88 -12.35 6.64
CA LYS A 19 3.32 -12.62 5.24
C LYS A 19 4.07 -11.41 4.70
N LEU A 20 3.65 -10.23 5.07
CA LEU A 20 4.33 -9.00 4.59
C LEU A 20 5.69 -8.85 5.29
N GLN A 21 5.73 -9.08 6.57
CA GLN A 21 7.03 -8.96 7.31
C GLN A 21 8.00 -10.07 6.89
N GLU A 22 7.48 -11.24 6.58
CA GLU A 22 8.37 -12.35 6.16
C GLU A 22 9.20 -11.94 4.95
N SER A 23 8.70 -11.03 4.16
CA SER A 23 9.46 -10.58 2.97
C SER A 23 10.66 -9.73 3.39
N GLY A 24 10.57 -9.10 4.52
CA GLY A 24 11.70 -8.24 4.99
C GLY A 24 11.42 -6.78 4.66
N PHE A 25 10.28 -6.51 4.09
CA PHE A 25 9.94 -5.10 3.72
C PHE A 25 9.23 -4.42 4.90
N TYR A 26 8.88 -5.17 5.92
CA TYR A 26 8.18 -4.57 7.08
C TYR A 26 9.18 -4.10 8.14
N TRP A 27 8.96 -2.93 8.69
CA TRP A 27 9.90 -2.40 9.73
C TRP A 27 9.31 -2.61 11.13
N SER A 28 10.16 -2.82 12.10
CA SER A 28 9.64 -3.02 13.49
C SER A 28 8.71 -1.88 13.88
N ALA A 29 8.81 -0.79 13.17
CA ALA A 29 7.92 0.38 13.47
C ALA A 29 8.38 1.12 14.73
N VAL A 30 9.19 2.15 14.57
CA VAL A 30 9.65 2.91 15.76
C VAL A 30 8.46 3.63 16.41
N THR A 31 8.18 4.84 16.01
CA THR A 31 7.01 5.55 16.60
C THR A 31 5.86 5.54 15.60
N GLY A 32 4.71 5.99 16.00
CA GLY A 32 3.55 5.99 15.07
C GLY A 32 3.98 6.45 13.68
N GLY A 33 3.84 7.72 13.39
CA GLY A 33 4.23 8.25 12.06
C GLY A 33 5.76 8.25 11.90
N GLU A 34 6.47 8.40 12.97
CA GLU A 34 7.96 8.46 12.86
C GLU A 34 8.51 7.21 12.20
N ALA A 35 7.81 6.12 12.27
CA ALA A 35 8.33 4.89 11.61
C ALA A 35 8.11 4.99 10.09
N ASN A 36 6.94 5.37 9.68
CA ASN A 36 6.67 5.50 8.22
C ASN A 36 7.43 6.68 7.61
N LEU A 37 7.40 7.80 8.28
CA LEU A 37 8.08 9.03 7.76
C LEU A 37 9.61 8.94 7.80
N LEU A 38 10.17 8.24 8.74
CA LEU A 38 11.67 8.17 8.81
C LEU A 38 12.25 7.71 7.47
N LEU A 39 11.51 6.95 6.72
CA LEU A 39 12.04 6.52 5.39
C LEU A 39 11.99 7.71 4.44
N SER A 40 11.01 8.55 4.58
CA SER A 40 10.89 9.75 3.71
C SER A 40 12.00 10.76 4.04
N ALA A 41 12.41 10.83 5.28
CA ALA A 41 13.48 11.79 5.65
C ALA A 41 14.86 11.24 5.29
N GLU A 42 14.96 9.94 5.15
CA GLU A 42 16.29 9.35 4.78
C GLU A 42 16.22 8.73 3.38
N PRO A 43 15.61 7.56 3.29
CA PRO A 43 15.49 6.89 1.96
C PRO A 43 14.45 7.62 1.10
N ALA A 44 14.77 8.79 0.64
CA ALA A 44 13.79 9.55 -0.20
C ALA A 44 13.34 8.70 -1.40
N GLY A 45 12.08 8.72 -1.70
CA GLY A 45 11.57 7.92 -2.86
C GLY A 45 11.36 6.46 -2.43
N THR A 46 11.63 6.15 -1.19
CA THR A 46 11.44 4.75 -0.72
C THR A 46 10.27 4.68 0.26
N PHE A 47 9.55 3.59 0.28
CA PHE A 47 8.39 3.48 1.21
C PHE A 47 8.55 2.27 2.14
N LEU A 48 8.03 2.37 3.34
CA LEU A 48 8.14 1.24 4.31
C LEU A 48 6.90 1.20 5.21
N ILE A 49 6.63 0.09 5.83
CA ILE A 49 5.44 -0.01 6.72
C ILE A 49 5.86 -0.20 8.18
N ARG A 50 5.10 0.32 9.10
CA ARG A 50 5.44 0.18 10.54
C ARG A 50 4.27 -0.41 11.32
N ASP A 51 4.49 -1.46 12.06
CA ASP A 51 3.37 -2.08 12.84
C ASP A 51 3.05 -1.22 14.07
N SER A 52 1.79 -1.05 14.36
CA SER A 52 1.40 -0.23 15.54
C SER A 52 1.76 -0.97 16.84
N SER A 53 3.03 -1.19 17.07
CA SER A 53 3.45 -1.91 18.31
C SER A 53 2.74 -1.31 19.53
N ASP A 54 2.34 -0.08 19.45
CA ASP A 54 1.65 0.56 20.60
C ASP A 54 0.51 -0.34 21.10
N GLN A 55 -0.71 -0.04 20.74
CA GLN A 55 -1.84 -0.90 21.19
C GLN A 55 -1.91 -2.17 20.35
N ARG A 56 -1.04 -2.31 19.39
CA ARG A 56 -1.05 -3.52 18.52
C ARG A 56 -2.30 -3.53 17.65
N HIS A 57 -2.87 -2.37 17.40
CA HIS A 57 -4.09 -2.30 16.55
C HIS A 57 -3.81 -2.89 15.16
N PHE A 58 -3.02 -2.21 14.37
CA PHE A 58 -2.72 -2.73 13.00
C PHE A 58 -1.37 -2.19 12.52
N PHE A 59 -1.17 -2.13 11.23
CA PHE A 59 0.12 -1.62 10.69
C PHE A 59 -0.13 -0.34 9.88
N THR A 60 0.86 0.52 9.81
CA THR A 60 0.68 1.79 9.04
C THR A 60 1.69 1.85 7.88
N LEU A 61 1.38 2.59 6.86
CA LEU A 61 2.30 2.69 5.69
C LEU A 61 2.31 4.12 5.14
N SER A 62 3.46 4.69 4.96
CA SER A 62 3.54 6.07 4.41
C SER A 62 4.67 6.15 3.38
N VAL A 63 4.58 7.07 2.45
CA VAL A 63 5.65 7.17 1.42
C VAL A 63 6.19 8.60 1.34
N LYS A 64 7.22 8.80 0.56
CA LYS A 64 7.80 10.16 0.42
C LYS A 64 7.56 10.70 -0.99
N THR A 65 7.05 11.90 -1.11
CA THR A 65 6.80 12.46 -2.47
C THR A 65 6.68 13.98 -2.40
N GLN A 66 6.18 14.59 -3.45
CA GLN A 66 6.04 16.08 -3.44
C GLN A 66 4.82 16.49 -2.63
N SER A 67 3.65 16.03 -3.00
CA SER A 67 2.43 16.40 -2.24
C SER A 67 2.70 16.36 -0.74
N GLY A 68 3.63 15.54 -0.32
CA GLY A 68 3.93 15.45 1.13
C GLY A 68 3.96 13.98 1.56
N THR A 69 4.72 13.66 2.57
CA THR A 69 4.79 12.24 3.03
C THR A 69 3.56 11.90 3.88
N LYS A 70 2.68 11.10 3.37
CA LYS A 70 1.45 10.73 4.15
C LYS A 70 1.52 9.26 4.55
N ASN A 71 0.87 8.90 5.63
CA ASN A 71 0.90 7.48 6.08
C ASN A 71 -0.51 6.90 6.14
N LEU A 72 -0.73 5.80 5.47
CA LEU A 72 -2.08 5.17 5.50
C LEU A 72 -1.99 3.77 6.11
N ARG A 73 -3.05 3.30 6.71
CA ARG A 73 -3.00 1.94 7.33
C ARG A 73 -4.32 1.21 7.10
N ILE A 74 -4.29 -0.10 7.08
CA ILE A 74 -5.56 -0.86 6.86
C ILE A 74 -6.38 -0.88 8.15
N GLN A 75 -7.55 -0.31 8.11
CA GLN A 75 -8.40 -0.27 9.35
C GLN A 75 -9.32 -1.49 9.38
N CYS A 76 -9.68 -1.93 10.56
CA CYS A 76 -10.59 -3.11 10.68
C CYS A 76 -12.02 -2.65 10.98
N GLU A 77 -12.98 -3.10 10.21
CA GLU A 77 -14.39 -2.69 10.45
C GLU A 77 -15.32 -3.91 10.41
N GLY A 78 -15.95 -4.23 11.51
CA GLY A 78 -16.87 -5.41 11.52
C GLY A 78 -16.06 -6.67 11.22
N GLY A 79 -14.83 -6.73 11.66
CA GLY A 79 -14.01 -7.94 11.40
C GLY A 79 -13.33 -7.82 10.02
N SER A 80 -13.77 -6.89 9.22
CA SER A 80 -13.15 -6.73 7.87
C SER A 80 -12.08 -5.64 7.92
N PHE A 81 -11.22 -5.61 6.94
CA PHE A 81 -10.14 -4.57 6.93
C PHE A 81 -10.39 -3.56 5.81
N SER A 82 -9.93 -2.35 5.98
CA SER A 82 -10.13 -1.31 4.93
C SER A 82 -9.06 -0.22 5.02
N LEU A 83 -8.54 0.23 3.92
CA LEU A 83 -7.50 1.29 3.96
C LEU A 83 -7.94 2.50 3.11
N GLN A 84 -9.07 2.39 2.48
CA GLN A 84 -9.55 3.53 1.64
C GLN A 84 -11.02 3.85 1.98
N SER A 85 -11.83 4.06 0.98
CA SER A 85 -13.26 4.38 1.25
C SER A 85 -13.81 3.47 2.36
N ASP A 86 -14.60 4.02 3.24
CA ASP A 86 -15.16 3.18 4.35
C ASP A 86 -16.38 2.40 3.85
N PRO A 87 -16.36 1.11 4.12
CA PRO A 87 -17.48 0.24 3.70
C PRO A 87 -18.72 0.49 4.56
N ARG A 88 -19.16 1.71 4.65
CA ARG A 88 -20.35 2.02 5.48
C ARG A 88 -21.63 1.80 4.66
N SER A 89 -21.54 1.11 3.56
CA SER A 89 -22.74 0.86 2.72
C SER A 89 -23.16 -0.61 2.81
N THR A 90 -23.17 -1.16 4.00
CA THR A 90 -23.57 -2.58 4.16
C THR A 90 -22.92 -3.44 3.07
N GLN A 91 -21.68 -3.17 2.74
CA GLN A 91 -21.00 -3.97 1.69
C GLN A 91 -19.60 -4.37 2.16
N PRO A 92 -19.55 -5.26 3.10
CA PRO A 92 -18.26 -5.75 3.65
C PRO A 92 -17.56 -6.67 2.64
N VAL A 93 -16.41 -7.18 2.98
CA VAL A 93 -15.69 -8.08 2.04
C VAL A 93 -15.35 -9.40 2.72
N PRO A 94 -15.46 -10.46 1.97
CA PRO A 94 -15.16 -11.81 2.51
C PRO A 94 -13.65 -11.99 2.70
N ARG A 95 -13.23 -12.57 3.78
CA ARG A 95 -11.77 -12.77 4.02
C ARG A 95 -11.04 -11.43 3.98
N PHE A 96 -11.67 -10.39 4.50
CA PHE A 96 -11.02 -9.04 4.50
C PHE A 96 -10.20 -8.81 3.23
N ASP A 97 -10.67 -7.95 2.36
CA ASP A 97 -9.91 -7.67 1.11
C ASP A 97 -9.40 -6.23 1.14
N CYS A 98 -8.13 -6.04 1.29
CA CYS A 98 -7.58 -4.64 1.32
C CYS A 98 -6.09 -4.65 1.68
N VAL A 99 -5.74 -5.06 2.86
CA VAL A 99 -4.29 -5.08 3.23
C VAL A 99 -3.50 -5.78 2.13
N LEU A 100 -3.93 -6.93 1.70
CA LEU A 100 -3.21 -7.64 0.60
C LEU A 100 -3.25 -6.74 -0.64
N LYS A 101 -4.39 -6.16 -0.90
CA LYS A 101 -4.52 -5.24 -2.06
C LYS A 101 -3.67 -3.99 -1.84
N LEU A 102 -3.50 -3.63 -0.60
CA LEU A 102 -2.69 -2.41 -0.28
C LEU A 102 -1.27 -2.55 -0.84
N VAL A 103 -0.73 -3.73 -0.86
CA VAL A 103 0.64 -3.89 -1.41
C VAL A 103 0.69 -3.30 -2.82
N HIS A 104 -0.36 -3.47 -3.58
CA HIS A 104 -0.38 -2.90 -4.95
C HIS A 104 -0.43 -1.37 -4.85
N HIS A 105 -1.15 -0.85 -3.89
CA HIS A 105 -1.24 0.62 -3.73
C HIS A 105 0.04 1.14 -3.07
N TYR A 106 0.58 0.40 -2.14
CA TYR A 106 1.82 0.85 -1.46
C TYR A 106 3.04 0.64 -2.36
N MET A 107 2.94 -0.25 -3.31
CA MET A 107 4.10 -0.50 -4.21
C MET A 107 3.62 -1.09 -5.55
N PRO A 108 4.51 -1.12 -6.50
CA PRO A 108 4.18 -1.67 -7.83
C PRO A 108 4.15 -3.20 -7.79
N PRO A 109 3.12 -3.76 -8.37
CA PRO A 109 2.96 -5.23 -8.41
C PRO A 109 3.97 -5.85 -9.39
N PRO A 110 4.90 -6.57 -8.84
CA PRO A 110 5.94 -7.23 -9.67
C PRO A 110 5.34 -8.43 -10.42
N GLY A 111 4.30 -8.20 -11.16
CA GLY A 111 3.67 -9.32 -11.93
C GLY A 111 2.97 -10.26 -10.94
N THR A 112 1.68 -10.40 -11.07
CA THR A 112 0.93 -11.31 -10.15
C THR A 112 -0.15 -12.06 -10.90
N PRO A 113 0.22 -13.19 -11.44
CA PRO A 113 -0.75 -14.02 -12.21
C PRO A 113 -1.74 -14.71 -11.26
N SER A 114 -2.61 -15.53 -11.79
CA SER A 114 -3.60 -16.22 -10.92
C SER A 114 -2.90 -17.31 -10.09
N PHE A 115 -3.66 -18.05 -9.33
CA PHE A 115 -3.05 -19.13 -8.51
C PHE A 115 -2.86 -20.41 -9.35
N SER A 116 -1.80 -20.46 -10.11
CA SER A 116 -1.55 -21.67 -10.95
C SER A 116 -2.81 -22.01 -11.77
N LEU A 117 -2.94 -23.24 -12.18
CA LEU A 117 -4.13 -23.63 -12.99
C LEU A 117 -4.48 -25.10 -12.75
N PRO A 118 -5.71 -25.44 -13.01
CA PRO A 118 -6.17 -26.84 -12.83
C PRO A 118 -5.59 -27.75 -13.91
N PRO A 119 -5.38 -28.98 -13.53
CA PRO A 119 -4.82 -29.98 -14.48
C PRO A 119 -5.87 -30.39 -15.52
N THR A 120 -6.63 -31.41 -15.23
CA THR A 120 -7.67 -31.85 -16.20
C THR A 120 -8.85 -30.87 -16.19
N GLU A 121 -8.65 -29.67 -16.65
CA GLU A 121 -9.75 -28.68 -16.68
C GLU A 121 -9.48 -27.61 -17.74
N PRO A 122 -9.73 -27.98 -18.97
CA PRO A 122 -9.51 -27.05 -20.11
C PRO A 122 -10.60 -25.98 -20.13
N SER A 123 -11.84 -26.38 -20.12
CA SER A 123 -12.95 -25.39 -20.14
C SER A 123 -12.91 -24.57 -21.44
N SER A 124 -12.27 -25.09 -22.45
CA SER A 124 -12.20 -24.35 -23.75
C SER A 124 -11.55 -22.97 -23.54
N GLU A 125 -10.81 -22.82 -22.47
CA GLU A 125 -10.14 -21.51 -22.20
C GLU A 125 -11.13 -20.37 -22.48
N VAL A 126 -11.80 -19.90 -21.46
CA VAL A 126 -12.77 -18.79 -21.67
C VAL A 126 -12.49 -17.66 -20.67
N PRO A 127 -11.31 -17.10 -20.78
CA PRO A 127 -10.90 -15.99 -19.88
C PRO A 127 -11.64 -14.70 -20.23
N GLU A 128 -11.90 -14.49 -21.49
CA GLU A 128 -12.63 -13.25 -21.91
C GLU A 128 -11.93 -12.01 -21.32
N GLN A 129 -10.96 -11.49 -22.02
CA GLN A 129 -10.25 -10.29 -21.51
C GLN A 129 -9.74 -9.44 -22.69
N PRO A 130 -10.62 -9.17 -23.61
CA PRO A 130 -10.27 -8.36 -24.80
C PRO A 130 -10.12 -6.89 -24.41
N PRO A 131 -9.07 -6.29 -24.90
CA PRO A 131 -8.81 -4.86 -24.62
C PRO A 131 -9.77 -3.97 -25.41
N ALA A 132 -11.04 -4.17 -25.25
CA ALA A 132 -12.04 -3.34 -25.99
C ALA A 132 -12.34 -2.05 -25.21
N GLN A 133 -11.50 -1.70 -24.28
CA GLN A 133 -11.74 -0.46 -23.50
C GLN A 133 -10.45 0.36 -23.37
N ALA A 134 -10.57 1.65 -23.23
CA ALA A 134 -9.35 2.50 -23.11
C ALA A 134 -8.37 1.87 -22.12
N LEU A 135 -7.13 1.72 -22.49
CA LEU A 135 -6.13 1.12 -21.57
C LEU A 135 -5.95 2.01 -20.34
N PRO A 136 -5.58 3.24 -20.59
CA PRO A 136 -5.36 4.21 -19.49
C PRO A 136 -6.71 4.65 -18.90
N GLY A 137 -6.92 4.40 -17.63
CA GLY A 137 -8.21 4.81 -17.00
C GLY A 137 -8.44 3.99 -15.73
N SER A 138 -9.09 2.86 -15.85
CA SER A 138 -9.34 2.01 -14.65
C SER A 138 -8.02 1.64 -13.98
N THR A 139 -7.51 2.51 -13.13
CA THR A 139 -6.22 2.20 -12.44
C THR A 139 -6.39 2.37 -10.93
N PRO A 140 -7.43 1.78 -10.41
CA PRO A 140 -7.72 1.86 -8.96
C PRO A 140 -6.74 0.98 -8.17
N LYS A 141 -5.84 0.31 -8.85
CA LYS A 141 -4.87 -0.57 -8.15
C LYS A 141 -3.45 -0.34 -8.68
N ARG A 142 -3.14 0.88 -9.03
CA ARG A 142 -1.77 1.17 -9.55
C ARG A 142 -1.49 2.68 -9.50
N ALA A 143 -1.67 3.28 -8.35
CA ALA A 143 -1.41 4.74 -8.23
C ALA A 143 -1.61 5.20 -6.78
N TYR A 144 -0.55 5.40 -6.05
CA TYR A 144 -0.72 5.86 -4.65
C TYR A 144 -0.42 7.36 -4.58
N TYR A 145 -1.35 8.14 -4.12
CA TYR A 145 -1.10 9.61 -4.05
C TYR A 145 -1.99 10.26 -3.00
N ILE A 146 -1.72 11.48 -2.66
CA ILE A 146 -2.53 12.16 -1.61
C ILE A 146 -3.17 13.43 -2.16
N TYR A 147 -4.32 13.78 -1.64
CA TYR A 147 -5.02 15.00 -2.13
C TYR A 147 -4.48 16.24 -1.40
N SER A 148 -3.73 17.05 -2.08
CA SER A 148 -3.16 18.26 -1.44
C SER A 148 -4.10 19.46 -1.64
N GLY A 149 -4.56 20.06 -0.58
CA GLY A 149 -5.48 21.22 -0.71
C GLY A 149 -6.61 20.88 -1.68
N GLY A 150 -7.45 19.94 -1.33
CA GLY A 150 -8.57 19.56 -2.22
C GLY A 150 -8.02 19.26 -3.62
N GLU A 151 -6.76 18.98 -3.72
CA GLU A 151 -6.16 18.68 -5.05
C GLU A 151 -5.56 17.27 -5.05
N LYS A 152 -6.00 16.41 -5.93
CA LYS A 152 -5.46 15.03 -5.96
C LYS A 152 -4.15 14.99 -6.76
N ILE A 153 -3.05 14.88 -6.07
CA ILE A 153 -1.73 14.80 -6.78
C ILE A 153 -1.30 13.34 -6.83
N PRO A 154 -1.35 12.77 -8.00
CA PRO A 154 -0.99 11.34 -8.17
C PRO A 154 0.51 11.10 -8.03
N LEU A 155 0.86 10.16 -7.20
CA LEU A 155 2.29 9.79 -6.98
C LEU A 155 2.45 8.30 -7.21
N VAL A 156 3.44 7.87 -7.91
CA VAL A 156 3.58 6.41 -8.14
C VAL A 156 4.68 5.80 -7.27
N LEU A 157 4.33 4.90 -6.38
CA LEU A 157 5.37 4.26 -5.53
C LEU A 157 6.14 3.23 -6.36
N SER A 158 7.44 3.35 -6.45
CA SER A 158 8.21 2.38 -7.28
C SER A 158 9.50 1.95 -6.57
N ARG A 159 9.86 2.57 -5.47
CA ARG A 159 11.11 2.16 -4.78
C ARG A 159 10.78 1.25 -3.60
N PRO A 160 11.39 0.10 -3.60
CA PRO A 160 11.17 -0.89 -2.52
C PRO A 160 11.91 -0.48 -1.24
N LEU A 161 11.36 -0.81 -0.10
CA LEU A 161 12.02 -0.45 1.19
C LEU A 161 13.33 -1.23 1.34
N SER A 162 14.22 -0.75 2.17
CA SER A 162 15.53 -1.45 2.38
C SER A 162 15.50 -2.87 1.81
N SER A 163 15.05 -3.82 2.59
CA SER A 163 14.99 -5.23 2.09
C SER A 163 14.51 -5.26 0.64
N ASN A 164 15.11 -6.08 -0.18
CA ASN A 164 14.69 -6.15 -1.61
C ASN A 164 15.07 -7.51 -2.21
N SER B 1 -3.50 19.28 19.52
CA SER B 1 -2.24 20.06 19.76
C SER B 1 -1.40 19.40 20.85
N THR B 2 -0.26 18.89 20.50
CA THR B 2 0.62 18.24 21.52
C THR B 2 -0.11 17.04 22.14
N ALA B 3 -0.65 16.18 21.32
CA ALA B 3 -1.38 14.99 21.87
C ALA B 3 -1.57 13.95 20.77
N SER B 4 -2.10 14.34 19.65
CA SER B 4 -2.31 13.37 18.53
C SER B 4 -1.07 12.48 18.36
N THR B 5 -1.27 11.26 17.94
CA THR B 5 -0.10 10.34 17.75
C THR B 5 0.32 10.32 16.28
N VAL B 6 -0.61 10.08 15.39
CA VAL B 6 -0.26 10.05 13.95
C VAL B 6 -1.53 9.98 13.11
N GLU B 7 -1.75 10.94 12.25
CA GLU B 7 -2.99 10.92 11.40
C GLU B 7 -2.61 10.91 9.91
N SER B 9 -4.55 10.67 5.54
CA SER B 9 -5.79 10.74 4.70
C SER B 9 -5.95 9.46 3.89
N THR B 10 -6.34 9.57 2.65
CA THR B 10 -6.52 8.35 1.80
C THR B 10 -5.70 8.47 0.52
N VAL B 11 -5.49 7.38 -0.17
CA VAL B 11 -4.70 7.44 -1.43
C VAL B 11 -5.60 7.09 -2.63
N VAL B 12 -5.85 8.03 -3.49
CA VAL B 12 -6.71 7.76 -4.68
C VAL B 12 -8.09 7.27 -4.23
N HIS B 13 -9.09 7.44 -5.05
CA HIS B 13 -10.46 6.98 -4.68
C HIS B 13 -11.41 7.11 -5.87
N SER B 14 -12.11 6.07 -6.21
CA SER B 14 -13.05 6.14 -7.37
C SER B 14 -14.42 5.59 -6.97
N GLY B 15 -15.41 6.43 -6.84
CA GLY B 15 -16.76 5.95 -6.45
C GLY B 15 -17.64 7.15 -6.09
N GLU A 9 -9.48 -9.04 14.25
CA GLU A 9 -8.80 -7.73 14.07
C GLU A 9 -7.28 -7.91 14.15
N TYR A 10 -6.76 -8.18 15.32
CA TYR A 10 -5.29 -8.36 15.45
C TYR A 10 -4.83 -9.59 14.66
N GLN A 11 -5.64 -10.62 14.63
CA GLN A 11 -5.25 -11.85 13.88
C GLN A 11 -5.10 -11.53 12.39
N LEU A 12 -5.98 -10.73 11.85
CA LEU A 12 -5.88 -10.39 10.39
C LEU A 12 -4.62 -9.55 10.13
N VAL A 13 -4.39 -8.55 10.93
CA VAL A 13 -3.18 -7.70 10.72
C VAL A 13 -1.91 -8.49 11.06
N VAL A 14 -1.90 -9.17 12.18
CA VAL A 14 -0.70 -9.96 12.57
C VAL A 14 -0.38 -11.00 11.49
N ASN A 15 -1.36 -11.77 11.08
CA ASN A 15 -1.10 -12.79 10.03
C ASN A 15 -0.58 -12.12 8.76
N ALA A 16 -1.11 -10.96 8.45
CA ALA A 16 -0.65 -10.23 7.23
C ALA A 16 0.75 -9.66 7.46
N VAL A 17 0.99 -9.17 8.65
CA VAL A 17 2.32 -8.60 8.97
C VAL A 17 3.39 -9.65 8.69
N ARG A 18 3.11 -10.88 9.03
CA ARG A 18 4.11 -11.97 8.81
C ARG A 18 4.47 -12.04 7.32
N LYS A 19 3.49 -12.08 6.46
CA LYS A 19 3.77 -12.16 5.00
C LYS A 19 4.16 -10.77 4.46
N LEU A 20 3.59 -9.73 5.02
CA LEU A 20 3.93 -8.36 4.53
C LEU A 20 5.33 -7.96 4.95
N GLN A 21 5.70 -8.22 6.18
CA GLN A 21 7.07 -7.83 6.64
C GLN A 21 8.13 -8.56 5.81
N GLU A 22 7.93 -9.81 5.51
CA GLU A 22 8.93 -10.56 4.70
C GLU A 22 8.81 -10.18 3.23
N SER A 23 7.63 -10.24 2.68
CA SER A 23 7.44 -9.90 1.24
C SER A 23 7.56 -8.39 1.02
N GLY A 24 6.96 -7.60 1.87
CA GLY A 24 7.02 -6.12 1.70
C GLY A 24 8.08 -5.52 2.62
N PHE A 25 9.15 -6.24 2.86
CA PHE A 25 10.23 -5.70 3.76
C PHE A 25 9.64 -4.76 4.80
N TYR A 26 8.55 -5.15 5.42
CA TYR A 26 7.93 -4.26 6.45
C TYR A 26 8.45 -4.64 7.84
N TRP A 27 9.01 -3.70 8.54
CA TRP A 27 9.53 -3.99 9.90
C TRP A 27 8.94 -3.01 10.92
N SER A 28 8.70 -3.47 12.12
CA SER A 28 8.12 -2.56 13.15
C SER A 28 9.11 -2.36 14.30
N ALA A 29 9.70 -1.20 14.36
CA ALA A 29 10.68 -0.93 15.44
C ALA A 29 10.85 0.58 15.63
N VAL A 30 9.98 1.36 15.05
CA VAL A 30 10.10 2.84 15.18
C VAL A 30 8.82 3.39 15.81
N THR A 31 8.56 4.65 15.64
CA THR A 31 7.33 5.25 16.22
C THR A 31 6.16 5.09 15.25
N GLY A 32 4.98 5.49 15.65
CA GLY A 32 3.81 5.35 14.74
C GLY A 32 4.10 6.05 13.41
N GLY A 33 4.07 7.35 13.39
CA GLY A 33 4.34 8.09 12.13
C GLY A 33 5.84 8.17 11.88
N GLU A 34 6.63 8.23 12.93
CA GLU A 34 8.10 8.30 12.73
C GLU A 34 8.57 7.09 11.94
N ALA A 35 7.99 5.96 12.17
CA ALA A 35 8.41 4.75 11.41
C ALA A 35 8.16 4.99 9.92
N ASN A 36 6.97 5.39 9.57
CA ASN A 36 6.66 5.64 8.13
C ASN A 36 7.41 6.87 7.61
N LEU A 37 7.44 7.92 8.38
CA LEU A 37 8.12 9.18 7.93
C LEU A 37 9.66 9.03 7.89
N LEU A 38 10.23 8.25 8.77
CA LEU A 38 11.71 8.12 8.77
C LEU A 38 12.23 7.69 7.40
N LEU A 39 11.50 6.87 6.71
CA LEU A 39 11.98 6.44 5.35
C LEU A 39 11.98 7.65 4.41
N SER A 40 11.02 8.52 4.57
CA SER A 40 10.96 9.73 3.70
C SER A 40 12.10 10.69 4.04
N ALA A 41 12.50 10.74 5.28
CA ALA A 41 13.60 11.66 5.67
C ALA A 41 14.97 11.07 5.32
N GLU A 42 15.04 9.77 5.15
CA GLU A 42 16.35 9.16 4.80
C GLU A 42 16.28 8.49 3.41
N PRO A 43 15.64 7.33 3.34
CA PRO A 43 15.53 6.62 2.04
C PRO A 43 14.51 7.34 1.14
N ALA A 44 14.85 8.49 0.64
CA ALA A 44 13.91 9.22 -0.25
C ALA A 44 13.46 8.33 -1.41
N GLY A 45 12.22 8.41 -1.80
CA GLY A 45 11.73 7.57 -2.92
C GLY A 45 11.45 6.16 -2.42
N THR A 46 11.31 6.00 -1.13
CA THR A 46 11.04 4.65 -0.56
C THR A 46 9.91 4.73 0.48
N PHE A 47 9.12 3.71 0.60
CA PHE A 47 8.00 3.74 1.59
C PHE A 47 8.13 2.57 2.57
N LEU A 48 7.44 2.64 3.68
CA LEU A 48 7.53 1.53 4.67
C LEU A 48 6.24 1.44 5.50
N ILE A 49 5.99 0.32 6.09
CA ILE A 49 4.77 0.15 6.92
C ILE A 49 5.16 -0.17 8.36
N ARG A 50 4.63 0.54 9.32
CA ARG A 50 4.99 0.27 10.74
C ARG A 50 3.78 -0.30 11.50
N ASP A 51 4.03 -1.04 12.54
CA ASP A 51 2.90 -1.62 13.32
C ASP A 51 2.63 -0.78 14.58
N SER A 52 1.40 -0.44 14.83
CA SER A 52 1.07 0.38 16.04
C SER A 52 1.60 -0.31 17.30
N SER A 53 1.87 0.45 18.32
CA SER A 53 2.39 -0.16 19.58
C SER A 53 1.52 -1.36 19.99
N ASP A 54 0.23 -1.18 20.04
CA ASP A 54 -0.68 -2.30 20.42
C ASP A 54 -0.89 -3.23 19.21
N GLN A 55 -1.03 -4.51 19.46
CA GLN A 55 -1.25 -5.46 18.33
C GLN A 55 -2.74 -5.63 18.08
N ARG A 56 -3.57 -5.00 18.86
CA ARG A 56 -5.05 -5.13 18.65
C ARG A 56 -5.56 -3.99 17.77
N HIS A 57 -4.87 -3.69 16.70
CA HIS A 57 -5.32 -2.60 15.81
C HIS A 57 -4.96 -2.92 14.35
N PHE A 58 -3.84 -2.45 13.89
CA PHE A 58 -3.44 -2.74 12.48
C PHE A 58 -2.13 -1.99 12.15
N PHE A 59 -1.62 -2.16 10.96
CA PHE A 59 -0.36 -1.46 10.58
C PHE A 59 -0.63 -0.48 9.44
N THR A 60 0.09 0.62 9.40
CA THR A 60 -0.13 1.62 8.31
C THR A 60 1.19 1.94 7.59
N LEU A 61 1.11 2.39 6.37
CA LEU A 61 2.35 2.74 5.62
C LEU A 61 2.28 4.18 5.12
N SER A 62 3.40 4.80 4.92
CA SER A 62 3.41 6.20 4.42
C SER A 62 4.52 6.36 3.37
N VAL A 63 4.37 7.29 2.47
CA VAL A 63 5.42 7.47 1.42
C VAL A 63 5.84 8.93 1.31
N LYS A 64 6.84 9.22 0.52
CA LYS A 64 7.30 10.62 0.37
C LYS A 64 7.14 11.07 -1.09
N THR A 65 6.70 12.28 -1.31
CA THR A 65 6.53 12.77 -2.70
C THR A 65 6.12 14.24 -2.70
N GLN A 66 6.55 14.99 -3.68
CA GLN A 66 6.18 16.44 -3.73
C GLN A 66 6.82 17.19 -2.57
N SER A 67 6.51 16.81 -1.36
CA SER A 67 7.10 17.50 -0.17
C SER A 67 6.32 17.11 1.09
N GLY A 68 5.10 16.69 0.93
CA GLY A 68 4.29 16.31 2.11
C GLY A 68 4.16 14.79 2.18
N THR A 69 4.68 14.17 3.21
CA THR A 69 4.59 12.70 3.33
C THR A 69 3.41 12.30 4.23
N LYS A 70 2.44 11.62 3.69
CA LYS A 70 1.27 11.21 4.52
C LYS A 70 1.33 9.70 4.81
N ASN A 71 0.61 9.25 5.80
CA ASN A 71 0.64 7.79 6.12
C ASN A 71 -0.77 7.19 5.98
N LEU A 72 -0.87 6.04 5.38
CA LEU A 72 -2.20 5.41 5.21
C LEU A 72 -2.37 4.25 6.21
N ARG A 73 -3.43 4.25 6.97
CA ARG A 73 -3.64 3.17 7.97
C ARG A 73 -4.92 2.39 7.65
N ILE A 74 -4.89 1.09 7.76
CA ILE A 74 -6.11 0.28 7.47
C ILE A 74 -7.02 0.25 8.70
N GLN A 75 -8.30 0.18 8.49
CA GLN A 75 -9.24 0.15 9.65
C GLN A 75 -9.94 -1.21 9.73
N CYS A 76 -10.32 -1.63 10.91
CA CYS A 76 -10.99 -2.94 11.05
C CYS A 76 -12.50 -2.74 11.23
N GLU A 77 -13.29 -3.42 10.44
CA GLU A 77 -14.76 -3.26 10.56
C GLU A 77 -15.42 -4.63 10.85
N GLY A 78 -15.80 -4.86 12.07
CA GLY A 78 -16.43 -6.16 12.42
C GLY A 78 -15.42 -7.29 12.24
N GLY A 79 -15.03 -7.57 11.02
CA GLY A 79 -14.05 -8.66 10.78
C GLY A 79 -13.36 -8.44 9.43
N SER A 80 -13.26 -7.21 9.01
CA SER A 80 -12.59 -6.93 7.70
C SER A 80 -11.67 -5.71 7.83
N PHE A 81 -10.75 -5.56 6.92
CA PHE A 81 -9.82 -4.41 7.00
C PHE A 81 -10.06 -3.44 5.83
N SER A 82 -9.82 -2.17 6.03
CA SER A 82 -10.05 -1.18 4.93
C SER A 82 -9.09 0.00 5.08
N LEU A 83 -8.55 0.46 3.98
CA LEU A 83 -7.61 1.62 4.04
C LEU A 83 -8.35 2.93 3.75
N GLN A 84 -9.46 2.84 3.06
CA GLN A 84 -10.24 4.07 2.74
C GLN A 84 -11.45 4.20 3.66
N SER A 85 -11.78 5.39 4.07
CA SER A 85 -12.95 5.57 4.98
C SER A 85 -14.21 5.84 4.16
N ASP A 86 -14.85 4.81 3.68
CA ASP A 86 -16.10 5.01 2.88
C ASP A 86 -17.32 4.54 3.67
N PRO A 87 -18.38 5.30 3.56
CA PRO A 87 -19.63 4.96 4.28
C PRO A 87 -20.31 3.77 3.62
N ARG A 88 -19.62 2.67 3.50
CA ARG A 88 -20.25 1.46 2.87
C ARG A 88 -21.02 0.65 3.91
N SER A 89 -20.50 0.55 5.11
CA SER A 89 -21.21 -0.23 6.16
C SER A 89 -21.49 -1.66 5.67
N THR A 90 -22.38 -2.35 6.32
CA THR A 90 -22.69 -3.74 5.89
C THR A 90 -21.42 -4.46 5.45
N GLN A 91 -20.31 -4.18 6.08
CA GLN A 91 -19.04 -4.85 5.69
C GLN A 91 -18.57 -4.34 4.32
N PRO A 92 -17.36 -3.86 4.29
CA PRO A 92 -16.79 -3.33 3.03
C PRO A 92 -16.46 -4.48 2.07
N VAL A 93 -15.57 -5.35 2.45
CA VAL A 93 -15.21 -6.48 1.54
C VAL A 93 -15.35 -7.82 2.29
N PRO A 94 -15.31 -8.88 1.55
CA PRO A 94 -15.44 -10.23 2.14
C PRO A 94 -14.18 -10.56 2.96
N ARG A 95 -14.34 -11.06 4.16
CA ARG A 95 -13.16 -11.39 5.00
C ARG A 95 -12.43 -10.11 5.40
N PHE A 96 -11.67 -9.54 4.50
CA PHE A 96 -10.93 -8.29 4.81
C PHE A 96 -10.05 -7.88 3.63
N ASP A 97 -10.61 -7.82 2.46
CA ASP A 97 -9.81 -7.44 1.26
C ASP A 97 -9.48 -5.96 1.31
N CYS A 98 -8.24 -5.63 1.53
CA CYS A 98 -7.84 -4.19 1.60
C CYS A 98 -6.41 -4.08 2.15
N VAL A 99 -6.22 -4.33 3.41
CA VAL A 99 -4.84 -4.23 3.98
C VAL A 99 -3.87 -5.08 3.15
N LEU A 100 -4.22 -6.32 2.90
CA LEU A 100 -3.33 -7.17 2.07
C LEU A 100 -3.24 -6.57 0.66
N LYS A 101 -4.36 -6.19 0.12
CA LYS A 101 -4.37 -5.56 -1.23
C LYS A 101 -3.54 -4.27 -1.17
N LEU A 102 -3.52 -3.65 -0.03
CA LEU A 102 -2.76 -2.39 0.14
C LEU A 102 -1.28 -2.62 -0.20
N VAL A 103 -0.76 -3.79 0.09
CA VAL A 103 0.67 -4.05 -0.24
C VAL A 103 0.90 -3.75 -1.72
N HIS A 104 0.00 -4.16 -2.56
CA HIS A 104 0.16 -3.87 -4.01
C HIS A 104 0.01 -2.36 -4.23
N HIS A 105 -0.79 -1.72 -3.43
CA HIS A 105 -0.98 -0.25 -3.56
C HIS A 105 0.22 0.48 -2.95
N TYR A 106 0.67 0.03 -1.80
CA TYR A 106 1.83 0.69 -1.14
C TYR A 106 3.09 0.53 -2.01
N MET A 107 3.09 -0.45 -2.87
CA MET A 107 4.28 -0.66 -3.74
C MET A 107 3.85 -0.79 -5.21
N PRO A 108 4.82 -1.00 -6.05
CA PRO A 108 4.55 -1.14 -7.51
C PRO A 108 3.94 -2.52 -7.80
N PRO A 109 2.83 -2.50 -8.49
CA PRO A 109 2.14 -3.77 -8.84
C PRO A 109 2.90 -4.49 -9.95
N PRO A 110 3.49 -5.59 -9.59
CA PRO A 110 4.26 -6.40 -10.56
C PRO A 110 3.31 -7.14 -11.53
N GLY A 111 2.93 -8.33 -11.19
CA GLY A 111 2.00 -9.10 -12.08
C GLY A 111 2.80 -10.14 -12.87
N THR A 112 3.91 -10.58 -12.35
CA THR A 112 4.73 -11.59 -13.06
C THR A 112 5.89 -12.05 -12.20
N PRO A 113 6.17 -13.33 -12.26
CA PRO A 113 7.28 -13.92 -11.46
C PRO A 113 8.63 -13.50 -12.05
N SER A 114 9.16 -14.27 -12.95
CA SER A 114 10.47 -13.91 -13.56
C SER A 114 10.84 -14.90 -14.67
N PHE A 115 10.66 -14.49 -15.91
CA PHE A 115 11.00 -15.42 -17.03
C PHE A 115 12.06 -14.78 -17.93
N SER A 116 12.25 -15.30 -19.12
CA SER A 116 13.26 -14.72 -20.04
C SER A 116 12.76 -14.77 -21.48
N LEU A 117 12.42 -13.63 -22.03
CA LEU A 117 11.92 -13.60 -23.44
C LEU A 117 13.08 -13.85 -24.41
N PRO A 118 12.94 -14.87 -25.21
CA PRO A 118 13.97 -15.22 -26.20
C PRO A 118 13.97 -14.22 -27.36
N PRO A 119 15.14 -13.77 -27.70
CA PRO A 119 15.28 -12.79 -28.81
C PRO A 119 15.08 -13.47 -30.16
N THR A 120 14.82 -14.75 -30.15
CA THR A 120 14.62 -15.49 -31.44
C THR A 120 13.74 -14.66 -32.38
N GLU A 121 12.90 -13.82 -31.84
CA GLU A 121 12.02 -12.97 -32.71
C GLU A 121 12.64 -11.59 -32.92
N PRO A 122 12.71 -11.19 -34.15
CA PRO A 122 13.29 -9.87 -34.50
C PRO A 122 12.33 -8.75 -34.10
N SER A 123 12.77 -7.52 -34.17
CA SER A 123 11.88 -6.38 -33.80
C SER A 123 12.41 -5.08 -34.40
N SER A 124 11.82 -4.63 -35.48
CA SER A 124 12.28 -3.36 -36.10
C SER A 124 11.43 -2.18 -35.63
N GLU A 125 11.92 -1.42 -34.70
CA GLU A 125 11.14 -0.26 -34.20
C GLU A 125 11.91 0.48 -33.10
N VAL A 126 12.37 1.67 -33.37
CA VAL A 126 13.13 2.42 -32.34
C VAL A 126 12.71 3.90 -32.34
N PRO A 127 11.61 4.17 -31.70
CA PRO A 127 11.09 5.56 -31.62
C PRO A 127 11.96 6.40 -30.68
N GLU A 128 12.70 7.33 -31.21
CA GLU A 128 13.57 8.19 -30.34
C GLU A 128 12.70 8.97 -29.36
N GLN A 129 13.31 9.82 -28.57
CA GLN A 129 12.52 10.62 -27.59
C GLN A 129 11.51 9.73 -26.88
N PRO A 130 11.93 9.18 -25.77
CA PRO A 130 11.04 8.30 -24.97
C PRO A 130 9.97 9.12 -24.25
N PRO A 131 8.87 8.47 -23.98
CA PRO A 131 7.74 9.15 -23.29
C PRO A 131 8.09 9.36 -21.81
N ALA A 132 7.86 10.55 -21.31
CA ALA A 132 8.16 10.83 -19.87
C ALA A 132 7.01 11.60 -19.22
N GLN A 133 6.01 10.90 -18.77
CA GLN A 133 4.86 11.60 -18.12
C GLN A 133 4.26 12.63 -19.08
N ALA A 134 3.20 12.29 -19.75
CA ALA A 134 2.58 13.26 -20.69
C ALA A 134 1.40 12.61 -21.43
N LEU A 135 1.67 11.60 -22.21
CA LEU A 135 0.57 10.91 -22.95
C LEU A 135 -0.23 10.02 -22.01
N PRO A 136 -1.47 9.83 -22.36
CA PRO A 136 -2.37 8.97 -21.53
C PRO A 136 -2.00 7.50 -21.68
N GLY A 137 -1.52 6.89 -20.62
CA GLY A 137 -1.13 5.45 -20.69
C GLY A 137 -0.51 5.02 -19.37
N SER A 138 0.57 4.30 -19.42
CA SER A 138 1.23 3.84 -18.16
C SER A 138 0.24 3.08 -17.29
N THR A 139 -0.74 2.45 -17.89
CA THR A 139 -1.74 1.69 -17.10
C THR A 139 -2.18 2.51 -15.87
N PRO A 140 -3.09 3.41 -16.12
CA PRO A 140 -3.60 4.27 -15.02
C PRO A 140 -4.54 3.48 -14.11
N LYS A 141 -4.09 2.36 -13.60
CA LYS A 141 -4.95 1.55 -12.71
C LYS A 141 -4.54 1.73 -11.26
N ARG A 142 -3.63 0.93 -10.77
CA ARG A 142 -3.17 1.06 -9.36
C ARG A 142 -2.33 2.33 -9.20
N ALA A 143 -2.42 2.97 -8.06
CA ALA A 143 -1.63 4.22 -7.83
C ALA A 143 -1.77 4.68 -6.39
N TYR A 144 -0.80 5.37 -5.87
CA TYR A 144 -0.90 5.86 -4.47
C TYR A 144 -0.53 7.34 -4.43
N TYR A 145 -1.41 8.19 -3.95
CA TYR A 145 -1.06 9.64 -3.90
C TYR A 145 -1.85 10.36 -2.82
N ILE A 146 -1.46 11.57 -2.53
CA ILE A 146 -2.16 12.34 -1.45
C ILE A 146 -3.10 13.37 -2.06
N TYR A 147 -4.23 13.57 -1.44
CA TYR A 147 -5.21 14.55 -1.97
C TYR A 147 -5.01 15.92 -1.33
N SER A 148 -5.00 16.94 -2.13
CA SER A 148 -4.82 18.31 -1.60
C SER A 148 -6.15 19.04 -1.53
N GLY A 149 -6.13 20.35 -1.41
CA GLY A 149 -7.41 21.11 -1.35
C GLY A 149 -8.24 20.80 -2.59
N GLY A 150 -9.02 19.74 -2.55
CA GLY A 150 -9.85 19.38 -3.72
C GLY A 150 -8.94 19.04 -4.91
N GLU A 151 -7.67 18.87 -4.67
CA GLU A 151 -6.74 18.54 -5.78
C GLU A 151 -6.05 17.20 -5.52
N LYS A 152 -6.20 16.25 -6.41
CA LYS A 152 -5.56 14.93 -6.22
C LYS A 152 -4.14 14.93 -6.76
N ILE A 153 -3.17 14.98 -5.89
CA ILE A 153 -1.75 14.96 -6.34
C ILE A 153 -1.30 13.51 -6.43
N PRO A 154 -1.13 13.04 -7.64
CA PRO A 154 -0.74 11.62 -7.85
C PRO A 154 0.74 11.34 -7.56
N LEU A 155 0.99 10.33 -6.78
CA LEU A 155 2.39 9.91 -6.46
C LEU A 155 2.51 8.43 -6.82
N VAL A 156 3.56 8.02 -7.46
CA VAL A 156 3.65 6.57 -7.80
C VAL A 156 4.57 5.83 -6.83
N LEU A 157 4.04 4.90 -6.06
CA LEU A 157 4.91 4.14 -5.12
C LEU A 157 5.56 2.96 -5.87
N SER A 158 6.85 2.97 -6.03
CA SER A 158 7.50 1.84 -6.77
C SER A 158 8.90 1.55 -6.21
N ARG A 159 9.14 1.81 -4.96
CA ARG A 159 10.49 1.52 -4.39
C ARG A 159 10.37 0.80 -3.05
N PRO A 160 10.98 -0.35 -2.97
CA PRO A 160 10.95 -1.15 -1.72
C PRO A 160 11.97 -0.61 -0.71
N LEU A 161 11.59 -0.50 0.53
CA LEU A 161 12.54 0.01 1.56
C LEU A 161 13.26 -1.17 2.22
N SER A 162 14.50 -1.00 2.60
CA SER A 162 15.24 -2.11 3.25
C SER A 162 14.57 -2.52 4.56
N SER A 163 14.04 -3.71 4.61
CA SER A 163 13.36 -4.16 5.87
C SER A 163 14.22 -3.81 7.09
N ASN A 164 15.50 -3.67 6.91
CA ASN A 164 16.39 -3.33 8.05
C ASN A 164 16.16 -4.31 9.21
N SER B 1 -2.71 16.43 25.39
CA SER B 1 -2.04 17.72 25.72
C SER B 1 -0.80 17.90 24.83
N THR B 2 -0.92 18.68 23.79
CA THR B 2 0.24 18.90 22.89
C THR B 2 0.77 17.56 22.36
N ALA B 3 -0.10 16.65 22.07
CA ALA B 3 0.34 15.31 21.56
C ALA B 3 -0.05 15.16 20.09
N SER B 4 -1.32 15.06 19.80
CA SER B 4 -1.76 14.90 18.39
C SER B 4 -1.28 13.57 17.83
N THR B 5 -2.11 12.88 17.10
CA THR B 5 -1.69 11.57 16.53
C THR B 5 -1.33 11.73 15.05
N VAL B 6 -0.52 10.86 14.53
CA VAL B 6 -0.12 10.96 13.09
C VAL B 6 -1.37 11.07 12.20
N GLU B 7 -1.49 12.13 11.45
CA GLU B 7 -2.68 12.29 10.58
C GLU B 7 -2.24 12.29 9.11
N SER B 9 -3.94 11.96 4.63
CA SER B 9 -5.14 11.91 3.73
C SER B 9 -5.37 10.49 3.22
N THR B 10 -5.75 10.35 1.98
CA THR B 10 -5.98 8.99 1.41
C THR B 10 -5.27 8.84 0.06
N VAL B 11 -5.50 7.76 -0.62
CA VAL B 11 -4.84 7.55 -1.94
C VAL B 11 -5.90 7.29 -3.02
N VAL B 12 -5.50 6.71 -4.12
CA VAL B 12 -6.48 6.45 -5.21
C VAL B 12 -7.46 5.34 -4.79
N HIS B 13 -8.08 4.68 -5.74
CA HIS B 13 -9.03 3.59 -5.38
C HIS B 13 -8.77 2.36 -6.24
N SER B 14 -9.45 1.27 -5.97
CA SER B 14 -9.24 0.04 -6.77
C SER B 14 -10.22 -1.05 -6.33
N GLY B 15 -10.57 -1.94 -7.22
CA GLY B 15 -11.52 -3.03 -6.86
C GLY B 15 -12.72 -2.43 -6.12
N GLU A 9 -9.01 -8.87 15.33
CA GLU A 9 -8.35 -7.99 14.32
C GLU A 9 -6.85 -8.32 14.21
N TYR A 10 -6.31 -8.94 15.23
CA TYR A 10 -4.86 -9.28 15.19
C TYR A 10 -4.60 -10.33 14.12
N GLN A 11 -5.51 -11.25 13.93
CA GLN A 11 -5.31 -12.30 12.90
C GLN A 11 -5.28 -11.68 11.50
N LEU A 12 -6.17 -10.78 11.22
CA LEU A 12 -6.20 -10.14 9.87
C LEU A 12 -4.95 -9.28 9.68
N VAL A 13 -4.62 -8.46 10.64
CA VAL A 13 -3.41 -7.59 10.50
C VAL A 13 -2.15 -8.45 10.46
N VAL A 14 -2.01 -9.38 11.37
CA VAL A 14 -0.80 -10.25 11.37
C VAL A 14 -0.67 -10.98 10.03
N ASN A 15 -1.77 -11.37 9.46
CA ASN A 15 -1.70 -12.09 8.15
C ASN A 15 -1.02 -11.21 7.11
N ALA A 16 -1.20 -9.91 7.20
CA ALA A 16 -0.57 -8.99 6.23
C ALA A 16 0.92 -8.84 6.55
N VAL A 17 1.25 -8.67 7.81
CA VAL A 17 2.68 -8.53 8.18
C VAL A 17 3.46 -9.75 7.70
N ARG A 18 2.87 -10.91 7.83
CA ARG A 18 3.56 -12.15 7.39
C ARG A 18 3.97 -12.03 5.91
N LYS A 19 3.06 -11.60 5.08
CA LYS A 19 3.40 -11.45 3.63
C LYS A 19 4.19 -10.17 3.42
N LEU A 20 3.89 -9.13 4.17
CA LEU A 20 4.63 -7.85 4.01
C LEU A 20 6.05 -7.99 4.55
N GLN A 21 6.19 -8.61 5.69
CA GLN A 21 7.56 -8.78 6.28
C GLN A 21 8.40 -9.68 5.40
N GLU A 22 7.80 -10.65 4.76
CA GLU A 22 8.58 -11.58 3.89
C GLU A 22 9.31 -10.78 2.80
N SER A 23 8.72 -9.71 2.35
CA SER A 23 9.39 -8.89 1.29
C SER A 23 10.78 -8.46 1.77
N GLY A 24 10.96 -8.33 3.05
CA GLY A 24 12.29 -7.92 3.58
C GLY A 24 12.36 -6.39 3.64
N PHE A 25 11.31 -5.75 4.09
CA PHE A 25 11.33 -4.26 4.16
C PHE A 25 10.39 -3.77 5.27
N TYR A 26 9.97 -4.65 6.14
CA TYR A 26 9.05 -4.22 7.24
C TYR A 26 9.85 -3.91 8.50
N TRP A 27 9.66 -2.75 9.05
CA TRP A 27 10.40 -2.39 10.30
C TRP A 27 9.45 -2.42 11.49
N SER A 28 9.94 -2.77 12.64
CA SER A 28 9.06 -2.82 13.85
C SER A 28 8.07 -1.65 13.82
N ALA A 29 8.47 -0.53 14.36
CA ALA A 29 7.58 0.66 14.36
C ALA A 29 8.13 1.73 15.31
N VAL A 30 9.06 2.52 14.86
CA VAL A 30 9.62 3.58 15.73
C VAL A 30 8.49 4.35 16.40
N THR A 31 8.14 5.51 15.90
CA THR A 31 7.02 6.27 16.52
C THR A 31 5.81 6.23 15.59
N GLY A 32 4.70 6.73 16.04
CA GLY A 32 3.48 6.71 15.17
C GLY A 32 3.88 7.08 13.73
N GLY A 33 3.85 8.34 13.41
CA GLY A 33 4.21 8.78 12.03
C GLY A 33 5.73 8.79 11.87
N GLU A 34 6.46 9.05 12.91
CA GLU A 34 7.94 9.12 12.78
C GLU A 34 8.49 7.81 12.24
N ALA A 35 7.90 6.70 12.59
CA ALA A 35 8.39 5.41 12.06
C ALA A 35 8.15 5.36 10.55
N ASN A 36 6.94 5.68 10.14
CA ASN A 36 6.63 5.68 8.68
C ASN A 36 7.37 6.82 7.97
N LEU A 37 7.43 7.96 8.59
CA LEU A 37 8.10 9.14 7.95
C LEU A 37 9.62 8.94 7.89
N LEU A 38 10.21 8.25 8.82
CA LEU A 38 11.69 8.07 8.81
C LEU A 38 12.15 7.50 7.47
N LEU A 39 11.30 6.81 6.77
CA LEU A 39 11.72 6.25 5.45
C LEU A 39 11.77 7.37 4.42
N SER A 40 10.88 8.31 4.52
CA SER A 40 10.87 9.44 3.55
C SER A 40 12.08 10.36 3.80
N ALA A 41 12.49 10.47 5.03
CA ALA A 41 13.66 11.35 5.34
C ALA A 41 14.98 10.62 5.05
N GLU A 42 14.96 9.31 5.00
CA GLU A 42 16.22 8.58 4.70
C GLU A 42 16.12 7.86 3.35
N PRO A 43 15.41 6.77 3.32
CA PRO A 43 15.24 6.00 2.05
C PRO A 43 14.33 6.77 1.09
N ALA A 44 14.79 7.86 0.54
CA ALA A 44 13.95 8.64 -0.40
C ALA A 44 13.42 7.74 -1.52
N GLY A 45 12.19 7.95 -1.92
CA GLY A 45 11.61 7.11 -3.01
C GLY A 45 11.33 5.71 -2.48
N THR A 46 11.21 5.57 -1.18
CA THR A 46 10.94 4.23 -0.60
C THR A 46 9.83 4.33 0.46
N PHE A 47 9.03 3.31 0.59
CA PHE A 47 7.92 3.35 1.60
C PHE A 47 8.05 2.16 2.56
N LEU A 48 7.49 2.27 3.73
CA LEU A 48 7.59 1.15 4.71
C LEU A 48 6.38 1.13 5.65
N ILE A 49 6.11 0.02 6.26
CA ILE A 49 4.95 -0.05 7.21
C ILE A 49 5.46 -0.35 8.63
N ARG A 50 4.83 0.20 9.62
CA ARG A 50 5.27 -0.05 11.02
C ARG A 50 4.22 -0.86 11.78
N ASP A 51 4.64 -1.85 12.52
CA ASP A 51 3.64 -2.67 13.28
C ASP A 51 3.40 -2.07 14.66
N SER A 52 2.17 -1.73 14.96
CA SER A 52 1.88 -1.14 16.30
C SER A 52 2.52 -1.97 17.41
N SER A 53 3.32 -1.35 18.24
CA SER A 53 3.99 -2.12 19.33
C SER A 53 3.02 -2.30 20.51
N ASP A 54 1.78 -1.94 20.34
CA ASP A 54 0.81 -2.10 21.44
C ASP A 54 0.56 -3.57 21.74
N GLN A 55 -0.64 -3.94 22.07
CA GLN A 55 -0.94 -5.37 22.37
C GLN A 55 -1.37 -6.10 21.10
N ARG A 56 -2.12 -5.45 20.25
CA ARG A 56 -2.58 -6.10 18.99
C ARG A 56 -3.29 -5.09 18.10
N HIS A 57 -2.83 -3.87 18.08
CA HIS A 57 -3.49 -2.84 17.23
C HIS A 57 -3.37 -3.20 15.74
N PHE A 58 -2.36 -2.71 15.09
CA PHE A 58 -2.18 -3.03 13.64
C PHE A 58 -0.90 -2.39 13.10
N PHE A 59 -0.80 -2.23 11.81
CA PHE A 59 0.43 -1.61 11.23
C PHE A 59 0.06 -0.42 10.34
N THR A 60 0.95 0.50 10.14
CA THR A 60 0.65 1.68 9.28
C THR A 60 1.73 1.83 8.19
N LEU A 61 1.32 2.13 6.99
CA LEU A 61 2.32 2.29 5.89
C LEU A 61 2.23 3.70 5.30
N SER A 62 3.33 4.41 5.27
CA SER A 62 3.30 5.80 4.71
C SER A 62 4.37 5.93 3.62
N VAL A 63 4.18 6.83 2.70
CA VAL A 63 5.17 7.01 1.60
C VAL A 63 5.70 8.45 1.57
N LYS A 64 6.66 8.71 0.72
CA LYS A 64 7.22 10.09 0.63
C LYS A 64 6.76 10.75 -0.67
N THR A 65 6.13 11.90 -0.57
CA THR A 65 5.65 12.58 -1.81
C THR A 65 6.16 14.03 -1.85
N GLN A 66 6.23 14.61 -3.01
CA GLN A 66 6.71 16.02 -3.11
C GLN A 66 5.70 16.98 -2.49
N SER A 67 4.45 16.58 -2.43
CA SER A 67 3.41 17.46 -1.83
C SER A 67 3.46 17.38 -0.30
N GLY A 68 3.99 16.32 0.23
CA GLY A 68 4.07 16.17 1.70
C GLY A 68 4.07 14.69 2.08
N THR A 69 4.81 14.33 3.09
CA THR A 69 4.83 12.90 3.50
C THR A 69 3.59 12.56 4.32
N LYS A 70 2.71 11.76 3.77
CA LYS A 70 1.47 11.39 4.52
C LYS A 70 1.50 9.90 4.88
N ASN A 71 0.70 9.49 5.84
CA ASN A 71 0.68 8.06 6.24
C ASN A 71 -0.74 7.61 6.51
N LEU A 72 -1.17 6.56 5.87
CA LEU A 72 -2.57 6.06 6.08
C LEU A 72 -2.55 4.80 6.95
N ARG A 73 -3.60 4.56 7.69
CA ARG A 73 -3.63 3.35 8.57
C ARG A 73 -4.88 2.51 8.26
N ILE A 74 -4.76 1.21 8.31
CA ILE A 74 -5.93 0.34 8.03
C ILE A 74 -6.85 0.28 9.25
N GLN A 75 -8.13 0.38 9.04
CA GLN A 75 -9.08 0.33 10.18
C GLN A 75 -9.74 -1.05 10.27
N CYS A 76 -10.01 -1.52 11.45
CA CYS A 76 -10.66 -2.86 11.59
C CYS A 76 -12.11 -2.70 12.05
N GLU A 77 -13.03 -3.31 11.36
CA GLU A 77 -14.46 -3.18 11.76
C GLU A 77 -15.08 -4.58 11.95
N GLY A 78 -15.26 -4.98 13.18
CA GLY A 78 -15.85 -6.33 13.44
C GLY A 78 -14.90 -7.41 12.93
N GLY A 79 -14.78 -7.55 11.64
CA GLY A 79 -13.86 -8.59 11.09
C GLY A 79 -13.41 -8.17 9.69
N SER A 80 -13.44 -6.90 9.40
CA SER A 80 -13.01 -6.43 8.05
C SER A 80 -11.95 -5.34 8.19
N PHE A 81 -11.24 -5.06 7.14
CA PHE A 81 -10.18 -4.00 7.21
C PHE A 81 -10.48 -2.88 6.22
N SER A 82 -9.93 -1.71 6.46
CA SER A 82 -10.17 -0.57 5.53
C SER A 82 -9.02 0.44 5.63
N LEU A 83 -8.58 0.97 4.52
CA LEU A 83 -7.46 1.95 4.54
C LEU A 83 -7.86 3.23 3.81
N GLN A 84 -8.88 3.16 2.99
CA GLN A 84 -9.32 4.38 2.24
C GLN A 84 -10.29 5.20 3.09
N SER A 85 -11.22 5.86 2.45
CA SER A 85 -12.20 6.68 3.23
C SER A 85 -13.57 6.63 2.56
N ASP A 86 -14.57 6.17 3.27
CA ASP A 86 -15.94 6.10 2.67
C ASP A 86 -16.87 7.09 3.36
N PRO A 87 -17.35 8.04 2.59
CA PRO A 87 -18.27 9.06 3.15
C PRO A 87 -19.65 8.46 3.41
N ARG A 88 -20.17 7.69 2.49
CA ARG A 88 -21.51 7.08 2.69
C ARG A 88 -21.52 6.27 3.99
N SER A 89 -20.52 5.46 4.21
CA SER A 89 -20.48 4.65 5.45
C SER A 89 -19.17 3.85 5.52
N THR A 90 -18.86 3.31 6.67
CA THR A 90 -17.60 2.52 6.80
C THR A 90 -17.44 1.57 5.61
N GLN A 91 -18.51 0.94 5.21
CA GLN A 91 -18.42 -0.01 4.06
C GLN A 91 -17.16 -0.85 4.17
N PRO A 92 -17.26 -1.92 4.92
CA PRO A 92 -16.11 -2.84 5.12
C PRO A 92 -15.84 -3.65 3.85
N VAL A 93 -15.08 -4.71 3.96
CA VAL A 93 -14.78 -5.54 2.76
C VAL A 93 -15.03 -7.01 3.07
N PRO A 94 -15.32 -7.76 2.03
CA PRO A 94 -15.58 -9.21 2.19
C PRO A 94 -14.27 -9.97 2.47
N ARG A 95 -14.30 -10.87 3.42
CA ARG A 95 -13.06 -11.65 3.73
C ARG A 95 -11.93 -10.71 4.15
N PHE A 96 -12.20 -9.80 5.07
CA PHE A 96 -11.13 -8.87 5.53
C PHE A 96 -10.21 -8.49 4.37
N ASP A 97 -10.72 -8.43 3.17
CA ASP A 97 -9.85 -8.07 2.02
C ASP A 97 -9.51 -6.59 2.09
N CYS A 98 -8.28 -6.28 2.38
CA CYS A 98 -7.85 -4.86 2.47
C CYS A 98 -6.34 -4.78 2.70
N VAL A 99 -5.88 -5.05 3.89
CA VAL A 99 -4.42 -4.98 4.16
C VAL A 99 -3.64 -5.76 3.10
N LEU A 100 -4.01 -6.99 2.86
CA LEU A 100 -3.28 -7.79 1.84
C LEU A 100 -3.49 -7.16 0.46
N LYS A 101 -4.71 -6.84 0.13
CA LYS A 101 -4.99 -6.20 -1.18
C LYS A 101 -4.36 -4.80 -1.20
N LEU A 102 -4.29 -4.17 -0.06
CA LEU A 102 -3.70 -2.81 0.03
C LEU A 102 -2.24 -2.81 -0.44
N VAL A 103 -1.53 -3.87 -0.21
CA VAL A 103 -0.10 -3.91 -0.65
C VAL A 103 -0.01 -3.53 -2.12
N HIS A 104 -0.95 -3.95 -2.93
CA HIS A 104 -0.89 -3.58 -4.37
C HIS A 104 -0.86 -2.05 -4.49
N HIS A 105 -1.79 -1.38 -3.86
CA HIS A 105 -1.80 0.11 -3.94
C HIS A 105 -0.76 0.70 -2.97
N TYR A 106 -0.64 0.12 -1.79
CA TYR A 106 0.35 0.65 -0.80
C TYR A 106 1.77 0.46 -1.35
N MET A 107 1.93 -0.46 -2.26
CA MET A 107 3.28 -0.72 -2.85
C MET A 107 3.27 -2.05 -3.62
N PRO A 108 2.93 -1.96 -4.88
CA PRO A 108 2.89 -3.18 -5.73
C PRO A 108 4.31 -3.62 -6.11
N PRO A 109 4.57 -4.88 -5.90
CA PRO A 109 5.90 -5.44 -6.22
C PRO A 109 6.12 -5.57 -7.75
N PRO A 110 5.06 -5.77 -8.50
CA PRO A 110 5.22 -5.91 -9.97
C PRO A 110 5.48 -4.55 -10.62
N GLY A 111 6.21 -4.51 -11.69
CA GLY A 111 6.50 -3.21 -12.36
C GLY A 111 5.60 -3.06 -13.60
N THR A 112 4.83 -2.01 -13.65
CA THR A 112 3.93 -1.81 -14.83
C THR A 112 4.68 -2.11 -16.13
N PRO A 113 4.33 -3.22 -16.73
CA PRO A 113 4.97 -3.63 -18.00
C PRO A 113 4.50 -2.74 -19.16
N SER A 114 4.89 -3.06 -20.36
CA SER A 114 4.46 -2.24 -21.52
C SER A 114 4.90 -0.79 -21.34
N PHE A 115 4.34 0.12 -22.09
CA PHE A 115 4.73 1.55 -21.96
C PHE A 115 3.50 2.42 -21.72
N SER A 116 2.44 1.84 -21.23
CA SER A 116 1.20 2.64 -20.96
C SER A 116 1.25 3.23 -19.55
N LEU A 117 0.14 3.71 -19.06
CA LEU A 117 0.13 4.31 -17.70
C LEU A 117 1.27 5.31 -17.54
N PRO A 118 1.02 6.52 -17.94
CA PRO A 118 2.04 7.59 -17.85
C PRO A 118 2.22 8.03 -16.40
N PRO A 119 3.44 7.98 -15.94
CA PRO A 119 3.75 8.37 -14.55
C PRO A 119 3.67 9.90 -14.40
N THR A 120 3.48 10.60 -15.48
CA THR A 120 3.40 12.09 -15.41
C THR A 120 2.35 12.50 -14.37
N GLU A 121 2.74 13.30 -13.41
CA GLU A 121 1.77 13.74 -12.37
C GLU A 121 0.73 14.69 -12.98
N PRO A 122 1.23 15.76 -13.55
CA PRO A 122 0.34 16.77 -14.18
C PRO A 122 -0.24 16.22 -15.50
N SER A 123 -1.43 16.62 -15.84
CA SER A 123 -2.04 16.13 -17.10
C SER A 123 -1.28 16.69 -18.31
N SER A 124 -1.24 15.96 -19.40
CA SER A 124 -0.52 16.45 -20.60
C SER A 124 -1.02 15.73 -21.85
N GLU A 125 -0.98 16.38 -22.98
CA GLU A 125 -1.46 15.73 -24.24
C GLU A 125 -2.90 15.26 -24.06
N VAL A 126 -3.64 15.86 -23.17
CA VAL A 126 -5.05 15.43 -22.96
C VAL A 126 -6.00 16.32 -23.76
N PRO A 127 -6.78 15.70 -24.60
CA PRO A 127 -7.75 16.45 -25.44
C PRO A 127 -8.92 16.95 -24.59
N GLU A 128 -9.96 16.16 -24.47
CA GLU A 128 -11.13 16.59 -23.65
C GLU A 128 -11.60 15.45 -22.76
N GLN A 129 -11.57 14.24 -23.25
CA GLN A 129 -12.02 13.08 -22.43
C GLN A 129 -10.83 12.20 -22.06
N PRO A 130 -10.87 11.66 -20.87
CA PRO A 130 -9.78 10.78 -20.39
C PRO A 130 -9.84 9.43 -21.08
N PRO A 131 -8.85 8.62 -20.82
CA PRO A 131 -8.76 7.27 -21.42
C PRO A 131 -9.80 6.34 -20.78
N ALA A 132 -10.26 6.67 -19.61
CA ALA A 132 -11.26 5.80 -18.93
C ALA A 132 -12.67 6.09 -19.48
N GLN A 133 -13.45 5.05 -19.69
CA GLN A 133 -14.82 5.27 -20.24
C GLN A 133 -15.64 3.97 -20.13
N ALA A 134 -15.04 2.87 -20.47
CA ALA A 134 -15.79 1.57 -20.39
C ALA A 134 -15.32 0.77 -19.17
N LEU A 135 -16.08 0.80 -18.12
CA LEU A 135 -15.69 0.05 -16.89
C LEU A 135 -16.86 0.01 -15.90
N PRO A 136 -17.21 -1.19 -15.50
CA PRO A 136 -18.32 -1.38 -14.53
C PRO A 136 -17.90 -0.93 -13.13
N GLY A 137 -16.86 -1.52 -12.60
CA GLY A 137 -16.40 -1.14 -11.24
C GLY A 137 -15.41 0.03 -11.35
N SER A 138 -14.30 -0.05 -10.65
CA SER A 138 -13.31 1.05 -10.72
C SER A 138 -12.00 0.54 -11.33
N THR A 139 -11.74 0.86 -12.57
CA THR A 139 -10.49 0.39 -13.22
C THR A 139 -9.28 1.08 -12.58
N PRO A 140 -9.31 2.39 -12.55
CA PRO A 140 -8.20 3.17 -11.96
C PRO A 140 -8.20 3.02 -10.44
N LYS A 141 -7.28 2.27 -9.90
CA LYS A 141 -7.23 2.08 -8.42
C LYS A 141 -5.78 1.95 -7.95
N ARG A 142 -5.00 1.15 -8.61
CA ARG A 142 -3.58 0.98 -8.21
C ARG A 142 -2.82 2.31 -8.36
N ALA A 143 -2.53 2.95 -7.25
CA ALA A 143 -1.80 4.26 -7.33
C ALA A 143 -1.85 4.94 -5.97
N TYR A 144 -0.72 5.19 -5.36
CA TYR A 144 -0.77 5.87 -4.04
C TYR A 144 -0.41 7.34 -4.21
N TYR A 145 -1.28 8.21 -3.80
CA TYR A 145 -0.99 9.66 -3.94
C TYR A 145 -1.81 10.45 -2.92
N ILE A 146 -1.49 11.70 -2.72
CA ILE A 146 -2.24 12.49 -1.70
C ILE A 146 -2.92 13.70 -2.32
N TYR A 147 -4.03 14.10 -1.78
CA TYR A 147 -4.77 15.28 -2.32
C TYR A 147 -4.18 16.58 -1.74
N SER A 148 -3.48 17.33 -2.54
CA SER A 148 -2.88 18.59 -2.04
C SER A 148 -3.98 19.61 -1.70
N GLY A 149 -4.89 19.24 -0.84
CA GLY A 149 -5.98 20.19 -0.46
C GLY A 149 -6.90 20.44 -1.66
N GLY A 150 -7.83 19.55 -1.90
CA GLY A 150 -8.77 19.75 -3.05
C GLY A 150 -8.08 19.34 -4.36
N GLU A 151 -6.81 19.07 -4.32
CA GLU A 151 -6.09 18.66 -5.57
C GLU A 151 -5.49 17.26 -5.39
N LYS A 152 -5.86 16.33 -6.23
CA LYS A 152 -5.31 14.96 -6.09
C LYS A 152 -4.02 14.81 -6.91
N ILE A 153 -2.89 14.79 -6.24
CA ILE A 153 -1.60 14.62 -6.96
C ILE A 153 -1.22 13.14 -6.93
N PRO A 154 -1.28 12.53 -8.08
CA PRO A 154 -0.97 11.08 -8.17
C PRO A 154 0.52 10.80 -8.00
N LEU A 155 0.83 9.88 -7.13
CA LEU A 155 2.25 9.49 -6.88
C LEU A 155 2.37 7.98 -7.06
N VAL A 156 3.38 7.51 -7.72
CA VAL A 156 3.51 6.04 -7.89
C VAL A 156 4.46 5.46 -6.84
N LEU A 157 3.96 4.62 -5.97
CA LEU A 157 4.84 4.03 -4.92
C LEU A 157 4.95 2.51 -5.12
N SER A 158 6.12 2.03 -5.43
CA SER A 158 6.30 0.57 -5.62
C SER A 158 7.75 0.16 -5.36
N ARG A 159 8.35 0.72 -4.34
CA ARG A 159 9.77 0.37 -4.03
C ARG A 159 9.90 -0.10 -2.58
N PRO A 160 10.45 -1.27 -2.41
CA PRO A 160 10.63 -1.84 -1.05
C PRO A 160 11.78 -1.12 -0.32
N LEU A 161 11.68 -1.01 0.98
CA LEU A 161 12.76 -0.32 1.75
C LEU A 161 13.97 -1.24 1.89
N SER A 162 15.15 -0.68 2.00
CA SER A 162 16.37 -1.53 2.14
C SER A 162 16.44 -2.12 3.54
N SER A 163 16.24 -3.41 3.66
CA SER A 163 16.29 -4.04 5.01
C SER A 163 16.24 -5.57 4.87
N ASN A 164 17.37 -6.22 4.90
CA ASN A 164 17.38 -7.70 4.76
C ASN A 164 16.62 -8.34 5.91
N SER B 1 -1.24 18.02 17.61
CA SER B 1 -0.03 17.53 18.35
C SER B 1 -0.42 17.01 19.73
N THR B 2 -1.59 16.42 19.84
CA THR B 2 -2.03 15.89 21.17
C THR B 2 -1.12 14.75 21.61
N ALA B 3 -0.08 15.07 22.35
CA ALA B 3 0.85 13.99 22.81
C ALA B 3 1.25 13.09 21.65
N SER B 4 1.89 13.64 20.65
CA SER B 4 2.31 12.81 19.49
C SER B 4 1.08 12.19 18.82
N THR B 5 1.00 12.28 17.51
CA THR B 5 -0.16 11.69 16.80
C THR B 5 0.10 11.64 15.29
N VAL B 6 -0.66 10.88 14.57
CA VAL B 6 -0.44 10.78 13.09
C VAL B 6 -1.77 10.92 12.35
N GLU B 7 -1.82 11.71 11.31
CA GLU B 7 -3.08 11.88 10.55
C GLU B 7 -3.26 10.73 9.56
N SER B 9 -4.87 10.38 5.51
CA SER B 9 -5.69 10.87 4.36
C SER B 9 -6.18 9.68 3.53
N THR B 10 -6.15 9.80 2.23
CA THR B 10 -6.62 8.68 1.36
C THR B 10 -5.84 8.66 0.04
N VAL B 11 -6.05 7.66 -0.77
CA VAL B 11 -5.31 7.59 -2.07
C VAL B 11 -6.28 7.22 -3.20
N VAL B 12 -6.05 7.73 -4.38
CA VAL B 12 -6.93 7.40 -5.54
C VAL B 12 -8.30 6.89 -5.07
N HIS B 13 -9.26 7.77 -4.95
CA HIS B 13 -10.61 7.33 -4.49
C HIS B 13 -11.52 7.05 -5.69
N SER B 14 -12.00 8.08 -6.33
CA SER B 14 -12.89 7.87 -7.51
C SER B 14 -13.29 9.22 -8.12
N GLY B 15 -12.50 9.72 -9.04
CA GLY B 15 -12.82 11.03 -9.67
C GLY B 15 -11.70 11.43 -10.63
N GLU A 9 -10.31 -6.99 13.22
CA GLU A 9 -9.46 -6.03 12.45
C GLU A 9 -7.98 -6.37 12.63
N TYR A 10 -7.55 -6.58 13.85
CA TYR A 10 -6.12 -6.91 14.09
C TYR A 10 -5.78 -8.26 13.44
N GLN A 11 -6.71 -9.18 13.46
CA GLN A 11 -6.43 -10.51 12.85
C GLN A 11 -5.98 -10.34 11.38
N LEU A 12 -6.60 -9.45 10.66
CA LEU A 12 -6.20 -9.24 9.25
C LEU A 12 -4.79 -8.67 9.17
N VAL A 13 -4.51 -7.66 9.95
CA VAL A 13 -3.13 -7.06 9.94
C VAL A 13 -2.11 -8.07 10.45
N VAL A 14 -2.41 -8.73 11.53
CA VAL A 14 -1.45 -9.74 12.07
C VAL A 14 -1.16 -10.82 11.02
N ASN A 15 -2.19 -11.37 10.44
CA ASN A 15 -1.97 -12.43 9.40
C ASN A 15 -1.12 -11.86 8.26
N ALA A 16 -1.35 -10.63 7.90
CA ALA A 16 -0.56 -10.02 6.79
C ALA A 16 0.83 -9.65 7.28
N VAL A 17 0.92 -9.05 8.44
CA VAL A 17 2.24 -8.67 8.99
C VAL A 17 3.11 -9.93 9.10
N ARG A 18 2.53 -11.01 9.51
CA ARG A 18 3.30 -12.28 9.65
C ARG A 18 3.96 -12.63 8.31
N LYS A 19 3.26 -12.46 7.23
CA LYS A 19 3.85 -12.76 5.89
C LYS A 19 4.80 -11.65 5.47
N LEU A 20 4.41 -10.42 5.64
CA LEU A 20 5.30 -9.29 5.24
C LEU A 20 6.58 -9.33 6.08
N GLN A 21 6.46 -9.55 7.36
CA GLN A 21 7.68 -9.60 8.23
C GLN A 21 8.51 -10.84 7.89
N GLU A 22 7.88 -11.92 7.52
CA GLU A 22 8.63 -13.16 7.19
C GLU A 22 9.63 -12.90 6.06
N SER A 23 9.22 -12.21 5.03
CA SER A 23 10.15 -11.93 3.90
C SER A 23 11.39 -11.21 4.42
N GLY A 24 11.25 -10.33 5.36
CA GLY A 24 12.43 -9.61 5.92
C GLY A 24 12.43 -8.16 5.42
N PHE A 25 11.27 -7.57 5.28
CA PHE A 25 11.21 -6.16 4.80
C PHE A 25 10.16 -5.37 5.58
N TYR A 26 9.65 -5.94 6.64
CA TYR A 26 8.62 -5.23 7.45
C TYR A 26 9.29 -4.41 8.56
N TRP A 27 9.14 -3.13 8.54
CA TRP A 27 9.76 -2.28 9.59
C TRP A 27 8.90 -2.27 10.84
N SER A 28 9.51 -2.29 12.00
CA SER A 28 8.72 -2.28 13.26
C SER A 28 9.61 -1.89 14.44
N ALA A 29 9.43 -0.70 14.96
CA ALA A 29 10.27 -0.25 16.12
C ALA A 29 10.25 1.28 16.24
N VAL A 30 9.58 1.96 15.34
CA VAL A 30 9.53 3.44 15.42
C VAL A 30 8.14 3.91 15.85
N THR A 31 7.78 5.12 15.54
CA THR A 31 6.44 5.62 15.94
C THR A 31 5.43 5.43 14.80
N GLY A 32 4.19 5.75 15.03
CA GLY A 32 3.17 5.60 13.95
C GLY A 32 3.69 6.21 12.66
N GLY A 33 3.50 7.48 12.47
CA GLY A 33 3.99 8.15 11.23
C GLY A 33 5.50 8.36 11.30
N GLU A 34 6.02 8.57 12.47
CA GLU A 34 7.49 8.79 12.59
C GLU A 34 8.25 7.59 12.05
N ALA A 35 7.64 6.44 12.07
CA ALA A 35 8.33 5.23 11.56
C ALA A 35 8.37 5.29 10.03
N ASN A 36 7.24 5.53 9.41
CA ASN A 36 7.22 5.60 7.92
C ASN A 36 7.94 6.86 7.43
N LEU A 37 7.67 7.98 8.06
CA LEU A 37 8.33 9.25 7.64
C LEU A 37 9.85 9.16 7.77
N LEU A 38 10.34 8.40 8.71
CA LEU A 38 11.82 8.29 8.86
C LEU A 38 12.44 7.83 7.54
N LEU A 39 11.71 7.07 6.78
CA LEU A 39 12.25 6.63 5.47
C LEU A 39 12.29 7.85 4.54
N SER A 40 11.35 8.73 4.69
CA SER A 40 11.32 9.96 3.85
C SER A 40 12.47 10.90 4.23
N ALA A 41 12.83 10.91 5.49
CA ALA A 41 13.92 11.82 5.94
C ALA A 41 15.30 11.22 5.63
N GLU A 42 15.38 9.93 5.44
CA GLU A 42 16.71 9.32 5.13
C GLU A 42 16.65 8.58 3.77
N PRO A 43 16.11 7.39 3.75
CA PRO A 43 16.02 6.64 2.48
C PRO A 43 14.89 7.22 1.61
N ALA A 44 14.93 8.49 1.34
CA ALA A 44 13.87 9.12 0.51
C ALA A 44 13.71 8.37 -0.81
N GLY A 45 12.50 8.23 -1.28
CA GLY A 45 12.26 7.51 -2.56
C GLY A 45 11.98 6.03 -2.26
N THR A 46 11.69 5.73 -1.04
CA THR A 46 11.42 4.31 -0.65
C THR A 46 10.25 4.25 0.33
N PHE A 47 9.48 3.19 0.31
CA PHE A 47 8.32 3.10 1.24
C PHE A 47 8.44 1.86 2.12
N LEU A 48 7.93 1.93 3.32
CA LEU A 48 8.00 0.78 4.26
C LEU A 48 6.80 0.80 5.20
N ILE A 49 6.49 -0.31 5.82
CA ILE A 49 5.31 -0.33 6.73
C ILE A 49 5.76 -0.54 8.19
N ARG A 50 5.06 0.05 9.11
CA ARG A 50 5.42 -0.10 10.56
C ARG A 50 4.32 -0.89 11.27
N ASP A 51 4.67 -1.61 12.30
CA ASP A 51 3.64 -2.41 13.03
C ASP A 51 3.09 -1.62 14.22
N SER A 52 1.79 -1.60 14.38
CA SER A 52 1.18 -0.87 15.52
C SER A 52 1.24 0.65 15.28
N SER A 53 0.16 1.33 15.54
CA SER A 53 0.13 2.80 15.34
C SER A 53 -0.84 3.45 16.34
N ASP A 54 -1.99 2.86 16.50
CA ASP A 54 -2.98 3.43 17.46
C ASP A 54 -3.53 2.32 18.36
N GLN A 55 -4.74 2.48 18.85
CA GLN A 55 -5.33 1.42 19.73
C GLN A 55 -6.12 0.43 18.89
N ARG A 56 -6.19 0.64 17.60
CA ARG A 56 -6.95 -0.29 16.72
C ARG A 56 -6.12 -1.54 16.44
N HIS A 57 -4.85 -1.50 16.71
CA HIS A 57 -3.98 -2.68 16.45
C HIS A 57 -3.84 -2.93 14.95
N PHE A 58 -2.77 -2.48 14.36
CA PHE A 58 -2.58 -2.70 12.89
C PHE A 58 -1.24 -2.10 12.45
N PHE A 59 -0.95 -2.15 11.17
CA PHE A 59 0.34 -1.57 10.69
C PHE A 59 0.07 -0.39 9.76
N THR A 60 1.01 0.52 9.64
CA THR A 60 0.81 1.69 8.75
C THR A 60 1.97 1.80 7.76
N LEU A 61 1.73 2.34 6.59
CA LEU A 61 2.83 2.46 5.60
C LEU A 61 2.77 3.80 4.88
N SER A 62 3.88 4.48 4.80
CA SER A 62 3.92 5.81 4.10
C SER A 62 5.21 5.94 3.29
N VAL A 63 5.20 6.73 2.25
CA VAL A 63 6.43 6.89 1.43
C VAL A 63 6.77 8.38 1.24
N LYS A 64 7.88 8.66 0.63
CA LYS A 64 8.27 10.08 0.41
C LYS A 64 8.23 10.41 -1.09
N THR A 65 7.74 11.57 -1.44
CA THR A 65 7.67 11.94 -2.88
C THR A 65 7.54 13.46 -3.03
N GLN A 66 8.07 14.02 -4.09
CA GLN A 66 7.97 15.49 -4.29
C GLN A 66 6.56 15.98 -3.91
N SER A 67 5.58 15.14 -4.03
CA SER A 67 4.19 15.55 -3.69
C SER A 67 4.08 15.81 -2.19
N GLY A 68 4.46 14.86 -1.38
CA GLY A 68 4.38 15.05 0.10
C GLY A 68 4.37 13.70 0.80
N THR A 69 4.93 13.61 1.97
CA THR A 69 4.96 12.32 2.70
C THR A 69 3.64 12.12 3.46
N LYS A 70 3.01 10.99 3.29
CA LYS A 70 1.73 10.74 4.01
C LYS A 70 1.65 9.27 4.45
N ASN A 71 1.13 9.03 5.62
CA ASN A 71 1.03 7.62 6.11
C ASN A 71 -0.44 7.18 6.16
N LEU A 72 -0.71 5.96 5.80
CA LEU A 72 -2.13 5.48 5.82
C LEU A 72 -2.22 4.06 6.39
N ARG A 73 -3.34 3.73 6.97
CA ARG A 73 -3.50 2.37 7.56
C ARG A 73 -4.69 1.66 6.89
N ILE A 74 -4.79 0.37 7.05
CA ILE A 74 -5.92 -0.36 6.43
C ILE A 74 -7.20 -0.17 7.24
N GLN A 75 -8.28 0.17 6.60
CA GLN A 75 -9.56 0.38 7.34
C GLN A 75 -10.44 -0.88 7.25
N CYS A 76 -11.09 -1.24 8.31
CA CYS A 76 -11.95 -2.46 8.28
C CYS A 76 -13.39 -2.07 7.92
N GLU A 77 -13.95 -2.73 6.94
CA GLU A 77 -15.35 -2.40 6.53
C GLU A 77 -16.17 -3.69 6.38
N GLY A 78 -17.03 -3.97 7.32
CA GLY A 78 -17.86 -5.20 7.23
C GLY A 78 -16.96 -6.42 7.04
N GLY A 79 -16.15 -6.73 8.02
CA GLY A 79 -15.25 -7.92 7.89
C GLY A 79 -14.46 -7.81 6.59
N SER A 80 -14.28 -6.62 6.08
CA SER A 80 -13.50 -6.46 4.82
C SER A 80 -12.35 -5.49 5.03
N PHE A 81 -11.34 -5.56 4.21
CA PHE A 81 -10.18 -4.63 4.38
C PHE A 81 -9.93 -3.86 3.08
N SER A 82 -9.83 -2.56 3.16
CA SER A 82 -9.60 -1.75 1.92
C SER A 82 -8.90 -0.45 2.27
N LEU A 83 -7.95 -0.04 1.47
CA LEU A 83 -7.22 1.24 1.75
C LEU A 83 -7.48 2.23 0.62
N GLN A 84 -7.93 1.76 -0.51
CA GLN A 84 -8.20 2.68 -1.65
C GLN A 84 -8.76 1.89 -2.84
N SER A 85 -9.71 2.44 -3.54
CA SER A 85 -10.29 1.71 -4.71
C SER A 85 -10.92 0.40 -4.25
N ASP A 86 -12.05 0.05 -4.80
CA ASP A 86 -12.72 -1.22 -4.39
C ASP A 86 -12.88 -2.15 -5.60
N PRO A 87 -12.17 -3.25 -5.56
CA PRO A 87 -12.24 -4.23 -6.67
C PRO A 87 -13.57 -4.98 -6.64
N ARG A 88 -14.67 -4.28 -6.72
CA ARG A 88 -15.99 -4.94 -6.69
C ARG A 88 -16.44 -5.29 -8.11
N SER A 89 -15.52 -5.36 -9.04
CA SER A 89 -15.90 -5.70 -10.44
C SER A 89 -15.28 -7.03 -10.85
N THR A 90 -16.04 -7.89 -11.48
CA THR A 90 -15.49 -9.21 -11.91
C THR A 90 -14.61 -9.80 -10.81
N GLN A 91 -15.02 -9.68 -9.58
CA GLN A 91 -14.20 -10.25 -8.47
C GLN A 91 -15.09 -11.03 -7.49
N PRO A 92 -14.48 -11.61 -6.51
CA PRO A 92 -15.22 -12.40 -5.49
C PRO A 92 -15.99 -11.45 -4.56
N VAL A 93 -15.31 -10.55 -3.91
CA VAL A 93 -16.00 -9.61 -2.99
C VAL A 93 -15.33 -8.23 -3.04
N PRO A 94 -16.10 -7.23 -2.75
CA PRO A 94 -15.58 -5.83 -2.76
C PRO A 94 -14.66 -5.61 -1.55
N ARG A 95 -13.71 -4.71 -1.67
CA ARG A 95 -12.78 -4.43 -0.55
C ARG A 95 -11.75 -5.56 -0.42
N PHE A 96 -12.17 -6.79 -0.55
CA PHE A 96 -11.21 -7.93 -0.43
C PHE A 96 -10.77 -8.09 1.03
N ASP A 97 -11.29 -9.06 1.71
CA ASP A 97 -10.88 -9.26 3.13
C ASP A 97 -9.46 -9.83 3.18
N CYS A 98 -8.53 -9.03 3.61
CA CYS A 98 -7.09 -9.47 3.70
C CYS A 98 -6.18 -8.25 3.48
N VAL A 99 -5.35 -7.95 4.43
CA VAL A 99 -4.43 -6.77 4.28
C VAL A 99 -3.71 -6.83 2.92
N LEU A 100 -3.56 -8.01 2.37
CA LEU A 100 -2.86 -8.14 1.07
C LEU A 100 -3.53 -7.25 0.01
N LYS A 101 -4.83 -7.15 0.03
CA LYS A 101 -5.52 -6.30 -0.98
C LYS A 101 -5.02 -4.85 -0.88
N LEU A 102 -4.82 -4.36 0.32
CA LEU A 102 -4.34 -2.96 0.48
C LEU A 102 -2.89 -2.85 -0.02
N VAL A 103 -2.09 -3.86 0.17
CA VAL A 103 -0.68 -3.79 -0.29
C VAL A 103 -0.62 -3.47 -1.79
N HIS A 104 -1.53 -4.00 -2.55
CA HIS A 104 -1.53 -3.72 -4.02
C HIS A 104 -1.53 -2.21 -4.27
N HIS A 105 -2.21 -1.45 -3.46
CA HIS A 105 -2.26 0.02 -3.66
C HIS A 105 -0.97 0.67 -3.16
N TYR A 106 -0.48 0.24 -2.03
CA TYR A 106 0.78 0.84 -1.50
C TYR A 106 1.95 0.54 -2.44
N MET A 107 1.83 -0.48 -3.24
CA MET A 107 2.94 -0.83 -4.17
C MET A 107 2.42 -0.88 -5.61
N PRO A 108 3.34 -0.86 -6.54
CA PRO A 108 2.98 -0.90 -7.97
C PRO A 108 2.52 -2.31 -8.36
N PRO A 109 2.07 -2.44 -9.58
CA PRO A 109 1.59 -3.74 -10.09
C PRO A 109 2.76 -4.70 -10.30
N PRO A 110 2.44 -5.94 -10.49
CA PRO A 110 3.48 -6.98 -10.72
C PRO A 110 4.09 -6.83 -12.11
N GLY A 111 5.29 -6.36 -12.20
CA GLY A 111 5.95 -6.21 -13.53
C GLY A 111 7.30 -6.90 -13.53
N THR A 112 7.65 -7.54 -12.44
CA THR A 112 8.97 -8.25 -12.37
C THR A 112 8.78 -9.67 -11.87
N PRO A 113 9.72 -10.51 -12.19
CA PRO A 113 9.66 -11.93 -11.77
C PRO A 113 9.94 -12.06 -10.26
N SER A 114 11.16 -11.88 -9.86
CA SER A 114 11.49 -11.99 -8.41
C SER A 114 10.79 -13.21 -7.80
N PHE A 115 10.37 -13.10 -6.57
CA PHE A 115 9.68 -14.25 -5.91
C PHE A 115 8.44 -13.77 -5.16
N SER A 116 7.28 -13.95 -5.72
CA SER A 116 6.04 -13.49 -5.02
C SER A 116 4.91 -14.52 -5.23
N LEU A 117 3.79 -14.29 -4.63
CA LEU A 117 2.65 -15.26 -4.79
C LEU A 117 3.12 -16.68 -4.46
N PRO A 118 2.98 -17.04 -3.22
CA PRO A 118 3.38 -18.39 -2.76
C PRO A 118 2.40 -19.44 -3.27
N PRO A 119 2.92 -20.61 -3.52
CA PRO A 119 2.09 -21.74 -4.01
C PRO A 119 1.19 -22.27 -2.90
N THR A 120 0.11 -21.59 -2.61
CA THR A 120 -0.80 -22.07 -1.53
C THR A 120 -2.16 -21.39 -1.64
N GLU A 121 -3.20 -22.03 -1.20
CA GLU A 121 -4.56 -21.41 -1.29
C GLU A 121 -4.94 -21.19 -2.75
N PRO A 122 -6.18 -21.46 -3.05
CA PRO A 122 -6.69 -21.28 -4.43
C PRO A 122 -6.86 -19.80 -4.76
N SER A 123 -6.13 -19.30 -5.72
CA SER A 123 -6.25 -17.86 -6.07
C SER A 123 -6.65 -17.71 -7.55
N SER A 124 -7.31 -16.65 -7.89
CA SER A 124 -7.73 -16.44 -9.31
C SER A 124 -8.58 -17.63 -9.78
N GLU A 125 -7.95 -18.67 -10.25
CA GLU A 125 -8.73 -19.85 -10.73
C GLU A 125 -7.85 -21.11 -10.70
N VAL A 126 -8.40 -22.22 -10.26
CA VAL A 126 -7.58 -23.47 -10.20
C VAL A 126 -6.82 -23.66 -11.51
N PRO A 127 -5.54 -23.40 -11.44
CA PRO A 127 -4.67 -23.54 -12.63
C PRO A 127 -4.44 -25.02 -12.96
N GLU A 128 -4.58 -25.40 -14.20
CA GLU A 128 -4.37 -26.82 -14.57
C GLU A 128 -3.08 -26.97 -15.39
N GLN A 129 -2.90 -28.09 -16.04
CA GLN A 129 -1.66 -28.28 -16.85
C GLN A 129 -1.62 -27.27 -18.00
N PRO A 130 -2.65 -27.30 -18.80
CA PRO A 130 -2.73 -26.37 -19.96
C PRO A 130 -3.02 -24.95 -19.48
N PRO A 131 -2.99 -24.03 -20.41
CA PRO A 131 -3.25 -22.60 -20.09
C PRO A 131 -4.74 -22.39 -19.80
N ALA A 132 -5.07 -21.36 -19.07
CA ALA A 132 -6.51 -21.09 -18.76
C ALA A 132 -6.64 -19.86 -17.87
N GLN A 133 -5.65 -19.60 -17.06
CA GLN A 133 -5.72 -18.40 -16.15
C GLN A 133 -5.85 -17.13 -16.99
N ALA A 134 -5.58 -17.21 -18.26
CA ALA A 134 -5.69 -16.00 -19.13
C ALA A 134 -4.62 -14.96 -18.73
N LEU A 135 -3.56 -15.41 -18.12
CA LEU A 135 -2.49 -14.46 -17.71
C LEU A 135 -3.02 -13.48 -16.65
N PRO A 136 -2.27 -13.34 -15.59
CA PRO A 136 -2.67 -12.43 -14.49
C PRO A 136 -2.49 -10.97 -14.91
N GLY A 137 -1.89 -10.74 -16.06
CA GLY A 137 -1.69 -9.34 -16.52
C GLY A 137 -3.05 -8.62 -16.59
N SER A 138 -3.46 -8.00 -15.51
CA SER A 138 -4.77 -7.29 -15.51
C SER A 138 -4.75 -6.17 -14.48
N THR A 139 -3.93 -5.18 -14.68
CA THR A 139 -3.87 -4.04 -13.71
C THR A 139 -5.20 -3.30 -13.68
N PRO A 140 -5.75 -3.17 -12.50
CA PRO A 140 -7.04 -2.46 -12.33
C PRO A 140 -6.85 -0.95 -12.48
N LYS A 141 -6.10 -0.34 -11.60
CA LYS A 141 -5.88 1.13 -11.70
C LYS A 141 -4.93 1.60 -10.59
N ARG A 142 -3.69 1.19 -10.64
CA ARG A 142 -2.72 1.62 -9.60
C ARG A 142 -2.61 3.15 -9.57
N ALA A 143 -2.66 3.74 -8.40
CA ALA A 143 -2.55 5.22 -8.30
C ALA A 143 -3.01 5.69 -6.93
N TYR A 144 -2.15 5.64 -5.95
CA TYR A 144 -2.56 6.10 -4.59
C TYR A 144 -1.96 7.49 -4.32
N TYR A 145 -2.78 8.43 -3.97
CA TYR A 145 -2.26 9.80 -3.71
C TYR A 145 -3.18 10.55 -2.74
N ILE A 146 -2.73 11.65 -2.22
CA ILE A 146 -3.55 12.39 -1.23
C ILE A 146 -4.24 13.59 -1.87
N TYR A 147 -5.38 13.93 -1.37
CA TYR A 147 -6.15 15.08 -1.93
C TYR A 147 -5.94 16.34 -1.09
N SER A 148 -5.65 17.44 -1.73
CA SER A 148 -5.44 18.71 -0.99
C SER A 148 -6.72 19.54 -0.97
N GLY A 149 -7.83 18.94 -0.64
CA GLY A 149 -9.11 19.70 -0.61
C GLY A 149 -9.33 20.39 -1.96
N GLY A 150 -9.85 19.67 -2.93
CA GLY A 150 -10.08 20.29 -4.26
C GLY A 150 -8.89 20.01 -5.17
N GLU A 151 -7.75 19.72 -4.61
CA GLU A 151 -6.55 19.44 -5.44
C GLU A 151 -6.07 18.00 -5.22
N LYS A 152 -6.01 17.22 -6.26
CA LYS A 152 -5.55 15.81 -6.10
C LYS A 152 -4.04 15.70 -6.31
N ILE A 153 -3.31 15.54 -5.26
CA ILE A 153 -1.83 15.41 -5.39
C ILE A 153 -1.49 13.94 -5.61
N PRO A 154 -1.09 13.62 -6.81
CA PRO A 154 -0.78 12.23 -7.16
C PRO A 154 0.57 11.77 -6.61
N LEU A 155 0.58 10.65 -5.92
CA LEU A 155 1.84 10.09 -5.37
C LEU A 155 2.00 8.67 -5.88
N VAL A 156 3.15 8.29 -6.34
CA VAL A 156 3.30 6.89 -6.84
C VAL A 156 4.32 6.11 -6.03
N LEU A 157 3.89 5.06 -5.38
CA LEU A 157 4.85 4.23 -4.59
C LEU A 157 5.38 3.09 -5.45
N SER A 158 6.66 3.09 -5.74
CA SER A 158 7.22 2.00 -6.59
C SER A 158 8.56 1.50 -6.04
N ARG A 159 9.17 2.23 -5.14
CA ARG A 159 10.46 1.77 -4.58
C ARG A 159 10.22 0.83 -3.40
N PRO A 160 10.80 -0.34 -3.50
CA PRO A 160 10.65 -1.34 -2.42
C PRO A 160 11.46 -0.95 -1.19
N LEU A 161 10.99 -1.29 -0.02
CA LEU A 161 11.73 -0.93 1.22
C LEU A 161 13.12 -1.59 1.23
N SER A 162 14.04 -1.06 1.99
CA SER A 162 15.41 -1.64 2.04
C SER A 162 15.37 -3.17 1.97
N SER A 163 15.02 -3.81 3.06
CA SER A 163 14.96 -5.30 3.05
C SER A 163 16.35 -5.88 2.76
N ASN A 164 16.69 -6.00 1.50
CA ASN A 164 18.03 -6.55 1.14
C ASN A 164 18.90 -5.47 0.50
N SER B 1 3.86 12.51 14.85
CA SER B 1 5.14 12.10 15.50
C SER B 1 4.99 12.14 17.03
N THR B 2 3.93 11.57 17.54
CA THR B 2 3.72 11.57 19.02
C THR B 2 2.67 10.53 19.40
N ALA B 3 2.95 9.28 19.18
CA ALA B 3 1.96 8.22 19.53
C ALA B 3 0.57 8.60 19.02
N SER B 4 -0.45 8.31 19.77
CA SER B 4 -1.83 8.65 19.31
C SER B 4 -2.05 8.17 17.89
N THR B 5 -3.00 8.74 17.20
CA THR B 5 -3.27 8.31 15.79
C THR B 5 -2.42 9.13 14.82
N VAL B 6 -1.56 8.50 14.07
CA VAL B 6 -0.71 9.25 13.11
C VAL B 6 -1.58 10.24 12.31
N GLU B 7 -1.01 11.34 11.90
CA GLU B 7 -1.81 12.34 11.14
C GLU B 7 -1.64 12.11 9.63
N SER B 9 -4.18 11.18 5.66
CA SER B 9 -5.52 11.19 5.00
C SER B 9 -5.75 9.89 4.23
N THR B 10 -6.51 9.94 3.17
CA THR B 10 -6.77 8.70 2.37
C THR B 10 -6.10 8.81 1.00
N VAL B 11 -5.61 7.72 0.47
CA VAL B 11 -4.95 7.77 -0.86
C VAL B 11 -5.91 7.28 -1.95
N VAL B 12 -6.30 8.14 -2.84
CA VAL B 12 -7.23 7.74 -3.93
C VAL B 12 -8.31 6.79 -3.38
N HIS B 13 -9.35 7.33 -2.81
CA HIS B 13 -10.43 6.47 -2.26
C HIS B 13 -11.78 6.88 -2.84
N SER B 14 -12.33 6.08 -3.71
CA SER B 14 -13.65 6.43 -4.31
C SER B 14 -14.22 5.23 -5.07
N GLY B 15 -14.77 4.28 -4.36
CA GLY B 15 -15.35 3.09 -5.03
C GLY B 15 -16.45 2.49 -4.15
N GLU A 9 -10.79 -8.08 11.69
CA GLU A 9 -9.86 -6.99 11.27
C GLU A 9 -8.49 -7.16 11.95
N TYR A 10 -8.50 -7.42 13.24
CA TYR A 10 -7.21 -7.59 13.96
C TYR A 10 -6.48 -8.85 13.48
N GLN A 11 -7.15 -9.97 13.48
CA GLN A 11 -6.49 -11.24 13.03
C GLN A 11 -6.05 -11.12 11.57
N LEU A 12 -6.86 -10.50 10.74
CA LEU A 12 -6.48 -10.35 9.30
C LEU A 12 -5.27 -9.44 9.15
N VAL A 13 -5.28 -8.31 9.80
CA VAL A 13 -4.13 -7.38 9.69
C VAL A 13 -2.89 -7.96 10.40
N VAL A 14 -3.06 -8.44 11.60
CA VAL A 14 -1.90 -9.03 12.33
C VAL A 14 -1.36 -10.25 11.57
N ASN A 15 -2.23 -11.06 11.04
CA ASN A 15 -1.77 -12.26 10.29
C ASN A 15 -0.89 -11.83 9.11
N ALA A 16 -1.28 -10.78 8.42
CA ALA A 16 -0.46 -10.29 7.27
C ALA A 16 0.92 -9.88 7.75
N VAL A 17 0.99 -9.16 8.85
CA VAL A 17 2.30 -8.73 9.38
C VAL A 17 3.16 -9.96 9.64
N ARG A 18 2.57 -11.00 10.14
CA ARG A 18 3.35 -12.25 10.41
C ARG A 18 4.04 -12.71 9.12
N LYS A 19 3.32 -12.74 8.04
CA LYS A 19 3.94 -13.18 6.75
C LYS A 19 4.79 -12.04 6.18
N LEU A 20 4.39 -10.82 6.40
CA LEU A 20 5.17 -9.67 5.88
C LEU A 20 6.58 -9.66 6.48
N GLN A 21 6.68 -9.90 7.76
CA GLN A 21 8.02 -9.91 8.42
C GLN A 21 8.85 -11.09 7.92
N GLU A 22 8.22 -12.21 7.66
CA GLU A 22 8.98 -13.40 7.18
C GLU A 22 9.60 -13.10 5.81
N SER A 23 8.89 -12.41 4.95
CA SER A 23 9.44 -12.09 3.61
C SER A 23 10.58 -11.08 3.73
N GLY A 24 10.44 -10.11 4.61
CA GLY A 24 11.53 -9.10 4.78
C GLY A 24 11.01 -7.73 4.35
N PHE A 25 9.77 -7.66 3.95
CA PHE A 25 9.20 -6.35 3.52
C PHE A 25 8.48 -5.67 4.68
N TYR A 26 8.81 -6.04 5.89
CA TYR A 26 8.13 -5.42 7.07
C TYR A 26 9.16 -4.76 7.97
N TRP A 27 8.88 -3.57 8.44
CA TRP A 27 9.84 -2.86 9.33
C TRP A 27 9.36 -2.91 10.78
N SER A 28 10.27 -2.93 11.71
CA SER A 28 9.88 -2.98 13.16
C SER A 28 8.56 -2.24 13.39
N ALA A 29 8.63 -1.02 13.84
CA ALA A 29 7.37 -0.24 14.09
C ALA A 29 7.65 0.97 14.98
N VAL A 30 8.34 1.96 14.47
CA VAL A 30 8.63 3.16 15.29
C VAL A 30 7.30 3.83 15.69
N THR A 31 7.21 5.13 15.59
CA THR A 31 5.93 5.79 15.95
C THR A 31 5.02 5.85 14.73
N GLY A 32 3.82 6.32 14.89
CA GLY A 32 2.89 6.39 13.73
C GLY A 32 3.62 6.90 12.49
N GLY A 33 3.76 8.19 12.38
CA GLY A 33 4.44 8.78 11.18
C GLY A 33 5.95 8.70 11.29
N GLU A 34 6.50 8.75 12.47
CA GLU A 34 7.98 8.72 12.60
C GLU A 34 8.55 7.44 11.99
N ALA A 35 7.77 6.40 11.92
CA ALA A 35 8.30 5.15 11.31
C ALA A 35 8.32 5.29 9.79
N ASN A 36 7.23 5.74 9.22
CA ASN A 36 7.16 5.90 7.73
C ASN A 36 8.05 7.06 7.28
N LEU A 37 7.91 8.20 7.89
CA LEU A 37 8.70 9.40 7.50
C LEU A 37 10.21 9.18 7.66
N LEU A 38 10.62 8.40 8.61
CA LEU A 38 12.09 8.19 8.80
C LEU A 38 12.71 7.72 7.50
N LEU A 39 12.02 6.92 6.74
CA LEU A 39 12.57 6.45 5.45
C LEU A 39 12.36 7.56 4.40
N SER A 40 11.25 8.25 4.48
CA SER A 40 10.99 9.35 3.52
C SER A 40 11.93 10.52 3.78
N ALA A 41 12.29 10.74 5.02
CA ALA A 41 13.19 11.89 5.33
C ALA A 41 14.66 11.51 5.05
N GLU A 42 14.96 10.24 5.00
CA GLU A 42 16.35 9.83 4.72
C GLU A 42 16.42 9.11 3.37
N PRO A 43 16.01 7.86 3.34
CA PRO A 43 16.02 7.10 2.06
C PRO A 43 14.91 7.60 1.14
N ALA A 44 14.96 8.84 0.75
CA ALA A 44 13.90 9.39 -0.15
C ALA A 44 13.69 8.47 -1.35
N GLY A 45 12.46 8.29 -1.77
CA GLY A 45 12.19 7.41 -2.93
C GLY A 45 11.97 5.98 -2.44
N THR A 46 11.78 5.81 -1.16
CA THR A 46 11.56 4.44 -0.62
C THR A 46 10.36 4.42 0.33
N PHE A 47 9.63 3.34 0.36
CA PHE A 47 8.44 3.25 1.27
C PHE A 47 8.54 1.98 2.12
N LEU A 48 8.20 2.08 3.38
CA LEU A 48 8.28 0.87 4.26
C LEU A 48 6.98 0.71 5.06
N ILE A 49 6.73 -0.45 5.58
CA ILE A 49 5.48 -0.67 6.36
C ILE A 49 5.84 -0.94 7.83
N ARG A 50 5.22 -0.22 8.73
CA ARG A 50 5.51 -0.42 10.17
C ARG A 50 4.21 -0.43 10.96
N ASP A 51 4.18 -1.09 12.08
CA ASP A 51 2.92 -1.13 12.90
C ASP A 51 2.72 0.22 13.58
N SER A 52 1.60 0.85 13.33
CA SER A 52 1.34 2.18 13.97
C SER A 52 1.90 2.22 15.39
N SER A 53 1.29 1.53 16.32
CA SER A 53 1.80 1.54 17.71
C SER A 53 2.40 0.18 18.06
N ASP A 54 1.88 -0.87 17.49
CA ASP A 54 2.43 -2.23 17.79
C ASP A 54 1.68 -3.29 16.97
N GLN A 55 2.02 -4.54 17.15
CA GLN A 55 1.34 -5.62 16.39
C GLN A 55 -0.03 -5.92 17.01
N ARG A 56 -0.36 -5.26 18.08
CA ARG A 56 -1.68 -5.51 18.74
C ARG A 56 -2.81 -4.95 17.88
N HIS A 57 -2.48 -4.33 16.77
CA HIS A 57 -3.55 -3.75 15.90
C HIS A 57 -3.15 -3.89 14.42
N PHE A 58 -3.50 -2.93 13.61
CA PHE A 58 -3.14 -3.01 12.16
C PHE A 58 -1.81 -2.31 11.90
N PHE A 59 -1.49 -2.06 10.65
CA PHE A 59 -0.21 -1.38 10.33
C PHE A 59 -0.46 -0.21 9.36
N THR A 60 0.45 0.73 9.32
CA THR A 60 0.26 1.89 8.40
C THR A 60 1.49 2.06 7.50
N LEU A 61 1.28 2.35 6.25
CA LEU A 61 2.44 2.54 5.33
C LEU A 61 2.44 3.94 4.73
N SER A 62 3.59 4.55 4.62
CA SER A 62 3.65 5.91 4.03
C SER A 62 4.87 6.03 3.12
N VAL A 63 4.83 6.91 2.16
CA VAL A 63 5.98 7.06 1.23
C VAL A 63 6.39 8.53 1.11
N LYS A 64 7.47 8.80 0.41
CA LYS A 64 7.91 10.22 0.26
C LYS A 64 7.60 10.71 -1.16
N THR A 65 6.98 11.86 -1.27
CA THR A 65 6.66 12.39 -2.63
C THR A 65 7.01 13.88 -2.70
N GLN A 66 6.59 14.55 -3.75
CA GLN A 66 6.91 15.99 -3.89
C GLN A 66 6.00 16.83 -2.98
N SER A 67 4.77 16.41 -2.82
CA SER A 67 3.83 17.18 -1.95
C SER A 67 4.06 16.82 -0.48
N GLY A 68 4.63 15.68 -0.22
CA GLY A 68 4.87 15.26 1.20
C GLY A 68 4.65 13.77 1.35
N THR A 69 4.98 13.22 2.49
CA THR A 69 4.79 11.75 2.69
C THR A 69 3.51 11.49 3.50
N LYS A 70 2.64 10.66 3.00
CA LYS A 70 1.38 10.35 3.73
C LYS A 70 1.36 8.89 4.17
N ASN A 71 0.77 8.59 5.29
CA ASN A 71 0.73 7.18 5.77
C ASN A 71 -0.68 6.62 5.72
N LEU A 72 -0.82 5.36 5.40
CA LEU A 72 -2.19 4.75 5.34
C LEU A 72 -2.18 3.34 5.94
N ARG A 73 -3.30 2.91 6.46
CA ARG A 73 -3.35 1.55 7.06
C ARG A 73 -4.45 0.71 6.39
N ILE A 74 -4.43 -0.58 6.58
CA ILE A 74 -5.48 -1.45 5.95
C ILE A 74 -6.79 -1.35 6.74
N GLN A 75 -7.89 -1.36 6.06
CA GLN A 75 -9.21 -1.26 6.75
C GLN A 75 -9.97 -2.58 6.62
N CYS A 76 -10.71 -2.97 7.62
CA CYS A 76 -11.48 -4.24 7.55
C CYS A 76 -12.95 -3.96 7.27
N GLU A 77 -13.46 -4.44 6.16
CA GLU A 77 -14.89 -4.20 5.83
C GLU A 77 -15.70 -5.48 6.07
N GLY A 78 -16.43 -5.54 7.15
CA GLY A 78 -17.24 -6.76 7.44
C GLY A 78 -16.33 -7.98 7.47
N GLY A 79 -16.01 -8.54 6.33
CA GLY A 79 -15.13 -9.73 6.29
C GLY A 79 -14.17 -9.60 5.11
N SER A 80 -13.70 -8.41 4.82
CA SER A 80 -12.76 -8.23 3.67
C SER A 80 -11.64 -7.28 4.07
N PHE A 81 -10.56 -7.28 3.32
CA PHE A 81 -9.42 -6.37 3.65
C PHE A 81 -9.12 -5.45 2.47
N SER A 82 -9.06 -4.17 2.70
CA SER A 82 -8.77 -3.22 1.59
C SER A 82 -8.16 -1.93 2.12
N LEU A 83 -7.49 -1.19 1.28
CA LEU A 83 -6.88 0.09 1.74
C LEU A 83 -7.83 1.26 1.47
N GLN A 84 -9.09 0.96 1.24
CA GLN A 84 -10.07 2.05 0.96
C GLN A 84 -9.70 2.78 -0.34
N SER A 85 -10.27 2.36 -1.44
CA SER A 85 -9.96 3.02 -2.73
C SER A 85 -11.02 2.67 -3.78
N ASP A 86 -11.06 1.45 -4.22
CA ASP A 86 -12.06 1.05 -5.25
C ASP A 86 -13.31 0.48 -4.57
N PRO A 87 -14.40 1.18 -4.71
CA PRO A 87 -15.68 0.74 -4.10
C PRO A 87 -16.27 -0.44 -4.90
N ARG A 88 -16.48 -0.27 -6.18
CA ARG A 88 -17.04 -1.37 -6.99
C ARG A 88 -16.17 -2.63 -6.87
N SER A 89 -14.88 -2.49 -7.02
CA SER A 89 -13.99 -3.67 -6.90
C SER A 89 -14.25 -4.65 -8.05
N THR A 90 -14.20 -4.17 -9.26
CA THR A 90 -14.44 -5.08 -10.43
C THR A 90 -13.11 -5.58 -11.00
N GLN A 91 -12.16 -4.71 -11.15
CA GLN A 91 -10.85 -5.13 -11.71
C GLN A 91 -10.27 -6.28 -10.88
N PRO A 92 -10.10 -6.03 -9.62
CA PRO A 92 -9.55 -7.06 -8.70
C PRO A 92 -10.61 -8.15 -8.43
N VAL A 93 -10.47 -8.86 -7.34
CA VAL A 93 -11.47 -9.92 -7.03
C VAL A 93 -12.04 -9.69 -5.63
N PRO A 94 -13.27 -10.08 -5.45
CA PRO A 94 -13.91 -9.89 -4.12
C PRO A 94 -13.23 -10.80 -3.09
N ARG A 95 -12.90 -10.26 -1.96
CA ARG A 95 -12.24 -11.07 -0.90
C ARG A 95 -10.79 -11.35 -1.33
N PHE A 96 -10.09 -10.33 -1.76
CA PHE A 96 -8.67 -10.54 -2.19
C PHE A 96 -7.85 -11.13 -1.05
N ASP A 97 -6.58 -10.82 -0.99
CA ASP A 97 -5.74 -11.37 0.11
C ASP A 97 -5.54 -10.30 1.20
N CYS A 98 -6.14 -10.52 2.34
CA CYS A 98 -6.02 -9.55 3.48
C CYS A 98 -5.23 -8.29 3.09
N VAL A 99 -4.16 -8.02 3.78
CA VAL A 99 -3.33 -6.82 3.47
C VAL A 99 -2.86 -6.83 2.01
N LEU A 100 -2.76 -7.99 1.40
CA LEU A 100 -2.28 -8.05 0.00
C LEU A 100 -3.12 -7.16 -0.91
N LYS A 101 -4.41 -7.06 -0.67
CA LYS A 101 -5.25 -6.19 -1.52
C LYS A 101 -4.78 -4.74 -1.39
N LEU A 102 -4.56 -4.30 -0.18
CA LEU A 102 -4.07 -2.91 0.06
C LEU A 102 -2.64 -2.77 -0.48
N VAL A 103 -1.86 -3.82 -0.35
CA VAL A 103 -0.45 -3.77 -0.82
C VAL A 103 -0.40 -3.35 -2.29
N HIS A 104 -1.33 -3.77 -3.08
CA HIS A 104 -1.32 -3.40 -4.53
C HIS A 104 -1.20 -1.88 -4.66
N HIS A 105 -1.76 -1.14 -3.75
CA HIS A 105 -1.66 0.35 -3.82
C HIS A 105 -0.28 0.79 -3.32
N TYR A 106 0.24 0.12 -2.32
CA TYR A 106 1.58 0.50 -1.79
C TYR A 106 2.68 0.06 -2.78
N MET A 107 2.39 -0.89 -3.61
CA MET A 107 3.42 -1.37 -4.58
C MET A 107 2.79 -1.58 -5.96
N PRO A 108 2.59 -0.51 -6.66
CA PRO A 108 1.98 -0.58 -8.01
C PRO A 108 2.99 -1.15 -9.01
N PRO A 109 2.49 -1.95 -9.92
CA PRO A 109 3.36 -2.57 -10.95
C PRO A 109 3.80 -1.52 -11.97
N PRO A 110 5.06 -1.21 -11.95
CA PRO A 110 5.62 -0.21 -12.89
C PRO A 110 5.73 -0.80 -14.30
N GLY A 111 6.41 -1.91 -14.42
CA GLY A 111 6.55 -2.54 -15.76
C GLY A 111 7.78 -3.44 -15.77
N THR A 112 7.74 -4.52 -15.02
CA THR A 112 8.92 -5.44 -14.99
C THR A 112 9.01 -6.21 -16.30
N PRO A 113 7.97 -6.94 -16.60
CA PRO A 113 7.94 -7.74 -17.86
C PRO A 113 7.77 -6.82 -19.07
N SER A 114 8.70 -5.93 -19.28
CA SER A 114 8.60 -5.01 -20.45
C SER A 114 9.81 -5.19 -21.37
N PHE A 115 10.98 -4.91 -20.88
CA PHE A 115 12.20 -5.06 -21.72
C PHE A 115 12.14 -4.11 -22.92
N SER A 116 12.41 -2.84 -22.69
CA SER A 116 12.37 -1.87 -23.82
C SER A 116 10.96 -1.81 -24.42
N LEU A 117 10.61 -2.75 -25.24
CA LEU A 117 9.25 -2.74 -25.85
C LEU A 117 8.21 -3.22 -24.83
N PRO A 118 7.16 -2.47 -24.70
CA PRO A 118 6.08 -2.81 -23.74
C PRO A 118 5.26 -4.00 -24.27
N PRO A 119 4.41 -4.51 -23.43
CA PRO A 119 3.55 -5.65 -23.81
C PRO A 119 2.44 -5.19 -24.78
N THR A 120 2.01 -6.07 -25.65
CA THR A 120 0.94 -5.67 -26.61
C THR A 120 -0.41 -5.60 -25.90
N GLU A 121 -0.79 -6.65 -25.21
CA GLU A 121 -2.10 -6.63 -24.50
C GLU A 121 -3.25 -6.38 -25.49
N PRO A 122 -3.82 -7.45 -25.97
CA PRO A 122 -4.93 -7.35 -26.94
C PRO A 122 -6.21 -6.89 -26.22
N SER A 123 -6.73 -5.75 -26.62
CA SER A 123 -7.98 -5.25 -25.98
C SER A 123 -9.13 -5.22 -26.98
N SER A 124 -10.09 -4.36 -26.78
CA SER A 124 -11.25 -4.29 -27.72
C SER A 124 -11.76 -5.70 -28.05
N GLU A 125 -12.27 -6.39 -27.06
CA GLU A 125 -12.79 -7.77 -27.31
C GLU A 125 -14.29 -7.72 -27.59
N VAL A 126 -14.68 -7.26 -28.75
CA VAL A 126 -16.13 -7.19 -29.07
C VAL A 126 -16.87 -6.36 -28.04
N PRO A 127 -17.00 -5.09 -28.31
CA PRO A 127 -17.70 -4.17 -27.38
C PRO A 127 -19.21 -4.41 -27.44
N GLU A 128 -19.98 -3.47 -26.97
CA GLU A 128 -21.46 -3.64 -27.00
C GLU A 128 -22.15 -2.30 -27.23
N GLN A 129 -22.12 -1.42 -26.26
CA GLN A 129 -22.79 -0.10 -26.43
C GLN A 129 -21.79 0.92 -27.00
N PRO A 130 -20.77 1.20 -26.23
CA PRO A 130 -19.74 2.18 -26.66
C PRO A 130 -18.85 1.57 -27.75
N PRO A 131 -18.86 2.21 -28.89
CA PRO A 131 -18.05 1.74 -30.04
C PRO A 131 -16.56 2.01 -29.79
N ALA A 132 -16.08 3.15 -30.19
CA ALA A 132 -14.65 3.49 -29.97
C ALA A 132 -14.37 3.71 -28.48
N GLN A 133 -14.99 4.71 -27.90
CA GLN A 133 -14.76 4.98 -26.45
C GLN A 133 -13.27 5.14 -26.17
N ALA A 134 -12.82 6.35 -26.01
CA ALA A 134 -11.37 6.57 -25.73
C ALA A 134 -11.15 6.86 -24.24
N LEU A 135 -11.20 8.11 -23.86
CA LEU A 135 -11.00 8.46 -22.42
C LEU A 135 -9.65 7.93 -21.93
N PRO A 136 -8.75 8.84 -21.68
CA PRO A 136 -7.40 8.47 -21.19
C PRO A 136 -7.46 7.99 -19.74
N GLY A 137 -8.09 6.87 -19.49
CA GLY A 137 -8.19 6.36 -18.10
C GLY A 137 -6.82 6.47 -17.42
N SER A 138 -6.79 6.95 -16.21
CA SER A 138 -5.49 7.09 -15.49
C SER A 138 -5.73 7.51 -14.04
N THR A 139 -6.57 8.48 -13.83
CA THR A 139 -6.85 8.94 -12.43
C THR A 139 -7.32 7.76 -11.58
N PRO A 140 -8.36 7.12 -12.02
CA PRO A 140 -8.91 5.95 -11.28
C PRO A 140 -7.99 4.75 -11.44
N LYS A 141 -7.15 4.74 -12.44
CA LYS A 141 -6.23 3.59 -12.64
C LYS A 141 -5.14 3.60 -11.58
N ARG A 142 -4.19 2.70 -11.68
CA ARG A 142 -3.09 2.65 -10.67
C ARG A 142 -2.58 4.07 -10.39
N ALA A 143 -2.48 4.44 -9.14
CA ALA A 143 -1.99 5.81 -8.81
C ALA A 143 -2.10 6.06 -7.31
N TYR A 144 -1.02 6.30 -6.63
CA TYR A 144 -1.11 6.57 -5.18
C TYR A 144 -0.96 8.08 -4.95
N TYR A 145 -1.93 8.72 -4.36
CA TYR A 145 -1.81 10.17 -4.10
C TYR A 145 -2.75 10.58 -2.97
N ILE A 146 -2.40 11.58 -2.20
CA ILE A 146 -3.27 12.01 -1.07
C ILE A 146 -4.05 13.28 -1.42
N TYR A 147 -5.21 13.44 -0.85
CA TYR A 147 -6.03 14.65 -1.15
C TYR A 147 -5.63 15.80 -0.23
N SER A 148 -5.44 16.96 -0.78
CA SER A 148 -5.04 18.13 0.06
C SER A 148 -6.28 18.98 0.38
N GLY A 149 -7.17 18.48 1.18
CA GLY A 149 -8.39 19.27 1.52
C GLY A 149 -9.10 19.71 0.23
N GLY A 150 -9.19 18.83 -0.73
CA GLY A 150 -9.88 19.19 -2.00
C GLY A 150 -8.84 19.29 -3.13
N GLU A 151 -7.60 18.99 -2.83
CA GLU A 151 -6.55 19.07 -3.89
C GLU A 151 -5.93 17.69 -4.11
N LYS A 152 -6.00 17.19 -5.31
CA LYS A 152 -5.42 15.85 -5.61
C LYS A 152 -3.88 15.91 -5.56
N ILE A 153 -3.30 15.38 -4.52
CA ILE A 153 -1.80 15.40 -4.41
C ILE A 153 -1.25 14.02 -4.81
N PRO A 154 -0.43 14.02 -5.82
CA PRO A 154 0.17 12.75 -6.34
C PRO A 154 1.20 12.14 -5.38
N LEU A 155 1.05 10.87 -5.09
CA LEU A 155 2.03 10.17 -4.19
C LEU A 155 2.63 9.00 -4.97
N VAL A 156 3.82 9.14 -5.47
CA VAL A 156 4.39 8.02 -6.26
C VAL A 156 5.44 7.25 -5.45
N LEU A 157 5.18 5.99 -5.19
CA LEU A 157 6.18 5.18 -4.44
C LEU A 157 7.33 4.82 -5.38
N SER A 158 8.24 3.99 -4.95
CA SER A 158 9.38 3.63 -5.85
C SER A 158 10.24 2.51 -5.26
N ARG A 159 11.11 2.84 -4.33
CA ARG A 159 11.99 1.80 -3.74
C ARG A 159 11.29 1.10 -2.57
N PRO A 160 11.22 -0.20 -2.68
CA PRO A 160 10.59 -1.02 -1.61
C PRO A 160 11.52 -1.12 -0.39
N LEU A 161 10.97 -1.20 0.78
CA LEU A 161 11.83 -1.31 1.99
C LEU A 161 12.65 -2.60 1.95
N SER A 162 13.86 -2.57 2.44
CA SER A 162 14.71 -3.79 2.43
C SER A 162 15.32 -4.02 3.81
N SER A 163 14.57 -4.59 4.71
CA SER A 163 15.12 -4.83 6.08
C SER A 163 14.80 -6.26 6.54
N ASN A 164 15.63 -6.83 7.36
CA ASN A 164 15.38 -8.22 7.84
C ASN A 164 15.40 -8.28 9.37
N SER B 1 -6.14 20.28 18.11
CA SER B 1 -5.34 19.96 19.32
C SER B 1 -3.94 19.49 18.93
N THR B 2 -2.95 19.84 19.71
CA THR B 2 -1.55 19.43 19.37
C THR B 2 -1.25 19.70 17.90
N ALA B 3 -1.91 20.67 17.32
CA ALA B 3 -1.67 21.00 15.89
C ALA B 3 -1.86 19.75 15.03
N SER B 4 -0.81 19.00 14.79
CA SER B 4 -0.94 17.77 13.96
C SER B 4 0.45 17.20 13.64
N THR B 5 0.66 15.95 13.90
CA THR B 5 1.99 15.33 13.60
C THR B 5 1.83 14.23 12.54
N VAL B 6 0.83 13.41 12.67
CA VAL B 6 0.63 12.32 11.68
C VAL B 6 -0.77 12.44 11.06
N GLU B 7 -0.97 13.39 10.18
CA GLU B 7 -2.30 13.55 9.54
C GLU B 7 -2.27 12.97 8.13
N SER B 9 -4.66 10.35 4.99
CA SER B 9 -6.03 9.99 4.53
C SER B 9 -5.98 8.80 3.57
N THR B 10 -6.73 8.83 2.51
CA THR B 10 -6.72 7.71 1.54
C THR B 10 -5.95 8.09 0.28
N VAL B 11 -5.14 7.20 -0.23
CA VAL B 11 -4.37 7.53 -1.47
C VAL B 11 -5.23 7.24 -2.70
N VAL B 12 -5.90 8.23 -3.22
CA VAL B 12 -6.76 8.01 -4.41
C VAL B 12 -8.00 7.21 -4.02
N HIS B 13 -9.13 7.85 -3.92
CA HIS B 13 -10.37 7.11 -3.54
C HIS B 13 -11.22 6.82 -4.79
N SER B 14 -11.13 7.66 -5.78
CA SER B 14 -11.93 7.44 -7.02
C SER B 14 -11.28 6.36 -7.89
N GLY B 15 -12.00 5.34 -8.24
CA GLY B 15 -11.43 4.27 -9.08
C GLY B 15 -12.49 3.74 -10.06
N GLU A 9 -10.62 -8.13 12.84
CA GLU A 9 -10.00 -6.80 12.58
C GLU A 9 -8.50 -6.85 12.91
N TYR A 10 -8.17 -6.73 14.17
CA TYR A 10 -6.72 -6.78 14.56
C TYR A 10 -6.08 -8.06 14.04
N GLN A 11 -6.80 -9.14 14.05
CA GLN A 11 -6.22 -10.43 13.56
C GLN A 11 -5.69 -10.26 12.13
N LEU A 12 -6.31 -9.42 11.36
CA LEU A 12 -5.83 -9.22 9.96
C LEU A 12 -4.41 -8.64 9.96
N VAL A 13 -4.16 -7.68 10.80
CA VAL A 13 -2.80 -7.07 10.85
C VAL A 13 -1.78 -8.12 11.27
N VAL A 14 -2.06 -8.84 12.32
CA VAL A 14 -1.10 -9.89 12.79
C VAL A 14 -0.92 -10.95 11.70
N ASN A 15 -1.99 -11.47 11.17
CA ASN A 15 -1.87 -12.50 10.10
C ASN A 15 -1.17 -11.89 8.88
N ALA A 16 -1.55 -10.71 8.50
CA ALA A 16 -0.92 -10.06 7.32
C ALA A 16 0.54 -9.74 7.64
N VAL A 17 0.80 -9.20 8.80
CA VAL A 17 2.21 -8.89 9.18
C VAL A 17 3.04 -10.17 9.11
N ARG A 18 2.49 -11.26 9.56
CA ARG A 18 3.24 -12.54 9.53
C ARG A 18 3.71 -12.84 8.10
N LYS A 19 2.83 -12.72 7.13
CA LYS A 19 3.22 -12.98 5.73
C LYS A 19 4.07 -11.81 5.19
N LEU A 20 3.75 -10.61 5.59
CA LEU A 20 4.53 -9.43 5.11
C LEU A 20 5.91 -9.43 5.77
N GLN A 21 5.97 -9.67 7.05
CA GLN A 21 7.28 -9.67 7.75
C GLN A 21 8.13 -10.86 7.28
N GLU A 22 7.50 -11.96 6.97
CA GLU A 22 8.27 -13.15 6.49
C GLU A 22 9.08 -12.78 5.25
N SER A 23 8.56 -11.92 4.42
CA SER A 23 9.31 -11.53 3.19
C SER A 23 10.68 -10.98 3.57
N GLY A 24 10.77 -10.31 4.68
CA GLY A 24 12.09 -9.76 5.12
C GLY A 24 12.15 -8.27 4.78
N PHE A 25 11.04 -7.59 4.76
CA PHE A 25 11.06 -6.13 4.44
C PHE A 25 9.97 -5.39 5.22
N TYR A 26 9.77 -5.74 6.46
CA TYR A 26 8.75 -5.04 7.27
C TYR A 26 9.40 -4.38 8.50
N TRP A 27 9.37 -3.08 8.58
CA TRP A 27 9.99 -2.39 9.74
C TRP A 27 9.09 -2.49 10.98
N SER A 28 9.67 -2.62 12.13
CA SER A 28 8.85 -2.72 13.36
C SER A 28 7.75 -1.65 13.33
N ALA A 29 8.01 -0.52 13.93
CA ALA A 29 7.00 0.58 13.94
C ALA A 29 7.37 1.65 14.96
N VAL A 30 8.42 2.39 14.73
CA VAL A 30 8.81 3.46 15.69
C VAL A 30 7.57 4.27 16.09
N THR A 31 7.35 5.40 15.47
CA THR A 31 6.14 6.20 15.81
C THR A 31 5.14 6.11 14.66
N GLY A 32 3.92 6.50 14.88
CA GLY A 32 2.90 6.43 13.80
C GLY A 32 3.50 6.91 12.47
N GLY A 33 3.59 8.20 12.30
CA GLY A 33 4.14 8.76 11.02
C GLY A 33 5.68 8.71 11.02
N GLU A 34 6.30 8.82 12.16
CA GLU A 34 7.79 8.81 12.17
C GLU A 34 8.34 7.54 11.55
N ALA A 35 7.59 6.49 11.55
CA ALA A 35 8.10 5.23 10.93
C ALA A 35 8.02 5.36 9.41
N ASN A 36 6.88 5.76 8.91
CA ASN A 36 6.73 5.91 7.43
C ASN A 36 7.53 7.11 6.90
N LEU A 37 7.36 8.25 7.53
CA LEU A 37 8.06 9.49 7.09
C LEU A 37 9.58 9.35 7.22
N LEU A 38 10.05 8.61 8.17
CA LEU A 38 11.52 8.47 8.32
C LEU A 38 12.16 8.04 7.00
N LEU A 39 11.39 7.42 6.15
CA LEU A 39 11.95 6.99 4.83
C LEU A 39 12.40 8.24 4.06
N SER A 40 11.63 9.29 4.14
CA SER A 40 11.99 10.54 3.42
C SER A 40 13.22 11.18 4.05
N ALA A 41 13.40 11.03 5.34
CA ALA A 41 14.57 11.65 6.01
C ALA A 41 15.82 10.79 5.78
N GLU A 42 15.65 9.54 5.46
CA GLU A 42 16.85 8.68 5.21
C GLU A 42 16.77 8.02 3.82
N PRO A 43 16.01 6.95 3.70
CA PRO A 43 15.89 6.27 2.39
C PRO A 43 14.93 7.05 1.48
N ALA A 44 15.32 8.22 1.06
CA ALA A 44 14.43 9.04 0.18
C ALA A 44 13.92 8.19 -0.99
N GLY A 45 12.68 8.38 -1.37
CA GLY A 45 12.13 7.59 -2.50
C GLY A 45 11.92 6.14 -2.05
N THR A 46 11.77 5.92 -0.77
CA THR A 46 11.59 4.54 -0.25
C THR A 46 10.32 4.46 0.60
N PHE A 47 9.65 3.33 0.59
CA PHE A 47 8.41 3.21 1.41
C PHE A 47 8.53 2.02 2.37
N LEU A 48 7.94 2.12 3.52
CA LEU A 48 8.03 1.02 4.51
C LEU A 48 6.72 0.92 5.30
N ILE A 49 6.44 -0.21 5.90
CA ILE A 49 5.18 -0.34 6.67
C ILE A 49 5.50 -0.52 8.17
N ARG A 50 4.75 0.14 9.01
CA ARG A 50 5.00 0.01 10.47
C ARG A 50 3.85 -0.72 11.16
N ASP A 51 4.14 -1.69 11.98
CA ASP A 51 3.06 -2.44 12.68
C ASP A 51 2.72 -1.76 14.01
N SER A 52 1.51 -1.30 14.16
CA SER A 52 1.12 -0.64 15.43
C SER A 52 1.05 -1.66 16.56
N SER A 53 0.89 -2.91 16.24
CA SER A 53 0.82 -3.96 17.30
C SER A 53 -0.08 -3.48 18.46
N ASP A 54 -1.37 -3.62 18.30
CA ASP A 54 -2.29 -3.18 19.39
C ASP A 54 -3.49 -4.11 19.47
N GLN A 55 -4.59 -3.64 20.01
CA GLN A 55 -5.80 -4.51 20.12
C GLN A 55 -6.68 -4.34 18.88
N ARG A 56 -6.75 -3.15 18.34
CA ARG A 56 -7.59 -2.93 17.12
C ARG A 56 -6.83 -2.09 16.10
N HIS A 57 -5.59 -1.77 16.36
CA HIS A 57 -4.81 -0.95 15.40
C HIS A 57 -4.41 -1.80 14.19
N PHE A 58 -3.24 -1.57 13.65
CA PHE A 58 -2.80 -2.37 12.46
C PHE A 58 -1.44 -1.85 11.97
N PHE A 59 -1.16 -1.99 10.71
CA PHE A 59 0.14 -1.51 10.17
C PHE A 59 -0.10 -0.38 9.17
N THR A 60 0.85 0.51 9.04
CA THR A 60 0.67 1.64 8.09
C THR A 60 1.83 1.71 7.10
N LEU A 61 1.55 1.92 5.84
CA LEU A 61 2.65 2.00 4.84
C LEU A 61 2.60 3.35 4.14
N SER A 62 3.67 4.10 4.19
CA SER A 62 3.68 5.44 3.54
C SER A 62 5.04 5.68 2.86
N VAL A 63 5.06 6.53 1.88
CA VAL A 63 6.34 6.81 1.17
C VAL A 63 6.53 8.32 0.97
N LYS A 64 7.67 8.71 0.45
CA LYS A 64 7.92 10.17 0.23
C LYS A 64 7.77 10.50 -1.25
N THR A 65 7.07 11.56 -1.57
CA THR A 65 6.89 11.93 -3.00
C THR A 65 7.16 13.42 -3.19
N GLN A 66 6.62 14.01 -4.23
CA GLN A 66 6.84 15.46 -4.47
C GLN A 66 5.86 16.30 -3.65
N SER A 67 4.58 16.09 -3.85
CA SER A 67 3.58 16.87 -3.08
C SER A 67 3.97 16.94 -1.60
N GLY A 68 4.05 15.80 -0.95
CA GLY A 68 4.43 15.80 0.49
C GLY A 68 4.47 14.37 1.00
N THR A 69 4.93 14.17 2.21
CA THR A 69 5.00 12.79 2.77
C THR A 69 3.81 12.52 3.68
N LYS A 70 2.89 11.70 3.26
CA LYS A 70 1.70 11.39 4.10
C LYS A 70 1.80 9.98 4.65
N ASN A 71 0.85 9.57 5.45
CA ASN A 71 0.89 8.18 6.01
C ASN A 71 -0.43 7.47 5.77
N LEU A 72 -0.39 6.26 5.28
CA LEU A 72 -1.65 5.51 5.01
C LEU A 72 -1.57 4.09 5.61
N ARG A 73 -2.69 3.53 5.97
CA ARG A 73 -2.68 2.15 6.55
C ARG A 73 -3.96 1.40 6.17
N ILE A 74 -4.00 0.11 6.41
CA ILE A 74 -5.21 -0.68 6.08
C ILE A 74 -6.31 -0.43 7.11
N GLN A 75 -7.55 -0.46 6.69
CA GLN A 75 -8.67 -0.24 7.65
C GLN A 75 -9.51 -1.50 7.78
N CYS A 76 -10.11 -1.71 8.91
CA CYS A 76 -10.95 -2.93 9.10
C CYS A 76 -12.39 -2.67 8.66
N GLU A 77 -12.96 -3.55 7.89
CA GLU A 77 -14.36 -3.35 7.43
C GLU A 77 -15.23 -4.55 7.82
N GLY A 78 -16.03 -4.40 8.84
CA GLY A 78 -16.90 -5.53 9.28
C GLY A 78 -16.03 -6.76 9.57
N GLY A 79 -15.80 -7.57 8.57
CA GLY A 79 -14.97 -8.79 8.79
C GLY A 79 -13.94 -8.91 7.66
N SER A 80 -13.60 -7.82 7.03
CA SER A 80 -12.61 -7.88 5.93
C SER A 80 -11.55 -6.78 6.10
N PHE A 81 -10.45 -6.89 5.43
CA PHE A 81 -9.38 -5.85 5.56
C PHE A 81 -9.26 -5.06 4.26
N SER A 82 -9.15 -3.76 4.35
CA SER A 82 -9.02 -2.94 3.11
C SER A 82 -8.31 -1.61 3.41
N LEU A 83 -7.60 -1.07 2.46
CA LEU A 83 -6.89 0.21 2.70
C LEU A 83 -7.80 1.40 2.36
N GLN A 84 -8.69 1.22 1.43
CA GLN A 84 -9.60 2.33 1.03
C GLN A 84 -10.95 2.17 1.75
N SER A 85 -11.95 2.89 1.30
CA SER A 85 -13.29 2.78 1.95
C SER A 85 -14.16 1.78 1.19
N ASP A 86 -13.65 1.21 0.13
CA ASP A 86 -14.45 0.22 -0.64
C ASP A 86 -13.93 -1.20 -0.41
N PRO A 87 -14.73 -1.99 0.25
CA PRO A 87 -14.35 -3.39 0.55
C PRO A 87 -14.41 -4.24 -0.72
N ARG A 88 -15.39 -4.01 -1.55
CA ARG A 88 -15.50 -4.82 -2.81
C ARG A 88 -14.67 -4.16 -3.92
N SER A 89 -13.77 -3.30 -3.58
CA SER A 89 -12.93 -2.64 -4.62
C SER A 89 -11.94 -3.63 -5.22
N THR A 90 -11.04 -4.15 -4.42
CA THR A 90 -10.04 -5.12 -4.95
C THR A 90 -10.72 -6.48 -5.22
N GLN A 91 -11.97 -6.60 -4.88
CA GLN A 91 -12.69 -7.88 -5.11
C GLN A 91 -11.97 -9.03 -4.40
N PRO A 92 -11.82 -8.87 -3.11
CA PRO A 92 -11.14 -9.91 -2.29
C PRO A 92 -12.06 -11.10 -2.08
N VAL A 93 -11.76 -11.94 -1.12
CA VAL A 93 -12.62 -13.13 -0.87
C VAL A 93 -12.99 -13.19 0.62
N PRO A 94 -13.53 -14.29 1.06
CA PRO A 94 -13.92 -14.42 2.49
C PRO A 94 -12.67 -14.59 3.34
N ARG A 95 -12.57 -13.85 4.42
CA ARG A 95 -11.36 -13.96 5.27
C ARG A 95 -10.12 -13.67 4.44
N PHE A 96 -10.16 -12.63 3.65
CA PHE A 96 -8.99 -12.29 2.80
C PHE A 96 -8.41 -10.94 3.19
N ASP A 97 -7.11 -10.87 3.35
CA ASP A 97 -6.47 -9.58 3.73
C ASP A 97 -6.14 -8.80 2.45
N CYS A 98 -6.83 -7.73 2.20
CA CYS A 98 -6.55 -6.93 0.98
C CYS A 98 -5.17 -6.29 1.06
N VAL A 99 -4.48 -6.45 2.16
CA VAL A 99 -3.13 -5.83 2.28
C VAL A 99 -2.22 -6.36 1.17
N LEU A 100 -2.21 -7.65 0.94
CA LEU A 100 -1.34 -8.20 -0.13
C LEU A 100 -1.81 -7.67 -1.49
N LYS A 101 -3.08 -7.73 -1.76
CA LYS A 101 -3.60 -7.20 -3.05
C LYS A 101 -3.44 -5.67 -3.07
N LEU A 102 -3.58 -5.08 -1.92
CA LEU A 102 -3.44 -3.59 -1.80
C LEU A 102 -2.05 -3.15 -2.25
N VAL A 103 -1.05 -3.96 -2.01
CA VAL A 103 0.33 -3.57 -2.41
C VAL A 103 0.33 -3.18 -3.89
N HIS A 104 -0.43 -3.86 -4.70
CA HIS A 104 -0.46 -3.49 -6.14
C HIS A 104 -0.79 -1.99 -6.24
N HIS A 105 -1.76 -1.55 -5.48
CA HIS A 105 -2.11 -0.09 -5.50
C HIS A 105 -1.09 0.67 -4.64
N TYR A 106 -0.70 0.08 -3.55
CA TYR A 106 0.30 0.75 -2.66
C TYR A 106 1.62 0.91 -3.40
N MET A 107 1.84 0.10 -4.41
CA MET A 107 3.10 0.18 -5.20
C MET A 107 2.86 -0.29 -6.64
N PRO A 108 3.49 0.35 -7.56
CA PRO A 108 3.34 -0.01 -8.99
C PRO A 108 4.14 -1.28 -9.30
N PRO A 109 3.45 -2.25 -9.85
CA PRO A 109 4.10 -3.53 -10.20
C PRO A 109 5.02 -3.40 -11.43
N PRO A 110 4.70 -2.49 -12.33
CA PRO A 110 5.56 -2.32 -13.54
C PRO A 110 6.86 -1.61 -13.16
N GLY A 111 7.74 -1.43 -14.13
CA GLY A 111 9.02 -0.74 -13.82
C GLY A 111 10.05 -1.77 -13.33
N THR A 112 9.90 -2.23 -12.12
CA THR A 112 10.87 -3.23 -11.57
C THR A 112 10.10 -4.38 -10.91
N PRO A 113 9.77 -5.37 -11.72
CA PRO A 113 9.04 -6.55 -11.20
C PRO A 113 9.96 -7.43 -10.34
N SER A 114 9.40 -8.16 -9.43
CA SER A 114 10.24 -9.04 -8.56
C SER A 114 10.06 -10.51 -8.97
N PHE A 115 11.10 -11.29 -8.85
CA PHE A 115 10.99 -12.73 -9.23
C PHE A 115 12.30 -13.46 -8.91
N SER A 116 12.35 -14.74 -9.13
CA SER A 116 13.60 -15.52 -8.85
C SER A 116 13.34 -17.01 -8.99
N LEU A 117 12.24 -17.50 -8.50
CA LEU A 117 11.94 -18.95 -8.61
C LEU A 117 10.81 -19.18 -9.63
N PRO A 118 10.74 -20.38 -10.12
CA PRO A 118 9.70 -20.73 -11.11
C PRO A 118 8.33 -20.84 -10.43
N PRO A 119 7.41 -20.05 -10.91
CA PRO A 119 6.03 -20.06 -10.34
C PRO A 119 5.29 -21.33 -10.76
N THR A 120 4.49 -21.88 -9.89
CA THR A 120 3.74 -23.12 -10.24
C THR A 120 2.26 -22.97 -9.86
N GLU A 121 1.38 -23.34 -10.74
CA GLU A 121 -0.07 -23.21 -10.43
C GLU A 121 -0.91 -23.99 -11.45
N PRO A 122 -0.62 -25.27 -11.53
CA PRO A 122 -1.34 -26.15 -12.48
C PRO A 122 -2.77 -26.41 -11.99
N SER A 123 -3.54 -27.14 -12.74
CA SER A 123 -4.94 -27.43 -12.32
C SER A 123 -5.71 -26.13 -12.09
N SER A 124 -5.65 -25.23 -13.02
CA SER A 124 -6.37 -23.93 -12.86
C SER A 124 -6.42 -23.18 -14.19
N GLU A 125 -7.58 -22.76 -14.62
CA GLU A 125 -7.69 -22.02 -15.91
C GLU A 125 -7.30 -20.56 -15.70
N VAL A 126 -6.17 -20.17 -16.22
CA VAL A 126 -5.73 -18.75 -16.06
C VAL A 126 -5.20 -18.21 -17.39
N PRO A 127 -5.50 -16.96 -17.64
CA PRO A 127 -5.04 -16.31 -18.90
C PRO A 127 -3.54 -16.03 -18.85
N GLU A 128 -2.91 -16.30 -17.73
CA GLU A 128 -1.46 -16.04 -17.61
C GLU A 128 -1.14 -14.59 -17.95
N GLN A 129 0.07 -14.16 -17.72
CA GLN A 129 0.44 -12.75 -18.03
C GLN A 129 -0.50 -11.78 -17.29
N PRO A 130 -0.11 -10.54 -17.27
CA PRO A 130 -0.92 -9.49 -16.60
C PRO A 130 -2.18 -9.19 -17.41
N PRO A 131 -3.27 -9.01 -16.71
CA PRO A 131 -4.56 -8.70 -17.37
C PRO A 131 -4.56 -7.27 -17.91
N ALA A 132 -3.66 -6.45 -17.45
CA ALA A 132 -3.60 -5.04 -17.93
C ALA A 132 -4.90 -4.31 -17.57
N GLN A 133 -5.59 -4.78 -16.57
CA GLN A 133 -6.87 -4.12 -16.17
C GLN A 133 -7.42 -4.76 -14.91
N ALA A 134 -7.78 -3.97 -13.93
CA ALA A 134 -8.34 -4.55 -12.67
C ALA A 134 -9.41 -3.61 -12.09
N LEU A 135 -9.20 -2.34 -12.17
CA LEU A 135 -10.21 -1.38 -11.63
C LEU A 135 -10.77 -0.51 -12.76
N PRO A 136 -12.06 -0.65 -12.98
CA PRO A 136 -12.74 0.13 -14.04
C PRO A 136 -12.87 1.60 -13.62
N GLY A 137 -13.04 2.48 -14.57
CA GLY A 137 -13.19 3.92 -14.23
C GLY A 137 -11.90 4.41 -13.56
N SER A 138 -11.40 5.55 -13.97
CA SER A 138 -10.16 6.09 -13.36
C SER A 138 -9.14 4.96 -13.15
N THR A 139 -8.12 5.20 -12.38
CA THR A 139 -7.10 4.14 -12.15
C THR A 139 -6.76 3.43 -13.46
N PRO A 140 -6.00 4.10 -14.28
CA PRO A 140 -5.61 3.53 -15.59
C PRO A 140 -4.56 2.43 -15.40
N LYS A 141 -3.46 2.74 -14.77
CA LYS A 141 -2.39 1.72 -14.55
C LYS A 141 -1.81 1.86 -13.14
N ARG A 142 -1.37 3.03 -12.79
CA ARG A 142 -0.78 3.22 -11.42
C ARG A 142 -0.89 4.69 -11.01
N ALA A 143 -1.15 4.94 -9.76
CA ALA A 143 -1.27 6.36 -9.28
C ALA A 143 -1.94 6.39 -7.91
N TYR A 144 -1.22 6.09 -6.87
CA TYR A 144 -1.84 6.13 -5.52
C TYR A 144 -1.40 7.40 -4.79
N TYR A 145 -2.33 8.18 -4.33
CA TYR A 145 -1.96 9.43 -3.61
C TYR A 145 -3.07 9.86 -2.66
N ILE A 146 -2.78 10.79 -1.79
CA ILE A 146 -3.81 11.22 -0.81
C ILE A 146 -4.46 12.55 -1.23
N TYR A 147 -5.71 12.70 -0.90
CA TYR A 147 -6.43 13.95 -1.29
C TYR A 147 -6.44 14.95 -0.14
N SER A 148 -6.13 16.18 -0.44
CA SER A 148 -6.12 17.22 0.63
C SER A 148 -7.45 17.99 0.63
N GLY A 149 -8.52 17.34 1.00
CA GLY A 149 -9.84 18.03 1.03
C GLY A 149 -10.25 18.39 -0.40
N GLY A 150 -9.51 19.25 -1.04
CA GLY A 150 -9.87 19.65 -2.43
C GLY A 150 -8.61 19.62 -3.30
N GLU A 151 -7.51 19.19 -2.75
CA GLU A 151 -6.25 19.14 -3.55
C GLU A 151 -5.73 17.71 -3.62
N LYS A 152 -5.58 17.18 -4.80
CA LYS A 152 -5.07 15.78 -4.95
C LYS A 152 -3.55 15.76 -4.85
N ILE A 153 -3.03 15.29 -3.75
CA ILE A 153 -1.56 15.22 -3.57
C ILE A 153 -1.07 13.86 -4.08
N PRO A 154 -0.39 13.89 -5.20
CA PRO A 154 0.11 12.63 -5.83
C PRO A 154 1.28 12.03 -5.04
N LEU A 155 1.19 10.76 -4.73
CA LEU A 155 2.29 10.07 -3.99
C LEU A 155 2.76 8.85 -4.79
N VAL A 156 4.03 8.65 -4.91
CA VAL A 156 4.52 7.48 -5.68
C VAL A 156 5.33 6.54 -4.79
N LEU A 157 4.87 5.34 -4.61
CA LEU A 157 5.62 4.36 -3.76
C LEU A 157 6.14 3.21 -4.63
N SER A 158 7.42 3.07 -4.77
CA SER A 158 7.96 1.97 -5.63
C SER A 158 9.28 1.42 -5.06
N ARG A 159 9.65 1.78 -3.87
CA ARG A 159 10.92 1.27 -3.30
C ARG A 159 10.65 0.46 -2.03
N PRO A 160 11.11 -0.77 -2.03
CA PRO A 160 10.90 -1.67 -0.87
C PRO A 160 11.75 -1.21 0.32
N LEU A 161 11.24 -1.38 1.52
CA LEU A 161 12.02 -0.96 2.72
C LEU A 161 13.04 -2.03 3.09
N SER A 162 14.22 -1.63 3.49
CA SER A 162 15.27 -2.63 3.87
C SER A 162 15.22 -3.83 2.93
N SER A 163 14.49 -4.85 3.28
CA SER A 163 14.40 -6.06 2.42
C SER A 163 15.74 -6.78 2.39
N ASN A 164 15.75 -8.05 2.72
CA ASN A 164 17.02 -8.81 2.71
C ASN A 164 16.92 -10.01 1.76
N SER B 1 -3.52 18.61 24.00
CA SER B 1 -4.93 18.17 24.23
C SER B 1 -5.47 17.46 22.99
N THR B 2 -5.51 18.14 21.88
CA THR B 2 -6.04 17.50 20.63
C THR B 2 -4.90 16.79 19.89
N ALA B 3 -5.07 16.54 18.62
CA ALA B 3 -3.99 15.86 17.85
C ALA B 3 -3.80 14.43 18.37
N SER B 4 -2.80 13.74 17.89
CA SER B 4 -2.56 12.35 18.36
C SER B 4 -1.19 11.86 17.88
N THR B 5 -1.07 10.60 17.58
CA THR B 5 0.24 10.06 17.12
C THR B 5 0.51 10.50 15.68
N VAL B 6 -0.30 10.08 14.75
CA VAL B 6 -0.08 10.49 13.34
C VAL B 6 -1.42 10.50 12.58
N GLU B 7 -1.70 11.57 11.88
CA GLU B 7 -2.98 11.65 11.12
C GLU B 7 -2.71 11.57 9.62
N SER B 9 -4.75 10.28 5.48
CA SER B 9 -5.99 9.86 4.76
C SER B 9 -5.71 8.66 3.86
N THR B 10 -6.67 8.25 3.08
CA THR B 10 -6.45 7.08 2.19
C THR B 10 -5.73 7.53 0.92
N VAL B 11 -5.54 6.64 -0.03
CA VAL B 11 -4.86 7.04 -1.28
C VAL B 11 -5.85 7.11 -2.44
N VAL B 12 -5.38 7.00 -3.65
CA VAL B 12 -6.30 7.07 -4.82
C VAL B 12 -7.36 5.97 -4.72
N HIS B 13 -8.56 6.33 -4.36
CA HIS B 13 -9.65 5.32 -4.25
C HIS B 13 -10.93 5.85 -4.90
N SER B 14 -11.21 7.11 -4.73
CA SER B 14 -12.45 7.69 -5.33
C SER B 14 -12.21 9.14 -5.75
N GLY B 15 -12.59 9.49 -6.94
CA GLY B 15 -12.39 10.89 -7.41
C GLY B 15 -11.92 10.88 -8.86
N GLU A 9 -10.07 -8.30 15.37
CA GLU A 9 -9.62 -7.87 14.02
C GLU A 9 -8.09 -7.88 13.93
N TYR A 10 -7.42 -8.21 15.00
CA TYR A 10 -5.94 -8.25 14.98
C TYR A 10 -5.45 -9.37 14.07
N GLN A 11 -6.14 -10.47 14.05
CA GLN A 11 -5.71 -11.60 13.18
C GLN A 11 -5.55 -11.15 11.73
N LEU A 12 -6.34 -10.20 11.30
CA LEU A 12 -6.24 -9.73 9.89
C LEU A 12 -4.90 -8.99 9.68
N VAL A 13 -4.57 -8.08 10.55
CA VAL A 13 -3.29 -7.33 10.39
C VAL A 13 -2.09 -8.23 10.72
N VAL A 14 -2.18 -8.98 11.78
CA VAL A 14 -1.04 -9.87 12.16
C VAL A 14 -0.73 -10.86 11.03
N ASN A 15 -1.72 -11.27 10.29
CA ASN A 15 -1.46 -12.24 9.18
C ASN A 15 -0.59 -11.60 8.09
N ALA A 16 -0.72 -10.33 7.87
CA ALA A 16 0.10 -9.65 6.82
C ALA A 16 1.54 -9.44 7.30
N VAL A 17 1.72 -9.20 8.56
CA VAL A 17 3.11 -8.98 9.07
C VAL A 17 3.96 -10.20 8.71
N ARG A 18 3.38 -11.37 8.78
CA ARG A 18 4.15 -12.60 8.44
C ARG A 18 4.72 -12.48 7.03
N LYS A 19 3.94 -11.98 6.11
CA LYS A 19 4.45 -11.83 4.71
C LYS A 19 5.35 -10.60 4.60
N LEU A 20 4.92 -9.48 5.13
CA LEU A 20 5.74 -8.25 5.06
C LEU A 20 7.03 -8.43 5.86
N GLN A 21 6.97 -9.07 6.99
CA GLN A 21 8.19 -9.27 7.81
C GLN A 21 9.23 -10.07 7.02
N GLU A 22 8.78 -10.98 6.19
CA GLU A 22 9.74 -11.79 5.39
C GLU A 22 10.35 -10.93 4.28
N SER A 23 9.65 -9.95 3.82
CA SER A 23 10.20 -9.07 2.74
C SER A 23 11.48 -8.39 3.23
N GLY A 24 11.50 -7.91 4.44
CA GLY A 24 12.72 -7.26 4.97
C GLY A 24 12.59 -5.73 4.84
N PHE A 25 11.39 -5.23 4.71
CA PHE A 25 11.21 -3.76 4.58
C PHE A 25 10.14 -3.27 5.56
N TYR A 26 9.50 -4.15 6.26
CA TYR A 26 8.45 -3.72 7.24
C TYR A 26 9.06 -3.61 8.64
N TRP A 27 9.04 -2.44 9.22
CA TRP A 27 9.61 -2.27 10.58
C TRP A 27 8.48 -2.05 11.59
N SER A 28 8.67 -2.49 12.80
CA SER A 28 7.63 -2.32 13.84
C SER A 28 8.27 -1.83 15.13
N ALA A 29 9.41 -1.20 15.02
CA ALA A 29 10.12 -0.72 16.23
C ALA A 29 10.16 0.82 16.27
N VAL A 30 9.58 1.48 15.30
CA VAL A 30 9.58 2.97 15.32
C VAL A 30 8.21 3.48 15.75
N THR A 31 7.89 4.69 15.40
CA THR A 31 6.56 5.24 15.80
C THR A 31 5.56 5.10 14.64
N GLY A 32 4.31 5.33 14.89
CA GLY A 32 3.29 5.21 13.81
C GLY A 32 3.81 5.82 12.52
N GLY A 33 3.72 7.11 12.39
CA GLY A 33 4.19 7.78 11.14
C GLY A 33 5.71 7.93 11.14
N GLU A 34 6.31 8.10 12.29
CA GLU A 34 7.79 8.26 12.31
C GLU A 34 8.46 7.04 11.70
N ALA A 35 7.91 5.88 11.92
CA ALA A 35 8.52 4.67 11.31
C ALA A 35 8.47 4.79 9.79
N ASN A 36 7.33 5.10 9.25
CA ASN A 36 7.21 5.26 7.77
C ASN A 36 7.97 6.50 7.29
N LEU A 37 7.90 7.56 8.05
CA LEU A 37 8.58 8.83 7.66
C LEU A 37 10.12 8.72 7.75
N LEU A 38 10.63 7.94 8.66
CA LEU A 38 12.11 7.85 8.79
C LEU A 38 12.75 7.47 7.44
N LEU A 39 12.18 6.55 6.72
CA LEU A 39 12.79 6.21 5.40
C LEU A 39 12.49 7.35 4.43
N SER A 40 11.35 7.97 4.57
CA SER A 40 11.00 9.10 3.68
C SER A 40 11.88 10.32 3.99
N ALA A 41 12.25 10.49 5.24
CA ALA A 41 13.09 11.67 5.60
C ALA A 41 14.54 11.40 5.24
N GLU A 42 14.92 10.16 5.10
CA GLU A 42 16.33 9.86 4.72
C GLU A 42 16.36 9.19 3.33
N PRO A 43 16.04 7.92 3.28
CA PRO A 43 16.01 7.20 1.98
C PRO A 43 14.77 7.62 1.18
N ALA A 44 14.66 8.87 0.84
CA ALA A 44 13.46 9.33 0.07
C ALA A 44 13.22 8.42 -1.13
N GLY A 45 11.98 8.14 -1.43
CA GLY A 45 11.66 7.26 -2.58
C GLY A 45 11.36 5.85 -2.08
N THR A 46 11.12 5.72 -0.80
CA THR A 46 10.82 4.37 -0.23
C THR A 46 9.62 4.43 0.72
N PHE A 47 8.84 3.37 0.78
CA PHE A 47 7.66 3.38 1.68
C PHE A 47 7.75 2.20 2.66
N LEU A 48 7.36 2.42 3.88
CA LEU A 48 7.43 1.33 4.90
C LEU A 48 6.13 1.26 5.70
N ILE A 49 5.84 0.15 6.30
CA ILE A 49 4.58 0.03 7.10
C ILE A 49 4.92 -0.16 8.58
N ARG A 50 4.30 0.61 9.44
CA ARG A 50 4.57 0.48 10.89
C ARG A 50 3.32 -0.06 11.62
N ASP A 51 3.51 -0.87 12.62
CA ASP A 51 2.34 -1.41 13.36
C ASP A 51 2.02 -0.52 14.56
N SER A 52 0.86 0.10 14.56
CA SER A 52 0.49 0.99 15.70
C SER A 52 -0.26 0.19 16.77
N SER A 53 0.22 0.17 17.97
CA SER A 53 -0.47 -0.58 19.05
C SER A 53 -1.76 0.14 19.46
N ASP A 54 -2.82 -0.06 18.72
CA ASP A 54 -4.10 0.61 19.06
C ASP A 54 -5.13 -0.43 19.55
N GLN A 55 -6.38 -0.07 19.58
CA GLN A 55 -7.42 -1.03 20.04
C GLN A 55 -7.95 -1.85 18.86
N ARG A 56 -7.59 -1.49 17.66
CA ARG A 56 -8.07 -2.25 16.48
C ARG A 56 -6.94 -3.08 15.88
N HIS A 57 -5.72 -2.80 16.26
CA HIS A 57 -4.58 -3.57 15.70
C HIS A 57 -4.50 -3.41 14.19
N PHE A 58 -3.48 -2.77 13.70
CA PHE A 58 -3.35 -2.58 12.22
C PHE A 58 -2.06 -1.82 11.90
N PHE A 59 -1.54 -2.00 10.72
CA PHE A 59 -0.29 -1.29 10.35
C PHE A 59 -0.48 -0.47 9.07
N THR A 60 0.09 0.70 9.02
CA THR A 60 -0.05 1.57 7.81
C THR A 60 1.34 1.99 7.32
N LEU A 61 1.50 2.16 6.03
CA LEU A 61 2.84 2.57 5.52
C LEU A 61 2.74 3.90 4.76
N SER A 62 3.82 4.64 4.73
CA SER A 62 3.81 5.95 4.02
C SER A 62 5.12 6.13 3.25
N VAL A 63 5.11 6.91 2.20
CA VAL A 63 6.35 7.12 1.41
C VAL A 63 6.62 8.62 1.26
N LYS A 64 7.74 8.97 0.68
CA LYS A 64 8.06 10.41 0.50
C LYS A 64 7.83 10.81 -0.96
N THR A 65 7.22 11.95 -1.19
CA THR A 65 6.98 12.39 -2.59
C THR A 65 6.52 13.86 -2.61
N GLN A 66 6.47 14.45 -3.77
CA GLN A 66 6.03 15.88 -3.86
C GLN A 66 4.81 16.11 -2.97
N SER A 67 3.85 15.23 -3.03
CA SER A 67 2.63 15.39 -2.20
C SER A 67 3.01 15.57 -0.73
N GLY A 68 3.89 14.75 -0.23
CA GLY A 68 4.31 14.88 1.20
C GLY A 68 4.34 13.49 1.84
N THR A 69 5.01 13.36 2.96
CA THR A 69 5.08 12.04 3.63
C THR A 69 3.80 11.79 4.44
N LYS A 70 3.00 10.85 4.03
CA LYS A 70 1.74 10.57 4.78
C LYS A 70 1.46 9.07 4.82
N ASN A 71 0.76 8.61 5.83
CA ASN A 71 0.46 7.15 5.93
C ASN A 71 -1.06 6.93 5.95
N LEU A 72 -1.50 5.76 5.56
CA LEU A 72 -2.97 5.49 5.57
C LEU A 72 -3.25 4.12 6.19
N ARG A 73 -4.31 4.01 6.95
CA ARG A 73 -4.63 2.70 7.58
C ARG A 73 -5.79 2.02 6.85
N ILE A 74 -6.23 0.87 7.31
CA ILE A 74 -7.34 0.17 6.63
C ILE A 74 -8.63 0.31 7.45
N GLN A 75 -9.76 0.32 6.80
CA GLN A 75 -11.05 0.47 7.54
C GLN A 75 -11.66 -0.92 7.78
N CYS A 76 -12.08 -1.19 8.99
CA CYS A 76 -12.69 -2.52 9.29
C CYS A 76 -14.20 -2.39 9.46
N GLU A 77 -14.95 -3.29 8.89
CA GLU A 77 -16.43 -3.23 9.02
C GLU A 77 -16.99 -4.60 9.43
N GLY A 78 -17.35 -4.75 10.68
CA GLY A 78 -17.90 -6.06 11.13
C GLY A 78 -16.81 -7.14 11.03
N GLY A 79 -16.57 -7.63 9.84
CA GLY A 79 -15.52 -8.68 9.67
C GLY A 79 -14.87 -8.53 8.29
N SER A 80 -14.73 -7.32 7.83
CA SER A 80 -14.10 -7.10 6.49
C SER A 80 -13.23 -5.84 6.52
N PHE A 81 -12.16 -5.83 5.78
CA PHE A 81 -11.27 -4.63 5.76
C PHE A 81 -11.36 -3.95 4.39
N SER A 82 -11.07 -2.68 4.33
CA SER A 82 -11.14 -1.96 3.02
C SER A 82 -10.15 -0.79 2.99
N LEU A 83 -9.89 -0.26 1.83
CA LEU A 83 -8.95 0.88 1.71
C LEU A 83 -8.81 1.30 0.24
N GLN A 84 -8.92 0.35 -0.66
CA GLN A 84 -8.81 0.70 -2.11
C GLN A 84 -8.79 -0.59 -2.95
N SER A 85 -8.56 -0.46 -4.23
CA SER A 85 -8.52 -1.66 -5.11
C SER A 85 -9.82 -2.45 -4.99
N ASP A 86 -10.13 -3.24 -5.98
CA ASP A 86 -11.39 -4.04 -5.93
C ASP A 86 -11.08 -5.54 -6.01
N PRO A 87 -11.92 -6.32 -5.39
CA PRO A 87 -11.73 -7.79 -5.38
C PRO A 87 -12.07 -8.38 -6.76
N ARG A 88 -11.45 -7.88 -7.79
CA ARG A 88 -11.73 -8.41 -9.15
C ARG A 88 -11.10 -9.79 -9.33
N SER A 89 -10.06 -10.08 -8.59
CA SER A 89 -9.40 -11.41 -8.72
C SER A 89 -10.45 -12.53 -8.65
N THR A 90 -10.86 -12.91 -7.48
CA THR A 90 -11.87 -14.00 -7.35
C THR A 90 -13.18 -13.43 -6.79
N GLN A 91 -13.10 -12.40 -5.99
CA GLN A 91 -14.34 -11.81 -5.42
C GLN A 91 -15.01 -12.81 -4.47
N PRO A 92 -14.23 -13.36 -3.59
CA PRO A 92 -14.73 -14.35 -2.61
C PRO A 92 -15.57 -13.65 -1.53
N VAL A 93 -15.01 -12.66 -0.90
CA VAL A 93 -15.78 -11.93 0.16
C VAL A 93 -15.80 -10.43 -0.14
N PRO A 94 -16.85 -9.79 0.30
CA PRO A 94 -17.00 -8.33 0.08
C PRO A 94 -16.04 -7.55 0.98
N ARG A 95 -15.34 -6.60 0.42
CA ARG A 95 -14.39 -5.79 1.23
C ARG A 95 -13.08 -6.56 1.46
N PHE A 96 -13.16 -7.87 1.54
CA PHE A 96 -11.93 -8.68 1.77
C PHE A 96 -11.45 -8.52 3.21
N ASP A 97 -11.84 -9.40 4.09
CA ASP A 97 -11.39 -9.29 5.50
C ASP A 97 -9.92 -9.67 5.59
N CYS A 98 -9.08 -8.71 5.83
CA CYS A 98 -7.61 -8.97 5.94
C CYS A 98 -6.83 -7.69 5.66
N VAL A 99 -5.99 -7.28 6.57
CA VAL A 99 -5.19 -6.05 6.35
C VAL A 99 -4.51 -6.11 4.97
N LEU A 100 -4.30 -7.29 4.46
CA LEU A 100 -3.64 -7.43 3.13
C LEU A 100 -4.41 -6.63 2.08
N LYS A 101 -5.71 -6.57 2.18
CA LYS A 101 -6.48 -5.79 1.18
C LYS A 101 -5.99 -4.34 1.16
N LEU A 102 -5.55 -3.85 2.28
CA LEU A 102 -5.02 -2.45 2.34
C LEU A 102 -3.71 -2.36 1.55
N VAL A 103 -2.93 -3.40 1.56
CA VAL A 103 -1.64 -3.37 0.81
C VAL A 103 -1.89 -3.00 -0.65
N HIS A 104 -2.96 -3.49 -1.21
CA HIS A 104 -3.25 -3.16 -2.65
C HIS A 104 -3.24 -1.64 -2.85
N HIS A 105 -3.59 -0.89 -1.84
CA HIS A 105 -3.61 0.59 -1.98
C HIS A 105 -2.18 1.12 -2.15
N TYR A 106 -1.25 0.58 -1.41
CA TYR A 106 0.16 1.06 -1.53
C TYR A 106 0.75 0.61 -2.87
N MET A 107 0.12 -0.33 -3.53
CA MET A 107 0.65 -0.82 -4.83
C MET A 107 2.02 -1.46 -4.63
N PRO A 108 2.01 -2.72 -4.28
CA PRO A 108 3.27 -3.46 -4.06
C PRO A 108 3.99 -3.74 -5.39
N PRO A 109 5.26 -3.49 -5.40
CA PRO A 109 6.07 -3.71 -6.61
C PRO A 109 6.29 -5.21 -6.91
N PRO A 110 6.32 -6.03 -5.88
CA PRO A 110 6.53 -7.48 -6.09
C PRO A 110 5.26 -8.13 -6.64
N GLY A 111 5.40 -9.22 -7.34
CA GLY A 111 4.20 -9.91 -7.90
C GLY A 111 4.13 -11.34 -7.38
N THR A 112 5.21 -12.08 -7.49
CA THR A 112 5.22 -13.49 -7.01
C THR A 112 3.92 -14.19 -7.42
N PRO A 113 3.83 -14.48 -8.69
CA PRO A 113 2.63 -15.17 -9.22
C PRO A 113 2.62 -16.65 -8.80
N SER A 114 3.19 -17.51 -9.60
CA SER A 114 3.21 -18.95 -9.24
C SER A 114 3.73 -19.78 -10.43
N PHE A 115 2.86 -20.49 -11.09
CA PHE A 115 3.30 -21.31 -12.26
C PHE A 115 4.62 -22.02 -11.92
N SER A 116 4.55 -23.19 -11.35
CA SER A 116 5.80 -23.93 -11.00
C SER A 116 6.29 -24.73 -12.22
N LEU A 117 5.56 -25.74 -12.61
CA LEU A 117 5.99 -26.56 -13.77
C LEU A 117 4.91 -27.58 -14.12
N PRO A 118 3.95 -27.15 -14.90
CA PRO A 118 2.84 -28.05 -15.32
C PRO A 118 3.34 -29.07 -16.35
N PRO A 119 3.17 -30.32 -16.02
CA PRO A 119 3.60 -31.41 -16.93
C PRO A 119 2.66 -31.50 -18.13
N THR A 120 2.96 -32.37 -19.06
CA THR A 120 2.08 -32.52 -20.26
C THR A 120 0.69 -32.98 -19.83
N GLU A 121 -0.20 -32.07 -19.57
CA GLU A 121 -1.58 -32.48 -19.15
C GLU A 121 -2.41 -32.86 -20.38
N PRO A 122 -3.40 -33.68 -20.15
CA PRO A 122 -4.29 -34.14 -21.24
C PRO A 122 -5.21 -33.01 -21.70
N SER A 123 -5.84 -33.16 -22.84
CA SER A 123 -6.76 -32.09 -23.32
C SER A 123 -6.08 -30.72 -23.19
N SER A 124 -4.90 -30.58 -23.69
CA SER A 124 -4.20 -29.27 -23.60
C SER A 124 -4.14 -28.80 -22.14
N GLU A 125 -5.16 -28.12 -21.69
CA GLU A 125 -5.17 -27.64 -20.28
C GLU A 125 -6.60 -27.63 -19.73
N VAL A 126 -6.81 -27.00 -18.61
CA VAL A 126 -8.18 -26.96 -18.02
C VAL A 126 -8.69 -25.52 -18.00
N PRO A 127 -9.52 -25.21 -18.96
CA PRO A 127 -10.11 -23.85 -19.06
C PRO A 127 -11.15 -23.63 -17.95
N GLU A 128 -10.78 -23.85 -16.72
CA GLU A 128 -11.75 -23.65 -15.60
C GLU A 128 -13.11 -24.23 -15.99
N GLN A 129 -14.16 -23.79 -15.33
CA GLN A 129 -15.51 -24.31 -15.65
C GLN A 129 -16.01 -23.71 -16.97
N PRO A 130 -16.08 -22.41 -16.99
CA PRO A 130 -16.55 -21.70 -18.21
C PRO A 130 -15.48 -21.75 -19.31
N PRO A 131 -15.82 -22.40 -20.39
CA PRO A 131 -14.88 -22.52 -21.53
C PRO A 131 -14.76 -21.20 -22.27
N ALA A 132 -13.59 -20.61 -22.25
CA ALA A 132 -13.40 -19.30 -22.95
C ALA A 132 -11.91 -18.98 -23.08
N GLN A 133 -11.55 -18.14 -24.01
CA GLN A 133 -10.12 -17.79 -24.19
C GLN A 133 -9.98 -16.34 -24.64
N ALA A 134 -9.87 -15.42 -23.71
CA ALA A 134 -9.73 -13.98 -24.09
C ALA A 134 -9.29 -13.15 -22.89
N LEU A 135 -9.77 -11.95 -22.77
CA LEU A 135 -9.37 -11.10 -21.61
C LEU A 135 -10.35 -11.29 -20.45
N PRO A 136 -9.80 -11.62 -19.31
CA PRO A 136 -10.63 -11.84 -18.10
C PRO A 136 -11.17 -10.51 -17.57
N GLY A 137 -10.34 -9.51 -17.50
CA GLY A 137 -10.81 -8.18 -16.99
C GLY A 137 -9.91 -7.73 -15.83
N SER A 138 -8.63 -7.88 -15.97
CA SER A 138 -7.70 -7.45 -14.87
C SER A 138 -7.81 -5.95 -14.65
N THR A 139 -7.59 -5.16 -15.68
CA THR A 139 -7.67 -3.69 -15.52
C THR A 139 -6.99 -3.25 -14.23
N PRO A 140 -5.69 -3.25 -14.25
CA PRO A 140 -4.90 -2.84 -13.07
C PRO A 140 -4.98 -1.33 -12.86
N LYS A 141 -5.57 -0.90 -11.79
CA LYS A 141 -5.69 0.57 -11.53
C LYS A 141 -4.32 1.15 -11.13
N ARG A 142 -3.87 0.86 -9.95
CA ARG A 142 -2.55 1.40 -9.51
C ARG A 142 -2.57 2.93 -9.54
N ALA A 143 -2.61 3.56 -8.39
CA ALA A 143 -2.62 5.04 -8.35
C ALA A 143 -3.03 5.53 -6.95
N TYR A 144 -2.15 5.44 -6.00
CA TYR A 144 -2.50 5.91 -4.64
C TYR A 144 -1.85 7.27 -4.39
N TYR A 145 -2.63 8.26 -4.04
CA TYR A 145 -2.03 9.61 -3.81
C TYR A 145 -2.89 10.44 -2.87
N ILE A 146 -2.36 11.53 -2.39
CA ILE A 146 -3.13 12.38 -1.43
C ILE A 146 -3.66 13.64 -2.12
N TYR A 147 -4.77 14.12 -1.67
CA TYR A 147 -5.36 15.34 -2.28
C TYR A 147 -4.97 16.59 -1.49
N SER A 148 -4.55 17.61 -2.17
CA SER A 148 -4.14 18.86 -1.47
C SER A 148 -4.90 20.07 -2.03
N GLY A 149 -5.55 20.82 -1.19
CA GLY A 149 -6.30 22.02 -1.67
C GLY A 149 -7.03 21.67 -2.98
N GLY A 150 -8.03 20.83 -2.91
CA GLY A 150 -8.78 20.46 -4.14
C GLY A 150 -7.79 20.11 -5.25
N GLU A 151 -6.59 19.73 -4.91
CA GLU A 151 -5.59 19.37 -5.95
C GLU A 151 -5.17 17.91 -5.80
N LYS A 152 -5.37 17.12 -6.82
CA LYS A 152 -4.99 15.68 -6.73
C LYS A 152 -3.51 15.50 -7.06
N ILE A 153 -2.71 15.25 -6.07
CA ILE A 153 -1.26 15.04 -6.30
C ILE A 153 -0.98 13.54 -6.31
N PRO A 154 -0.90 12.98 -7.48
CA PRO A 154 -0.67 11.53 -7.60
C PRO A 154 0.77 11.14 -7.23
N LEU A 155 0.90 10.21 -6.33
CA LEU A 155 2.26 9.74 -5.93
C LEU A 155 2.32 8.21 -6.09
N VAL A 156 3.34 7.70 -6.69
CA VAL A 156 3.41 6.23 -6.86
C VAL A 156 4.45 5.61 -5.92
N LEU A 157 4.04 4.77 -5.02
CA LEU A 157 5.02 4.14 -4.09
C LEU A 157 5.30 2.70 -4.54
N SER A 158 6.53 2.37 -4.79
CA SER A 158 6.86 0.99 -5.24
C SER A 158 8.30 0.62 -4.88
N ARG A 159 8.93 1.38 -4.04
CA ARG A 159 10.34 1.05 -3.65
C ARG A 159 10.37 0.36 -2.29
N PRO A 160 10.95 -0.80 -2.27
CA PRO A 160 11.05 -1.57 -1.01
C PRO A 160 12.17 -1.03 -0.12
N LEU A 161 11.92 -0.92 1.16
CA LEU A 161 12.97 -0.39 2.08
C LEU A 161 13.82 -1.55 2.62
N SER A 162 15.11 -1.50 2.42
CA SER A 162 15.98 -2.60 2.92
C SER A 162 17.09 -2.03 3.82
N SER A 163 16.83 -1.94 5.10
CA SER A 163 17.86 -1.39 6.02
C SER A 163 17.82 -2.12 7.37
N ASN A 164 18.91 -2.14 8.09
CA ASN A 164 18.92 -2.84 9.40
C ASN A 164 18.10 -2.06 10.43
N SER B 1 -1.49 13.80 21.99
CA SER B 1 -1.01 12.46 22.45
C SER B 1 -0.23 11.76 21.32
N THR B 2 1.06 11.90 21.30
CA THR B 2 1.86 11.25 20.22
C THR B 2 1.83 9.73 20.39
N ALA B 3 1.64 9.25 21.59
CA ALA B 3 1.60 7.78 21.82
C ALA B 3 0.24 7.22 21.40
N SER B 4 -0.79 8.01 21.50
CA SER B 4 -2.15 7.52 21.11
C SER B 4 -2.10 6.90 19.72
N THR B 5 -2.30 7.69 18.69
CA THR B 5 -2.27 7.13 17.30
C THR B 5 -1.53 8.10 16.37
N VAL B 6 -1.30 7.68 15.15
CA VAL B 6 -0.58 8.58 14.19
C VAL B 6 -1.59 9.30 13.29
N GLU B 7 -1.56 10.60 13.28
CA GLU B 7 -2.52 11.36 12.42
C GLU B 7 -2.19 11.16 10.94
N SER B 9 -4.18 11.01 6.59
CA SER B 9 -5.37 11.28 5.73
C SER B 9 -5.73 10.03 4.93
N THR B 10 -5.96 10.18 3.64
CA THR B 10 -6.32 9.00 2.81
C THR B 10 -5.82 9.20 1.37
N VAL B 11 -5.59 8.13 0.66
CA VAL B 11 -5.10 8.27 -0.75
C VAL B 11 -6.29 8.25 -1.72
N VAL B 12 -6.04 8.48 -2.98
CA VAL B 12 -7.15 8.49 -3.97
C VAL B 12 -7.78 7.09 -4.06
N HIS B 13 -8.87 6.89 -3.37
CA HIS B 13 -9.53 5.55 -3.41
C HIS B 13 -9.80 5.13 -4.85
N SER B 14 -10.24 6.05 -5.68
CA SER B 14 -10.51 5.70 -7.10
C SER B 14 -10.74 6.98 -7.93
N GLY B 15 -10.66 6.87 -9.22
CA GLY B 15 -10.87 8.07 -10.08
C GLY B 15 -12.20 7.95 -10.82
N GLU A 9 -9.39 -6.93 14.27
CA GLU A 9 -8.37 -5.94 13.79
C GLU A 9 -6.96 -6.49 14.00
N TYR A 10 -6.54 -6.61 15.24
CA TYR A 10 -5.18 -7.14 15.51
C TYR A 10 -5.00 -8.52 14.87
N GLN A 11 -6.04 -9.31 14.86
CA GLN A 11 -5.94 -10.67 14.25
C GLN A 11 -5.76 -10.56 12.74
N LEU A 12 -6.49 -9.69 12.10
CA LEU A 12 -6.36 -9.54 10.62
C LEU A 12 -4.98 -8.98 10.27
N VAL A 13 -4.57 -7.94 10.94
CA VAL A 13 -3.23 -7.34 10.64
C VAL A 13 -2.12 -8.37 10.91
N VAL A 14 -2.27 -9.14 11.94
CA VAL A 14 -1.22 -10.17 12.24
C VAL A 14 -1.06 -11.12 11.05
N ASN A 15 -2.15 -11.67 10.58
CA ASN A 15 -2.04 -12.61 9.42
C ASN A 15 -1.43 -11.88 8.21
N ALA A 16 -1.88 -10.68 7.95
CA ALA A 16 -1.31 -9.92 6.80
C ALA A 16 0.17 -9.66 7.02
N VAL A 17 0.53 -9.27 8.22
CA VAL A 17 1.96 -9.02 8.52
C VAL A 17 2.78 -10.28 8.23
N ARG A 18 2.24 -11.42 8.55
CA ARG A 18 2.98 -12.68 8.30
C ARG A 18 3.34 -12.78 6.82
N LYS A 19 2.45 -12.40 5.95
CA LYS A 19 2.74 -12.46 4.49
C LYS A 19 3.66 -11.30 4.09
N LEU A 20 3.41 -10.14 4.62
CA LEU A 20 4.27 -8.97 4.26
C LEU A 20 5.65 -9.10 4.92
N GLN A 21 5.70 -9.49 6.16
CA GLN A 21 7.01 -9.65 6.86
C GLN A 21 7.86 -10.69 6.13
N GLU A 22 7.25 -11.69 5.57
CA GLU A 22 8.03 -12.74 4.85
C GLU A 22 8.87 -12.10 3.74
N SER A 23 8.42 -11.00 3.20
CA SER A 23 9.20 -10.34 2.11
C SER A 23 10.58 -9.94 2.62
N GLY A 24 10.65 -9.40 3.82
CA GLY A 24 11.97 -9.00 4.37
C GLY A 24 12.17 -7.50 4.21
N PHE A 25 11.10 -6.74 4.17
CA PHE A 25 11.25 -5.26 4.01
C PHE A 25 10.37 -4.52 5.03
N TYR A 26 9.58 -5.24 5.78
CA TYR A 26 8.71 -4.56 6.79
C TYR A 26 9.26 -4.80 8.21
N TRP A 27 9.70 -3.76 8.86
CA TRP A 27 10.22 -3.93 10.24
C TRP A 27 9.51 -2.98 11.20
N SER A 28 9.34 -3.37 12.43
CA SER A 28 8.65 -2.48 13.41
C SER A 28 9.59 -2.12 14.55
N ALA A 29 10.04 -0.90 14.57
CA ALA A 29 10.98 -0.46 15.65
C ALA A 29 10.95 1.06 15.80
N VAL A 30 10.01 1.71 15.15
CA VAL A 30 9.92 3.18 15.26
C VAL A 30 8.55 3.58 15.82
N THR A 31 8.12 4.78 15.60
CA THR A 31 6.79 5.21 16.14
C THR A 31 5.71 4.98 15.08
N GLY A 32 4.47 5.21 15.42
CA GLY A 32 3.39 5.01 14.42
C GLY A 32 3.75 5.72 13.11
N GLY A 33 3.52 6.99 13.04
CA GLY A 33 3.85 7.74 11.79
C GLY A 33 5.34 8.05 11.73
N GLU A 34 5.97 8.24 12.86
CA GLU A 34 7.42 8.55 12.86
C GLU A 34 8.19 7.42 12.19
N ALA A 35 7.65 6.24 12.18
CA ALA A 35 8.34 5.09 11.54
C ALA A 35 8.36 5.28 10.02
N ASN A 36 7.23 5.60 9.45
CA ASN A 36 7.17 5.79 7.97
C ASN A 36 7.93 7.06 7.55
N LEU A 37 7.69 8.14 8.23
CA LEU A 37 8.38 9.43 7.88
C LEU A 37 9.90 9.30 7.96
N LEU A 38 10.40 8.48 8.85
CA LEU A 38 11.89 8.34 8.95
C LEU A 38 12.47 7.95 7.60
N LEU A 39 11.88 7.00 6.94
CA LEU A 39 12.40 6.61 5.59
C LEU A 39 12.03 7.71 4.59
N SER A 40 10.88 8.30 4.75
CA SER A 40 10.46 9.39 3.82
C SER A 40 11.33 10.63 4.06
N ALA A 41 11.74 10.86 5.28
CA ALA A 41 12.57 12.06 5.57
C ALA A 41 14.04 11.80 5.19
N GLU A 42 14.43 10.57 5.09
CA GLU A 42 15.83 10.27 4.70
C GLU A 42 15.88 9.60 3.31
N PRO A 43 15.55 8.33 3.26
CA PRO A 43 15.55 7.61 1.97
C PRO A 43 14.35 8.06 1.11
N ALA A 44 14.33 9.30 0.73
CA ALA A 44 13.20 9.81 -0.10
C ALA A 44 12.94 8.89 -1.29
N GLY A 45 11.70 8.67 -1.63
CA GLY A 45 11.38 7.79 -2.78
C GLY A 45 11.21 6.36 -2.27
N THR A 46 11.04 6.20 -0.98
CA THR A 46 10.87 4.84 -0.40
C THR A 46 9.72 4.82 0.60
N PHE A 47 9.01 3.73 0.72
CA PHE A 47 7.89 3.67 1.69
C PHE A 47 8.09 2.52 2.67
N LEU A 48 7.75 2.71 3.90
CA LEU A 48 7.93 1.64 4.92
C LEU A 48 6.65 1.44 5.74
N ILE A 49 6.42 0.25 6.23
CA ILE A 49 5.19 0.02 7.04
C ILE A 49 5.59 -0.31 8.48
N ARG A 50 5.03 0.37 9.44
CA ARG A 50 5.39 0.09 10.85
C ARG A 50 4.15 -0.34 11.64
N ASP A 51 4.28 -1.31 12.50
CA ASP A 51 3.11 -1.78 13.29
C ASP A 51 2.77 -0.75 14.38
N SER A 52 1.51 -0.48 14.58
CA SER A 52 1.11 0.51 15.63
C SER A 52 2.01 0.38 16.85
N SER A 53 1.87 -0.68 17.60
CA SER A 53 2.72 -0.87 18.81
C SER A 53 3.49 -2.19 18.71
N ASP A 54 2.82 -3.29 18.87
CA ASP A 54 3.52 -4.60 18.80
C ASP A 54 2.92 -5.44 17.66
N GLN A 55 3.28 -6.70 17.58
CA GLN A 55 2.73 -7.56 16.51
C GLN A 55 1.23 -7.78 16.72
N ARG A 56 0.71 -7.34 17.83
CA ARG A 56 -0.75 -7.52 18.09
C ARG A 56 -1.52 -6.26 17.68
N HIS A 57 -1.00 -5.53 16.74
CA HIS A 57 -1.71 -4.29 16.29
C HIS A 57 -1.70 -4.19 14.76
N PHE A 58 -2.31 -3.19 14.22
CA PHE A 58 -2.34 -3.05 12.73
C PHE A 58 -1.02 -2.44 12.24
N PHE A 59 -0.78 -2.45 10.96
CA PHE A 59 0.48 -1.88 10.43
C PHE A 59 0.18 -0.78 9.40
N THR A 60 0.91 0.29 9.44
CA THR A 60 0.70 1.39 8.47
C THR A 60 2.01 1.76 7.79
N LEU A 61 1.97 2.31 6.61
CA LEU A 61 3.24 2.69 5.92
C LEU A 61 3.08 4.04 5.22
N SER A 62 4.15 4.77 5.08
CA SER A 62 4.08 6.09 4.41
C SER A 62 5.30 6.30 3.50
N VAL A 63 5.17 7.10 2.49
CA VAL A 63 6.32 7.33 1.57
C VAL A 63 6.55 8.83 1.38
N LYS A 64 7.61 9.20 0.71
CA LYS A 64 7.90 10.64 0.49
C LYS A 64 7.85 10.98 -1.00
N THR A 65 7.27 12.10 -1.36
CA THR A 65 7.19 12.47 -2.80
C THR A 65 7.31 14.00 -2.95
N GLN A 66 7.09 14.49 -4.14
CA GLN A 66 7.18 15.97 -4.36
C GLN A 66 5.90 16.65 -3.86
N SER A 67 5.62 16.56 -2.60
CA SER A 67 4.38 17.20 -2.05
C SER A 67 4.32 17.04 -0.54
N GLY A 68 4.83 15.96 -0.02
CA GLY A 68 4.81 15.74 1.46
C GLY A 68 4.59 14.25 1.76
N THR A 69 5.34 13.72 2.69
CA THR A 69 5.19 12.28 3.02
C THR A 69 3.97 12.07 3.93
N LYS A 70 3.07 11.21 3.53
CA LYS A 70 1.86 10.96 4.37
C LYS A 70 1.76 9.48 4.72
N ASN A 71 1.33 9.16 5.91
CA ASN A 71 1.20 7.73 6.31
C ASN A 71 -0.26 7.40 6.60
N LEU A 72 -0.72 6.25 6.17
CA LEU A 72 -2.15 5.88 6.43
C LEU A 72 -2.23 4.46 6.98
N ARG A 73 -2.96 4.27 8.05
CA ARG A 73 -3.08 2.90 8.64
C ARG A 73 -4.37 2.24 8.14
N ILE A 74 -4.43 0.94 8.16
CA ILE A 74 -5.64 0.23 7.69
C ILE A 74 -6.50 -0.21 8.88
N GLN A 75 -7.79 -0.02 8.81
CA GLN A 75 -8.67 -0.42 9.95
C GLN A 75 -9.69 -1.46 9.48
N CYS A 76 -10.12 -2.32 10.36
CA CYS A 76 -11.12 -3.35 9.97
C CYS A 76 -12.54 -2.80 10.13
N GLU A 77 -13.36 -2.94 9.12
CA GLU A 77 -14.76 -2.43 9.22
C GLU A 77 -15.75 -3.59 9.11
N GLY A 78 -16.61 -3.75 10.07
CA GLY A 78 -17.60 -4.86 10.01
C GLY A 78 -16.87 -6.20 10.10
N GLY A 79 -16.23 -6.60 9.04
CA GLY A 79 -15.50 -7.90 9.06
C GLY A 79 -14.43 -7.90 7.96
N SER A 80 -14.04 -6.75 7.51
CA SER A 80 -13.00 -6.67 6.44
C SER A 80 -11.94 -5.62 6.79
N PHE A 81 -10.81 -5.67 6.15
CA PHE A 81 -9.74 -4.68 6.44
C PHE A 81 -9.57 -3.71 5.27
N SER A 82 -9.56 -2.43 5.53
CA SER A 82 -9.40 -1.45 4.42
C SER A 82 -8.59 -0.24 4.89
N LEU A 83 -8.15 0.59 3.99
CA LEU A 83 -7.36 1.79 4.38
C LEU A 83 -8.24 2.77 5.16
N GLN A 84 -7.93 3.02 6.40
CA GLN A 84 -8.75 3.96 7.21
C GLN A 84 -10.16 3.40 7.39
N SER A 85 -10.59 3.22 8.61
CA SER A 85 -11.96 2.68 8.86
C SER A 85 -12.26 2.64 10.36
N ASP A 86 -13.27 1.92 10.76
CA ASP A 86 -13.60 1.85 12.21
C ASP A 86 -13.34 0.45 12.75
N PRO A 87 -12.35 0.34 13.59
CA PRO A 87 -11.98 -0.96 14.19
C PRO A 87 -13.02 -1.39 15.23
N ARG A 88 -14.27 -1.41 14.86
CA ARG A 88 -15.33 -1.81 15.84
C ARG A 88 -15.55 -3.33 15.78
N SER A 89 -14.63 -4.06 15.22
CA SER A 89 -14.79 -5.53 15.14
C SER A 89 -13.83 -6.22 16.10
N THR A 90 -12.56 -5.99 15.95
CA THR A 90 -11.56 -6.63 16.85
C THR A 90 -11.94 -8.10 17.10
N GLN A 91 -12.51 -8.74 16.12
CA GLN A 91 -12.91 -10.17 16.30
C GLN A 91 -12.86 -10.90 14.96
N PRO A 92 -13.20 -12.17 14.99
CA PRO A 92 -13.20 -12.99 13.77
C PRO A 92 -14.38 -12.61 12.87
N VAL A 93 -14.11 -12.29 11.63
CA VAL A 93 -15.21 -11.90 10.71
C VAL A 93 -15.06 -12.65 9.38
N PRO A 94 -15.95 -12.36 8.46
CA PRO A 94 -15.88 -13.02 7.13
C PRO A 94 -14.64 -12.55 6.37
N ARG A 95 -14.12 -13.35 5.49
CA ARG A 95 -12.90 -12.94 4.75
C ARG A 95 -11.73 -12.84 5.73
N PHE A 96 -11.14 -11.68 5.87
CA PHE A 96 -10.00 -11.52 6.82
C PHE A 96 -9.27 -10.21 6.55
N ASP A 97 -7.99 -10.16 6.78
CA ASP A 97 -7.23 -8.90 6.52
C ASP A 97 -7.06 -8.71 5.02
N CYS A 98 -7.73 -7.73 4.47
CA CYS A 98 -7.64 -7.48 3.01
C CYS A 98 -6.43 -6.59 2.69
N VAL A 99 -5.61 -6.29 3.67
CA VAL A 99 -4.43 -5.43 3.39
C VAL A 99 -3.67 -5.95 2.18
N LEU A 100 -3.76 -7.23 1.91
CA LEU A 100 -3.04 -7.79 0.73
C LEU A 100 -3.49 -7.06 -0.53
N LYS A 101 -4.77 -6.89 -0.71
CA LYS A 101 -5.26 -6.17 -1.92
C LYS A 101 -4.84 -4.70 -1.83
N LEU A 102 -4.89 -4.15 -0.64
CA LEU A 102 -4.48 -2.73 -0.45
C LEU A 102 -2.97 -2.59 -0.68
N VAL A 103 -2.22 -3.58 -0.30
CA VAL A 103 -0.74 -3.51 -0.48
C VAL A 103 -0.41 -3.20 -1.94
N HIS A 104 -1.14 -3.76 -2.86
CA HIS A 104 -0.86 -3.48 -4.30
C HIS A 104 -0.83 -1.97 -4.53
N HIS A 105 -1.67 -1.25 -3.83
CA HIS A 105 -1.71 0.24 -3.98
C HIS A 105 -0.54 0.86 -3.20
N TYR A 106 -0.19 0.26 -2.09
CA TYR A 106 0.92 0.84 -1.26
C TYR A 106 2.24 0.86 -2.02
N MET A 107 2.38 0.05 -3.03
CA MET A 107 3.66 0.06 -3.80
C MET A 107 3.67 -1.00 -4.91
N PRO A 108 3.46 -2.23 -4.53
CA PRO A 108 3.47 -3.34 -5.52
C PRO A 108 2.30 -3.21 -6.50
N PRO A 109 2.63 -2.90 -7.72
CA PRO A 109 1.60 -2.75 -8.78
C PRO A 109 1.10 -4.12 -9.24
N PRO A 110 0.05 -4.11 -10.01
CA PRO A 110 -0.54 -5.37 -10.52
C PRO A 110 0.34 -5.95 -11.63
N GLY A 111 1.36 -5.23 -12.03
CA GLY A 111 2.25 -5.74 -13.11
C GLY A 111 2.78 -4.56 -13.92
N THR A 112 3.96 -4.68 -14.47
CA THR A 112 4.53 -3.57 -15.27
C THR A 112 5.91 -3.96 -15.83
N PRO A 113 6.80 -4.28 -14.92
CA PRO A 113 8.17 -4.68 -15.32
C PRO A 113 8.15 -6.07 -15.98
N SER A 114 9.16 -6.38 -16.75
CA SER A 114 9.20 -7.72 -17.41
C SER A 114 9.42 -8.81 -16.38
N PHE A 115 10.65 -9.18 -16.13
CA PHE A 115 10.93 -10.25 -15.14
C PHE A 115 9.91 -11.39 -15.29
N SER A 116 9.93 -12.07 -16.41
CA SER A 116 8.97 -13.20 -16.61
C SER A 116 7.53 -12.70 -16.42
N LEU A 117 6.57 -13.53 -16.68
CA LEU A 117 5.15 -13.12 -16.52
C LEU A 117 4.83 -11.96 -17.47
N PRO A 118 5.14 -12.15 -18.71
CA PRO A 118 4.89 -11.11 -19.74
C PRO A 118 3.40 -11.00 -20.04
N PRO A 119 2.85 -9.85 -19.77
CA PRO A 119 1.41 -9.62 -20.02
C PRO A 119 1.13 -9.49 -21.52
N THR A 120 2.16 -9.42 -22.32
CA THR A 120 1.95 -9.29 -23.79
C THR A 120 2.55 -10.51 -24.51
N GLU A 121 2.23 -10.68 -25.76
CA GLU A 121 2.77 -11.85 -26.52
C GLU A 121 2.14 -11.91 -27.92
N PRO A 122 0.83 -11.99 -27.93
CA PRO A 122 0.10 -12.06 -29.21
C PRO A 122 0.10 -10.70 -29.92
N SER A 123 0.55 -9.68 -29.24
CA SER A 123 0.58 -8.32 -29.87
C SER A 123 2.02 -7.85 -30.03
N SER A 124 2.23 -6.77 -30.72
CA SER A 124 3.62 -6.26 -30.92
C SER A 124 3.94 -5.19 -29.88
N GLU A 125 5.18 -4.76 -29.81
CA GLU A 125 5.55 -3.72 -28.81
C GLU A 125 5.35 -2.32 -29.40
N VAL A 126 4.43 -2.19 -30.32
CA VAL A 126 4.19 -0.85 -30.93
C VAL A 126 4.05 0.22 -29.84
N PRO A 127 3.14 -0.03 -28.92
CA PRO A 127 2.91 0.93 -27.82
C PRO A 127 4.09 0.91 -26.84
N GLU A 128 4.33 2.00 -26.16
CA GLU A 128 5.45 2.05 -25.18
C GLU A 128 4.91 2.21 -23.76
N GLN A 129 5.06 1.21 -22.94
CA GLN A 129 4.57 1.31 -21.54
C GLN A 129 3.07 1.65 -21.54
N PRO A 130 2.28 0.66 -21.19
CA PRO A 130 0.81 0.85 -21.14
C PRO A 130 0.38 1.73 -19.95
N PRO A 131 1.12 1.70 -18.87
CA PRO A 131 0.74 2.51 -17.68
C PRO A 131 1.05 3.99 -17.95
N ALA A 132 2.08 4.26 -18.70
CA ALA A 132 2.44 5.68 -18.99
C ALA A 132 1.82 6.13 -20.32
N GLN A 133 0.61 6.64 -20.28
CA GLN A 133 -0.05 7.09 -21.54
C GLN A 133 -0.55 8.53 -21.38
N ALA A 134 -1.37 8.78 -20.40
CA ALA A 134 -1.90 10.16 -20.20
C ALA A 134 -2.28 10.38 -18.74
N LEU A 135 -3.16 11.32 -18.47
CA LEU A 135 -3.57 11.57 -17.07
C LEU A 135 -4.17 10.31 -16.45
N PRO A 136 -5.22 9.84 -17.09
CA PRO A 136 -5.91 8.62 -16.61
C PRO A 136 -5.06 7.38 -16.88
N GLY A 137 -4.82 6.58 -15.88
CA GLY A 137 -4.00 5.35 -16.09
C GLY A 137 -4.91 4.13 -16.17
N SER A 138 -6.20 4.32 -16.03
CA SER A 138 -7.14 3.16 -16.11
C SER A 138 -6.84 2.17 -14.97
N THR A 139 -7.35 0.98 -15.09
CA THR A 139 -7.11 -0.04 -14.01
C THR A 139 -7.24 0.61 -12.64
N PRO A 140 -8.46 0.74 -12.20
CA PRO A 140 -8.72 1.35 -10.87
C PRO A 140 -8.34 0.39 -9.75
N LYS A 141 -7.08 0.03 -9.67
CA LYS A 141 -6.64 -0.90 -8.59
C LYS A 141 -5.48 -0.29 -7.81
N ARG A 142 -4.27 -0.49 -8.25
CA ARG A 142 -3.10 0.08 -7.52
C ARG A 142 -2.98 1.58 -7.83
N ALA A 143 -2.56 2.35 -6.87
CA ALA A 143 -2.42 3.82 -7.10
C ALA A 143 -2.23 4.55 -5.78
N TYR A 144 -1.05 5.06 -5.51
CA TYR A 144 -0.87 5.78 -4.23
C TYR A 144 -0.60 7.26 -4.50
N TYR A 145 -1.42 8.12 -3.99
CA TYR A 145 -1.18 9.58 -4.22
C TYR A 145 -1.86 10.39 -3.13
N ILE A 146 -1.55 11.65 -3.01
CA ILE A 146 -2.17 12.46 -1.93
C ILE A 146 -2.98 13.62 -2.49
N TYR A 147 -4.04 13.98 -1.81
CA TYR A 147 -4.88 15.11 -2.30
C TYR A 147 -4.29 16.44 -1.81
N SER A 148 -3.71 17.19 -2.70
CA SER A 148 -3.11 18.50 -2.29
C SER A 148 -4.13 19.63 -2.46
N GLY A 149 -4.39 20.37 -1.42
CA GLY A 149 -5.38 21.48 -1.53
C GLY A 149 -6.62 21.00 -2.28
N GLY A 150 -7.30 20.02 -1.77
CA GLY A 150 -8.52 19.51 -2.46
C GLY A 150 -8.15 19.06 -3.87
N GLU A 151 -6.90 18.80 -4.12
CA GLU A 151 -6.48 18.34 -5.48
C GLU A 151 -5.83 16.97 -5.40
N LYS A 152 -6.36 16.01 -6.10
CA LYS A 152 -5.77 14.64 -6.05
C LYS A 152 -4.54 14.55 -6.96
N ILE A 153 -3.38 14.53 -6.38
CA ILE A 153 -2.13 14.41 -7.19
C ILE A 153 -1.70 12.95 -7.19
N PRO A 154 -1.73 12.34 -8.34
CA PRO A 154 -1.37 10.91 -8.46
C PRO A 154 0.14 10.67 -8.28
N LEU A 155 0.48 9.76 -7.41
CA LEU A 155 1.90 9.42 -7.17
C LEU A 155 2.10 7.91 -7.34
N VAL A 156 3.13 7.47 -7.99
CA VAL A 156 3.28 6.00 -8.14
C VAL A 156 4.24 5.46 -7.08
N LEU A 157 3.74 4.62 -6.20
CA LEU A 157 4.62 4.06 -5.13
C LEU A 157 5.24 2.74 -5.61
N SER A 158 6.54 2.62 -5.57
CA SER A 158 7.19 1.37 -6.04
C SER A 158 8.64 1.30 -5.58
N ARG A 159 8.91 1.62 -4.34
CA ARG A 159 10.31 1.57 -3.84
C ARG A 159 10.37 0.85 -2.49
N PRO A 160 11.18 -0.16 -2.43
CA PRO A 160 11.33 -0.95 -1.17
C PRO A 160 12.20 -0.18 -0.17
N LEU A 161 11.92 -0.36 1.10
CA LEU A 161 12.72 0.35 2.15
C LEU A 161 13.95 -0.49 2.53
N SER A 162 14.96 0.14 3.07
CA SER A 162 16.19 -0.60 3.48
C SER A 162 16.31 -1.93 2.73
N SER A 163 15.76 -2.98 3.27
CA SER A 163 15.86 -4.30 2.58
C SER A 163 17.32 -4.66 2.29
N ASN A 164 17.85 -4.18 1.20
CA ASN A 164 19.26 -4.49 0.87
C ASN A 164 20.02 -3.21 0.54
N SER B 1 0.79 13.86 27.83
CA SER B 1 2.19 13.91 27.32
C SER B 1 2.32 13.11 26.02
N THR B 2 1.30 13.11 25.21
CA THR B 2 1.36 12.36 23.93
C THR B 2 1.94 13.24 22.83
N ALA B 3 3.24 13.27 22.71
CA ALA B 3 3.88 14.12 21.65
C ALA B 3 4.12 13.29 20.39
N SER B 4 3.19 12.43 20.05
CA SER B 4 3.37 11.59 18.82
C SER B 4 2.67 12.24 17.63
N THR B 5 3.19 13.33 17.13
CA THR B 5 2.55 14.01 15.97
C THR B 5 2.66 13.13 14.72
N VAL B 6 1.56 12.71 14.17
CA VAL B 6 1.61 11.87 12.95
C VAL B 6 0.27 11.93 12.21
N GLU B 7 0.15 12.84 11.27
CA GLU B 7 -1.13 12.96 10.50
C GLU B 7 -0.87 12.70 9.02
N SER B 9 -3.08 12.39 4.78
CA SER B 9 -4.33 12.56 3.98
C SER B 9 -4.89 11.20 3.58
N THR B 10 -4.51 10.70 2.44
CA THR B 10 -5.02 9.38 1.99
C THR B 10 -4.60 9.10 0.54
N VAL B 11 -4.75 7.88 0.09
CA VAL B 11 -4.35 7.55 -1.31
C VAL B 11 -5.53 6.95 -2.06
N VAL B 12 -5.28 6.29 -3.16
CA VAL B 12 -6.39 5.68 -3.95
C VAL B 12 -6.88 4.41 -3.27
N HIS B 13 -8.18 4.25 -3.14
CA HIS B 13 -8.71 3.02 -2.49
C HIS B 13 -8.44 1.79 -3.37
N SER B 14 -8.28 0.65 -2.77
CA SER B 14 -8.02 -0.58 -3.57
C SER B 14 -9.31 -1.36 -3.77
N GLY B 15 -10.40 -0.69 -4.02
CA GLY B 15 -11.69 -1.39 -4.23
C GLY B 15 -12.59 -0.56 -5.14
N GLU A 9 -9.33 -7.41 13.48
CA GLU A 9 -8.58 -6.16 13.76
C GLU A 9 -7.19 -6.48 14.34
N TYR A 10 -7.12 -6.81 15.60
CA TYR A 10 -5.80 -7.14 16.20
C TYR A 10 -5.19 -8.36 15.51
N GLN A 11 -5.96 -9.40 15.34
CA GLN A 11 -5.43 -10.62 14.67
C GLN A 11 -5.12 -10.34 13.20
N LEU A 12 -5.89 -9.49 12.57
CA LEU A 12 -5.64 -9.18 11.12
C LEU A 12 -4.20 -8.68 10.93
N VAL A 13 -3.77 -7.75 11.74
CA VAL A 13 -2.38 -7.23 11.59
C VAL A 13 -1.37 -8.36 11.79
N VAL A 14 -1.54 -9.15 12.82
CA VAL A 14 -0.58 -10.26 13.06
C VAL A 14 -0.56 -11.21 11.85
N ASN A 15 -1.70 -11.53 11.31
CA ASN A 15 -1.75 -12.44 10.13
C ASN A 15 -1.07 -11.77 8.93
N ALA A 16 -1.27 -10.50 8.76
CA ALA A 16 -0.63 -9.79 7.61
C ALA A 16 0.86 -9.58 7.89
N VAL A 17 1.19 -9.17 9.08
CA VAL A 17 2.63 -8.95 9.42
C VAL A 17 3.39 -10.26 9.20
N ARG A 18 2.80 -11.36 9.57
CA ARG A 18 3.48 -12.67 9.39
C ARG A 18 3.90 -12.86 7.94
N LYS A 19 3.03 -12.54 7.02
CA LYS A 19 3.37 -12.70 5.58
C LYS A 19 4.27 -11.55 5.12
N LEU A 20 3.94 -10.34 5.51
CA LEU A 20 4.78 -9.17 5.10
C LEU A 20 6.17 -9.27 5.75
N GLN A 21 6.22 -9.64 7.00
CA GLN A 21 7.53 -9.76 7.69
C GLN A 21 8.34 -10.92 7.10
N GLU A 22 7.69 -12.01 6.79
CA GLU A 22 8.42 -13.18 6.21
C GLU A 22 9.15 -12.77 4.94
N SER A 23 8.49 -12.04 4.07
CA SER A 23 9.15 -11.61 2.82
C SER A 23 10.44 -10.85 3.12
N GLY A 24 10.52 -10.23 4.27
CA GLY A 24 11.75 -9.48 4.63
C GLY A 24 11.58 -8.01 4.25
N PHE A 25 10.38 -7.51 4.30
CA PHE A 25 10.15 -6.08 3.95
C PHE A 25 9.34 -5.38 5.04
N TYR A 26 9.12 -6.04 6.14
CA TYR A 26 8.34 -5.42 7.24
C TYR A 26 9.28 -4.67 8.20
N TRP A 27 8.91 -3.49 8.60
CA TRP A 27 9.78 -2.71 9.53
C TRP A 27 9.15 -2.66 10.92
N SER A 28 9.95 -2.71 11.95
CA SER A 28 9.41 -2.66 13.33
C SER A 28 10.43 -2.00 14.27
N ALA A 29 10.15 -0.83 14.75
CA ALA A 29 11.11 -0.15 15.67
C ALA A 29 10.68 1.30 15.94
N VAL A 30 9.89 1.88 15.08
CA VAL A 30 9.46 3.28 15.30
C VAL A 30 7.94 3.35 15.45
N THR A 31 7.37 4.51 15.28
CA THR A 31 5.89 4.65 15.41
C THR A 31 5.24 4.52 14.04
N GLY A 32 3.95 4.33 13.99
CA GLY A 32 3.27 4.19 12.69
C GLY A 32 3.78 5.26 11.71
N GLY A 33 3.21 6.44 11.77
CA GLY A 33 3.66 7.53 10.86
C GLY A 33 5.13 7.86 11.08
N GLU A 34 5.56 7.91 12.30
CA GLU A 34 7.00 8.24 12.55
C GLU A 34 7.91 7.21 11.88
N ALA A 35 7.42 6.02 11.70
CA ALA A 35 8.26 4.98 11.04
C ALA A 35 8.27 5.20 9.53
N ASN A 36 7.13 5.46 8.95
CA ASN A 36 7.08 5.69 7.48
C ASN A 36 7.78 7.01 7.11
N LEU A 37 7.46 8.06 7.80
CA LEU A 37 8.09 9.37 7.49
C LEU A 37 9.62 9.31 7.63
N LEU A 38 10.11 8.50 8.53
CA LEU A 38 11.60 8.41 8.67
C LEU A 38 12.23 8.05 7.33
N LEU A 39 11.49 7.39 6.49
CA LEU A 39 12.05 7.04 5.16
C LEU A 39 12.22 8.32 4.35
N SER A 40 11.34 9.27 4.56
CA SER A 40 11.43 10.57 3.83
C SER A 40 12.64 11.36 4.32
N ALA A 41 12.97 11.23 5.57
CA ALA A 41 14.15 11.98 6.11
C ALA A 41 15.45 11.27 5.74
N GLU A 42 15.38 9.99 5.44
CA GLU A 42 16.62 9.26 5.06
C GLU A 42 16.47 8.63 3.66
N PRO A 43 15.86 7.46 3.60
CA PRO A 43 15.68 6.81 2.28
C PRO A 43 14.58 7.50 1.47
N ALA A 44 14.83 8.70 1.02
CA ALA A 44 13.80 9.43 0.24
C ALA A 44 13.37 8.60 -0.99
N GLY A 45 12.11 8.61 -1.32
CA GLY A 45 11.64 7.82 -2.49
C GLY A 45 11.51 6.35 -2.08
N THR A 46 11.40 6.09 -0.81
CA THR A 46 11.29 4.68 -0.33
C THR A 46 10.04 4.53 0.54
N PHE A 47 9.42 3.37 0.51
CA PHE A 47 8.18 3.17 1.32
C PHE A 47 8.36 2.00 2.29
N LEU A 48 7.77 2.09 3.46
CA LEU A 48 7.91 0.98 4.46
C LEU A 48 6.68 0.96 5.36
N ILE A 49 6.42 -0.15 6.00
CA ILE A 49 5.24 -0.22 6.91
C ILE A 49 5.69 -0.41 8.37
N ARG A 50 4.99 0.18 9.30
CA ARG A 50 5.37 0.04 10.73
C ARG A 50 4.16 -0.36 11.57
N ASP A 51 4.31 -1.35 12.40
CA ASP A 51 3.15 -1.79 13.25
C ASP A 51 2.96 -0.81 14.41
N SER A 52 1.98 0.03 14.32
CA SER A 52 1.72 1.01 15.43
C SER A 52 0.35 1.66 15.27
N SER A 53 0.16 2.82 15.81
CA SER A 53 -1.16 3.50 15.68
C SER A 53 -2.23 2.73 16.47
N ASP A 54 -1.83 2.07 17.53
CA ASP A 54 -2.82 1.30 18.33
C ASP A 54 -2.20 0.88 19.67
N GLN A 55 -2.67 -0.19 20.24
CA GLN A 55 -2.11 -0.65 21.55
C GLN A 55 -0.87 -1.53 21.32
N ARG A 56 -0.66 -1.95 20.10
CA ARG A 56 0.52 -2.82 19.81
C ARG A 56 0.43 -3.38 18.39
N HIS A 57 -0.75 -3.53 17.88
CA HIS A 57 -0.90 -4.08 16.50
C HIS A 57 -1.23 -2.95 15.51
N PHE A 58 -1.99 -3.25 14.49
CA PHE A 58 -2.34 -2.19 13.49
C PHE A 58 -1.07 -1.63 12.84
N PHE A 59 -0.83 -1.95 11.60
CA PHE A 59 0.39 -1.44 10.93
C PHE A 59 0.01 -0.51 9.77
N THR A 60 0.78 0.53 9.56
CA THR A 60 0.47 1.49 8.45
C THR A 60 1.69 1.65 7.54
N LEU A 61 1.49 2.01 6.30
CA LEU A 61 2.64 2.18 5.38
C LEU A 61 2.57 3.52 4.65
N SER A 62 3.62 4.29 4.69
CA SER A 62 3.63 5.61 4.01
C SER A 62 4.98 5.84 3.32
N VAL A 63 5.00 6.65 2.29
CA VAL A 63 6.29 6.90 1.58
C VAL A 63 6.46 8.38 1.29
N LYS A 64 7.60 8.77 0.78
CA LYS A 64 7.83 10.21 0.47
C LYS A 64 7.88 10.43 -1.05
N THR A 65 7.29 11.48 -1.52
CA THR A 65 7.32 11.75 -2.99
C THR A 65 7.72 13.20 -3.26
N GLN A 66 7.13 13.82 -4.24
CA GLN A 66 7.48 15.24 -4.56
C GLN A 66 7.51 16.05 -3.27
N SER A 67 6.75 15.65 -2.29
CA SER A 67 6.73 16.40 -1.00
C SER A 67 5.49 15.99 -0.18
N GLY A 68 4.53 15.40 -0.83
CA GLY A 68 3.29 14.98 -0.10
C GLY A 68 3.56 13.68 0.66
N THR A 69 4.18 13.75 1.79
CA THR A 69 4.46 12.51 2.58
C THR A 69 3.35 12.27 3.60
N LYS A 70 2.52 11.29 3.40
CA LYS A 70 1.42 11.02 4.37
C LYS A 70 1.29 9.52 4.63
N ASN A 71 0.46 9.14 5.56
CA ASN A 71 0.29 7.69 5.87
C ASN A 71 -1.18 7.38 6.14
N LEU A 72 -1.59 6.16 5.94
CA LEU A 72 -3.02 5.81 6.18
C LEU A 72 -3.14 4.45 6.89
N ARG A 73 -3.88 4.38 7.95
CA ARG A 73 -4.04 3.10 8.68
C ARG A 73 -5.07 2.22 7.95
N ILE A 74 -5.00 0.93 8.14
CA ILE A 74 -5.97 0.02 7.46
C ILE A 74 -7.33 0.08 8.17
N GLN A 75 -8.40 0.06 7.43
CA GLN A 75 -9.75 0.10 8.05
C GLN A 75 -10.25 -1.33 8.28
N CYS A 76 -10.48 -1.70 9.52
CA CYS A 76 -10.96 -3.08 9.80
C CYS A 76 -12.49 -3.08 10.01
N GLU A 77 -13.21 -3.76 9.16
CA GLU A 77 -14.69 -3.81 9.32
C GLU A 77 -15.09 -5.07 10.10
N GLY A 78 -15.41 -4.93 11.35
CA GLY A 78 -15.80 -6.12 12.17
C GLY A 78 -14.56 -6.96 12.45
N GLY A 79 -14.16 -7.78 11.51
CA GLY A 79 -12.95 -8.62 11.73
C GLY A 79 -12.15 -8.71 10.43
N SER A 80 -12.52 -7.95 9.43
CA SER A 80 -11.78 -7.99 8.13
C SER A 80 -10.90 -6.74 8.00
N PHE A 81 -9.96 -6.77 7.10
CA PHE A 81 -9.05 -5.59 6.91
C PHE A 81 -9.34 -4.92 5.57
N SER A 82 -9.31 -3.61 5.52
CA SER A 82 -9.58 -2.90 4.24
C SER A 82 -8.92 -1.51 4.23
N LEU A 83 -8.36 -1.12 3.12
CA LEU A 83 -7.71 0.22 3.05
C LEU A 83 -8.24 1.00 1.83
N GLN A 84 -9.53 1.19 1.77
CA GLN A 84 -10.11 1.93 0.62
C GLN A 84 -9.86 1.16 -0.68
N SER A 85 -9.75 1.86 -1.78
CA SER A 85 -9.49 1.16 -3.07
C SER A 85 -10.68 0.25 -3.42
N ASP A 86 -10.54 -0.56 -4.44
CA ASP A 86 -11.65 -1.47 -4.82
C ASP A 86 -11.51 -2.81 -4.09
N PRO A 87 -12.53 -3.14 -3.34
CA PRO A 87 -12.54 -4.41 -2.57
C PRO A 87 -12.73 -5.60 -3.51
N ARG A 88 -11.84 -5.77 -4.45
CA ARG A 88 -11.96 -6.93 -5.40
C ARG A 88 -11.26 -8.16 -4.83
N SER A 89 -11.04 -8.18 -3.54
CA SER A 89 -10.34 -9.36 -2.92
C SER A 89 -11.25 -10.59 -2.98
N THR A 90 -12.47 -10.43 -3.42
CA THR A 90 -13.39 -11.59 -3.49
C THR A 90 -13.58 -12.21 -2.11
N GLN A 91 -13.17 -11.51 -1.09
CA GLN A 91 -13.33 -12.05 0.30
C GLN A 91 -12.87 -13.52 0.36
N PRO A 92 -11.62 -13.69 0.68
CA PRO A 92 -11.05 -15.06 0.77
C PRO A 92 -11.54 -15.76 2.04
N VAL A 93 -10.95 -15.49 3.17
CA VAL A 93 -11.40 -16.15 4.43
C VAL A 93 -12.07 -15.11 5.34
N PRO A 94 -12.68 -15.59 6.38
CA PRO A 94 -13.36 -14.68 7.34
C PRO A 94 -12.32 -13.86 8.09
N ARG A 95 -12.52 -12.58 8.18
CA ARG A 95 -11.52 -11.72 8.89
C ARG A 95 -10.13 -11.97 8.29
N PHE A 96 -10.06 -12.12 6.99
CA PHE A 96 -8.75 -12.37 6.33
C PHE A 96 -7.93 -11.07 6.24
N ASP A 97 -6.67 -11.17 5.97
CA ASP A 97 -5.83 -9.95 5.85
C ASP A 97 -5.95 -9.37 4.44
N CYS A 98 -6.59 -8.24 4.30
CA CYS A 98 -6.75 -7.65 2.95
C CYS A 98 -5.56 -6.73 2.61
N VAL A 99 -4.81 -6.32 3.60
CA VAL A 99 -3.66 -5.44 3.31
C VAL A 99 -2.80 -6.05 2.20
N LEU A 100 -2.84 -7.33 2.02
CA LEU A 100 -2.03 -7.95 0.93
C LEU A 100 -2.43 -7.32 -0.41
N LYS A 101 -3.70 -7.22 -0.66
CA LYS A 101 -4.15 -6.58 -1.93
C LYS A 101 -3.82 -5.09 -1.88
N LEU A 102 -3.91 -4.53 -0.71
CA LEU A 102 -3.60 -3.08 -0.51
C LEU A 102 -2.17 -2.78 -0.93
N VAL A 103 -1.27 -3.72 -0.73
CA VAL A 103 0.16 -3.47 -1.10
C VAL A 103 0.25 -3.01 -2.57
N HIS A 104 -0.57 -3.52 -3.43
CA HIS A 104 -0.51 -3.07 -4.85
C HIS A 104 -0.62 -1.54 -4.89
N HIS A 105 -1.63 -1.01 -4.27
CA HIS A 105 -1.79 0.49 -4.23
C HIS A 105 -0.87 1.08 -3.17
N TYR A 106 -0.96 0.57 -1.97
CA TYR A 106 -0.12 1.08 -0.85
C TYR A 106 1.36 0.74 -1.09
N MET A 107 1.60 -0.26 -1.90
CA MET A 107 3.01 -0.65 -2.18
C MET A 107 3.19 -0.95 -3.67
N PRO A 108 4.38 -1.37 -4.03
CA PRO A 108 4.67 -1.69 -5.46
C PRO A 108 4.00 -3.00 -5.86
N PRO A 109 3.42 -2.99 -7.03
CA PRO A 109 2.72 -4.19 -7.56
C PRO A 109 3.71 -5.30 -7.98
N PRO A 110 4.90 -4.92 -8.41
CA PRO A 110 5.89 -5.94 -8.84
C PRO A 110 6.47 -6.66 -7.61
N GLY A 111 5.75 -7.59 -7.07
CA GLY A 111 6.27 -8.33 -5.87
C GLY A 111 7.54 -9.08 -6.25
N THR A 112 7.90 -10.07 -5.49
CA THR A 112 9.13 -10.85 -5.81
C THR A 112 9.30 -12.01 -4.82
N PRO A 113 8.67 -13.11 -5.16
CA PRO A 113 8.74 -14.32 -4.31
C PRO A 113 10.12 -14.98 -4.43
N SER A 114 11.16 -14.23 -4.18
CA SER A 114 12.54 -14.80 -4.28
C SER A 114 12.77 -15.38 -5.67
N PHE A 115 12.52 -14.61 -6.69
CA PHE A 115 12.73 -15.12 -8.08
C PHE A 115 13.49 -14.08 -8.92
N SER A 116 14.54 -14.49 -9.56
CA SER A 116 15.32 -13.53 -10.40
C SER A 116 14.43 -12.92 -11.49
N LEU A 117 15.02 -12.32 -12.49
CA LEU A 117 14.20 -11.71 -13.58
C LEU A 117 14.86 -11.95 -14.93
N PRO A 118 14.56 -13.08 -15.51
CA PRO A 118 15.13 -13.45 -16.84
C PRO A 118 14.53 -12.60 -17.99
N PRO A 119 13.29 -12.17 -17.84
CA PRO A 119 12.66 -11.37 -18.91
C PRO A 119 13.23 -9.93 -18.90
N THR A 120 13.64 -9.45 -20.04
CA THR A 120 14.19 -8.06 -20.10
C THR A 120 13.06 -7.04 -20.20
N GLU A 121 12.62 -6.76 -21.40
CA GLU A 121 11.52 -5.77 -21.57
C GLU A 121 10.28 -6.22 -20.79
N PRO A 122 9.98 -5.49 -19.75
CA PRO A 122 8.81 -5.82 -18.90
C PRO A 122 7.51 -5.47 -19.63
N SER A 123 7.23 -6.14 -20.71
CA SER A 123 5.98 -5.85 -21.47
C SER A 123 5.22 -7.15 -21.76
N SER A 124 4.34 -7.55 -20.90
CA SER A 124 3.57 -8.81 -21.13
C SER A 124 2.38 -8.55 -22.05
N GLU A 125 2.59 -7.82 -23.10
CA GLU A 125 1.46 -7.52 -24.04
C GLU A 125 1.97 -7.43 -25.48
N VAL A 126 3.14 -6.88 -25.67
CA VAL A 126 3.69 -6.76 -27.05
C VAL A 126 2.75 -5.93 -27.93
N PRO A 127 2.86 -4.63 -27.78
CA PRO A 127 2.02 -3.71 -28.58
C PRO A 127 2.49 -3.66 -30.02
N GLU A 128 2.58 -4.80 -30.66
CA GLU A 128 3.02 -4.82 -32.09
C GLU A 128 1.83 -5.04 -33.02
N GLN A 129 2.08 -5.17 -34.30
CA GLN A 129 0.96 -5.37 -35.26
C GLN A 129 -0.17 -4.40 -34.96
N PRO A 130 0.04 -3.16 -35.35
CA PRO A 130 -0.97 -2.11 -35.13
C PRO A 130 -2.16 -2.29 -36.09
N PRO A 131 -3.29 -2.62 -35.52
CA PRO A 131 -4.51 -2.83 -36.33
C PRO A 131 -5.05 -1.49 -36.84
N ALA A 132 -4.32 -0.83 -37.69
CA ALA A 132 -4.80 0.48 -38.21
C ALA A 132 -5.11 1.44 -37.06
N GLN A 133 -6.30 1.40 -36.54
CA GLN A 133 -6.66 2.31 -35.42
C GLN A 133 -6.56 1.57 -34.09
N ALA A 134 -5.59 1.91 -33.27
CA ALA A 134 -5.44 1.23 -31.96
C ALA A 134 -5.43 2.25 -30.83
N LEU A 135 -5.34 1.80 -29.60
CA LEU A 135 -5.31 2.74 -28.46
C LEU A 135 -4.16 2.42 -27.51
N PRO A 136 -3.41 3.43 -27.18
CA PRO A 136 -2.24 3.27 -26.27
C PRO A 136 -2.72 3.04 -24.84
N GLY A 137 -3.56 3.91 -24.34
CA GLY A 137 -4.06 3.74 -22.93
C GLY A 137 -3.90 5.06 -22.18
N SER A 138 -4.42 5.13 -20.98
CA SER A 138 -4.30 6.39 -20.19
C SER A 138 -4.02 6.07 -18.73
N THR A 139 -5.05 5.83 -17.95
CA THR A 139 -4.84 5.51 -16.51
C THR A 139 -4.60 4.01 -16.32
N PRO A 140 -3.42 3.68 -15.89
CA PRO A 140 -3.05 2.26 -15.67
C PRO A 140 -3.75 1.72 -14.42
N LYS A 141 -3.29 0.62 -13.90
CA LYS A 141 -3.94 0.04 -12.69
C LYS A 141 -3.21 0.52 -11.42
N ARG A 142 -2.76 1.74 -11.42
CA ARG A 142 -2.05 2.27 -10.22
C ARG A 142 -2.22 3.79 -10.13
N ALA A 143 -2.20 4.33 -8.94
CA ALA A 143 -2.36 5.80 -8.78
C ALA A 143 -2.75 6.13 -7.33
N TYR A 144 -1.82 6.06 -6.42
CA TYR A 144 -2.15 6.36 -5.01
C TYR A 144 -1.54 7.72 -4.63
N TYR A 145 -2.34 8.64 -4.14
CA TYR A 145 -1.78 9.96 -3.78
C TYR A 145 -2.63 10.64 -2.71
N ILE A 146 -2.12 11.70 -2.13
CA ILE A 146 -2.89 12.38 -1.05
C ILE A 146 -3.56 13.65 -1.57
N TYR A 147 -4.68 13.99 -1.01
CA TYR A 147 -5.41 15.22 -1.47
C TYR A 147 -5.13 16.40 -0.55
N SER A 148 -4.83 17.52 -1.12
CA SER A 148 -4.55 18.73 -0.30
C SER A 148 -5.84 19.50 -0.04
N GLY A 149 -5.74 20.74 0.37
CA GLY A 149 -6.98 21.54 0.62
C GLY A 149 -7.98 21.29 -0.49
N GLY A 150 -7.54 21.32 -1.72
CA GLY A 150 -8.48 21.07 -2.86
C GLY A 150 -7.67 20.68 -4.10
N GLU A 151 -6.45 20.26 -3.92
CA GLU A 151 -5.62 19.85 -5.08
C GLU A 151 -5.18 18.39 -4.95
N LYS A 152 -5.48 17.58 -5.93
CA LYS A 152 -5.09 16.14 -5.86
C LYS A 152 -3.60 16.00 -6.15
N ILE A 153 -2.82 15.75 -5.14
CA ILE A 153 -1.36 15.58 -5.34
C ILE A 153 -1.05 14.10 -5.57
N PRO A 154 -0.67 13.79 -6.77
CA PRO A 154 -0.36 12.38 -7.12
C PRO A 154 1.00 11.94 -6.56
N LEU A 155 1.04 10.82 -5.87
CA LEU A 155 2.34 10.32 -5.33
C LEU A 155 2.56 8.89 -5.81
N VAL A 156 3.65 8.62 -6.47
CA VAL A 156 3.89 7.23 -6.95
C VAL A 156 4.89 6.52 -6.04
N LEU A 157 4.47 5.47 -5.40
CA LEU A 157 5.41 4.72 -4.50
C LEU A 157 5.78 3.38 -5.13
N SER A 158 7.04 3.04 -5.16
CA SER A 158 7.44 1.74 -5.77
C SER A 158 8.91 1.44 -5.48
N ARG A 159 9.44 1.96 -4.39
CA ARG A 159 10.87 1.70 -4.07
C ARG A 159 10.97 0.84 -2.80
N PRO A 160 11.65 -0.26 -2.91
CA PRO A 160 11.82 -1.18 -1.76
C PRO A 160 12.81 -0.59 -0.74
N LEU A 161 12.44 -0.55 0.50
CA LEU A 161 13.37 0.00 1.54
C LEU A 161 14.21 -1.13 2.14
N SER A 162 15.51 -0.96 2.17
CA SER A 162 16.38 -2.02 2.75
C SER A 162 16.20 -3.33 1.98
N SER A 163 15.22 -4.11 2.33
CA SER A 163 14.99 -5.40 1.62
C SER A 163 16.33 -6.11 1.37
N ASN A 164 16.93 -5.89 0.23
CA ASN A 164 18.23 -6.56 -0.06
C ASN A 164 19.38 -5.77 0.58
N SER B 1 -12.00 14.59 19.89
CA SER B 1 -11.38 15.82 19.32
C SER B 1 -9.85 15.78 19.50
N THR B 2 -9.30 14.60 19.60
CA THR B 2 -7.82 14.49 19.78
C THR B 2 -7.22 13.64 18.65
N ALA B 3 -5.92 13.68 18.49
CA ALA B 3 -5.27 12.88 17.41
C ALA B 3 -3.75 12.85 17.62
N SER B 4 -3.04 12.22 16.72
CA SER B 4 -1.56 12.16 16.87
C SER B 4 -0.88 12.69 15.60
N THR B 5 0.35 12.30 15.37
CA THR B 5 1.06 12.79 14.16
C THR B 5 0.92 11.77 13.03
N VAL B 6 -0.18 11.07 12.99
CA VAL B 6 -0.39 10.06 11.90
C VAL B 6 -1.77 10.25 11.27
N GLU B 7 -2.03 11.40 10.71
CA GLU B 7 -3.36 11.63 10.07
C GLU B 7 -3.58 10.60 8.96
N SER B 9 -5.02 10.18 4.70
CA SER B 9 -5.58 10.82 3.48
C SER B 9 -5.82 9.77 2.40
N THR B 10 -7.02 9.27 2.30
CA THR B 10 -7.33 8.22 1.27
C THR B 10 -6.44 8.41 0.04
N VAL B 11 -5.70 7.40 -0.33
CA VAL B 11 -4.81 7.53 -1.53
C VAL B 11 -5.54 7.05 -2.78
N VAL B 12 -6.31 7.90 -3.39
CA VAL B 12 -7.04 7.49 -4.62
C VAL B 12 -7.96 6.30 -4.32
N HIS B 13 -9.14 6.31 -4.87
CA HIS B 13 -10.08 5.18 -4.62
C HIS B 13 -10.12 4.24 -5.83
N SER B 14 -10.64 4.71 -6.94
CA SER B 14 -10.70 3.85 -8.16
C SER B 14 -11.50 4.55 -9.26
N GLY B 15 -10.91 4.73 -10.40
CA GLY B 15 -11.63 5.41 -11.51
C GLY B 15 -11.82 4.43 -12.68
N GLU A 9 -9.84 -7.40 14.46
CA GLU A 9 -9.16 -6.16 14.01
C GLU A 9 -7.64 -6.35 14.06
N TYR A 10 -7.09 -6.54 15.24
CA TYR A 10 -5.61 -6.73 15.35
C TYR A 10 -5.18 -7.97 14.56
N GLN A 11 -5.99 -8.99 14.55
CA GLN A 11 -5.62 -10.23 13.81
C GLN A 11 -5.32 -9.90 12.35
N LEU A 12 -6.04 -8.97 11.77
CA LEU A 12 -5.77 -8.60 10.35
C LEU A 12 -4.35 -8.06 10.20
N VAL A 13 -3.95 -7.16 11.06
CA VAL A 13 -2.58 -6.60 10.97
C VAL A 13 -1.55 -7.68 11.36
N VAL A 14 -1.83 -8.42 12.40
CA VAL A 14 -0.89 -9.48 12.84
C VAL A 14 -0.67 -10.48 11.70
N ASN A 15 -1.72 -10.99 11.13
CA ASN A 15 -1.58 -11.97 10.01
C ASN A 15 -0.78 -11.33 8.88
N ALA A 16 -1.07 -10.08 8.58
CA ALA A 16 -0.32 -9.39 7.49
C ALA A 16 1.16 -9.31 7.84
N VAL A 17 1.45 -9.02 9.08
CA VAL A 17 2.88 -8.93 9.51
C VAL A 17 3.58 -10.25 9.21
N ARG A 18 2.89 -11.35 9.42
CA ARG A 18 3.51 -12.67 9.14
C ARG A 18 3.99 -12.73 7.69
N LYS A 19 3.15 -12.33 6.77
CA LYS A 19 3.55 -12.36 5.33
C LYS A 19 4.46 -11.15 5.02
N LEU A 20 4.15 -10.02 5.58
CA LEU A 20 4.98 -8.81 5.31
C LEU A 20 6.39 -9.01 5.87
N GLN A 21 6.52 -9.73 6.94
CA GLN A 21 7.87 -9.95 7.54
C GLN A 21 8.73 -10.80 6.60
N GLU A 22 8.15 -11.79 5.98
CA GLU A 22 8.95 -12.64 5.05
C GLU A 22 9.55 -11.80 3.93
N SER A 23 8.85 -10.78 3.50
CA SER A 23 9.39 -9.91 2.41
C SER A 23 10.55 -9.05 2.93
N GLY A 24 10.44 -8.58 4.15
CA GLY A 24 11.54 -7.74 4.71
C GLY A 24 11.22 -6.26 4.48
N PHE A 25 10.16 -5.98 3.77
CA PHE A 25 9.79 -4.56 3.51
C PHE A 25 8.79 -4.07 4.57
N TYR A 26 8.53 -4.88 5.55
CA TYR A 26 7.57 -4.46 6.63
C TYR A 26 8.31 -3.77 7.76
N TRP A 27 7.84 -2.63 8.20
CA TRP A 27 8.53 -1.93 9.31
C TRP A 27 7.58 -1.66 10.48
N SER A 28 7.71 -2.42 11.54
CA SER A 28 6.85 -2.22 12.73
C SER A 28 7.73 -1.95 13.94
N ALA A 29 8.96 -1.60 13.70
CA ALA A 29 9.91 -1.35 14.81
C ALA A 29 9.87 0.12 15.26
N VAL A 30 9.21 0.97 14.53
CA VAL A 30 9.15 2.40 14.94
C VAL A 30 7.72 2.78 15.33
N THR A 31 7.39 4.04 15.27
CA THR A 31 6.00 4.46 15.64
C THR A 31 5.15 4.58 14.38
N GLY A 32 3.88 4.87 14.55
CA GLY A 32 2.99 4.99 13.36
C GLY A 32 3.58 5.98 12.35
N GLY A 33 3.61 7.24 12.69
CA GLY A 33 4.16 8.25 11.74
C GLY A 33 5.68 8.26 11.78
N GLU A 34 6.28 8.16 12.94
CA GLU A 34 7.77 8.20 13.01
C GLU A 34 8.38 7.05 12.20
N ALA A 35 7.67 5.98 12.05
CA ALA A 35 8.22 4.84 11.26
C ALA A 35 8.09 5.13 9.76
N ASN A 36 6.96 5.65 9.36
CA ASN A 36 6.77 5.95 7.91
C ASN A 36 7.65 7.12 7.45
N LEU A 37 7.70 8.17 8.22
CA LEU A 37 8.53 9.34 7.82
C LEU A 37 10.03 9.05 7.91
N LEU A 38 10.44 8.22 8.82
CA LEU A 38 11.91 7.93 8.93
C LEU A 38 12.47 7.44 7.60
N LEU A 39 11.63 6.91 6.76
CA LEU A 39 12.13 6.45 5.42
C LEU A 39 12.30 7.65 4.49
N SER A 40 11.39 8.59 4.56
CA SER A 40 11.50 9.80 3.70
C SER A 40 12.67 10.68 4.12
N ALA A 41 12.96 10.70 5.40
CA ALA A 41 14.09 11.56 5.89
C ALA A 41 15.44 10.86 5.67
N GLU A 42 15.45 9.57 5.51
CA GLU A 42 16.75 8.87 5.30
C GLU A 42 16.80 8.21 3.91
N PRO A 43 16.10 7.12 3.75
CA PRO A 43 16.10 6.41 2.45
C PRO A 43 15.30 7.21 1.41
N ALA A 44 15.83 8.30 0.95
CA ALA A 44 15.11 9.12 -0.06
C ALA A 44 14.79 8.26 -1.29
N GLY A 45 13.64 8.44 -1.87
CA GLY A 45 13.28 7.62 -3.08
C GLY A 45 12.86 6.22 -2.63
N THR A 46 12.52 6.08 -1.39
CA THR A 46 12.11 4.73 -0.87
C THR A 46 10.82 4.86 -0.05
N PHE A 47 9.99 3.85 -0.06
CA PHE A 47 8.73 3.93 0.72
C PHE A 47 8.67 2.77 1.74
N LEU A 48 7.86 2.91 2.76
CA LEU A 48 7.78 1.83 3.78
C LEU A 48 6.41 1.82 4.46
N ILE A 49 6.05 0.72 5.06
CA ILE A 49 4.73 0.64 5.75
C ILE A 49 4.94 0.49 7.26
N ARG A 50 4.21 1.22 8.06
CA ARG A 50 4.37 1.11 9.54
C ARG A 50 3.11 0.49 10.16
N ASP A 51 3.28 -0.50 10.98
CA ASP A 51 2.09 -1.14 11.62
C ASP A 51 1.89 -0.60 13.04
N SER A 52 0.67 -0.34 13.42
CA SER A 52 0.40 0.20 14.79
C SER A 52 0.88 1.64 14.91
N SER A 53 0.28 2.41 15.78
CA SER A 53 0.70 3.84 15.94
C SER A 53 0.14 4.40 17.25
N ASP A 54 -1.05 4.01 17.62
CA ASP A 54 -1.64 4.52 18.88
C ASP A 54 -2.29 3.37 19.67
N GLN A 55 -3.44 3.59 20.24
CA GLN A 55 -4.12 2.53 21.01
C GLN A 55 -4.97 1.64 20.07
N ARG A 56 -5.45 2.21 19.00
CA ARG A 56 -6.28 1.41 18.06
C ARG A 56 -5.41 0.38 17.33
N HIS A 57 -4.16 0.68 17.11
CA HIS A 57 -3.26 -0.28 16.41
C HIS A 57 -3.83 -0.63 15.03
N PHE A 58 -2.98 -0.82 14.06
CA PHE A 58 -3.47 -1.16 12.69
C PHE A 58 -2.32 -1.10 11.68
N PHE A 59 -2.62 -0.89 10.43
CA PHE A 59 -1.55 -0.82 9.39
C PHE A 59 -1.51 0.58 8.78
N THR A 60 -0.34 1.11 8.52
CA THR A 60 -0.26 2.47 7.92
C THR A 60 0.53 2.43 6.60
N LEU A 61 0.17 3.25 5.65
CA LEU A 61 0.91 3.25 4.36
C LEU A 61 1.51 4.64 4.10
N SER A 62 2.81 4.72 3.91
CA SER A 62 3.42 6.06 3.68
C SER A 62 4.57 6.02 2.67
N VAL A 63 4.85 7.14 2.04
CA VAL A 63 5.97 7.20 1.05
C VAL A 63 6.67 8.56 1.14
N LYS A 64 7.75 8.73 0.41
CA LYS A 64 8.47 10.04 0.44
C LYS A 64 8.41 10.68 -0.95
N THR A 65 7.94 11.90 -1.04
CA THR A 65 7.86 12.57 -2.37
C THR A 65 7.92 14.09 -2.21
N GLN A 66 7.52 14.82 -3.21
CA GLN A 66 7.55 16.31 -3.11
C GLN A 66 6.34 16.82 -2.33
N SER A 67 5.29 16.05 -2.27
CA SER A 67 4.09 16.49 -1.51
C SER A 67 4.27 16.21 -0.02
N GLY A 68 5.46 15.91 0.40
CA GLY A 68 5.71 15.62 1.84
C GLY A 68 5.38 14.16 2.12
N THR A 69 6.18 13.51 2.91
CA THR A 69 5.91 12.07 3.23
C THR A 69 4.81 11.98 4.30
N LYS A 70 3.63 11.54 3.92
CA LYS A 70 2.53 11.43 4.90
C LYS A 70 2.23 9.96 5.20
N ASN A 71 1.63 9.67 6.33
CA ASN A 71 1.32 8.26 6.67
C ASN A 71 -0.20 8.03 6.66
N LEU A 72 -0.64 6.84 6.38
CA LEU A 72 -2.10 6.58 6.35
C LEU A 72 -2.42 5.24 7.01
N ARG A 73 -3.17 5.26 8.08
CA ARG A 73 -3.51 3.98 8.78
C ARG A 73 -4.68 3.28 8.09
N ILE A 74 -4.79 1.98 8.25
CA ILE A 74 -5.90 1.24 7.60
C ILE A 74 -7.20 1.46 8.39
N GLN A 75 -8.30 1.60 7.70
CA GLN A 75 -9.60 1.82 8.42
C GLN A 75 -10.31 0.48 8.63
N CYS A 76 -10.78 0.24 9.83
CA CYS A 76 -11.48 -1.05 10.10
C CYS A 76 -12.99 -0.80 10.30
N GLU A 77 -13.81 -1.37 9.46
CA GLU A 77 -15.28 -1.16 9.62
C GLU A 77 -16.02 -2.50 9.51
N GLY A 78 -16.48 -3.01 10.63
CA GLY A 78 -17.22 -4.31 10.60
C GLY A 78 -16.22 -5.47 10.59
N GLY A 79 -15.13 -5.33 11.29
CA GLY A 79 -14.12 -6.43 11.32
C GLY A 79 -13.38 -6.48 9.99
N SER A 80 -13.69 -5.60 9.08
CA SER A 80 -12.99 -5.59 7.76
C SER A 80 -11.99 -4.45 7.71
N PHE A 81 -11.07 -4.49 6.79
CA PHE A 81 -10.06 -3.39 6.70
C PHE A 81 -10.28 -2.55 5.43
N SER A 82 -9.97 -1.30 5.49
CA SER A 82 -10.16 -0.42 4.30
C SER A 82 -9.05 0.62 4.22
N LEU A 83 -8.53 0.88 3.05
CA LEU A 83 -7.44 1.90 2.92
C LEU A 83 -7.94 3.07 2.08
N GLN A 84 -9.13 3.00 1.57
CA GLN A 84 -9.67 4.11 0.73
C GLN A 84 -9.99 5.32 1.61
N SER A 85 -11.01 6.06 1.29
CA SER A 85 -11.38 7.24 2.11
C SER A 85 -12.62 7.93 1.52
N ASP A 86 -13.50 7.18 0.91
CA ASP A 86 -14.71 7.81 0.31
C ASP A 86 -15.97 7.19 0.95
N PRO A 87 -16.80 8.05 1.47
CA PRO A 87 -18.06 7.60 2.12
C PRO A 87 -19.07 7.14 1.07
N ARG A 88 -18.68 6.24 0.21
CA ARG A 88 -19.62 5.76 -0.85
C ARG A 88 -20.45 4.59 -0.31
N SER A 89 -20.53 4.45 0.99
CA SER A 89 -21.33 3.33 1.56
C SER A 89 -21.06 2.03 0.80
N THR A 90 -19.82 1.77 0.46
CA THR A 90 -19.50 0.53 -0.29
C THR A 90 -19.40 -0.66 0.68
N GLN A 91 -19.79 -0.47 1.90
CA GLN A 91 -19.72 -1.59 2.88
C GLN A 91 -18.26 -2.03 3.08
N PRO A 92 -18.09 -3.01 3.92
CA PRO A 92 -16.72 -3.53 4.20
C PRO A 92 -16.20 -4.34 3.00
N VAL A 93 -15.01 -4.86 3.10
CA VAL A 93 -14.45 -5.65 1.97
C VAL A 93 -14.37 -7.13 2.34
N PRO A 94 -14.63 -7.97 1.37
CA PRO A 94 -14.60 -9.43 1.59
C PRO A 94 -13.14 -9.91 1.73
N ARG A 95 -12.89 -10.80 2.66
CA ARG A 95 -11.50 -11.31 2.84
C ARG A 95 -10.61 -10.21 3.40
N PHE A 96 -11.16 -9.29 4.14
CA PHE A 96 -10.34 -8.19 4.73
C PHE A 96 -9.23 -7.77 3.77
N ASP A 97 -9.54 -7.60 2.51
CA ASP A 97 -8.51 -7.21 1.53
C ASP A 97 -8.12 -5.74 1.75
N CYS A 98 -6.93 -5.52 2.23
CA CYS A 98 -6.47 -4.13 2.48
C CYS A 98 -5.02 -4.13 2.99
N VAL A 99 -4.81 -4.49 4.23
CA VAL A 99 -3.42 -4.52 4.75
C VAL A 99 -2.54 -5.39 3.85
N LEU A 100 -2.97 -6.60 3.57
CA LEU A 100 -2.16 -7.48 2.67
C LEU A 100 -2.08 -6.83 1.29
N LYS A 101 -3.19 -6.38 0.79
CA LYS A 101 -3.22 -5.71 -0.54
C LYS A 101 -2.41 -4.41 -0.47
N LEU A 102 -2.36 -3.80 0.68
CA LEU A 102 -1.61 -2.52 0.84
C LEU A 102 -0.15 -2.69 0.44
N VAL A 103 0.43 -3.84 0.70
CA VAL A 103 1.86 -4.03 0.31
C VAL A 103 2.02 -3.70 -1.18
N HIS A 104 1.07 -4.10 -1.98
CA HIS A 104 1.14 -3.79 -3.43
C HIS A 104 0.95 -2.29 -3.63
N HIS A 105 0.22 -1.66 -2.75
CA HIS A 105 -0.01 -0.19 -2.88
C HIS A 105 1.31 0.56 -2.90
N TYR A 106 2.26 0.12 -2.11
CA TYR A 106 3.58 0.81 -2.08
C TYR A 106 4.39 0.49 -3.34
N MET A 107 3.84 -0.30 -4.22
CA MET A 107 4.59 -0.65 -5.47
C MET A 107 3.79 -1.62 -6.33
N PRO A 108 3.32 -1.12 -7.45
CA PRO A 108 2.52 -1.96 -8.37
C PRO A 108 3.44 -2.92 -9.13
N PRO A 109 2.97 -4.14 -9.28
CA PRO A 109 3.75 -5.17 -9.99
C PRO A 109 3.74 -4.91 -11.50
N PRO A 110 4.63 -5.57 -12.19
CA PRO A 110 4.73 -5.41 -13.67
C PRO A 110 3.55 -6.10 -14.36
N GLY A 111 3.38 -5.87 -15.63
CA GLY A 111 2.26 -6.52 -16.36
C GLY A 111 1.52 -5.48 -17.20
N THR A 112 1.07 -4.42 -16.59
CA THR A 112 0.36 -3.36 -17.37
C THR A 112 0.34 -2.05 -16.57
N PRO A 113 1.23 -1.16 -16.95
CA PRO A 113 1.32 0.16 -16.28
C PRO A 113 0.15 1.05 -16.67
N SER A 114 -0.07 1.23 -17.95
CA SER A 114 -1.21 2.09 -18.39
C SER A 114 -1.77 1.57 -19.73
N PHE A 115 -1.06 1.80 -20.80
CA PHE A 115 -1.56 1.32 -22.13
C PHE A 115 -1.44 -0.20 -22.22
N SER A 116 -2.53 -0.87 -22.50
CA SER A 116 -2.48 -2.36 -22.61
C SER A 116 -2.14 -2.78 -24.03
N LEU A 117 -0.88 -2.76 -24.38
CA LEU A 117 -0.47 -3.16 -25.76
C LEU A 117 0.29 -4.49 -25.73
N PRO A 118 0.11 -5.25 -26.77
CA PRO A 118 0.79 -6.56 -26.88
C PRO A 118 2.29 -6.38 -27.15
N PRO A 119 3.08 -7.16 -26.47
CA PRO A 119 4.55 -7.08 -26.63
C PRO A 119 4.98 -7.69 -27.97
N THR A 120 4.78 -6.97 -29.05
CA THR A 120 5.16 -7.51 -30.38
C THR A 120 6.68 -7.38 -30.59
N GLU A 121 7.35 -8.47 -30.81
CA GLU A 121 8.83 -8.41 -31.01
C GLU A 121 9.26 -9.42 -32.07
N PRO A 122 9.80 -8.91 -33.15
CA PRO A 122 10.26 -9.79 -34.25
C PRO A 122 11.55 -10.52 -33.85
N SER A 123 12.48 -9.82 -33.26
CA SER A 123 13.75 -10.48 -32.86
C SER A 123 13.48 -11.56 -31.81
N SER A 124 14.33 -12.55 -31.72
CA SER A 124 14.11 -13.64 -30.74
C SER A 124 14.98 -13.40 -29.50
N GLU A 125 15.25 -12.17 -29.18
CA GLU A 125 16.09 -11.86 -27.98
C GLU A 125 15.62 -12.69 -26.78
N VAL A 126 14.35 -12.61 -26.46
CA VAL A 126 13.83 -13.39 -25.30
C VAL A 126 12.30 -13.44 -25.35
N PRO A 127 11.79 -14.30 -26.18
CA PRO A 127 10.33 -14.46 -26.33
C PRO A 127 9.74 -15.16 -25.10
N GLU A 128 8.56 -15.72 -25.24
CA GLU A 128 7.94 -16.43 -24.08
C GLU A 128 7.61 -15.42 -22.97
N GLN A 129 6.38 -15.39 -22.53
CA GLN A 129 6.00 -14.44 -21.45
C GLN A 129 4.67 -14.85 -20.82
N PRO A 130 4.77 -15.40 -19.64
CA PRO A 130 3.55 -15.86 -18.91
C PRO A 130 2.76 -14.65 -18.40
N PRO A 131 1.50 -14.64 -18.70
CA PRO A 131 0.61 -13.53 -18.26
C PRO A 131 0.32 -13.65 -16.76
N ALA A 132 1.33 -13.73 -15.96
CA ALA A 132 1.12 -13.84 -14.49
C ALA A 132 -0.02 -14.83 -14.19
N GLN A 133 -0.67 -14.68 -13.08
CA GLN A 133 -1.79 -15.61 -12.73
C GLN A 133 -3.12 -15.02 -13.21
N ALA A 134 -3.27 -13.73 -13.14
CA ALA A 134 -4.55 -13.10 -13.59
C ALA A 134 -5.70 -13.52 -12.66
N LEU A 135 -5.50 -13.35 -11.38
CA LEU A 135 -6.58 -13.72 -10.41
C LEU A 135 -7.78 -12.79 -10.56
N PRO A 136 -7.52 -11.51 -10.43
CA PRO A 136 -8.58 -10.50 -10.55
C PRO A 136 -9.01 -10.34 -12.01
N GLY A 137 -8.38 -9.46 -12.74
CA GLY A 137 -8.75 -9.27 -14.17
C GLY A 137 -7.96 -8.11 -14.75
N SER A 138 -8.35 -7.63 -15.90
CA SER A 138 -7.61 -6.49 -16.53
C SER A 138 -7.62 -5.28 -15.59
N THR A 139 -7.22 -4.13 -16.08
CA THR A 139 -7.21 -2.92 -15.22
C THR A 139 -6.65 -3.25 -13.84
N PRO A 140 -5.35 -3.15 -13.73
CA PRO A 140 -4.68 -3.45 -12.45
C PRO A 140 -4.93 -2.33 -11.43
N LYS A 141 -4.52 -2.51 -10.21
CA LYS A 141 -4.75 -1.45 -9.18
C LYS A 141 -3.48 -0.61 -9.00
N ARG A 142 -3.23 0.29 -9.90
CA ARG A 142 -2.01 1.14 -9.79
C ARG A 142 -2.41 2.63 -9.73
N ALA A 143 -2.40 3.19 -8.55
CA ALA A 143 -2.77 4.63 -8.42
C ALA A 143 -3.04 4.97 -6.95
N TYR A 144 -2.04 4.95 -6.13
CA TYR A 144 -2.26 5.27 -4.70
C TYR A 144 -1.77 6.71 -4.43
N TYR A 145 -2.61 7.55 -3.90
CA TYR A 145 -2.18 8.95 -3.64
C TYR A 145 -3.02 9.59 -2.54
N ILE A 146 -2.60 10.71 -2.03
CA ILE A 146 -3.35 11.36 -0.92
C ILE A 146 -4.17 12.55 -1.43
N TYR A 147 -5.27 12.81 -0.80
CA TYR A 147 -6.14 13.95 -1.23
C TYR A 147 -5.88 15.19 -0.38
N SER A 148 -5.74 16.31 -1.01
CA SER A 148 -5.48 17.57 -0.25
C SER A 148 -6.58 18.60 -0.53
N GLY A 149 -7.28 19.02 0.48
CA GLY A 149 -8.36 20.04 0.28
C GLY A 149 -9.16 19.70 -0.98
N GLY A 150 -9.82 18.57 -0.99
CA GLY A 150 -10.63 18.19 -2.18
C GLY A 150 -9.72 18.11 -3.42
N GLU A 151 -8.43 18.09 -3.22
CA GLU A 151 -7.51 17.99 -4.39
C GLU A 151 -6.83 16.62 -4.40
N LYS A 152 -7.00 15.89 -5.47
CA LYS A 152 -6.37 14.54 -5.55
C LYS A 152 -4.90 14.65 -5.91
N ILE A 153 -4.04 14.44 -4.95
CA ILE A 153 -2.57 14.51 -5.22
C ILE A 153 -2.05 13.09 -5.46
N PRO A 154 -1.69 12.83 -6.69
CA PRO A 154 -1.20 11.47 -7.07
C PRO A 154 0.21 11.22 -6.50
N LEU A 155 0.38 10.09 -5.84
CA LEU A 155 1.72 9.74 -5.28
C LEU A 155 2.16 8.38 -5.81
N VAL A 156 3.38 8.27 -6.23
CA VAL A 156 3.86 6.95 -6.74
C VAL A 156 5.09 6.49 -5.96
N LEU A 157 5.01 5.37 -5.30
CA LEU A 157 6.19 4.87 -4.53
C LEU A 157 7.21 4.26 -5.51
N SER A 158 8.45 4.18 -5.10
CA SER A 158 9.50 3.61 -6.00
C SER A 158 10.20 2.42 -5.35
N ARG A 159 11.07 2.68 -4.40
CA ARG A 159 11.81 1.57 -3.74
C ARG A 159 11.25 1.30 -2.33
N PRO A 160 11.02 0.04 -2.06
CA PRO A 160 10.50 -0.38 -0.74
C PRO A 160 11.62 -0.37 0.31
N LEU A 161 11.30 -0.09 1.54
CA LEU A 161 12.35 -0.08 2.59
C LEU A 161 12.55 -1.50 3.14
N SER A 162 13.71 -2.06 2.95
CA SER A 162 13.95 -3.44 3.46
C SER A 162 14.96 -3.40 4.62
N SER A 163 14.75 -4.23 5.61
CA SER A 163 15.69 -4.24 6.78
C SER A 163 16.00 -5.69 7.18
N ASN A 164 16.99 -5.88 8.01
CA ASN A 164 17.34 -7.26 8.45
C ASN A 164 17.44 -7.33 9.96
N SER B 1 -2.94 19.86 26.86
CA SER B 1 -3.64 20.93 26.09
C SER B 1 -3.76 20.50 24.61
N THR B 2 -2.69 20.58 23.87
CA THR B 2 -2.74 20.19 22.44
C THR B 2 -1.63 19.19 22.12
N ALA B 3 -1.79 18.41 21.08
CA ALA B 3 -0.73 17.42 20.73
C ALA B 3 -1.10 16.71 19.42
N SER B 4 -0.87 17.34 18.31
CA SER B 4 -1.20 16.70 17.00
C SER B 4 0.08 16.33 16.25
N THR B 5 0.60 15.16 16.49
CA THR B 5 1.85 14.74 15.78
C THR B 5 1.53 13.70 14.69
N VAL B 6 2.40 13.54 13.75
CA VAL B 6 2.16 12.55 12.66
C VAL B 6 0.83 12.87 11.95
N GLU B 7 0.76 13.96 11.25
CA GLU B 7 -0.50 14.32 10.54
C GLU B 7 -0.50 13.70 9.14
N SER B 9 -3.41 11.86 5.80
CA SER B 9 -4.82 11.64 5.33
C SER B 9 -5.02 10.18 4.89
N THR B 10 -4.89 9.91 3.62
CA THR B 10 -5.07 8.51 3.15
C THR B 10 -4.83 8.43 1.63
N VAL B 11 -4.32 7.33 1.15
CA VAL B 11 -4.06 7.21 -0.31
C VAL B 11 -5.32 6.71 -1.03
N VAL B 12 -5.56 7.18 -2.23
CA VAL B 12 -6.77 6.74 -2.97
C VAL B 12 -6.82 5.21 -3.05
N HIS B 13 -7.97 4.66 -3.36
CA HIS B 13 -8.09 3.17 -3.44
C HIS B 13 -8.07 2.72 -4.91
N SER B 14 -8.75 1.65 -5.22
CA SER B 14 -8.78 1.17 -6.62
C SER B 14 -10.22 1.03 -7.11
N GLY B 15 -10.96 0.10 -6.57
CA GLY B 15 -12.37 -0.07 -7.00
C GLY B 15 -13.08 -1.04 -6.06
N GLU A 9 -9.87 -7.21 12.87
CA GLU A 9 -8.66 -6.42 12.50
C GLU A 9 -7.40 -7.07 13.08
N TYR A 10 -7.54 -7.81 14.14
CA TYR A 10 -6.35 -8.47 14.76
C TYR A 10 -5.79 -9.53 13.81
N GLN A 11 -6.62 -10.42 13.33
CA GLN A 11 -6.13 -11.48 12.41
C GLN A 11 -5.69 -10.86 11.08
N LEU A 12 -6.44 -9.90 10.58
CA LEU A 12 -6.07 -9.27 9.29
C LEU A 12 -4.66 -8.69 9.38
N VAL A 13 -4.36 -8.00 10.44
CA VAL A 13 -2.99 -7.39 10.58
C VAL A 13 -1.97 -8.50 10.87
N VAL A 14 -2.25 -9.37 11.79
CA VAL A 14 -1.30 -10.47 12.11
C VAL A 14 -1.02 -11.32 10.87
N ASN A 15 -1.98 -11.46 10.01
CA ASN A 15 -1.78 -12.27 8.78
C ASN A 15 -0.84 -11.54 7.81
N ALA A 16 -0.98 -10.24 7.71
CA ALA A 16 -0.10 -9.47 6.79
C ALA A 16 1.30 -9.29 7.40
N VAL A 17 1.37 -8.97 8.65
CA VAL A 17 2.70 -8.80 9.30
C VAL A 17 3.50 -10.08 9.16
N ARG A 18 2.84 -11.20 9.32
CA ARG A 18 3.55 -12.51 9.19
C ARG A 18 4.25 -12.58 7.83
N LYS A 19 3.58 -12.20 6.78
CA LYS A 19 4.20 -12.25 5.42
C LYS A 19 5.16 -11.06 5.26
N LEU A 20 4.77 -9.90 5.70
CA LEU A 20 5.65 -8.71 5.56
C LEU A 20 6.92 -8.90 6.39
N GLN A 21 6.79 -9.42 7.59
CA GLN A 21 7.99 -9.63 8.44
C GLN A 21 8.89 -10.72 7.84
N GLU A 22 8.31 -11.72 7.23
CA GLU A 22 9.13 -12.80 6.62
C GLU A 22 9.87 -12.28 5.39
N SER A 23 9.18 -11.61 4.50
CA SER A 23 9.85 -11.08 3.29
C SER A 23 10.98 -10.13 3.68
N GLY A 24 10.85 -9.48 4.80
CA GLY A 24 11.92 -8.53 5.24
C GLY A 24 11.50 -7.10 4.93
N PHE A 25 10.23 -6.89 4.65
CA PHE A 25 9.75 -5.52 4.33
C PHE A 25 9.05 -4.91 5.55
N TYR A 26 8.96 -5.64 6.63
CA TYR A 26 8.28 -5.11 7.84
C TYR A 26 9.30 -4.40 8.76
N TRP A 27 8.93 -3.26 9.26
CA TRP A 27 9.85 -2.51 10.17
C TRP A 27 9.21 -2.38 11.56
N SER A 28 10.00 -2.38 12.60
CA SER A 28 9.42 -2.25 13.97
C SER A 28 10.40 -1.55 14.91
N ALA A 29 10.11 -0.34 15.27
CA ALA A 29 11.02 0.41 16.19
C ALA A 29 10.53 1.85 16.40
N VAL A 30 9.79 2.38 15.46
CA VAL A 30 9.29 3.78 15.61
C VAL A 30 7.75 3.80 15.62
N THR A 31 7.17 4.92 15.32
CA THR A 31 5.68 5.02 15.32
C THR A 31 5.13 4.57 13.96
N GLY A 32 3.84 4.52 13.82
CA GLY A 32 3.24 4.10 12.53
C GLY A 32 3.69 5.04 11.41
N GLY A 33 3.24 6.26 11.43
CA GLY A 33 3.64 7.23 10.37
C GLY A 33 5.05 7.75 10.66
N GLU A 34 5.39 7.93 11.90
CA GLU A 34 6.75 8.43 12.23
C GLU A 34 7.80 7.45 11.70
N ALA A 35 7.42 6.21 11.53
CA ALA A 35 8.37 5.20 11.02
C ALA A 35 8.61 5.40 9.52
N ASN A 36 7.56 5.58 8.78
CA ASN A 36 7.71 5.76 7.31
C ASN A 36 8.39 7.10 6.98
N LEU A 37 8.12 8.12 7.72
CA LEU A 37 8.74 9.44 7.42
C LEU A 37 10.26 9.33 7.45
N LEU A 38 10.80 8.47 8.27
CA LEU A 38 12.27 8.32 8.30
C LEU A 38 12.75 7.97 6.89
N LEU A 39 11.90 7.40 6.09
CA LEU A 39 12.29 7.06 4.70
C LEU A 39 12.51 8.36 3.92
N SER A 40 11.76 9.37 4.22
CA SER A 40 11.91 10.67 3.52
C SER A 40 13.24 11.32 3.93
N ALA A 41 13.66 11.12 5.15
CA ALA A 41 14.94 11.72 5.61
C ALA A 41 16.12 10.88 5.12
N GLU A 42 15.87 9.63 4.80
CA GLU A 42 16.99 8.77 4.31
C GLU A 42 16.61 8.14 2.95
N PRO A 43 15.95 7.00 2.96
CA PRO A 43 15.55 6.36 1.70
C PRO A 43 14.38 7.12 1.05
N ALA A 44 14.62 8.32 0.59
CA ALA A 44 13.52 9.10 -0.04
C ALA A 44 12.92 8.34 -1.22
N GLY A 45 11.63 8.41 -1.39
CA GLY A 45 10.97 7.69 -2.53
C GLY A 45 10.76 6.24 -2.13
N THR A 46 10.79 5.95 -0.87
CA THR A 46 10.60 4.54 -0.40
C THR A 46 9.57 4.50 0.72
N PHE A 47 8.82 3.42 0.82
CA PHE A 47 7.78 3.35 1.89
C PHE A 47 8.04 2.12 2.77
N LEU A 48 7.89 2.27 4.06
CA LEU A 48 8.14 1.13 4.99
C LEU A 48 6.92 0.91 5.89
N ILE A 49 6.82 -0.25 6.48
CA ILE A 49 5.64 -0.54 7.36
C ILE A 49 6.10 -0.69 8.82
N ARG A 50 5.47 0.02 9.71
CA ARG A 50 5.85 -0.08 11.15
C ARG A 50 4.61 -0.33 12.00
N ASP A 51 4.70 -1.23 12.94
CA ASP A 51 3.51 -1.53 13.80
C ASP A 51 3.26 -0.37 14.79
N SER A 52 2.07 0.14 14.82
CA SER A 52 1.76 1.26 15.76
C SER A 52 0.70 0.83 16.78
N SER A 53 0.30 1.72 17.64
CA SER A 53 -0.73 1.36 18.66
C SER A 53 -0.44 -0.03 19.24
N ASP A 54 0.66 -0.17 19.93
CA ASP A 54 1.00 -1.50 20.51
C ASP A 54 1.30 -2.50 19.40
N GLN A 55 2.35 -3.27 19.54
CA GLN A 55 2.69 -4.27 18.48
C GLN A 55 1.61 -5.36 18.42
N ARG A 56 0.69 -5.36 19.35
CA ARG A 56 -0.38 -6.39 19.33
C ARG A 56 -0.90 -6.61 17.91
N HIS A 57 -1.18 -5.56 17.20
CA HIS A 57 -1.68 -5.70 15.80
C HIS A 57 -2.00 -4.33 15.20
N PHE A 58 -2.80 -4.29 14.18
CA PHE A 58 -3.15 -2.98 13.55
C PHE A 58 -1.88 -2.22 13.15
N PHE A 59 -1.50 -2.29 11.91
CA PHE A 59 -0.28 -1.57 11.46
C PHE A 59 -0.61 -0.66 10.27
N THR A 60 0.07 0.44 10.14
CA THR A 60 -0.21 1.37 9.00
C THR A 60 1.08 1.66 8.23
N LEU A 61 0.96 2.01 6.98
CA LEU A 61 2.18 2.32 6.17
C LEU A 61 2.02 3.70 5.51
N SER A 62 3.06 4.49 5.54
CA SER A 62 2.99 5.84 4.93
C SER A 62 4.16 6.02 3.96
N VAL A 63 4.01 6.86 2.97
CA VAL A 63 5.12 7.06 1.99
C VAL A 63 5.62 8.50 2.03
N LYS A 64 6.66 8.79 1.30
CA LYS A 64 7.20 10.18 1.29
C LYS A 64 6.81 10.89 0.00
N THR A 65 6.44 12.14 0.08
CA THR A 65 6.05 12.89 -1.14
C THR A 65 6.85 14.20 -1.23
N GLN A 66 6.97 14.76 -2.40
CA GLN A 66 7.73 16.03 -2.55
C GLN A 66 7.46 16.95 -1.35
N SER A 67 6.31 16.82 -0.75
CA SER A 67 5.98 17.68 0.42
C SER A 67 4.64 17.22 1.03
N GLY A 68 4.38 15.95 1.02
CA GLY A 68 3.10 15.45 1.60
C GLY A 68 3.31 14.08 2.23
N THR A 69 4.12 14.00 3.24
CA THR A 69 4.36 12.69 3.91
C THR A 69 3.19 12.38 4.87
N LYS A 70 2.36 11.43 4.54
CA LYS A 70 1.20 11.12 5.42
C LYS A 70 1.03 9.60 5.55
N ASN A 71 0.07 9.17 6.34
CA ASN A 71 -0.16 7.70 6.51
C ASN A 71 -1.66 7.40 6.49
N LEU A 72 -2.01 6.18 6.16
CA LEU A 72 -3.46 5.81 6.12
C LEU A 72 -3.69 4.50 6.87
N ARG A 73 -4.87 4.31 7.41
CA ARG A 73 -5.15 3.06 8.16
C ARG A 73 -6.09 2.16 7.36
N ILE A 74 -6.08 0.88 7.63
CA ILE A 74 -6.98 -0.04 6.88
C ILE A 74 -8.42 0.08 7.40
N GLN A 75 -9.38 0.16 6.52
CA GLN A 75 -10.80 0.28 6.97
C GLN A 75 -11.43 -1.11 7.09
N CYS A 76 -12.38 -1.26 7.96
CA CYS A 76 -13.05 -2.60 8.12
C CYS A 76 -14.53 -2.49 7.76
N GLU A 77 -14.94 -3.18 6.73
CA GLU A 77 -16.38 -3.14 6.33
C GLU A 77 -17.08 -4.44 6.70
N GLY A 78 -17.84 -4.45 7.76
CA GLY A 78 -18.54 -5.70 8.17
C GLY A 78 -17.51 -6.79 8.44
N GLY A 79 -17.00 -7.41 7.41
CA GLY A 79 -15.99 -8.48 7.61
C GLY A 79 -14.97 -8.42 6.47
N SER A 80 -14.50 -7.25 6.16
CA SER A 80 -13.49 -7.11 5.06
C SER A 80 -12.46 -6.05 5.40
N PHE A 81 -11.35 -6.04 4.73
CA PHE A 81 -10.29 -5.03 5.01
C PHE A 81 -9.78 -4.42 3.69
N SER A 82 -9.80 -3.13 3.57
CA SER A 82 -9.32 -2.49 2.31
C SER A 82 -8.85 -1.06 2.58
N LEU A 83 -7.85 -0.62 1.87
CA LEU A 83 -7.33 0.77 2.08
C LEU A 83 -8.19 1.77 1.30
N GLN A 84 -9.06 1.28 0.45
CA GLN A 84 -9.92 2.21 -0.35
C GLN A 84 -11.33 1.60 -0.48
N SER A 85 -11.89 1.65 -1.66
CA SER A 85 -13.25 1.08 -1.86
C SER A 85 -13.42 0.59 -3.30
N ASP A 86 -12.66 -0.40 -3.68
CA ASP A 86 -12.79 -0.94 -5.07
C ASP A 86 -13.19 -2.41 -5.04
N PRO A 87 -14.37 -2.69 -5.55
CA PRO A 87 -14.89 -4.08 -5.58
C PRO A 87 -14.13 -4.91 -6.61
N ARG A 88 -12.84 -4.93 -6.55
CA ARG A 88 -12.05 -5.72 -7.53
C ARG A 88 -11.82 -7.13 -7.00
N SER A 89 -12.62 -7.56 -6.06
CA SER A 89 -12.45 -8.93 -5.49
C SER A 89 -12.40 -9.97 -6.61
N THR A 90 -12.42 -11.23 -6.26
CA THR A 90 -12.38 -12.29 -7.30
C THR A 90 -13.70 -13.05 -7.34
N GLN A 91 -14.75 -12.47 -6.78
CA GLN A 91 -16.10 -13.13 -6.76
C GLN A 91 -16.53 -13.50 -5.34
N PRO A 92 -15.58 -13.78 -4.48
CA PRO A 92 -15.92 -14.16 -3.08
C PRO A 92 -16.40 -12.94 -2.29
N VAL A 93 -15.53 -12.30 -1.56
CA VAL A 93 -15.96 -11.11 -0.77
C VAL A 93 -15.73 -9.84 -1.61
N PRO A 94 -16.28 -8.75 -1.13
CA PRO A 94 -16.12 -7.46 -1.84
C PRO A 94 -14.67 -6.98 -1.73
N ARG A 95 -14.08 -6.56 -2.82
CA ARG A 95 -12.67 -6.10 -2.77
C ARG A 95 -11.77 -7.23 -2.29
N PHE A 96 -11.79 -7.52 -1.01
CA PHE A 96 -10.94 -8.61 -0.47
C PHE A 96 -10.84 -8.49 1.05
N ASP A 97 -11.24 -9.50 1.78
CA ASP A 97 -11.17 -9.41 3.27
C ASP A 97 -9.78 -9.80 3.75
N CYS A 98 -9.02 -8.85 4.21
CA CYS A 98 -7.62 -9.13 4.72
C CYS A 98 -6.75 -7.88 4.55
N VAL A 99 -6.00 -7.53 5.55
CA VAL A 99 -5.11 -6.33 5.42
C VAL A 99 -4.32 -6.43 4.11
N LEU A 100 -4.10 -7.64 3.64
CA LEU A 100 -3.33 -7.82 2.38
C LEU A 100 -3.97 -7.01 1.24
N LYS A 101 -5.27 -6.92 1.22
CA LYS A 101 -5.93 -6.14 0.13
C LYS A 101 -5.41 -4.71 0.16
N LEU A 102 -5.21 -4.16 1.33
CA LEU A 102 -4.69 -2.78 1.45
C LEU A 102 -3.24 -2.74 0.94
N VAL A 103 -2.50 -3.77 1.18
CA VAL A 103 -1.08 -3.81 0.73
C VAL A 103 -0.99 -3.56 -0.78
N HIS A 104 -1.93 -4.06 -1.53
CA HIS A 104 -1.89 -3.84 -3.01
C HIS A 104 -1.77 -2.34 -3.30
N HIS A 105 -2.54 -1.53 -2.62
CA HIS A 105 -2.47 -0.07 -2.85
C HIS A 105 -1.25 0.50 -2.11
N TYR A 106 -0.95 -0.03 -0.95
CA TYR A 106 0.22 0.46 -0.17
C TYR A 106 1.52 0.06 -0.87
N MET A 107 1.45 -0.80 -1.84
CA MET A 107 2.68 -1.23 -2.56
C MET A 107 2.33 -2.20 -3.68
N PRO A 108 1.87 -1.66 -4.78
CA PRO A 108 1.49 -2.49 -5.95
C PRO A 108 2.74 -3.01 -6.65
N PRO A 109 2.54 -3.95 -7.53
CA PRO A 109 3.66 -4.56 -8.29
C PRO A 109 4.18 -3.58 -9.34
N PRO A 110 5.42 -3.19 -9.18
CA PRO A 110 6.05 -2.23 -10.13
C PRO A 110 6.35 -2.93 -11.45
N GLY A 111 6.99 -2.24 -12.36
CA GLY A 111 7.32 -2.87 -13.68
C GLY A 111 8.57 -2.22 -14.26
N THR A 112 9.68 -2.32 -13.56
CA THR A 112 10.93 -1.70 -14.08
C THR A 112 11.42 -2.46 -15.32
N PRO A 113 11.65 -3.73 -15.14
CA PRO A 113 12.13 -4.58 -16.25
C PRO A 113 10.99 -4.85 -17.25
N SER A 114 11.31 -5.34 -18.42
CA SER A 114 10.24 -5.62 -19.42
C SER A 114 9.34 -6.76 -18.93
N PHE A 115 8.64 -7.39 -19.83
CA PHE A 115 7.74 -8.52 -19.42
C PHE A 115 7.61 -9.53 -20.55
N SER A 116 6.95 -10.63 -20.30
CA SER A 116 6.79 -11.66 -21.37
C SER A 116 5.35 -12.19 -21.38
N LEU A 117 4.39 -11.31 -21.43
CA LEU A 117 2.96 -11.77 -21.44
C LEU A 117 2.23 -11.19 -22.65
N PRO A 118 1.04 -11.68 -22.87
CA PRO A 118 0.22 -11.20 -24.02
C PRO A 118 -0.31 -9.79 -23.75
N PRO A 119 -0.60 -9.10 -24.81
CA PRO A 119 -1.13 -7.71 -24.70
C PRO A 119 -2.58 -7.73 -24.21
N THR A 120 -3.03 -6.65 -23.64
CA THR A 120 -4.44 -6.61 -23.14
C THR A 120 -4.80 -7.93 -22.44
N GLU A 121 -6.06 -8.16 -22.21
CA GLU A 121 -6.47 -9.42 -21.52
C GLU A 121 -7.13 -10.37 -22.52
N PRO A 122 -6.77 -11.62 -22.41
CA PRO A 122 -7.32 -12.65 -23.32
C PRO A 122 -8.78 -12.96 -22.95
N SER A 123 -9.27 -14.10 -23.35
CA SER A 123 -10.69 -14.44 -23.03
C SER A 123 -10.85 -15.96 -22.96
N SER A 124 -11.05 -16.50 -21.78
CA SER A 124 -11.22 -17.97 -21.65
C SER A 124 -12.13 -18.51 -22.76
N GLU A 125 -11.73 -19.57 -23.40
CA GLU A 125 -12.57 -20.13 -24.50
C GLU A 125 -12.14 -21.57 -24.81
N VAL A 126 -10.87 -21.84 -24.74
CA VAL A 126 -10.37 -23.22 -25.03
C VAL A 126 -8.93 -23.38 -24.55
N PRO A 127 -8.05 -22.59 -25.11
CA PRO A 127 -6.62 -22.66 -24.74
C PRO A 127 -6.41 -22.08 -23.33
N GLU A 128 -7.46 -21.58 -22.72
CA GLU A 128 -7.32 -21.00 -21.36
C GLU A 128 -8.27 -21.70 -20.39
N GLN A 129 -8.45 -21.15 -19.21
CA GLN A 129 -9.36 -21.80 -18.22
C GLN A 129 -9.33 -21.03 -16.89
N PRO A 130 -8.16 -20.92 -16.34
CA PRO A 130 -7.99 -20.21 -15.05
C PRO A 130 -8.11 -18.69 -15.27
N PRO A 131 -8.83 -18.06 -14.37
CA PRO A 131 -9.03 -16.60 -14.45
C PRO A 131 -7.74 -15.85 -14.06
N ALA A 132 -7.17 -16.21 -12.94
CA ALA A 132 -5.92 -15.53 -12.50
C ALA A 132 -5.49 -16.05 -11.12
N GLN A 133 -6.43 -16.48 -10.32
CA GLN A 133 -6.09 -16.99 -8.97
C GLN A 133 -5.36 -15.91 -8.16
N ALA A 134 -4.46 -16.31 -7.30
CA ALA A 134 -3.71 -15.30 -6.48
C ALA A 134 -3.31 -14.10 -7.34
N LEU A 135 -2.21 -14.21 -8.05
CA LEU A 135 -1.76 -13.08 -8.90
C LEU A 135 -2.81 -12.78 -9.97
N PRO A 136 -3.12 -11.52 -10.11
CA PRO A 136 -4.12 -11.09 -11.12
C PRO A 136 -3.54 -11.18 -12.53
N GLY A 137 -4.37 -11.19 -13.54
CA GLY A 137 -3.86 -11.28 -14.93
C GLY A 137 -3.79 -9.88 -15.54
N SER A 138 -4.67 -9.00 -15.14
CA SER A 138 -4.66 -7.62 -15.69
C SER A 138 -3.49 -6.82 -15.10
N THR A 139 -2.75 -6.13 -15.93
CA THR A 139 -1.60 -5.34 -15.42
C THR A 139 -1.99 -4.61 -14.13
N PRO A 140 -1.54 -5.15 -13.03
CA PRO A 140 -1.85 -4.56 -11.70
C PRO A 140 -1.03 -3.28 -11.50
N LYS A 141 -1.66 -2.14 -11.56
CA LYS A 141 -0.92 -0.86 -11.37
C LYS A 141 -1.87 0.22 -10.86
N ARG A 142 -2.13 0.24 -9.57
CA ARG A 142 -3.04 1.27 -9.01
C ARG A 142 -2.31 2.62 -8.90
N ALA A 143 -2.63 3.40 -7.90
CA ALA A 143 -1.95 4.72 -7.74
C ALA A 143 -2.11 5.22 -6.30
N TYR A 144 -1.05 5.68 -5.70
CA TYR A 144 -1.16 6.19 -4.31
C TYR A 144 -0.75 7.66 -4.28
N TYR A 145 -1.59 8.53 -3.81
CA TYR A 145 -1.21 9.97 -3.77
C TYR A 145 -2.00 10.72 -2.69
N ILE A 146 -1.57 11.92 -2.38
CA ILE A 146 -2.26 12.69 -1.31
C ILE A 146 -3.17 13.76 -1.91
N TYR A 147 -4.23 14.07 -1.22
CA TYR A 147 -5.17 15.11 -1.73
C TYR A 147 -4.92 16.45 -1.05
N SER A 148 -4.87 17.50 -1.83
CA SER A 148 -4.62 18.85 -1.25
C SER A 148 -5.95 19.56 -1.00
N GLY A 149 -5.92 20.86 -0.84
CA GLY A 149 -7.19 21.61 -0.61
C GLY A 149 -8.05 21.55 -1.87
N GLY A 150 -8.44 20.38 -2.28
CA GLY A 150 -9.28 20.26 -3.50
C GLY A 150 -8.40 19.83 -4.69
N GLU A 151 -7.14 19.60 -4.44
CA GLU A 151 -6.23 19.19 -5.55
C GLU A 151 -5.62 17.81 -5.25
N LYS A 152 -5.83 16.86 -6.12
CA LYS A 152 -5.27 15.50 -5.89
C LYS A 152 -3.80 15.46 -6.30
N ILE A 153 -2.91 15.45 -5.35
CA ILE A 153 -1.46 15.38 -5.67
C ILE A 153 -1.08 13.92 -5.92
N PRO A 154 -0.82 13.62 -7.17
CA PRO A 154 -0.49 12.22 -7.55
C PRO A 154 0.93 11.80 -7.13
N LEU A 155 1.03 10.68 -6.48
CA LEU A 155 2.35 10.14 -6.06
C LEU A 155 2.49 8.72 -6.60
N VAL A 156 3.60 8.35 -7.14
CA VAL A 156 3.72 6.96 -7.68
C VAL A 156 4.40 6.05 -6.66
N LEU A 157 3.69 5.06 -6.19
CA LEU A 157 4.28 4.11 -5.20
C LEU A 157 4.91 2.93 -5.92
N SER A 158 6.21 2.78 -5.86
CA SER A 158 6.86 1.64 -6.56
C SER A 158 8.27 1.35 -6.01
N ARG A 159 8.64 1.95 -4.91
CA ARG A 159 10.00 1.69 -4.35
C ARG A 159 9.89 0.86 -3.08
N PRO A 160 10.56 -0.25 -3.08
CA PRO A 160 10.55 -1.17 -1.91
C PRO A 160 11.48 -0.66 -0.81
N LEU A 161 11.15 -0.92 0.42
CA LEU A 161 12.01 -0.47 1.55
C LEU A 161 13.14 -1.49 1.78
N SER A 162 14.34 -1.03 1.97
CA SER A 162 15.48 -1.98 2.20
C SER A 162 15.36 -3.18 1.27
N SER A 163 14.69 -4.22 1.68
CA SER A 163 14.55 -5.41 0.81
C SER A 163 13.87 -5.03 -0.51
N ASN A 164 14.08 -5.79 -1.55
CA ASN A 164 13.45 -5.46 -2.86
C ASN A 164 12.92 -6.74 -3.52
N SER B 1 1.54 18.68 24.34
CA SER B 1 0.07 18.57 24.60
C SER B 1 -0.70 18.56 23.28
N THR B 2 -1.96 18.91 23.32
CA THR B 2 -2.76 18.92 22.06
C THR B 2 -2.72 17.54 21.40
N ALA B 3 -1.72 17.27 20.61
CA ALA B 3 -1.63 15.94 19.95
C ALA B 3 -0.22 15.73 19.38
N SER B 4 -0.08 14.82 18.46
CA SER B 4 1.27 14.56 17.87
C SER B 4 1.16 13.50 16.76
N THR B 5 0.25 12.58 16.90
CA THR B 5 0.11 11.52 15.85
C THR B 5 0.23 12.14 14.45
N VAL B 6 0.61 11.35 13.48
CA VAL B 6 0.74 11.89 12.10
C VAL B 6 -0.63 12.00 11.43
N GLU B 7 -0.79 12.94 10.53
CA GLU B 7 -2.12 13.09 9.86
C GLU B 7 -2.31 11.99 8.81
N SER B 9 -4.34 10.79 4.80
CA SER B 9 -4.80 11.35 3.50
C SER B 9 -5.17 10.22 2.53
N THR B 10 -6.44 9.97 2.37
CA THR B 10 -6.87 8.88 1.43
C THR B 10 -6.09 8.98 0.13
N VAL B 11 -6.04 7.91 -0.62
CA VAL B 11 -5.29 7.94 -1.92
C VAL B 11 -6.28 7.77 -3.09
N VAL B 12 -5.79 7.96 -4.29
CA VAL B 12 -6.66 7.83 -5.51
C VAL B 12 -8.05 7.29 -5.14
N HIS B 13 -9.07 8.08 -5.34
CA HIS B 13 -10.45 7.62 -5.01
C HIS B 13 -11.16 7.13 -6.27
N SER B 14 -12.38 6.69 -6.14
CA SER B 14 -13.14 6.21 -7.33
C SER B 14 -14.65 6.36 -7.09
N GLY B 15 -15.32 7.09 -7.95
CA GLY B 15 -16.79 7.27 -7.78
C GLY B 15 -17.05 8.61 -7.10
N GLU A 9 -9.65 -8.55 15.00
CA GLU A 9 -9.04 -7.21 14.70
C GLU A 9 -7.52 -7.35 14.54
N TYR A 10 -6.80 -7.42 15.63
CA TYR A 10 -5.32 -7.55 15.53
C TYR A 10 -4.96 -8.80 14.73
N GLN A 11 -5.72 -9.85 14.88
CA GLN A 11 -5.42 -11.11 14.13
C GLN A 11 -5.34 -10.83 12.62
N LEU A 12 -6.18 -9.97 12.13
CA LEU A 12 -6.16 -9.64 10.67
C LEU A 12 -4.77 -9.10 10.28
N VAL A 13 -4.24 -8.19 11.05
CA VAL A 13 -2.91 -7.63 10.73
C VAL A 13 -1.81 -8.66 10.97
N VAL A 14 -1.95 -9.46 12.00
CA VAL A 14 -0.92 -10.49 12.29
C VAL A 14 -0.76 -11.43 11.08
N ASN A 15 -1.84 -11.77 10.44
CA ASN A 15 -1.73 -12.67 9.25
C ASN A 15 -1.10 -11.90 8.09
N ALA A 16 -1.38 -10.63 7.99
CA ALA A 16 -0.78 -9.82 6.88
C ALA A 16 0.69 -9.50 7.19
N VAL A 17 0.97 -9.13 8.40
CA VAL A 17 2.38 -8.81 8.76
C VAL A 17 3.26 -10.03 8.49
N ARG A 18 2.77 -11.20 8.78
CA ARG A 18 3.57 -12.43 8.53
C ARG A 18 4.00 -12.48 7.07
N LYS A 19 3.10 -12.22 6.17
CA LYS A 19 3.45 -12.25 4.72
C LYS A 19 4.20 -10.98 4.33
N LEU A 20 3.79 -9.86 4.87
CA LEU A 20 4.48 -8.58 4.54
C LEU A 20 5.87 -8.55 5.17
N GLN A 21 5.99 -9.01 6.39
CA GLN A 21 7.32 -9.02 7.06
C GLN A 21 8.26 -10.02 6.37
N GLU A 22 7.74 -11.11 5.89
CA GLU A 22 8.61 -12.12 5.20
C GLU A 22 9.32 -11.47 4.02
N SER A 23 8.74 -10.47 3.44
CA SER A 23 9.39 -9.79 2.27
C SER A 23 10.72 -9.16 2.71
N GLY A 24 10.82 -8.79 3.96
CA GLY A 24 12.08 -8.16 4.45
C GLY A 24 11.99 -6.64 4.30
N PHE A 25 10.80 -6.11 4.31
CA PHE A 25 10.63 -4.64 4.17
C PHE A 25 9.69 -4.11 5.27
N TYR A 26 9.33 -4.94 6.20
CA TYR A 26 8.43 -4.49 7.30
C TYR A 26 9.24 -3.97 8.48
N TRP A 27 8.84 -2.86 9.04
CA TRP A 27 9.59 -2.30 10.20
C TRP A 27 8.66 -2.18 11.41
N SER A 28 9.19 -2.31 12.59
CA SER A 28 8.35 -2.22 13.82
C SER A 28 9.19 -1.71 14.99
N ALA A 29 10.24 -1.01 14.69
CA ALA A 29 11.13 -0.49 15.76
C ALA A 29 11.05 1.04 15.85
N VAL A 30 10.13 1.64 15.16
CA VAL A 30 10.02 3.12 15.22
C VAL A 30 8.66 3.52 15.81
N THR A 31 8.24 4.72 15.60
CA THR A 31 6.93 5.17 16.16
C THR A 31 5.83 5.05 15.09
N GLY A 32 4.60 5.33 15.46
CA GLY A 32 3.49 5.22 14.48
C GLY A 32 3.88 5.96 13.19
N GLY A 33 3.66 7.24 13.15
CA GLY A 33 4.01 8.02 11.93
C GLY A 33 5.51 8.14 11.80
N GLU A 34 6.22 8.18 12.90
CA GLU A 34 7.70 8.30 12.83
C GLU A 34 8.28 7.13 12.04
N ALA A 35 7.75 5.95 12.22
CA ALA A 35 8.27 4.79 11.46
C ALA A 35 8.02 4.98 9.97
N ASN A 36 6.82 5.37 9.61
CA ASN A 36 6.52 5.59 8.17
C ASN A 36 7.27 6.80 7.62
N LEU A 37 7.28 7.88 8.36
CA LEU A 37 7.97 9.12 7.89
C LEU A 37 9.49 8.97 7.87
N LEU A 38 10.05 8.20 8.76
CA LEU A 38 11.54 8.06 8.80
C LEU A 38 12.08 7.61 7.44
N LEU A 39 11.26 6.95 6.64
CA LEU A 39 11.76 6.52 5.30
C LEU A 39 11.78 7.71 4.35
N SER A 40 10.79 8.56 4.43
CA SER A 40 10.74 9.76 3.55
C SER A 40 11.86 10.74 3.91
N ALA A 41 12.21 10.81 5.17
CA ALA A 41 13.28 11.77 5.58
C ALA A 41 14.66 11.18 5.29
N GLU A 42 14.76 9.89 5.15
CA GLU A 42 16.10 9.29 4.86
C GLU A 42 16.10 8.63 3.48
N PRO A 43 15.50 7.47 3.37
CA PRO A 43 15.44 6.76 2.07
C PRO A 43 14.47 7.45 1.12
N ALA A 44 14.82 8.62 0.64
CA ALA A 44 13.91 9.34 -0.29
C ALA A 44 13.48 8.43 -1.43
N GLY A 45 12.24 8.52 -1.85
CA GLY A 45 11.75 7.65 -2.95
C GLY A 45 11.58 6.22 -2.44
N THR A 46 11.45 6.06 -1.16
CA THR A 46 11.28 4.69 -0.58
C THR A 46 10.08 4.66 0.38
N PHE A 47 9.42 3.55 0.45
CA PHE A 47 8.22 3.45 1.35
C PHE A 47 8.43 2.30 2.35
N LEU A 48 7.75 2.32 3.46
CA LEU A 48 7.94 1.24 4.47
C LEU A 48 6.67 1.02 5.30
N ILE A 49 6.56 -0.12 5.94
CA ILE A 49 5.37 -0.41 6.78
C ILE A 49 5.77 -0.52 8.25
N ARG A 50 5.10 0.19 9.11
CA ARG A 50 5.45 0.14 10.56
C ARG A 50 4.28 -0.42 11.37
N ASP A 51 4.52 -0.89 12.57
CA ASP A 51 3.42 -1.44 13.40
C ASP A 51 2.97 -0.39 14.42
N SER A 52 1.68 -0.27 14.62
CA SER A 52 1.17 0.74 15.61
C SER A 52 2.01 0.67 16.89
N SER A 53 1.81 1.61 17.78
CA SER A 53 2.59 1.59 19.06
C SER A 53 1.84 0.77 20.12
N ASP A 54 0.55 0.66 20.00
CA ASP A 54 -0.23 -0.13 21.00
C ASP A 54 0.31 -1.56 21.09
N GLN A 55 -0.41 -2.43 21.72
CA GLN A 55 0.06 -3.85 21.84
C GLN A 55 0.12 -4.50 20.46
N ARG A 56 -0.68 -4.04 19.54
CA ARG A 56 -0.66 -4.64 18.17
C ARG A 56 -1.62 -3.87 17.25
N HIS A 57 -2.89 -3.92 17.53
CA HIS A 57 -3.88 -3.19 16.68
C HIS A 57 -3.67 -3.56 15.20
N PHE A 58 -2.83 -2.83 14.51
CA PHE A 58 -2.58 -3.14 13.07
C PHE A 58 -1.30 -2.45 12.60
N PHE A 59 -1.09 -2.36 11.31
CA PHE A 59 0.13 -1.69 10.81
C PHE A 59 -0.21 -0.73 9.66
N THR A 60 0.41 0.41 9.63
CA THR A 60 0.13 1.41 8.56
C THR A 60 1.44 1.82 7.88
N LEU A 61 1.38 2.26 6.67
CA LEU A 61 2.64 2.67 5.96
C LEU A 61 2.45 4.01 5.24
N SER A 62 3.46 4.83 5.25
CA SER A 62 3.37 6.16 4.57
C SER A 62 4.51 6.29 3.57
N VAL A 63 4.33 7.08 2.56
CA VAL A 63 5.42 7.25 1.54
C VAL A 63 5.90 8.70 1.52
N LYS A 64 6.93 8.99 0.76
CA LYS A 64 7.45 10.38 0.70
C LYS A 64 7.02 11.04 -0.61
N THR A 65 6.47 12.22 -0.54
CA THR A 65 6.03 12.93 -1.78
C THR A 65 6.35 14.42 -1.68
N GLN A 66 6.47 15.10 -2.79
CA GLN A 66 6.77 16.55 -2.76
C GLN A 66 5.70 17.30 -1.96
N SER A 67 4.45 16.95 -2.15
CA SER A 67 3.37 17.63 -1.41
C SER A 67 3.52 17.40 0.10
N GLY A 68 4.38 16.50 0.48
CA GLY A 68 4.58 16.23 1.93
C GLY A 68 4.36 14.74 2.21
N THR A 69 4.97 14.21 3.23
CA THR A 69 4.79 12.76 3.54
C THR A 69 3.45 12.54 4.25
N LYS A 70 2.77 11.47 3.93
CA LYS A 70 1.46 11.21 4.59
C LYS A 70 1.33 9.71 4.91
N ASN A 71 0.91 9.39 6.10
CA ASN A 71 0.76 7.95 6.47
C ASN A 71 -0.72 7.62 6.66
N LEU A 72 -1.19 6.58 6.02
CA LEU A 72 -2.62 6.21 6.17
C LEU A 72 -2.79 5.03 7.13
N ARG A 73 -3.47 5.23 8.23
CA ARG A 73 -3.65 4.12 9.20
C ARG A 73 -4.84 3.25 8.79
N ILE A 74 -4.81 2.00 9.17
CA ILE A 74 -5.94 1.09 8.79
C ILE A 74 -7.07 1.22 9.82
N GLN A 75 -8.29 1.04 9.39
CA GLN A 75 -9.43 1.14 10.35
C GLN A 75 -10.13 -0.21 10.51
N CYS A 76 -10.09 -0.76 11.70
CA CYS A 76 -10.74 -2.08 11.92
C CYS A 76 -12.18 -1.88 12.41
N GLU A 77 -13.14 -2.43 11.71
CA GLU A 77 -14.56 -2.28 12.13
C GLU A 77 -15.29 -3.62 12.10
N GLY A 78 -15.50 -4.22 13.25
CA GLY A 78 -16.21 -5.52 13.28
C GLY A 78 -15.39 -6.59 12.55
N GLY A 79 -14.09 -6.49 12.60
CA GLY A 79 -13.24 -7.50 11.90
C GLY A 79 -12.86 -6.99 10.52
N SER A 80 -13.48 -5.94 10.06
CA SER A 80 -13.16 -5.39 8.72
C SER A 80 -12.12 -4.27 8.84
N PHE A 81 -11.21 -4.19 7.91
CA PHE A 81 -10.17 -3.12 7.97
C PHE A 81 -10.40 -2.09 6.86
N SER A 82 -9.89 -0.89 7.04
CA SER A 82 -10.08 0.15 5.98
C SER A 82 -8.98 1.20 6.07
N LEU A 83 -8.45 1.64 4.95
CA LEU A 83 -7.37 2.67 4.98
C LEU A 83 -7.90 3.99 4.39
N GLN A 84 -8.91 3.91 3.58
CA GLN A 84 -9.47 5.15 2.96
C GLN A 84 -10.88 5.41 3.49
N SER A 85 -11.01 6.21 4.51
CA SER A 85 -12.36 6.50 5.07
C SER A 85 -13.18 5.22 5.18
N ASP A 86 -14.47 5.30 5.00
CA ASP A 86 -15.33 4.08 5.10
C ASP A 86 -15.71 3.59 3.71
N PRO A 87 -15.33 2.37 3.42
CA PRO A 87 -15.65 1.77 2.10
C PRO A 87 -17.14 1.41 2.02
N ARG A 88 -18.00 2.37 2.16
CA ARG A 88 -19.46 2.08 2.09
C ARG A 88 -19.87 1.71 0.66
N SER A 89 -18.94 1.79 -0.26
CA SER A 89 -19.27 1.46 -1.68
C SER A 89 -19.93 0.07 -1.76
N THR A 90 -19.21 -0.96 -1.41
CA THR A 90 -19.80 -2.32 -1.46
C THR A 90 -19.53 -3.08 -0.16
N GLN A 91 -19.38 -2.36 0.93
CA GLN A 91 -19.12 -3.03 2.23
C GLN A 91 -18.09 -4.15 2.05
N PRO A 92 -16.84 -3.79 2.20
CA PRO A 92 -15.74 -4.77 2.05
C PRO A 92 -15.67 -5.70 3.27
N VAL A 93 -16.57 -5.54 4.21
CA VAL A 93 -16.57 -6.40 5.43
C VAL A 93 -15.85 -7.72 5.15
N PRO A 94 -16.34 -8.46 4.19
CA PRO A 94 -15.74 -9.76 3.83
C PRO A 94 -14.40 -9.52 3.12
N ARG A 95 -13.38 -10.23 3.51
CA ARG A 95 -12.06 -10.03 2.85
C ARG A 95 -11.73 -8.53 2.81
N PHE A 96 -12.27 -7.78 3.73
CA PHE A 96 -12.01 -6.30 3.77
C PHE A 96 -10.80 -5.93 2.92
N ASP A 97 -10.95 -4.96 2.06
CA ASP A 97 -9.80 -4.51 1.23
C ASP A 97 -9.15 -3.30 1.88
N CYS A 98 -7.96 -3.45 2.39
CA CYS A 98 -7.29 -2.29 3.06
C CYS A 98 -5.84 -2.63 3.38
N VAL A 99 -5.58 -3.19 4.54
CA VAL A 99 -4.17 -3.54 4.89
C VAL A 99 -3.61 -4.52 3.85
N LEU A 100 -4.31 -5.59 3.57
CA LEU A 100 -3.82 -6.55 2.55
C LEU A 100 -3.84 -5.86 1.17
N LYS A 101 -4.92 -5.20 0.87
CA LYS A 101 -5.02 -4.48 -0.43
C LYS A 101 -4.00 -3.34 -0.44
N LEU A 102 -3.70 -2.82 0.72
CA LEU A 102 -2.73 -1.70 0.82
C LEU A 102 -1.39 -2.10 0.21
N VAL A 103 -1.01 -3.34 0.33
CA VAL A 103 0.29 -3.76 -0.26
C VAL A 103 0.30 -3.38 -1.74
N HIS A 104 -0.81 -3.54 -2.40
CA HIS A 104 -0.89 -3.15 -3.84
C HIS A 104 -0.79 -1.63 -3.95
N HIS A 105 -1.60 -0.92 -3.21
CA HIS A 105 -1.55 0.57 -3.24
C HIS A 105 -0.19 1.04 -2.70
N TYR A 106 0.32 0.35 -1.72
CA TYR A 106 1.64 0.74 -1.14
C TYR A 106 2.76 0.37 -2.11
N MET A 107 2.45 -0.37 -3.14
CA MET A 107 3.50 -0.78 -4.12
C MET A 107 2.93 -1.79 -5.11
N PRO A 108 3.61 -1.92 -6.22
CA PRO A 108 3.17 -2.87 -7.27
C PRO A 108 3.49 -4.31 -6.86
N PRO A 109 2.83 -5.23 -7.50
CA PRO A 109 3.06 -6.67 -7.20
C PRO A 109 4.40 -7.13 -7.77
N PRO A 110 4.93 -8.16 -7.16
CA PRO A 110 6.24 -8.71 -7.61
C PRO A 110 6.08 -9.47 -8.93
N GLY A 111 6.98 -9.27 -9.85
CA GLY A 111 6.88 -9.96 -11.16
C GLY A 111 7.96 -9.43 -12.11
N THR A 112 7.69 -9.45 -13.39
CA THR A 112 8.71 -8.94 -14.36
C THR A 112 8.01 -8.17 -15.49
N PRO A 113 7.14 -7.27 -15.09
CA PRO A 113 6.40 -6.45 -16.09
C PRO A 113 7.32 -5.40 -16.70
N SER A 114 7.63 -5.54 -17.97
CA SER A 114 8.53 -4.56 -18.62
C SER A 114 9.95 -4.69 -18.09
N PHE A 115 10.13 -4.56 -16.80
CA PHE A 115 11.49 -4.68 -16.22
C PHE A 115 12.35 -3.49 -16.64
N SER A 116 12.65 -3.38 -17.91
CA SER A 116 13.49 -2.24 -18.39
C SER A 116 13.72 -2.35 -19.90
N LEU A 117 12.74 -2.83 -20.61
CA LEU A 117 12.90 -2.96 -22.10
C LEU A 117 12.34 -1.72 -22.79
N PRO A 118 13.20 -0.98 -23.41
CA PRO A 118 12.79 0.24 -24.14
C PRO A 118 12.05 -0.12 -25.43
N PRO A 119 10.78 0.16 -25.44
CA PRO A 119 9.94 -0.15 -26.62
C PRO A 119 10.26 0.82 -27.77
N THR A 120 11.50 0.91 -28.17
CA THR A 120 11.87 1.83 -29.28
C THR A 120 11.58 1.18 -30.63
N GLU A 121 12.02 -0.03 -30.83
CA GLU A 121 11.77 -0.72 -32.13
C GLU A 121 12.04 -2.22 -31.99
N PRO A 122 11.41 -2.80 -31.01
CA PRO A 122 11.57 -4.26 -30.76
C PRO A 122 10.84 -5.07 -31.83
N SER A 123 11.22 -6.30 -32.03
CA SER A 123 10.53 -7.15 -33.06
C SER A 123 9.31 -7.82 -32.45
N SER A 124 9.27 -7.96 -31.15
CA SER A 124 8.10 -8.61 -30.51
C SER A 124 8.26 -8.59 -28.98
N GLU A 125 7.93 -9.67 -28.33
CA GLU A 125 8.07 -9.71 -26.84
C GLU A 125 7.06 -8.74 -26.19
N VAL A 126 7.48 -8.03 -25.18
CA VAL A 126 6.55 -7.07 -24.50
C VAL A 126 5.72 -6.33 -25.55
N PRO A 127 4.50 -6.03 -25.18
CA PRO A 127 3.59 -5.31 -26.09
C PRO A 127 4.01 -3.83 -26.21
N GLU A 128 3.62 -3.18 -27.28
CA GLU A 128 4.00 -1.76 -27.45
C GLU A 128 2.89 -0.85 -26.90
N GLN A 129 2.17 -1.31 -25.92
CA GLN A 129 1.08 -0.47 -25.33
C GLN A 129 0.07 -0.09 -26.42
N PRO A 130 -1.17 -0.45 -26.18
CA PRO A 130 -2.25 -0.14 -27.14
C PRO A 130 -2.59 1.35 -27.11
N PRO A 131 -2.59 1.95 -28.27
CA PRO A 131 -2.90 3.40 -28.38
C PRO A 131 -4.40 3.65 -28.15
N ALA A 132 -4.73 4.70 -27.45
CA ALA A 132 -6.18 4.99 -27.20
C ALA A 132 -6.34 6.41 -26.66
N GLN A 133 -6.12 7.40 -27.49
CA GLN A 133 -6.26 8.81 -27.02
C GLN A 133 -5.31 9.08 -25.85
N ALA A 134 -5.24 10.30 -25.41
CA ALA A 134 -4.33 10.62 -24.27
C ALA A 134 -4.97 10.19 -22.95
N LEU A 135 -5.23 8.92 -22.80
CA LEU A 135 -5.85 8.43 -21.53
C LEU A 135 -5.96 6.90 -21.55
N PRO A 136 -4.83 6.26 -21.43
CA PRO A 136 -4.79 4.78 -21.43
C PRO A 136 -5.34 4.22 -20.12
N GLY A 137 -5.43 5.04 -19.10
CA GLY A 137 -5.96 4.56 -17.80
C GLY A 137 -6.67 5.70 -17.09
N SER A 138 -5.93 6.57 -16.46
CA SER A 138 -6.57 7.71 -15.74
C SER A 138 -7.47 7.19 -14.62
N THR A 139 -7.23 7.61 -13.41
CA THR A 139 -8.08 7.13 -12.27
C THR A 139 -8.24 5.62 -12.33
N PRO A 140 -7.13 4.94 -12.52
CA PRO A 140 -7.14 3.46 -12.59
C PRO A 140 -7.37 2.86 -11.22
N LYS A 141 -7.59 1.57 -11.14
CA LYS A 141 -7.82 0.91 -9.83
C LYS A 141 -6.52 0.88 -9.03
N ARG A 142 -5.40 0.91 -9.70
CA ARG A 142 -4.10 0.86 -8.96
C ARG A 142 -3.40 2.23 -9.05
N ALA A 143 -3.13 2.83 -7.92
CA ALA A 143 -2.46 4.17 -7.94
C ALA A 143 -2.43 4.75 -6.52
N TYR A 144 -1.29 5.19 -6.07
CA TYR A 144 -1.23 5.79 -4.71
C TYR A 144 -0.83 7.27 -4.81
N TYR A 145 -1.63 8.15 -4.31
CA TYR A 145 -1.28 9.60 -4.39
C TYR A 145 -1.98 10.39 -3.30
N ILE A 146 -1.58 11.61 -3.07
CA ILE A 146 -2.22 12.41 -1.98
C ILE A 146 -2.95 13.62 -2.55
N TYR A 147 -4.00 14.03 -1.89
CA TYR A 147 -4.77 15.21 -2.39
C TYR A 147 -4.16 16.50 -1.83
N SER A 148 -3.51 17.26 -2.67
CA SER A 148 -2.89 18.53 -2.19
C SER A 148 -3.95 19.41 -1.52
N GLY A 149 -4.21 19.19 -0.27
CA GLY A 149 -5.24 20.02 0.43
C GLY A 149 -6.62 19.71 -0.16
N GLY A 150 -6.82 20.03 -1.40
CA GLY A 150 -8.14 19.76 -2.04
C GLY A 150 -7.92 19.38 -3.51
N GLU A 151 -6.70 19.09 -3.87
CA GLU A 151 -6.42 18.72 -5.29
C GLU A 151 -5.79 17.31 -5.33
N LYS A 152 -6.39 16.41 -6.05
CA LYS A 152 -5.84 15.03 -6.12
C LYS A 152 -4.59 15.00 -7.02
N ILE A 153 -3.44 14.88 -6.43
CA ILE A 153 -2.19 14.81 -7.23
C ILE A 153 -1.69 13.37 -7.25
N PRO A 154 -1.73 12.77 -8.41
CA PRO A 154 -1.32 11.36 -8.53
C PRO A 154 0.20 11.20 -8.42
N LEU A 155 0.63 10.35 -7.55
CA LEU A 155 2.08 10.07 -7.36
C LEU A 155 2.32 8.57 -7.49
N VAL A 156 3.32 8.14 -8.19
CA VAL A 156 3.52 6.68 -8.30
C VAL A 156 4.58 6.23 -7.30
N LEU A 157 4.21 5.41 -6.35
CA LEU A 157 5.21 4.92 -5.35
C LEU A 157 5.52 3.44 -5.58
N SER A 158 6.77 3.11 -5.78
CA SER A 158 7.13 1.68 -6.01
C SER A 158 8.62 1.45 -5.68
N ARG A 159 9.02 1.69 -4.47
CA ARG A 159 10.44 1.48 -4.10
C ARG A 159 10.55 0.73 -2.77
N PRO A 160 11.26 -0.36 -2.80
CA PRO A 160 11.43 -1.19 -1.58
C PRO A 160 12.39 -0.51 -0.60
N LEU A 161 12.14 -0.64 0.67
CA LEU A 161 13.04 0.00 1.67
C LEU A 161 14.14 -0.98 2.11
N SER A 162 15.26 -0.48 2.54
CA SER A 162 16.36 -1.38 2.97
C SER A 162 16.54 -2.53 1.96
N SER A 163 15.91 -3.64 2.20
CA SER A 163 16.04 -4.79 1.25
C SER A 163 14.75 -4.98 0.47
N ASN A 164 14.76 -5.85 -0.50
CA ASN A 164 13.52 -6.09 -1.31
C ASN A 164 13.38 -7.58 -1.64
N SER B 1 -11.41 12.88 13.65
CA SER B 1 -9.99 12.47 13.78
C SER B 1 -9.17 13.60 14.41
N THR B 2 -9.62 14.12 15.52
CA THR B 2 -8.86 15.23 16.18
C THR B 2 -7.46 14.76 16.57
N ALA B 3 -6.86 15.39 17.54
CA ALA B 3 -5.50 14.97 17.96
C ALA B 3 -5.55 13.60 18.66
N SER B 4 -5.66 12.54 17.91
CA SER B 4 -5.71 11.19 18.53
C SER B 4 -4.57 10.32 18.01
N THR B 5 -4.54 10.06 16.74
CA THR B 5 -3.45 9.22 16.16
C THR B 5 -2.86 9.89 14.91
N VAL B 6 -1.72 9.44 14.49
CA VAL B 6 -1.09 10.05 13.27
C VAL B 6 -2.15 10.38 12.22
N GLU B 7 -2.39 11.64 11.99
CA GLU B 7 -3.41 12.03 10.97
C GLU B 7 -2.82 11.91 9.56
N SER B 9 -4.01 11.70 4.92
CA SER B 9 -5.06 11.84 3.87
C SER B 9 -5.29 10.50 3.18
N THR B 10 -6.28 10.43 2.34
CA THR B 10 -6.56 9.14 1.62
C THR B 10 -5.76 9.08 0.31
N VAL B 11 -5.22 7.93 -0.01
CA VAL B 11 -4.45 7.81 -1.28
C VAL B 11 -5.36 7.36 -2.42
N VAL B 12 -5.70 8.25 -3.32
CA VAL B 12 -6.59 7.88 -4.45
C VAL B 12 -7.85 7.17 -3.92
N HIS B 13 -8.65 6.63 -4.80
CA HIS B 13 -9.88 5.93 -4.35
C HIS B 13 -10.86 6.93 -3.72
N SER B 14 -12.05 7.02 -4.24
CA SER B 14 -13.04 7.98 -3.67
C SER B 14 -12.55 9.42 -3.83
N GLY B 15 -12.81 10.03 -4.95
CA GLY B 15 -12.35 11.44 -5.16
C GLY B 15 -13.28 12.14 -6.15
N GLU A 9 -10.41 -5.97 13.97
CA GLU A 9 -9.41 -5.40 13.02
C GLU A 9 -8.00 -5.83 13.42
N TYR A 10 -7.71 -5.84 14.69
CA TYR A 10 -6.35 -6.25 15.14
C TYR A 10 -6.07 -7.70 14.70
N GLN A 11 -7.06 -8.54 14.74
CA GLN A 11 -6.84 -9.96 14.32
C GLN A 11 -6.60 -10.04 12.81
N LEU A 12 -7.33 -9.29 12.03
CA LEU A 12 -7.14 -9.33 10.56
C LEU A 12 -5.77 -8.75 10.18
N VAL A 13 -5.43 -7.61 10.73
CA VAL A 13 -4.11 -6.99 10.39
C VAL A 13 -2.95 -7.88 10.89
N VAL A 14 -3.01 -8.31 12.11
CA VAL A 14 -1.91 -9.17 12.64
C VAL A 14 -1.78 -10.43 11.78
N ASN A 15 -2.88 -11.05 11.45
CA ASN A 15 -2.80 -12.28 10.60
C ASN A 15 -2.11 -11.96 9.28
N ALA A 16 -2.43 -10.84 8.69
CA ALA A 16 -1.78 -10.45 7.41
C ALA A 16 -0.31 -10.14 7.64
N VAL A 17 -0.02 -9.41 8.67
CA VAL A 17 1.40 -9.07 8.96
C VAL A 17 2.20 -10.36 9.12
N ARG A 18 1.63 -11.35 9.76
CA ARG A 18 2.35 -12.64 9.94
C ARG A 18 2.79 -13.18 8.58
N LYS A 19 1.89 -13.22 7.63
CA LYS A 19 2.26 -13.73 6.29
C LYS A 19 3.03 -12.65 5.51
N LEU A 20 2.67 -11.40 5.72
CA LEU A 20 3.37 -10.30 5.00
C LEU A 20 4.78 -10.12 5.57
N GLN A 21 4.92 -10.14 6.87
CA GLN A 21 6.27 -9.96 7.48
C GLN A 21 7.20 -11.08 7.01
N GLU A 22 6.69 -12.26 6.81
CA GLU A 22 7.55 -13.39 6.35
C GLU A 22 8.24 -13.02 5.03
N SER A 23 7.73 -12.04 4.34
CA SER A 23 8.35 -11.64 3.04
C SER A 23 9.82 -11.29 3.26
N GLY A 24 10.12 -10.57 4.32
CA GLY A 24 11.53 -10.20 4.59
C GLY A 24 11.75 -8.72 4.29
N PHE A 25 10.76 -7.90 4.54
CA PHE A 25 10.91 -6.44 4.29
C PHE A 25 10.00 -5.63 5.20
N TYR A 26 9.54 -6.22 6.28
CA TYR A 26 8.66 -5.46 7.21
C TYR A 26 9.50 -4.77 8.29
N TRP A 27 9.43 -3.48 8.37
CA TRP A 27 10.23 -2.75 9.39
C TRP A 27 9.66 -2.97 10.79
N SER A 28 10.50 -2.98 11.78
CA SER A 28 10.02 -3.18 13.18
C SER A 28 9.07 -2.04 13.57
N ALA A 29 9.04 -0.99 12.79
CA ALA A 29 8.14 0.16 13.10
C ALA A 29 8.69 0.98 14.28
N VAL A 30 9.69 1.77 14.06
CA VAL A 30 10.24 2.60 15.17
C VAL A 30 9.08 3.27 15.91
N THR A 31 8.70 4.46 15.52
CA THR A 31 7.56 5.13 16.21
C THR A 31 6.34 5.11 15.28
N GLY A 32 5.18 5.39 15.81
CA GLY A 32 3.96 5.39 14.94
C GLY A 32 4.27 6.08 13.61
N GLY A 33 4.22 7.39 13.59
CA GLY A 33 4.49 8.14 12.33
C GLY A 33 5.99 8.22 12.05
N GLU A 34 6.79 8.24 13.08
CA GLU A 34 8.27 8.36 12.85
C GLU A 34 8.78 7.22 11.96
N ALA A 35 8.10 6.12 11.94
CA ALA A 35 8.56 5.00 11.08
C ALA A 35 8.20 5.27 9.63
N ASN A 36 6.98 5.67 9.37
CA ASN A 36 6.56 5.94 7.96
C ASN A 36 7.25 7.20 7.41
N LEU A 37 7.24 8.26 8.17
CA LEU A 37 7.87 9.54 7.72
C LEU A 37 9.39 9.45 7.67
N LEU A 38 9.99 8.65 8.50
CA LEU A 38 11.48 8.58 8.49
C LEU A 38 11.97 8.29 7.07
N LEU A 39 11.15 7.71 6.24
CA LEU A 39 11.59 7.44 4.84
C LEU A 39 11.85 8.76 4.13
N SER A 40 11.00 9.73 4.36
CA SER A 40 11.17 11.06 3.71
C SER A 40 12.39 11.79 4.28
N ALA A 41 12.70 11.56 5.53
CA ALA A 41 13.86 12.25 6.15
C ALA A 41 15.17 11.57 5.76
N GLU A 42 15.12 10.33 5.32
CA GLU A 42 16.38 9.65 4.91
C GLU A 42 16.26 9.09 3.49
N PRO A 43 15.64 7.93 3.34
CA PRO A 43 15.49 7.35 2.00
C PRO A 43 14.36 8.04 1.24
N ALA A 44 14.54 9.29 0.88
CA ALA A 44 13.47 10.01 0.15
C ALA A 44 13.01 9.21 -1.07
N GLY A 45 11.72 9.13 -1.29
CA GLY A 45 11.21 8.38 -2.47
C GLY A 45 11.05 6.90 -2.11
N THR A 46 11.22 6.55 -0.86
CA THR A 46 11.08 5.12 -0.45
C THR A 46 9.91 4.95 0.50
N PHE A 47 9.26 3.81 0.45
CA PHE A 47 8.09 3.58 1.36
C PHE A 47 8.32 2.34 2.21
N LEU A 48 7.82 2.34 3.42
CA LEU A 48 8.00 1.17 4.33
C LEU A 48 6.77 1.03 5.22
N ILE A 49 6.57 -0.12 5.80
CA ILE A 49 5.38 -0.31 6.67
C ILE A 49 5.83 -0.53 8.12
N ARG A 50 5.28 0.23 9.03
CA ARG A 50 5.68 0.08 10.46
C ARG A 50 4.51 -0.47 11.29
N ASP A 51 4.69 -1.58 11.94
CA ASP A 51 3.58 -2.16 12.76
C ASP A 51 3.39 -1.35 14.03
N SER A 52 2.26 -0.70 14.18
CA SER A 52 2.03 0.11 15.41
C SER A 52 2.46 -0.67 16.65
N SER A 53 2.94 0.01 17.65
CA SER A 53 3.38 -0.69 18.90
C SER A 53 2.17 -1.16 19.69
N ASP A 54 1.26 -0.27 19.98
CA ASP A 54 0.05 -0.66 20.75
C ASP A 54 -0.55 -1.96 20.19
N GLN A 55 -0.92 -2.87 21.04
CA GLN A 55 -1.51 -4.16 20.55
C GLN A 55 -2.87 -3.90 19.89
N ARG A 56 -3.47 -2.77 20.17
CA ARG A 56 -4.80 -2.47 19.56
C ARG A 56 -4.62 -1.58 18.32
N HIS A 57 -3.76 -1.96 17.44
CA HIS A 57 -3.55 -1.13 16.21
C HIS A 57 -3.18 -2.04 15.02
N PHE A 58 -2.60 -1.48 13.99
CA PHE A 58 -2.24 -2.30 12.80
C PHE A 58 -0.90 -1.80 12.21
N PHE A 59 -0.71 -1.97 10.93
CA PHE A 59 0.56 -1.50 10.30
C PHE A 59 0.26 -0.37 9.30
N THR A 60 1.13 0.59 9.23
CA THR A 60 0.91 1.72 8.28
C THR A 60 2.13 1.92 7.37
N LEU A 61 1.91 2.25 6.13
CA LEU A 61 3.06 2.45 5.20
C LEU A 61 2.99 3.85 4.58
N SER A 62 4.10 4.53 4.54
CA SER A 62 4.11 5.91 3.95
C SER A 62 5.36 6.13 3.09
N VAL A 63 5.29 7.04 2.16
CA VAL A 63 6.47 7.30 1.29
C VAL A 63 6.61 8.80 1.01
N LYS A 64 7.78 9.24 0.63
CA LYS A 64 7.97 10.68 0.34
C LYS A 64 8.03 10.92 -1.16
N THR A 65 7.38 11.95 -1.64
CA THR A 65 7.41 12.22 -3.11
C THR A 65 7.58 13.72 -3.37
N GLN A 66 6.56 14.50 -3.16
CA GLN A 66 6.68 15.96 -3.39
C GLN A 66 5.79 16.73 -2.41
N SER A 67 4.51 16.78 -2.66
CA SER A 67 3.59 17.52 -1.74
C SER A 67 3.95 17.21 -0.29
N GLY A 68 4.03 15.97 0.07
CA GLY A 68 4.38 15.61 1.48
C GLY A 68 4.34 14.09 1.65
N THR A 69 4.63 13.61 2.83
CA THR A 69 4.62 12.13 3.06
C THR A 69 3.31 11.72 3.74
N LYS A 70 2.75 10.61 3.36
CA LYS A 70 1.47 10.15 3.99
C LYS A 70 1.57 8.67 4.38
N ASN A 71 0.95 8.29 5.45
CA ASN A 71 1.00 6.87 5.89
C ASN A 71 -0.37 6.20 5.72
N LEU A 72 -0.41 5.05 5.12
CA LEU A 72 -1.72 4.36 4.91
C LEU A 72 -1.82 3.12 5.80
N ARG A 73 -3.02 2.74 6.16
CA ARG A 73 -3.19 1.53 7.01
C ARG A 73 -4.43 0.74 6.57
N ILE A 74 -4.39 -0.57 6.71
CA ILE A 74 -5.56 -1.39 6.29
C ILE A 74 -6.68 -1.29 7.33
N GLN A 75 -7.87 -0.97 6.89
CA GLN A 75 -9.01 -0.85 7.85
C GLN A 75 -9.81 -2.15 7.88
N CYS A 76 -10.43 -2.45 8.98
CA CYS A 76 -11.23 -3.71 9.08
C CYS A 76 -12.70 -3.43 8.72
N GLU A 77 -13.31 -4.32 7.99
CA GLU A 77 -14.75 -4.11 7.61
C GLU A 77 -15.56 -5.37 7.92
N GLY A 78 -16.31 -5.36 8.99
CA GLY A 78 -17.13 -6.55 9.34
C GLY A 78 -16.27 -7.81 9.20
N GLY A 79 -16.58 -8.63 8.22
CA GLY A 79 -15.79 -9.88 8.02
C GLY A 79 -14.89 -9.71 6.80
N SER A 80 -14.50 -8.50 6.48
CA SER A 80 -13.62 -8.27 5.30
C SER A 80 -12.52 -7.26 5.66
N PHE A 81 -11.48 -7.21 4.86
CA PHE A 81 -10.37 -6.26 5.15
C PHE A 81 -10.12 -5.35 3.95
N SER A 82 -9.77 -4.11 4.18
CA SER A 82 -9.51 -3.18 3.04
C SER A 82 -8.57 -2.06 3.46
N LEU A 83 -8.06 -1.32 2.51
CA LEU A 83 -7.14 -0.20 2.86
C LEU A 83 -7.84 1.15 2.63
N GLN A 84 -8.52 1.29 1.53
CA GLN A 84 -9.24 2.57 1.26
C GLN A 84 -10.76 2.36 1.34
N SER A 85 -11.30 2.34 2.53
CA SER A 85 -12.76 2.13 2.67
C SER A 85 -13.52 3.30 2.04
N ASP A 86 -14.74 3.08 1.64
CA ASP A 86 -15.54 4.18 1.01
C ASP A 86 -16.74 4.54 1.90
N PRO A 87 -16.92 5.81 2.12
CA PRO A 87 -18.04 6.29 2.96
C PRO A 87 -19.37 6.14 2.21
N ARG A 88 -19.32 5.70 0.98
CA ARG A 88 -20.59 5.54 0.20
C ARG A 88 -21.55 4.61 0.95
N SER A 89 -21.05 3.57 1.54
CA SER A 89 -21.94 2.63 2.28
C SER A 89 -21.12 1.74 3.22
N THR A 90 -21.66 0.64 3.64
CA THR A 90 -20.91 -0.27 4.55
C THR A 90 -20.47 -1.53 3.79
N GLN A 91 -20.28 -1.43 2.51
CA GLN A 91 -19.86 -2.63 1.73
C GLN A 91 -18.34 -2.82 1.83
N PRO A 92 -17.96 -4.00 2.21
CA PRO A 92 -16.51 -4.33 2.36
C PRO A 92 -15.87 -4.48 0.98
N VAL A 93 -14.75 -5.16 0.91
CA VAL A 93 -14.07 -5.35 -0.40
C VAL A 93 -14.20 -6.80 -0.87
N PRO A 94 -14.25 -6.97 -2.15
CA PRO A 94 -14.37 -8.32 -2.75
C PRO A 94 -13.06 -9.09 -2.61
N ARG A 95 -13.12 -10.32 -2.17
CA ARG A 95 -11.87 -11.13 -2.02
C ARG A 95 -10.98 -10.54 -0.92
N PHE A 96 -11.57 -10.13 0.18
CA PHE A 96 -10.76 -9.57 1.30
C PHE A 96 -9.56 -8.78 0.75
N ASP A 97 -9.78 -7.89 -0.18
CA ASP A 97 -8.65 -7.11 -0.72
C ASP A 97 -8.16 -6.11 0.33
N CYS A 98 -7.01 -6.33 0.87
CA CYS A 98 -6.48 -5.41 1.92
C CYS A 98 -4.95 -5.34 1.85
N VAL A 99 -4.29 -5.74 2.90
CA VAL A 99 -2.80 -5.69 2.89
C VAL A 99 -2.26 -6.33 1.61
N LEU A 100 -2.77 -7.48 1.23
CA LEU A 100 -2.27 -8.12 -0.02
C LEU A 100 -2.52 -7.18 -1.20
N LYS A 101 -3.69 -6.63 -1.28
CA LYS A 101 -3.99 -5.67 -2.38
C LYS A 101 -3.17 -4.39 -2.18
N LEU A 102 -2.92 -4.06 -0.94
CA LEU A 102 -2.12 -2.84 -0.64
C LEU A 102 -0.72 -2.94 -1.26
N VAL A 103 -0.18 -4.13 -1.30
CA VAL A 103 1.19 -4.29 -1.89
C VAL A 103 1.20 -3.71 -3.31
N HIS A 104 0.14 -3.89 -4.04
CA HIS A 104 0.09 -3.33 -5.43
C HIS A 104 0.13 -1.81 -5.35
N HIS A 105 -0.47 -1.23 -4.34
CA HIS A 105 -0.47 0.25 -4.19
C HIS A 105 0.88 0.71 -3.64
N TYR A 106 1.33 0.12 -2.56
CA TYR A 106 2.64 0.53 -1.98
C TYR A 106 3.76 0.23 -2.97
N MET A 107 3.47 -0.51 -4.01
CA MET A 107 4.52 -0.85 -5.02
C MET A 107 5.53 -1.83 -4.41
N PRO A 108 5.39 -3.07 -4.82
CA PRO A 108 6.31 -4.13 -4.32
C PRO A 108 7.68 -4.00 -4.97
N PRO A 109 8.65 -4.59 -4.32
CA PRO A 109 10.04 -4.54 -4.84
C PRO A 109 10.19 -5.46 -6.05
N PRO A 110 11.11 -5.10 -6.91
CA PRO A 110 11.35 -5.89 -8.14
C PRO A 110 12.07 -7.21 -7.79
N GLY A 111 11.32 -8.25 -7.56
CA GLY A 111 11.95 -9.56 -7.22
C GLY A 111 11.02 -10.70 -7.61
N THR A 112 10.54 -11.44 -6.65
CA THR A 112 9.62 -12.58 -6.98
C THR A 112 8.22 -12.29 -6.43
N PRO A 113 7.36 -11.86 -7.31
CA PRO A 113 5.96 -11.54 -6.92
C PRO A 113 5.17 -12.83 -6.66
N SER A 114 5.39 -13.83 -7.46
CA SER A 114 4.65 -15.11 -7.27
C SER A 114 3.14 -14.89 -7.43
N PHE A 115 2.73 -14.28 -8.50
CA PHE A 115 1.28 -14.03 -8.70
C PHE A 115 0.94 -14.09 -10.20
N SER A 116 1.65 -13.35 -11.01
CA SER A 116 1.37 -13.38 -12.48
C SER A 116 2.24 -12.34 -13.19
N LEU A 117 2.34 -11.16 -12.65
CA LEU A 117 3.18 -10.11 -13.31
C LEU A 117 4.50 -10.71 -13.78
N PRO A 118 4.58 -10.94 -15.07
CA PRO A 118 5.80 -11.52 -15.67
C PRO A 118 6.91 -10.47 -15.73
N PRO A 119 7.95 -10.72 -14.98
CA PRO A 119 9.11 -9.79 -14.94
C PRO A 119 9.90 -9.87 -16.25
N THR A 120 10.91 -10.69 -16.29
CA THR A 120 11.72 -10.81 -17.54
C THR A 120 11.95 -9.43 -18.15
N GLU A 121 11.88 -9.33 -19.45
CA GLU A 121 12.08 -8.00 -20.10
C GLU A 121 10.77 -7.20 -20.12
N PRO A 122 10.91 -5.92 -20.31
CA PRO A 122 9.73 -5.03 -20.34
C PRO A 122 8.95 -5.23 -21.64
N SER A 123 7.81 -4.59 -21.76
CA SER A 123 7.00 -4.75 -23.01
C SER A 123 7.91 -4.69 -24.24
N SER A 124 7.72 -5.57 -25.18
CA SER A 124 8.57 -5.55 -26.40
C SER A 124 7.69 -5.46 -27.65
N GLU A 125 8.20 -4.85 -28.70
CA GLU A 125 7.40 -4.73 -29.95
C GLU A 125 7.19 -6.11 -30.58
N VAL A 126 7.27 -6.19 -31.88
CA VAL A 126 7.08 -7.50 -32.56
C VAL A 126 5.68 -8.05 -32.27
N PRO A 127 4.91 -8.20 -33.32
CA PRO A 127 3.53 -8.71 -33.19
C PRO A 127 3.54 -10.21 -32.88
N GLU A 128 3.56 -11.03 -33.91
CA GLU A 128 3.58 -12.50 -33.68
C GLU A 128 2.24 -12.97 -33.10
N GLN A 129 1.93 -12.58 -31.89
CA GLN A 129 0.65 -13.00 -31.27
C GLN A 129 0.38 -12.18 -30.00
N PRO A 130 -0.76 -11.54 -29.97
CA PRO A 130 -1.14 -10.73 -28.80
C PRO A 130 -1.52 -11.62 -27.61
N PRO A 131 -0.77 -11.47 -26.54
CA PRO A 131 -1.03 -12.28 -25.33
C PRO A 131 -2.30 -11.79 -24.62
N ALA A 132 -3.22 -12.68 -24.36
CA ALA A 132 -4.48 -12.27 -23.67
C ALA A 132 -5.22 -11.21 -24.50
N GLN A 133 -6.51 -11.12 -24.36
CA GLN A 133 -7.28 -10.12 -25.14
C GLN A 133 -7.72 -8.97 -24.23
N ALA A 134 -6.97 -7.90 -24.20
CA ALA A 134 -7.35 -6.75 -23.34
C ALA A 134 -7.49 -7.20 -21.88
N LEU A 135 -6.85 -8.28 -21.53
CA LEU A 135 -6.94 -8.78 -20.13
C LEU A 135 -5.55 -9.11 -19.58
N PRO A 136 -4.66 -8.17 -19.75
CA PRO A 136 -3.26 -8.36 -19.27
C PRO A 136 -3.20 -8.27 -17.74
N GLY A 137 -3.96 -9.08 -17.05
CA GLY A 137 -3.95 -9.03 -15.57
C GLY A 137 -4.67 -7.77 -15.08
N SER A 138 -4.65 -7.53 -13.81
CA SER A 138 -5.33 -6.31 -13.27
C SER A 138 -4.85 -5.07 -14.02
N THR A 139 -5.58 -3.98 -13.91
CA THR A 139 -5.16 -2.74 -14.63
C THR A 139 -3.66 -2.51 -14.46
N PRO A 140 -2.94 -2.67 -15.53
CA PRO A 140 -1.47 -2.48 -15.52
C PRO A 140 -1.13 -0.99 -15.41
N LYS A 141 -1.67 -0.31 -14.43
CA LYS A 141 -1.37 1.14 -14.27
C LYS A 141 -1.59 1.57 -12.82
N ARG A 142 -1.06 0.81 -11.89
CA ARG A 142 -1.24 1.17 -10.45
C ARG A 142 -0.90 2.65 -10.22
N ALA A 143 -1.16 3.15 -9.05
CA ALA A 143 -0.85 4.58 -8.76
C ALA A 143 -1.06 4.85 -7.27
N TYR A 144 -0.24 5.69 -6.68
CA TYR A 144 -0.43 6.01 -5.25
C TYR A 144 -0.23 7.51 -5.02
N TYR A 145 -1.20 8.20 -4.50
CA TYR A 145 -1.02 9.66 -4.25
C TYR A 145 -1.97 10.15 -3.15
N ILE A 146 -1.73 11.33 -2.64
CA ILE A 146 -2.60 11.85 -1.54
C ILE A 146 -3.62 12.86 -2.05
N TYR A 147 -4.75 12.92 -1.41
CA TYR A 147 -5.81 13.88 -1.85
C TYR A 147 -5.80 15.13 -0.98
N SER A 148 -5.86 16.27 -1.62
CA SER A 148 -5.86 17.55 -0.84
C SER A 148 -7.29 17.95 -0.46
N GLY A 149 -8.00 17.06 0.17
CA GLY A 149 -9.41 17.40 0.57
C GLY A 149 -10.12 18.09 -0.59
N GLY A 150 -9.76 17.76 -1.80
CA GLY A 150 -10.41 18.40 -2.98
C GLY A 150 -9.47 18.32 -4.18
N GLU A 151 -8.19 18.32 -3.95
CA GLU A 151 -7.22 18.25 -5.08
C GLU A 151 -6.42 16.95 -5.00
N LYS A 152 -6.47 16.15 -6.03
CA LYS A 152 -5.71 14.86 -6.01
C LYS A 152 -4.22 15.11 -6.29
N ILE A 153 -3.42 15.03 -5.29
CA ILE A 153 -1.95 15.25 -5.47
C ILE A 153 -1.31 13.91 -5.85
N PRO A 154 -0.87 13.81 -7.08
CA PRO A 154 -0.28 12.55 -7.57
C PRO A 154 1.14 12.33 -7.06
N LEU A 155 1.38 11.17 -6.49
CA LEU A 155 2.75 10.81 -6.00
C LEU A 155 3.13 9.48 -6.64
N VAL A 156 4.34 9.33 -7.13
CA VAL A 156 4.67 8.04 -7.76
C VAL A 156 5.45 7.13 -6.79
N LEU A 157 4.89 6.01 -6.44
CA LEU A 157 5.60 5.07 -5.53
C LEU A 157 6.41 4.07 -6.37
N SER A 158 7.69 3.95 -6.12
CA SER A 158 8.49 2.99 -6.95
C SER A 158 9.69 2.43 -6.18
N ARG A 159 10.17 3.12 -5.17
CA ARG A 159 11.34 2.58 -4.42
C ARG A 159 10.88 1.62 -3.33
N PRO A 160 11.41 0.42 -3.37
CA PRO A 160 11.05 -0.60 -2.36
C PRO A 160 11.78 -0.34 -1.04
N LEU A 161 11.18 -0.67 0.06
CA LEU A 161 11.85 -0.44 1.37
C LEU A 161 13.15 -1.23 1.46
N SER A 162 14.05 -0.82 2.31
CA SER A 162 15.35 -1.55 2.44
C SER A 162 15.68 -1.77 3.91
N SER A 163 15.42 -2.95 4.42
CA SER A 163 15.72 -3.23 5.86
C SER A 163 16.92 -4.18 5.96
N ASN A 164 17.09 -5.05 5.01
CA ASN A 164 18.24 -5.99 5.05
C ASN A 164 18.39 -6.56 6.47
N SER B 1 -7.17 17.17 14.37
CA SER B 1 -6.56 17.16 15.73
C SER B 1 -5.27 17.97 15.75
N THR B 2 -5.04 18.72 16.79
CA THR B 2 -3.79 19.53 16.87
C THR B 2 -2.61 18.66 17.32
N ALA B 3 -1.70 19.22 18.07
CA ALA B 3 -0.53 18.43 18.54
C ALA B 3 -1.02 17.21 19.34
N SER B 4 -0.55 16.04 18.99
CA SER B 4 -0.97 14.82 19.73
C SER B 4 -0.28 13.59 19.16
N THR B 5 -0.10 13.54 17.87
CA THR B 5 0.58 12.35 17.26
C THR B 5 0.76 12.57 15.75
N VAL B 6 0.62 11.53 14.97
CA VAL B 6 0.79 11.67 13.49
C VAL B 6 -0.52 11.32 12.79
N GLU B 7 -0.69 11.77 11.58
CA GLU B 7 -1.94 11.46 10.83
C GLU B 7 -1.69 11.48 9.33
N SER B 9 -3.81 10.60 5.10
CA SER B 9 -5.09 10.43 4.36
C SER B 9 -5.06 9.16 3.51
N THR B 10 -6.00 8.98 2.63
CA THR B 10 -6.01 7.76 1.76
C THR B 10 -5.31 8.05 0.44
N VAL B 11 -4.73 7.04 -0.16
CA VAL B 11 -4.03 7.26 -1.46
C VAL B 11 -5.03 7.10 -2.62
N VAL B 12 -4.55 6.89 -3.81
CA VAL B 12 -5.47 6.73 -4.96
C VAL B 12 -6.67 5.87 -4.57
N HIS B 13 -7.78 6.05 -5.23
CA HIS B 13 -8.99 5.24 -4.89
C HIS B 13 -9.87 5.06 -6.13
N SER B 14 -9.54 4.11 -6.97
CA SER B 14 -10.36 3.88 -8.19
C SER B 14 -10.73 5.21 -8.83
N GLY B 15 -11.83 5.25 -9.55
CA GLY B 15 -12.24 6.52 -10.21
C GLY B 15 -13.47 6.27 -11.08
N GLU A 9 -10.03 -9.31 15.46
CA GLU A 9 -9.75 -8.26 14.44
C GLU A 9 -8.24 -7.99 14.36
N TYR A 10 -7.59 -7.86 15.49
CA TYR A 10 -6.12 -7.59 15.46
C TYR A 10 -5.38 -8.76 14.80
N GLN A 11 -5.85 -9.96 15.01
CA GLN A 11 -5.16 -11.13 14.40
C GLN A 11 -5.05 -10.93 12.87
N LEU A 12 -6.01 -10.31 12.27
CA LEU A 12 -5.95 -10.08 10.79
C LEU A 12 -4.66 -9.33 10.44
N VAL A 13 -4.35 -8.28 11.14
CA VAL A 13 -3.12 -7.52 10.84
C VAL A 13 -1.89 -8.42 10.98
N VAL A 14 -1.83 -9.21 12.02
CA VAL A 14 -0.67 -10.12 12.21
C VAL A 14 -0.56 -11.07 11.01
N ASN A 15 -1.63 -11.72 10.65
CA ASN A 15 -1.58 -12.65 9.48
C ASN A 15 -1.17 -11.87 8.23
N ALA A 16 -1.78 -10.73 8.01
CA ALA A 16 -1.43 -9.92 6.82
C ALA A 16 0.03 -9.47 6.91
N VAL A 17 0.45 -9.04 8.07
CA VAL A 17 1.85 -8.60 8.24
C VAL A 17 2.79 -9.75 7.86
N ARG A 18 2.44 -10.95 8.22
CA ARG A 18 3.29 -12.12 7.87
C ARG A 18 3.54 -12.15 6.36
N LYS A 19 2.54 -11.88 5.58
CA LYS A 19 2.72 -11.89 4.10
C LYS A 19 3.41 -10.60 3.65
N LEU A 20 3.02 -9.48 4.21
CA LEU A 20 3.67 -8.19 3.82
C LEU A 20 5.09 -8.12 4.40
N GLN A 21 5.28 -8.60 5.59
CA GLN A 21 6.63 -8.57 6.20
C GLN A 21 7.59 -9.47 5.42
N GLU A 22 7.09 -10.56 4.90
CA GLU A 22 7.97 -11.48 4.12
C GLU A 22 8.62 -10.72 2.96
N SER A 23 8.06 -9.61 2.58
CA SER A 23 8.64 -8.83 1.46
C SER A 23 10.11 -8.49 1.75
N GLY A 24 10.41 -8.07 2.95
CA GLY A 24 11.81 -7.75 3.30
C GLY A 24 11.96 -6.27 3.63
N PHE A 25 10.95 -5.65 4.18
CA PHE A 25 11.07 -4.20 4.53
C PHE A 25 10.03 -3.80 5.57
N TYR A 26 9.68 -4.68 6.47
CA TYR A 26 8.67 -4.32 7.51
C TYR A 26 9.39 -3.76 8.74
N TRP A 27 8.89 -2.68 9.28
CA TRP A 27 9.55 -2.09 10.48
C TRP A 27 8.54 -1.94 11.62
N SER A 28 8.99 -2.06 12.83
CA SER A 28 8.06 -1.94 13.99
C SER A 28 8.81 -1.33 15.18
N ALA A 29 9.86 -0.62 14.91
CA ALA A 29 10.66 -0.01 16.01
C ALA A 29 10.60 1.52 15.94
N VAL A 30 9.89 2.07 15.00
CA VAL A 30 9.79 3.55 14.92
C VAL A 30 8.41 4.01 15.35
N THR A 31 8.01 5.18 14.95
CA THR A 31 6.67 5.68 15.35
C THR A 31 5.67 5.52 14.20
N GLY A 32 4.41 5.73 14.45
CA GLY A 32 3.41 5.58 13.36
C GLY A 32 3.94 6.21 12.08
N GLY A 33 3.87 7.51 11.97
CA GLY A 33 4.38 8.19 10.74
C GLY A 33 5.89 8.30 10.77
N GLU A 34 6.47 8.42 11.94
CA GLU A 34 7.95 8.56 12.01
C GLU A 34 8.62 7.36 11.35
N ALA A 35 8.07 6.19 11.52
CA ALA A 35 8.69 5.01 10.86
C ALA A 35 8.67 5.21 9.35
N ASN A 36 7.52 5.54 8.80
CA ASN A 36 7.43 5.77 7.34
C ASN A 36 8.17 7.06 6.94
N LEU A 37 7.91 8.13 7.63
CA LEU A 37 8.57 9.43 7.32
C LEU A 37 10.10 9.32 7.44
N LEU A 38 10.59 8.50 8.32
CA LEU A 38 12.07 8.37 8.46
C LEU A 38 12.69 8.04 7.11
N LEU A 39 11.92 7.50 6.21
CA LEU A 39 12.48 7.19 4.86
C LEU A 39 12.98 8.48 4.21
N SER A 40 12.30 9.57 4.46
CA SER A 40 12.74 10.87 3.88
C SER A 40 14.04 11.34 4.54
N ALA A 41 14.22 11.02 5.79
CA ALA A 41 15.47 11.45 6.48
C ALA A 41 16.62 10.51 6.13
N GLU A 42 16.31 9.33 5.68
CA GLU A 42 17.41 8.39 5.30
C GLU A 42 17.16 7.78 3.91
N PRO A 43 16.36 6.73 3.83
CA PRO A 43 16.08 6.11 2.52
C PRO A 43 15.06 6.95 1.73
N ALA A 44 15.43 8.13 1.32
CA ALA A 44 14.48 9.00 0.56
C ALA A 44 13.86 8.22 -0.61
N GLY A 45 12.60 8.43 -0.88
CA GLY A 45 11.94 7.70 -2.00
C GLY A 45 11.73 6.25 -1.58
N THR A 46 11.65 6.01 -0.30
CA THR A 46 11.46 4.61 0.20
C THR A 46 10.17 4.49 1.00
N PHE A 47 9.55 3.34 0.98
CA PHE A 47 8.28 3.16 1.73
C PHE A 47 8.45 2.04 2.75
N LEU A 48 7.93 2.23 3.94
CA LEU A 48 8.09 1.20 5.00
C LEU A 48 6.76 0.93 5.70
N ILE A 49 6.65 -0.19 6.38
CA ILE A 49 5.40 -0.51 7.10
C ILE A 49 5.65 -0.54 8.60
N ARG A 50 4.80 0.07 9.38
CA ARG A 50 5.00 0.08 10.85
C ARG A 50 3.72 -0.36 11.57
N ASP A 51 3.86 -1.04 12.68
CA ASP A 51 2.65 -1.50 13.43
C ASP A 51 2.35 -0.54 14.58
N SER A 52 1.10 -0.22 14.80
CA SER A 52 0.74 0.71 15.91
C SER A 52 1.50 0.31 17.19
N SER A 53 1.52 1.17 18.16
CA SER A 53 2.24 0.86 19.43
C SER A 53 1.76 -0.50 19.97
N ASP A 54 0.70 -0.49 20.73
CA ASP A 54 0.19 -1.77 21.30
C ASP A 54 0.21 -2.86 20.23
N GLN A 55 0.16 -4.11 20.63
CA GLN A 55 0.18 -5.21 19.63
C GLN A 55 -1.25 -5.54 19.18
N ARG A 56 -2.23 -5.07 19.90
CA ARG A 56 -3.65 -5.35 19.51
C ARG A 56 -4.15 -4.30 18.52
N HIS A 57 -3.25 -3.63 17.85
CA HIS A 57 -3.68 -2.59 16.88
C HIS A 57 -3.25 -2.99 15.46
N PHE A 58 -3.70 -2.27 14.47
CA PHE A 58 -3.33 -2.62 13.07
C PHE A 58 -2.05 -1.88 12.67
N PHE A 59 -1.61 -2.03 11.45
CA PHE A 59 -0.36 -1.33 11.01
C PHE A 59 -0.67 -0.34 9.90
N THR A 60 0.16 0.66 9.75
CA THR A 60 -0.08 1.67 8.68
C THR A 60 1.18 1.81 7.82
N LEU A 61 1.03 2.22 6.60
CA LEU A 61 2.23 2.36 5.71
C LEU A 61 2.17 3.68 4.96
N SER A 62 3.25 4.42 4.97
CA SER A 62 3.30 5.73 4.27
C SER A 62 4.63 5.86 3.52
N VAL A 63 4.66 6.63 2.47
CA VAL A 63 5.93 6.79 1.70
C VAL A 63 6.26 8.27 1.52
N LYS A 64 7.43 8.56 1.03
CA LYS A 64 7.83 9.97 0.83
C LYS A 64 8.12 10.24 -0.65
N THR A 65 7.63 11.33 -1.17
CA THR A 65 7.86 11.65 -2.61
C THR A 65 8.45 13.05 -2.75
N GLN A 66 9.59 13.30 -2.17
CA GLN A 66 10.21 14.66 -2.28
C GLN A 66 9.37 15.66 -1.50
N SER A 67 8.12 15.80 -1.84
CA SER A 67 7.25 16.77 -1.12
C SER A 67 5.81 16.23 -1.01
N GLY A 68 5.67 15.00 -0.61
CA GLY A 68 4.30 14.42 -0.48
C GLY A 68 4.31 13.30 0.56
N THR A 69 4.36 13.65 1.81
CA THR A 69 4.38 12.61 2.87
C THR A 69 2.95 12.40 3.42
N LYS A 70 2.35 11.28 3.11
CA LYS A 70 0.96 11.02 3.61
C LYS A 70 0.89 9.65 4.29
N ASN A 71 -0.03 9.46 5.18
CA ASN A 71 -0.14 8.15 5.88
C ASN A 71 -1.61 7.75 6.05
N LEU A 72 -1.89 6.47 6.03
CA LEU A 72 -3.30 6.02 6.20
C LEU A 72 -3.37 4.86 7.20
N ARG A 73 -4.43 4.76 7.94
CA ARG A 73 -4.56 3.66 8.93
C ARG A 73 -5.60 2.63 8.47
N ILE A 74 -5.47 1.40 8.88
CA ILE A 74 -6.45 0.37 8.47
C ILE A 74 -7.63 0.31 9.44
N GLN A 75 -8.81 0.04 8.95
CA GLN A 75 -9.99 -0.04 9.85
C GLN A 75 -10.65 -1.41 9.75
N CYS A 76 -10.97 -2.02 10.86
CA CYS A 76 -11.62 -3.36 10.82
C CYS A 76 -13.13 -3.21 10.75
N GLU A 77 -13.76 -3.81 9.77
CA GLU A 77 -15.24 -3.70 9.64
C GLU A 77 -15.86 -5.07 9.40
N GLY A 78 -16.60 -5.58 10.34
CA GLY A 78 -17.24 -6.92 10.16
C GLY A 78 -16.19 -7.95 9.77
N GLY A 79 -15.27 -8.24 10.65
CA GLY A 79 -14.22 -9.24 10.33
C GLY A 79 -13.51 -8.84 9.04
N SER A 80 -13.63 -7.61 8.64
CA SER A 80 -12.96 -7.17 7.38
C SER A 80 -12.02 -5.99 7.68
N PHE A 81 -11.11 -5.70 6.80
CA PHE A 81 -10.17 -4.57 7.05
C PHE A 81 -10.09 -3.66 5.82
N SER A 82 -10.05 -2.36 6.03
CA SER A 82 -9.96 -1.42 4.88
C SER A 82 -9.15 -0.19 5.27
N LEU A 83 -8.32 0.28 4.40
CA LEU A 83 -7.50 1.49 4.72
C LEU A 83 -8.30 2.76 4.46
N GLN A 84 -9.28 3.03 5.29
CA GLN A 84 -10.10 4.26 5.10
C GLN A 84 -10.72 4.26 3.70
N SER A 85 -10.83 3.12 3.07
CA SER A 85 -11.42 3.06 1.72
C SER A 85 -12.95 2.97 1.81
N ASP A 86 -13.63 3.09 0.70
CA ASP A 86 -15.12 3.02 0.73
C ASP A 86 -15.59 1.69 0.15
N PRO A 87 -16.70 1.23 0.65
CA PRO A 87 -17.28 -0.06 0.17
C PRO A 87 -17.88 0.11 -1.23
N ARG A 88 -17.11 0.59 -2.17
CA ARG A 88 -17.63 0.78 -3.54
C ARG A 88 -18.03 -0.57 -4.15
N SER A 89 -17.18 -1.56 -4.04
CA SER A 89 -17.51 -2.89 -4.61
C SER A 89 -17.62 -2.81 -6.13
N THR A 90 -16.53 -2.55 -6.81
CA THR A 90 -16.58 -2.45 -8.29
C THR A 90 -16.27 -3.81 -8.92
N GLN A 91 -15.76 -4.73 -8.14
CA GLN A 91 -15.42 -6.07 -8.70
C GLN A 91 -14.97 -7.01 -7.58
N PRO A 92 -13.90 -6.62 -6.94
CA PRO A 92 -13.34 -7.44 -5.83
C PRO A 92 -14.23 -7.34 -4.60
N VAL A 93 -13.77 -7.84 -3.48
CA VAL A 93 -14.60 -7.77 -2.24
C VAL A 93 -14.16 -6.58 -1.39
N PRO A 94 -15.11 -6.01 -0.68
CA PRO A 94 -14.82 -4.85 0.19
C PRO A 94 -13.97 -5.28 1.38
N ARG A 95 -12.92 -4.55 1.68
CA ARG A 95 -12.04 -4.92 2.82
C ARG A 95 -11.16 -6.11 2.44
N PHE A 96 -11.75 -7.14 1.90
CA PHE A 96 -10.96 -8.34 1.49
C PHE A 96 -10.55 -9.15 2.72
N ASP A 97 -9.76 -10.17 2.52
CA ASP A 97 -9.31 -11.00 3.66
C ASP A 97 -7.87 -10.62 4.03
N CYS A 98 -7.68 -10.07 5.20
CA CYS A 98 -6.32 -9.66 5.65
C CYS A 98 -6.02 -8.22 5.22
N VAL A 99 -5.71 -7.38 6.17
CA VAL A 99 -5.38 -5.96 5.84
C VAL A 99 -4.36 -5.94 4.70
N LEU A 100 -3.66 -7.02 4.51
CA LEU A 100 -2.63 -7.06 3.44
C LEU A 100 -3.21 -6.64 2.09
N LYS A 101 -4.44 -6.97 1.81
CA LYS A 101 -5.02 -6.56 0.50
C LYS A 101 -4.96 -5.04 0.38
N LEU A 102 -5.14 -4.36 1.48
CA LEU A 102 -5.09 -2.87 1.45
C LEU A 102 -3.68 -2.42 1.05
N VAL A 103 -2.68 -3.16 1.45
CA VAL A 103 -1.29 -2.78 1.09
C VAL A 103 -1.16 -2.63 -0.43
N HIS A 104 -1.84 -3.46 -1.19
CA HIS A 104 -1.76 -3.34 -2.66
C HIS A 104 -2.12 -1.90 -3.07
N HIS A 105 -2.97 -1.27 -2.31
CA HIS A 105 -3.36 0.14 -2.62
C HIS A 105 -2.15 1.05 -2.45
N TYR A 106 -1.32 0.76 -1.47
CA TYR A 106 -0.11 1.60 -1.24
C TYR A 106 0.81 1.53 -2.46
N MET A 107 0.54 0.63 -3.35
CA MET A 107 1.38 0.47 -4.58
C MET A 107 2.66 -0.30 -4.24
N PRO A 108 2.52 -1.59 -4.15
CA PRO A 108 3.68 -2.47 -3.84
C PRO A 108 4.63 -2.55 -5.04
N PRO A 109 5.74 -3.20 -4.82
CA PRO A 109 6.75 -3.36 -5.89
C PRO A 109 6.27 -4.36 -6.93
N PRO A 110 6.21 -3.91 -8.16
CA PRO A 110 5.76 -4.78 -9.28
C PRO A 110 6.84 -5.81 -9.63
N GLY A 111 6.46 -7.04 -9.81
CA GLY A 111 7.47 -8.08 -10.16
C GLY A 111 7.10 -9.40 -9.48
N THR A 112 7.30 -10.50 -10.16
CA THR A 112 6.96 -11.82 -9.55
C THR A 112 7.46 -11.88 -8.11
N PRO A 113 6.54 -12.04 -7.20
CA PRO A 113 6.90 -12.13 -5.76
C PRO A 113 7.57 -13.47 -5.45
N SER A 114 6.92 -14.55 -5.77
CA SER A 114 7.51 -15.89 -5.50
C SER A 114 6.51 -17.00 -5.80
N PHE A 115 5.40 -17.01 -5.11
CA PHE A 115 4.38 -18.06 -5.36
C PHE A 115 4.97 -19.45 -5.10
N SER A 116 4.32 -20.24 -4.28
CA SER A 116 4.85 -21.60 -3.99
C SER A 116 5.17 -22.34 -5.30
N LEU A 117 4.49 -22.01 -6.35
CA LEU A 117 4.76 -22.69 -7.65
C LEU A 117 5.53 -21.75 -8.59
N PRO A 118 6.64 -22.25 -9.09
CA PRO A 118 7.48 -21.45 -10.01
C PRO A 118 6.82 -21.33 -11.38
N PRO A 119 6.94 -20.16 -11.95
CA PRO A 119 6.34 -19.91 -13.29
C PRO A 119 7.15 -20.62 -14.38
N THR A 120 8.14 -19.96 -14.92
CA THR A 120 8.96 -20.61 -15.98
C THR A 120 10.26 -21.15 -15.39
N GLU A 121 11.19 -20.28 -15.08
CA GLU A 121 12.49 -20.75 -14.50
C GLU A 121 12.29 -21.18 -13.04
N PRO A 122 12.51 -22.44 -12.80
CA PRO A 122 12.34 -23.00 -11.44
C PRO A 122 13.49 -22.53 -10.52
N SER A 123 14.42 -21.79 -11.07
CA SER A 123 15.56 -21.29 -10.24
C SER A 123 15.86 -19.83 -10.57
N SER A 124 15.47 -18.92 -9.72
CA SER A 124 15.74 -17.48 -9.98
C SER A 124 15.95 -16.73 -8.67
N GLU A 125 16.74 -17.27 -7.79
CA GLU A 125 16.98 -16.59 -6.48
C GLU A 125 18.00 -15.45 -6.67
N VAL A 126 18.90 -15.29 -5.74
CA VAL A 126 19.91 -14.19 -5.86
C VAL A 126 19.20 -12.85 -6.03
N PRO A 127 19.08 -12.14 -4.94
CA PRO A 127 18.42 -10.81 -4.96
C PRO A 127 19.33 -9.78 -5.61
N GLU A 128 19.46 -9.83 -6.91
CA GLU A 128 20.34 -8.85 -7.61
C GLU A 128 19.85 -8.63 -9.04
N GLN A 129 19.75 -7.39 -9.46
CA GLN A 129 19.28 -7.12 -10.86
C GLN A 129 17.92 -7.77 -11.09
N PRO A 130 16.90 -6.95 -11.17
CA PRO A 130 15.53 -7.46 -11.40
C PRO A 130 15.37 -7.93 -12.85
N PRO A 131 14.97 -9.16 -12.99
CA PRO A 131 14.77 -9.75 -14.34
C PRO A 131 13.50 -9.18 -14.99
N ALA A 132 12.37 -9.78 -14.76
CA ALA A 132 11.11 -9.27 -15.35
C ALA A 132 11.12 -9.50 -16.87
N GLN A 133 10.11 -10.14 -17.39
CA GLN A 133 10.07 -10.39 -18.86
C GLN A 133 10.49 -9.14 -19.62
N ALA A 134 9.55 -8.29 -19.95
CA ALA A 134 9.90 -7.04 -20.70
C ALA A 134 8.77 -6.02 -20.60
N LEU A 135 8.36 -5.70 -19.40
CA LEU A 135 7.25 -4.71 -19.24
C LEU A 135 7.79 -3.42 -18.63
N PRO A 136 8.32 -2.57 -19.48
CA PRO A 136 8.89 -1.27 -19.03
C PRO A 136 7.75 -0.31 -18.65
N GLY A 137 6.91 -0.70 -17.74
CA GLY A 137 5.79 0.20 -17.33
C GLY A 137 4.49 -0.60 -17.27
N SER A 138 4.04 -0.93 -16.09
CA SER A 138 2.77 -1.70 -15.98
C SER A 138 1.70 -1.13 -16.92
N THR A 139 1.12 -1.94 -17.74
CA THR A 139 0.07 -1.44 -18.68
C THR A 139 -0.90 -0.53 -17.94
N PRO A 140 -1.48 -1.05 -16.89
CA PRO A 140 -2.44 -0.26 -16.08
C PRO A 140 -1.72 0.81 -15.26
N LYS A 141 -0.50 0.55 -14.88
CA LYS A 141 0.26 1.56 -14.08
C LYS A 141 -0.46 1.84 -12.76
N ARG A 142 0.26 1.85 -11.67
CA ARG A 142 -0.39 2.10 -10.35
C ARG A 142 -0.63 3.61 -10.18
N ALA A 143 -0.93 4.04 -8.98
CA ALA A 143 -1.17 5.48 -8.73
C ALA A 143 -1.88 5.67 -7.38
N TYR A 144 -1.17 5.55 -6.30
CA TYR A 144 -1.83 5.73 -4.97
C TYR A 144 -1.47 7.11 -4.42
N TYR A 145 -2.46 7.91 -4.08
CA TYR A 145 -2.17 9.27 -3.55
C TYR A 145 -3.33 9.77 -2.70
N ILE A 146 -3.11 10.83 -1.96
CA ILE A 146 -4.18 11.37 -1.08
C ILE A 146 -4.83 12.60 -1.69
N TYR A 147 -6.08 12.82 -1.39
CA TYR A 147 -6.79 14.01 -1.95
C TYR A 147 -6.81 15.16 -0.95
N SER A 148 -6.50 16.33 -1.42
CA SER A 148 -6.49 17.52 -0.51
C SER A 148 -7.89 18.13 -0.42
N GLY A 149 -8.88 17.33 -0.14
CA GLY A 149 -10.27 17.88 -0.05
C GLY A 149 -10.53 18.81 -1.22
N GLY A 150 -9.87 18.61 -2.32
CA GLY A 150 -10.08 19.50 -3.50
C GLY A 150 -8.95 19.29 -4.51
N GLU A 151 -7.76 19.00 -4.04
CA GLU A 151 -6.63 18.78 -4.98
C GLU A 151 -6.06 17.37 -4.81
N LYS A 152 -6.04 16.60 -5.85
CA LYS A 152 -5.51 15.21 -5.76
C LYS A 152 -3.99 15.24 -5.61
N ILE A 153 -3.50 14.97 -4.43
CA ILE A 153 -2.03 14.96 -4.22
C ILE A 153 -1.49 13.58 -4.59
N PRO A 154 -0.75 13.54 -5.67
CA PRO A 154 -0.20 12.24 -6.15
C PRO A 154 0.99 11.78 -5.31
N LEU A 155 0.96 10.55 -4.86
CA LEU A 155 2.10 10.01 -4.05
C LEU A 155 2.64 8.75 -4.72
N VAL A 156 3.93 8.62 -4.84
CA VAL A 156 4.48 7.40 -5.49
C VAL A 156 5.14 6.49 -4.44
N LEU A 157 4.62 5.30 -4.28
CA LEU A 157 5.22 4.35 -3.30
C LEU A 157 5.58 3.04 -3.98
N SER A 158 6.84 2.71 -4.07
CA SER A 158 7.23 1.43 -4.74
C SER A 158 8.71 1.10 -4.47
N ARG A 159 9.27 1.66 -3.43
CA ARG A 159 10.70 1.37 -3.12
C ARG A 159 10.80 0.56 -1.81
N PRO A 160 11.45 -0.57 -1.92
CA PRO A 160 11.60 -1.45 -0.73
C PRO A 160 12.61 -0.85 0.27
N LEU A 161 12.32 -0.92 1.53
CA LEU A 161 13.25 -0.35 2.55
C LEU A 161 14.22 -1.43 3.02
N SER A 162 15.43 -1.06 3.33
CA SER A 162 16.43 -2.07 3.79
C SER A 162 16.27 -2.32 5.29
N SER A 163 15.48 -3.30 5.65
CA SER A 163 15.27 -3.59 7.11
C SER A 163 16.61 -3.52 7.85
N ASN A 164 17.68 -3.94 7.23
CA ASN A 164 19.00 -3.90 7.90
C ASN A 164 19.72 -2.60 7.56
N SER B 1 2.29 18.75 26.90
CA SER B 1 2.16 17.27 26.72
C SER B 1 2.47 16.88 25.27
N THR B 2 3.20 15.82 25.08
CA THR B 2 3.53 15.39 23.68
C THR B 2 2.44 14.47 23.14
N ALA B 3 2.48 14.14 21.88
CA ALA B 3 1.45 13.25 21.30
C ALA B 3 1.73 13.01 19.81
N SER B 4 1.92 11.79 19.42
CA SER B 4 2.20 11.50 17.98
C SER B 4 0.90 11.13 17.26
N THR B 5 0.85 11.29 15.97
CA THR B 5 -0.38 10.95 15.22
C THR B 5 -0.21 11.30 13.74
N VAL B 6 -0.64 10.43 12.85
CA VAL B 6 -0.50 10.73 11.39
C VAL B 6 -1.88 10.82 10.74
N GLU B 7 -2.33 12.01 10.43
CA GLU B 7 -3.65 12.18 9.79
C GLU B 7 -3.84 11.13 8.68
N SER B 9 -5.95 10.23 4.99
CA SER B 9 -6.88 10.74 3.94
C SER B 9 -7.11 9.66 2.88
N THR B 10 -6.73 8.45 3.16
CA THR B 10 -6.93 7.34 2.17
C THR B 10 -6.22 7.69 0.86
N VAL B 11 -5.84 6.69 0.11
CA VAL B 11 -5.14 6.95 -1.18
C VAL B 11 -6.06 6.60 -2.36
N VAL B 12 -5.91 7.26 -3.48
CA VAL B 12 -6.78 6.97 -4.65
C VAL B 12 -6.80 5.48 -4.97
N HIS B 13 -5.86 4.74 -4.46
CA HIS B 13 -5.82 3.27 -4.74
C HIS B 13 -5.74 3.01 -6.24
N SER B 14 -4.70 2.36 -6.69
CA SER B 14 -4.56 2.08 -8.15
C SER B 14 -5.33 0.81 -8.52
N GLY B 15 -5.13 -0.25 -7.78
CA GLY B 15 -5.85 -1.52 -8.09
C GLY B 15 -5.30 -2.64 -7.21
N GLU A 9 -9.08 -7.62 13.55
CA GLU A 9 -7.94 -6.78 13.08
C GLU A 9 -6.61 -7.36 13.57
N TYR A 10 -6.57 -7.85 14.78
CA TYR A 10 -5.30 -8.44 15.31
C TYR A 10 -4.90 -9.66 14.48
N GLN A 11 -5.80 -10.59 14.30
CA GLN A 11 -5.46 -11.81 13.49
C GLN A 11 -5.28 -11.44 12.02
N LEU A 12 -6.04 -10.50 11.54
CA LEU A 12 -5.91 -10.10 10.11
C LEU A 12 -4.56 -9.42 9.87
N VAL A 13 -4.15 -8.57 10.77
CA VAL A 13 -2.84 -7.86 10.59
C VAL A 13 -1.67 -8.84 10.80
N VAL A 14 -1.73 -9.62 11.85
CA VAL A 14 -0.62 -10.58 12.12
C VAL A 14 -0.44 -11.53 10.93
N ASN A 15 -1.50 -11.86 10.25
CA ASN A 15 -1.38 -12.78 9.09
C ASN A 15 -0.62 -12.09 7.95
N ALA A 16 -0.84 -10.82 7.75
CA ALA A 16 -0.13 -10.09 6.65
C ALA A 16 1.31 -9.81 7.05
N VAL A 17 1.53 -9.33 8.25
CA VAL A 17 2.92 -9.05 8.70
C VAL A 17 3.77 -10.31 8.59
N ARG A 18 3.20 -11.43 8.95
CA ARG A 18 3.97 -12.70 8.87
C ARG A 18 4.50 -12.91 7.46
N LYS A 19 3.68 -12.71 6.47
CA LYS A 19 4.15 -12.89 5.06
C LYS A 19 4.95 -11.66 4.63
N LEU A 20 4.57 -10.49 5.07
CA LEU A 20 5.32 -9.26 4.69
C LEU A 20 6.67 -9.22 5.41
N GLN A 21 6.68 -9.54 6.68
CA GLN A 21 7.97 -9.52 7.44
C GLN A 21 8.87 -10.65 6.95
N GLU A 22 8.30 -11.76 6.57
CA GLU A 22 9.13 -12.90 6.09
C GLU A 22 9.98 -12.47 4.89
N SER A 23 9.40 -11.77 3.96
CA SER A 23 10.18 -11.32 2.77
C SER A 23 11.39 -10.52 3.22
N GLY A 24 11.32 -9.89 4.36
CA GLY A 24 12.47 -9.09 4.86
C GLY A 24 12.22 -7.61 4.58
N PHE A 25 11.01 -7.15 4.77
CA PHE A 25 10.71 -5.72 4.49
C PHE A 25 9.74 -5.17 5.54
N TYR A 26 9.95 -5.47 6.79
CA TYR A 26 9.03 -4.96 7.85
C TYR A 26 9.84 -4.25 8.93
N TRP A 27 9.44 -3.06 9.29
CA TRP A 27 10.19 -2.31 10.34
C TRP A 27 9.43 -2.37 11.67
N SER A 28 10.14 -2.38 12.76
CA SER A 28 9.47 -2.44 14.09
C SER A 28 8.29 -1.47 14.12
N ALA A 29 8.51 -0.26 14.55
CA ALA A 29 7.41 0.73 14.60
C ALA A 29 7.85 1.96 15.41
N VAL A 30 8.60 2.85 14.81
CA VAL A 30 9.04 4.06 15.52
C VAL A 30 7.83 4.82 16.07
N THR A 31 7.62 6.04 15.65
CA THR A 31 6.44 6.79 16.15
C THR A 31 5.27 6.59 15.19
N GLY A 32 4.09 7.00 15.57
CA GLY A 32 2.92 6.82 14.67
C GLY A 32 3.32 7.17 13.23
N GLY A 33 3.26 8.43 12.88
CA GLY A 33 3.63 8.84 11.49
C GLY A 33 5.15 8.92 11.34
N GLU A 34 5.86 9.22 12.40
CA GLU A 34 7.34 9.32 12.28
C GLU A 34 7.92 8.01 11.76
N ALA A 35 7.46 6.90 12.25
CA ALA A 35 7.99 5.61 11.74
C ALA A 35 7.74 5.53 10.24
N ASN A 36 6.54 5.79 9.80
CA ASN A 36 6.23 5.74 8.35
C ASN A 36 6.95 6.89 7.62
N LEU A 37 6.90 8.06 8.17
CA LEU A 37 7.55 9.24 7.51
C LEU A 37 9.08 9.15 7.55
N LEU A 38 9.64 8.56 8.57
CA LEU A 38 11.15 8.51 8.64
C LEU A 38 11.73 7.89 7.37
N LEU A 39 10.97 7.10 6.67
CA LEU A 39 11.50 6.51 5.42
C LEU A 39 11.44 7.55 4.30
N SER A 40 10.43 8.38 4.32
CA SER A 40 10.31 9.44 3.27
C SER A 40 11.39 10.50 3.48
N ALA A 41 11.76 10.75 4.72
CA ALA A 41 12.79 11.79 4.99
C ALA A 41 14.19 11.21 4.77
N GLU A 42 14.34 9.92 4.80
CA GLU A 42 15.69 9.32 4.59
C GLU A 42 15.72 8.52 3.27
N PRO A 43 15.14 7.34 3.30
CA PRO A 43 15.10 6.50 2.06
C PRO A 43 14.12 7.09 1.05
N ALA A 44 14.41 8.26 0.54
CA ALA A 44 13.49 8.89 -0.46
C ALA A 44 13.16 7.91 -1.58
N GLY A 45 11.94 7.91 -2.04
CA GLY A 45 11.55 6.97 -3.13
C GLY A 45 11.42 5.55 -2.56
N THR A 46 11.24 5.44 -1.27
CA THR A 46 11.11 4.10 -0.65
C THR A 46 9.95 4.09 0.35
N PHE A 47 9.27 2.98 0.47
CA PHE A 47 8.13 2.92 1.43
C PHE A 47 8.34 1.78 2.44
N LEU A 48 7.73 1.88 3.58
CA LEU A 48 7.89 0.81 4.61
C LEU A 48 6.63 0.71 5.47
N ILE A 49 6.42 -0.41 6.11
CA ILE A 49 5.20 -0.56 6.97
C ILE A 49 5.60 -0.70 8.44
N ARG A 50 5.02 0.10 9.29
CA ARG A 50 5.35 -0.01 10.75
C ARG A 50 4.13 -0.51 11.52
N ASP A 51 4.35 -1.21 12.60
CA ASP A 51 3.20 -1.73 13.39
C ASP A 51 2.54 -0.59 14.16
N SER A 52 1.24 -0.50 14.12
CA SER A 52 0.53 0.58 14.85
C SER A 52 0.95 0.59 16.32
N SER A 53 0.91 -0.55 16.96
CA SER A 53 1.29 -0.61 18.40
C SER A 53 1.29 -2.07 18.87
N ASP A 54 1.09 -2.29 20.15
CA ASP A 54 1.08 -3.68 20.67
C ASP A 54 2.34 -4.43 20.22
N GLN A 55 2.21 -5.68 19.86
CA GLN A 55 3.39 -6.46 19.41
C GLN A 55 3.55 -6.35 17.90
N ARG A 56 2.46 -6.35 17.17
CA ARG A 56 2.55 -6.25 15.69
C ARG A 56 1.15 -6.20 15.08
N HIS A 57 0.22 -5.58 15.75
CA HIS A 57 -1.16 -5.49 15.19
C HIS A 57 -1.34 -4.21 14.38
N PHE A 58 -2.22 -4.22 13.42
CA PHE A 58 -2.46 -3.01 12.58
C PHE A 58 -1.13 -2.40 12.10
N PHE A 59 -0.82 -2.54 10.84
CA PHE A 59 0.45 -1.97 10.32
C PHE A 59 0.17 -0.95 9.21
N THR A 60 0.90 0.13 9.20
CA THR A 60 0.68 1.17 8.15
C THR A 60 2.00 1.48 7.44
N LEU A 61 1.96 1.96 6.23
CA LEU A 61 3.23 2.28 5.51
C LEU A 61 3.06 3.52 4.64
N SER A 62 3.93 4.49 4.79
CA SER A 62 3.84 5.73 3.96
C SER A 62 5.04 5.81 3.02
N VAL A 63 4.89 6.49 1.91
CA VAL A 63 6.03 6.60 0.95
C VAL A 63 6.30 8.06 0.60
N LYS A 64 7.35 8.31 -0.14
CA LYS A 64 7.67 9.71 -0.52
C LYS A 64 7.61 9.87 -2.04
N THR A 65 7.07 10.95 -2.52
CA THR A 65 6.99 11.14 -4.00
C THR A 65 7.40 12.57 -4.37
N GLN A 66 6.45 13.46 -4.49
CA GLN A 66 6.79 14.87 -4.84
C GLN A 66 7.27 15.63 -3.61
N SER A 67 6.80 15.24 -2.45
CA SER A 67 7.22 15.93 -1.20
C SER A 67 6.25 15.60 -0.07
N GLY A 68 5.07 15.13 -0.41
CA GLY A 68 4.07 14.80 0.63
C GLY A 68 4.08 13.29 0.89
N THR A 69 4.72 12.88 1.95
CA THR A 69 4.78 11.42 2.27
C THR A 69 3.75 11.08 3.35
N LYS A 70 2.83 10.19 3.08
CA LYS A 70 1.81 9.84 4.10
C LYS A 70 1.54 8.32 4.08
N ASN A 71 0.78 7.84 5.03
CA ASN A 71 0.48 6.38 5.08
C ASN A 71 -1.03 6.15 5.07
N LEU A 72 -1.46 5.03 4.57
CA LEU A 72 -2.93 4.74 4.53
C LEU A 72 -3.26 3.61 5.52
N ARG A 73 -4.06 3.89 6.51
CA ARG A 73 -4.41 2.84 7.50
C ARG A 73 -5.56 1.97 6.96
N ILE A 74 -5.62 0.73 7.37
CA ILE A 74 -6.71 -0.16 6.89
C ILE A 74 -7.97 0.02 7.75
N GLN A 75 -9.12 -0.06 7.14
CA GLN A 75 -10.38 0.11 7.92
C GLN A 75 -10.94 -1.26 8.33
N CYS A 76 -11.10 -1.49 9.60
CA CYS A 76 -11.64 -2.80 10.06
C CYS A 76 -13.16 -2.75 10.10
N GLU A 77 -13.83 -3.57 9.32
CA GLU A 77 -15.32 -3.56 9.33
C GLU A 77 -15.85 -4.99 9.41
N GLY A 78 -16.62 -5.29 10.42
CA GLY A 78 -17.17 -6.67 10.56
C GLY A 78 -16.03 -7.66 10.79
N GLY A 79 -15.09 -7.30 11.63
CA GLY A 79 -13.95 -8.22 11.90
C GLY A 79 -13.16 -8.45 10.61
N SER A 80 -13.41 -7.67 9.60
CA SER A 80 -12.67 -7.85 8.31
C SER A 80 -11.69 -6.70 8.11
N PHE A 81 -10.74 -6.88 7.22
CA PHE A 81 -9.74 -5.81 6.97
C PHE A 81 -9.96 -5.20 5.57
N SER A 82 -10.06 -3.90 5.48
CA SER A 82 -10.27 -3.26 4.15
C SER A 82 -9.76 -1.82 4.16
N LEU A 83 -9.11 -1.40 3.11
CA LEU A 83 -8.60 0.00 3.07
C LEU A 83 -9.64 0.92 2.41
N GLN A 84 -10.13 0.55 1.27
CA GLN A 84 -11.16 1.41 0.59
C GLN A 84 -12.29 0.53 0.04
N SER A 85 -13.51 0.87 0.36
CA SER A 85 -14.66 0.05 -0.14
C SER A 85 -14.63 -0.02 -1.66
N ASP A 86 -13.85 -0.92 -2.22
CA ASP A 86 -13.78 -1.03 -3.70
C ASP A 86 -14.22 -2.43 -4.14
N PRO A 87 -15.32 -2.49 -4.83
CA PRO A 87 -15.85 -3.79 -5.32
C PRO A 87 -15.00 -4.31 -6.48
N ARG A 88 -13.74 -4.56 -6.24
CA ARG A 88 -12.87 -5.07 -7.33
C ARG A 88 -13.33 -6.46 -7.78
N SER A 89 -14.26 -7.05 -7.07
CA SER A 89 -14.75 -8.40 -7.45
C SER A 89 -13.69 -9.46 -7.17
N THR A 90 -13.77 -10.12 -6.04
CA THR A 90 -12.76 -11.16 -5.71
C THR A 90 -13.24 -11.98 -4.50
N GLN A 91 -13.59 -11.32 -3.43
CA GLN A 91 -14.07 -12.04 -2.22
C GLN A 91 -13.22 -13.30 -1.99
N PRO A 92 -12.11 -13.12 -1.32
CA PRO A 92 -11.20 -14.25 -1.01
C PRO A 92 -11.81 -15.13 0.08
N VAL A 93 -11.47 -14.88 1.32
CA VAL A 93 -12.03 -15.71 2.42
C VAL A 93 -12.80 -14.80 3.40
N PRO A 94 -13.51 -15.42 4.30
CA PRO A 94 -14.29 -14.65 5.30
C PRO A 94 -13.33 -13.95 6.26
N ARG A 95 -13.56 -12.68 6.52
CA ARG A 95 -12.65 -11.94 7.44
C ARG A 95 -11.21 -12.07 6.93
N PHE A 96 -11.01 -12.01 5.65
CA PHE A 96 -9.63 -12.13 5.10
C PHE A 96 -8.84 -10.84 5.34
N ASP A 97 -7.64 -10.76 4.83
CA ASP A 97 -6.83 -9.52 5.04
C ASP A 97 -6.74 -8.72 3.74
N CYS A 98 -7.36 -7.57 3.69
CA CYS A 98 -7.32 -6.76 2.45
C CYS A 98 -5.94 -6.13 2.27
N VAL A 99 -5.16 -6.04 3.32
CA VAL A 99 -3.81 -5.44 3.18
C VAL A 99 -3.07 -6.09 2.02
N LEU A 100 -3.25 -7.37 1.80
CA LEU A 100 -2.56 -8.03 0.67
C LEU A 100 -2.95 -7.33 -0.64
N LYS A 101 -4.21 -7.08 -0.84
CA LYS A 101 -4.64 -6.37 -2.07
C LYS A 101 -4.14 -4.93 -2.02
N LEU A 102 -4.04 -4.39 -0.83
CA LEU A 102 -3.56 -2.99 -0.67
C LEU A 102 -2.14 -2.84 -1.24
N VAL A 103 -1.34 -3.87 -1.14
CA VAL A 103 0.05 -3.77 -1.67
C VAL A 103 0.02 -3.31 -3.13
N HIS A 104 -0.95 -3.76 -3.89
CA HIS A 104 -1.02 -3.31 -5.31
C HIS A 104 -1.01 -1.78 -5.33
N HIS A 105 -1.87 -1.17 -4.56
CA HIS A 105 -1.90 0.32 -4.50
C HIS A 105 -0.75 0.81 -3.63
N TYR A 106 -0.45 0.10 -2.58
CA TYR A 106 0.67 0.51 -1.68
C TYR A 106 2.00 0.44 -2.44
N MET A 107 2.00 -0.17 -3.59
CA MET A 107 3.26 -0.29 -4.38
C MET A 107 3.00 -1.07 -5.66
N PRO A 108 2.25 -0.47 -6.54
CA PRO A 108 1.91 -1.12 -7.84
C PRO A 108 3.14 -1.14 -8.76
N PRO A 109 3.64 -2.32 -8.99
CA PRO A 109 4.82 -2.48 -9.87
C PRO A 109 4.49 -2.25 -11.36
N PRO A 110 3.26 -2.54 -11.75
CA PRO A 110 2.88 -2.33 -13.17
C PRO A 110 2.70 -0.84 -13.47
N GLY A 111 3.72 -0.20 -13.97
CA GLY A 111 3.61 1.26 -14.27
C GLY A 111 2.26 1.53 -14.95
N THR A 112 1.74 0.56 -15.66
CA THR A 112 0.43 0.77 -16.36
C THR A 112 0.01 -0.51 -17.07
N PRO A 113 0.84 -0.94 -17.99
CA PRO A 113 0.55 -2.17 -18.77
C PRO A 113 0.73 -3.41 -17.89
N SER A 114 0.76 -4.57 -18.48
CA SER A 114 0.93 -5.81 -17.68
C SER A 114 -0.29 -6.03 -16.78
N PHE A 115 -0.53 -5.14 -15.85
CA PHE A 115 -1.69 -5.29 -14.93
C PHE A 115 -1.97 -6.77 -14.64
N SER A 116 -0.99 -7.46 -14.11
CA SER A 116 -1.19 -8.90 -13.79
C SER A 116 -1.40 -9.69 -15.08
N LEU A 117 -0.85 -10.88 -15.16
CA LEU A 117 -1.01 -11.70 -16.39
C LEU A 117 -2.43 -12.28 -16.46
N PRO A 118 -3.10 -11.99 -17.54
CA PRO A 118 -4.49 -12.48 -17.73
C PRO A 118 -4.48 -13.99 -18.03
N PRO A 119 -5.42 -14.68 -17.44
CA PRO A 119 -5.54 -16.14 -17.64
C PRO A 119 -6.08 -16.44 -19.03
N THR A 120 -7.05 -15.70 -19.48
CA THR A 120 -7.63 -15.95 -20.83
C THR A 120 -8.67 -14.88 -21.16
N GLU A 121 -9.69 -15.24 -21.90
CA GLU A 121 -10.74 -14.25 -22.27
C GLU A 121 -12.11 -14.70 -21.72
N PRO A 122 -12.57 -13.98 -20.74
CA PRO A 122 -13.88 -14.29 -20.12
C PRO A 122 -15.02 -13.92 -21.06
N SER A 123 -15.02 -14.44 -22.25
CA SER A 123 -16.11 -14.12 -23.22
C SER A 123 -16.43 -12.63 -23.17
N SER A 124 -15.76 -11.84 -23.97
CA SER A 124 -16.03 -10.37 -23.97
C SER A 124 -16.45 -9.91 -25.37
N GLU A 125 -17.73 -9.65 -25.55
CA GLU A 125 -18.20 -9.21 -26.89
C GLU A 125 -17.79 -10.22 -27.97
N VAL A 126 -16.61 -10.09 -28.50
CA VAL A 126 -16.15 -11.04 -29.55
C VAL A 126 -14.69 -11.43 -29.31
N PRO A 127 -14.30 -12.53 -29.90
CA PRO A 127 -12.91 -13.01 -29.77
C PRO A 127 -11.95 -12.14 -30.58
N GLU A 128 -11.94 -10.87 -30.32
CA GLU A 128 -11.02 -9.96 -31.07
C GLU A 128 -9.91 -9.43 -30.15
N GLN A 129 -9.25 -8.39 -30.55
CA GLN A 129 -8.16 -7.83 -29.69
C GLN A 129 -8.22 -6.30 -29.70
N PRO A 130 -9.38 -5.79 -29.40
CA PRO A 130 -9.58 -4.32 -29.36
C PRO A 130 -8.91 -3.72 -28.12
N PRO A 131 -7.90 -2.93 -28.37
CA PRO A 131 -7.15 -2.28 -27.27
C PRO A 131 -7.98 -1.16 -26.65
N ALA A 132 -8.43 -0.22 -27.45
CA ALA A 132 -9.25 0.90 -26.90
C ALA A 132 -8.65 1.40 -25.60
N GLN A 133 -7.46 1.95 -25.65
CA GLN A 133 -6.82 2.45 -24.40
C GLN A 133 -5.39 2.93 -24.71
N ALA A 134 -5.23 3.78 -25.68
CA ALA A 134 -3.86 4.27 -26.02
C ALA A 134 -3.90 5.79 -26.27
N LEU A 135 -4.96 6.43 -25.88
CA LEU A 135 -5.06 7.91 -26.10
C LEU A 135 -6.42 8.43 -25.65
N PRO A 136 -7.45 7.88 -26.23
CA PRO A 136 -8.83 8.28 -25.89
C PRO A 136 -9.22 7.75 -24.51
N GLY A 137 -8.80 6.56 -24.18
CA GLY A 137 -9.14 5.97 -22.85
C GLY A 137 -8.32 6.68 -21.75
N SER A 138 -8.02 5.99 -20.70
CA SER A 138 -7.22 6.61 -19.60
C SER A 138 -5.74 6.29 -19.78
N THR A 139 -4.94 7.27 -20.10
CA THR A 139 -3.48 7.01 -20.28
C THR A 139 -2.87 6.46 -18.99
N PRO A 140 -3.05 7.18 -17.93
CA PRO A 140 -2.52 6.75 -16.61
C PRO A 140 -3.34 5.59 -16.05
N LYS A 141 -3.01 5.14 -14.87
CA LYS A 141 -3.77 4.01 -14.27
C LYS A 141 -3.70 4.07 -12.74
N ARG A 142 -3.40 2.97 -12.11
CA ARG A 142 -3.32 2.99 -10.62
C ARG A 142 -2.49 4.17 -10.13
N ALA A 143 -2.37 4.35 -8.84
CA ALA A 143 -1.58 5.49 -8.31
C ALA A 143 -1.89 5.67 -6.83
N TYR A 144 -0.94 6.10 -6.06
CA TYR A 144 -1.23 6.34 -4.62
C TYR A 144 -1.43 7.84 -4.47
N TYR A 145 -2.03 8.30 -3.41
CA TYR A 145 -2.27 9.75 -3.38
C TYR A 145 -2.33 10.36 -1.99
N ILE A 146 -1.97 11.61 -1.92
CA ILE A 146 -2.07 12.36 -0.65
C ILE A 146 -2.51 13.78 -0.99
N TYR A 147 -3.61 14.20 -0.45
CA TYR A 147 -4.11 15.57 -0.74
C TYR A 147 -3.44 16.59 0.19
N SER A 148 -2.55 17.38 -0.33
CA SER A 148 -1.85 18.38 0.52
C SER A 148 -2.81 19.53 0.89
N GLY A 149 -3.81 19.24 1.66
CA GLY A 149 -4.78 20.32 2.05
C GLY A 149 -5.23 21.09 0.81
N GLY A 150 -6.27 20.63 0.17
CA GLY A 150 -6.76 21.33 -1.05
C GLY A 150 -5.80 21.08 -2.22
N GLU A 151 -4.79 20.29 -2.00
CA GLU A 151 -3.83 19.99 -3.10
C GLU A 151 -3.79 18.48 -3.38
N LYS A 152 -4.08 18.11 -4.59
CA LYS A 152 -4.06 16.65 -4.94
C LYS A 152 -2.73 16.29 -5.62
N ILE A 153 -1.87 15.62 -4.91
CA ILE A 153 -0.57 15.22 -5.51
C ILE A 153 -0.53 13.70 -5.64
N PRO A 154 -0.40 13.24 -6.86
CA PRO A 154 -0.37 11.78 -7.10
C PRO A 154 0.98 11.18 -6.69
N LEU A 155 0.94 10.17 -5.88
CA LEU A 155 2.20 9.50 -5.46
C LEU A 155 2.10 8.01 -5.77
N VAL A 156 3.12 7.42 -6.33
CA VAL A 156 3.04 5.97 -6.67
C VAL A 156 4.16 5.20 -5.96
N LEU A 157 3.81 4.28 -5.11
CA LEU A 157 4.86 3.49 -4.41
C LEU A 157 5.46 2.45 -5.36
N SER A 158 6.70 2.10 -5.16
CA SER A 158 7.34 1.09 -6.06
C SER A 158 8.54 0.44 -5.37
N ARG A 159 9.28 1.18 -4.60
CA ARG A 159 10.47 0.60 -3.92
C ARG A 159 10.18 0.39 -2.42
N PRO A 160 10.35 -0.82 -1.99
CA PRO A 160 10.11 -1.17 -0.58
C PRO A 160 11.30 -0.72 0.29
N LEU A 161 11.05 -0.33 1.51
CA LEU A 161 12.16 0.12 2.39
C LEU A 161 12.70 -1.06 3.20
N SER A 162 13.93 -1.43 2.98
CA SER A 162 14.51 -2.57 3.75
C SER A 162 15.39 -2.06 4.90
N SER A 163 15.50 -2.82 5.95
CA SER A 163 16.34 -2.37 7.10
C SER A 163 17.75 -2.97 7.00
N ASN A 164 17.84 -4.24 6.72
CA ASN A 164 19.18 -4.87 6.62
C ASN A 164 20.01 -4.60 7.88
N SER B 1 2.48 15.36 8.67
CA SER B 1 1.85 15.26 10.01
C SER B 1 1.46 16.65 10.53
N THR B 2 0.20 16.88 10.77
CA THR B 2 -0.23 18.21 11.27
C THR B 2 -0.92 18.06 12.63
N ALA B 3 -1.48 16.92 12.90
CA ALA B 3 -2.17 16.72 14.20
C ALA B 3 -1.25 15.98 15.18
N SER B 4 -1.46 16.14 16.46
CA SER B 4 -0.59 15.45 17.45
C SER B 4 -0.41 13.98 17.06
N THR B 5 -1.49 13.26 16.90
CA THR B 5 -1.36 11.82 16.51
C THR B 5 -1.06 11.70 15.02
N VAL B 6 -0.54 10.59 14.59
CA VAL B 6 -0.23 10.41 13.15
C VAL B 6 -1.50 10.56 12.31
N GLU B 7 -1.50 11.46 11.37
CA GLU B 7 -2.70 11.64 10.51
C GLU B 7 -2.32 11.64 9.03
N SER B 9 -3.82 11.09 4.67
CA SER B 9 -5.02 11.26 3.81
C SER B 9 -5.28 9.99 2.99
N THR B 10 -6.48 9.81 2.53
CA THR B 10 -6.80 8.59 1.72
C THR B 10 -6.04 8.64 0.39
N VAL B 11 -6.45 7.85 -0.57
CA VAL B 11 -5.74 7.85 -1.88
C VAL B 11 -6.75 7.68 -3.02
N VAL B 12 -6.32 7.91 -4.24
CA VAL B 12 -7.25 7.77 -5.40
C VAL B 12 -8.17 6.56 -5.21
N HIS B 13 -9.43 6.73 -5.49
CA HIS B 13 -10.39 5.60 -5.32
C HIS B 13 -11.07 5.27 -6.65
N SER B 14 -11.24 6.26 -7.49
CA SER B 14 -11.90 6.01 -8.80
C SER B 14 -10.99 6.47 -9.95
N GLY B 15 -9.71 6.53 -9.71
CA GLY B 15 -8.78 6.97 -10.78
C GLY B 15 -9.06 6.19 -12.06
#